data_5K8O
#
_entry.id   5K8O
#
_cell.length_a   186.773
_cell.length_b   249.338
_cell.length_c   249.184
_cell.angle_alpha   90.00
_cell.angle_beta   90.00
_cell.angle_gamma   90.00
#
_symmetry.space_group_name_H-M   'C 2 2 21'
#
loop_
_entity.id
_entity.type
_entity.pdbx_description
1 polymer '5-nitroanthranilic acid aminohydrolase'
2 non-polymer 'MANGANESE (II) ION'
3 non-polymer '5-nitrosalicylic acid'
#
_entity_poly.entity_id   1
_entity_poly.type   'polypeptide(L)'
_entity_poly.pdbx_seq_one_letter_code
;MAGSNDVAKVMKTLDGMREGLIQTAVELGSIEAPTGREGAAGDYVYEWMARNGFGPERVGVFDDRFNVVGRLRGTGGGAS
LSFNSHLDTIMAREDTARFADANDRIYHEAWHEEGRIYGYSVVNCKGPMACWLIAAKALKEAGAALKGDVVLTAVCGEID
CEPVDEFQGHDYLAEDIGARYAISHGAISDYALVAEATNFKPAWVEAGKVFLKVTVFAGPSRYTPYVPRPVAALDSPNAI
VRMAKLVEALEEWADNYEKRYTREYGGGTVVPKVAIGAIRGGVPYKIYRFPELCSIYMDIRLNPDTNPLVVQREVEAVVS
KLGLKAEVKPFLFRRGYEAQGIEPLQNALEVAHREVVGRPTERPGSPECSMWRDTNPYNELGIPSLTYGCGGGAGGGNTY
FLVDDMLKAAKVYAMTAMDLCNRTP
;
_entity_poly.pdbx_strand_id   A,B,C,D,E,F,G,H
#
loop_
_chem_comp.id
_chem_comp.type
_chem_comp.name
_chem_comp.formula
6R7 non-polymer '5-nitrosalicylic acid' 'C7 H5 N O5'
MN non-polymer 'MANGANESE (II) ION' 'Mn 2'
#
# COMPACT_ATOMS: atom_id res chain seq x y z
N SER A 4 43.04 -31.24 -41.46
CA SER A 4 43.41 -30.77 -42.78
C SER A 4 42.67 -29.47 -43.16
N ASN A 5 41.72 -29.66 -44.07
CA ASN A 5 40.87 -28.65 -44.65
C ASN A 5 39.55 -28.51 -43.86
N ASP A 6 39.48 -29.13 -42.69
CA ASP A 6 38.27 -28.97 -41.92
C ASP A 6 38.51 -27.67 -41.15
N VAL A 7 39.75 -27.21 -41.26
CA VAL A 7 40.14 -25.90 -40.81
C VAL A 7 39.72 -24.89 -41.87
N ALA A 8 40.10 -25.17 -43.10
CA ALA A 8 39.82 -24.28 -44.21
C ALA A 8 38.33 -24.06 -44.37
N LYS A 9 37.55 -25.09 -44.09
CA LYS A 9 36.12 -24.98 -44.22
C LYS A 9 35.59 -23.96 -43.20
N VAL A 10 36.10 -24.02 -41.99
CA VAL A 10 35.66 -23.10 -40.96
C VAL A 10 36.11 -21.68 -41.25
N MET A 11 37.35 -21.55 -41.71
CA MET A 11 37.90 -20.25 -42.02
C MET A 11 37.05 -19.53 -43.06
N LYS A 12 36.55 -20.27 -44.03
CA LYS A 12 35.75 -19.65 -45.08
C LYS A 12 34.44 -19.18 -44.48
N THR A 13 33.92 -19.97 -43.55
CA THR A 13 32.67 -19.65 -42.88
C THR A 13 32.77 -18.37 -42.10
N LEU A 14 33.90 -18.21 -41.42
CA LEU A 14 34.11 -17.03 -40.61
C LEU A 14 34.29 -15.80 -41.46
N ASP A 15 34.86 -15.98 -42.64
CA ASP A 15 35.05 -14.87 -43.56
C ASP A 15 33.71 -14.31 -43.97
N GLY A 16 32.69 -15.17 -43.96
CA GLY A 16 31.37 -14.76 -44.36
C GLY A 16 30.56 -14.20 -43.21
N MET A 17 31.11 -14.27 -42.01
CA MET A 17 30.38 -13.82 -40.83
C MET A 17 30.90 -12.48 -40.31
N ARG A 18 31.65 -11.76 -41.13
CA ARG A 18 32.27 -10.52 -40.71
C ARG A 18 31.20 -9.51 -40.27
N GLU A 19 30.12 -9.40 -41.03
CA GLU A 19 29.03 -8.47 -40.69
C GLU A 19 28.33 -8.87 -39.40
N GLY A 20 28.24 -10.16 -39.13
CA GLY A 20 27.64 -10.63 -37.89
C GLY A 20 28.59 -10.38 -36.71
N LEU A 21 29.87 -10.47 -36.99
CA LEU A 21 30.87 -10.21 -35.97
C LEU A 21 30.77 -8.78 -35.51
N ILE A 22 30.61 -7.86 -36.45
CA ILE A 22 30.50 -6.46 -36.12
C ILE A 22 29.25 -6.15 -35.33
N GLN A 23 28.10 -6.58 -35.83
CA GLN A 23 26.85 -6.22 -35.20
C GLN A 23 26.77 -6.75 -33.79
N THR A 24 27.27 -7.95 -33.61
CA THR A 24 27.21 -8.58 -32.32
C THR A 24 28.07 -7.78 -31.37
N ALA A 25 29.22 -7.34 -31.82
CA ALA A 25 30.09 -6.55 -30.96
C ALA A 25 29.45 -5.22 -30.62
N VAL A 26 28.86 -4.58 -31.61
CA VAL A 26 28.29 -3.26 -31.40
C VAL A 26 27.01 -3.29 -30.57
N GLU A 27 26.11 -4.22 -30.89
CA GLU A 27 24.88 -4.34 -30.12
C GLU A 27 25.20 -4.62 -28.68
N LEU A 28 26.22 -5.44 -28.47
CA LEU A 28 26.60 -5.83 -27.14
C LEU A 28 27.30 -4.69 -26.43
N GLY A 29 28.18 -3.99 -27.14
CA GLY A 29 28.92 -2.90 -26.56
C GLY A 29 28.05 -1.71 -26.23
N SER A 30 26.90 -1.63 -26.91
CA SER A 30 26.02 -0.49 -26.75
C SER A 30 25.19 -0.56 -25.50
N ILE A 31 25.11 -1.73 -24.91
CA ILE A 31 24.32 -1.95 -23.70
C ILE A 31 24.99 -1.38 -22.46
N GLU A 32 24.23 -0.63 -21.66
CA GLU A 32 24.78 -0.08 -20.44
C GLU A 32 24.99 -1.22 -19.48
N ALA A 33 26.24 -1.45 -19.12
CA ALA A 33 26.52 -2.56 -18.25
C ALA A 33 27.78 -2.36 -17.40
N PRO A 34 27.85 -1.26 -16.64
CA PRO A 34 28.97 -1.15 -15.71
C PRO A 34 28.84 -2.17 -14.61
N THR A 35 29.94 -2.47 -13.95
CA THR A 35 29.89 -3.42 -12.86
C THR A 35 28.81 -3.02 -11.88
N GLY A 36 27.88 -3.93 -11.62
CA GLY A 36 26.77 -3.67 -10.73
C GLY A 36 25.45 -3.72 -11.45
N ARG A 37 25.48 -3.60 -12.76
CA ARG A 37 24.27 -3.61 -13.57
C ARG A 37 24.46 -4.36 -14.88
N GLU A 38 25.17 -5.48 -14.82
CA GLU A 38 25.44 -6.25 -16.01
C GLU A 38 24.27 -7.10 -16.42
N GLY A 39 23.18 -7.01 -15.68
CA GLY A 39 22.03 -7.86 -15.95
C GLY A 39 21.57 -7.84 -17.39
N ALA A 40 21.34 -6.66 -17.92
CA ALA A 40 20.84 -6.53 -19.27
C ALA A 40 21.81 -7.13 -20.27
N ALA A 41 23.11 -6.93 -20.04
CA ALA A 41 24.11 -7.48 -20.94
C ALA A 41 24.07 -8.99 -20.94
N GLY A 42 23.89 -9.57 -19.76
CA GLY A 42 23.78 -11.00 -19.62
C GLY A 42 22.61 -11.53 -20.39
N ASP A 43 21.47 -10.85 -20.27
CA ASP A 43 20.25 -11.26 -20.95
C ASP A 43 20.47 -11.33 -22.45
N TYR A 44 21.22 -10.37 -22.99
CA TYR A 44 21.53 -10.38 -24.41
C TYR A 44 22.30 -11.62 -24.75
N VAL A 45 23.34 -11.89 -23.98
CA VAL A 45 24.21 -13.00 -24.26
C VAL A 45 23.47 -14.32 -24.09
N TYR A 46 22.62 -14.41 -23.08
CA TYR A 46 21.84 -15.62 -22.88
C TYR A 46 20.99 -15.90 -24.09
N GLU A 47 20.32 -14.88 -24.58
CA GLU A 47 19.37 -15.08 -25.66
C GLU A 47 20.10 -15.27 -26.98
N TRP A 48 21.30 -14.70 -27.08
CA TRP A 48 22.12 -14.92 -28.27
C TRP A 48 22.55 -16.35 -28.32
N MET A 49 22.97 -16.87 -27.18
CA MET A 49 23.38 -18.26 -27.13
C MET A 49 22.18 -19.15 -27.41
N ALA A 50 21.03 -18.73 -26.91
CA ALA A 50 19.81 -19.51 -27.05
C ALA A 50 19.38 -19.65 -28.49
N ARG A 51 19.35 -18.53 -29.21
CA ARG A 51 18.97 -18.54 -30.62
C ARG A 51 19.86 -19.45 -31.42
N ASN A 52 21.15 -19.43 -31.11
CA ASN A 52 22.13 -20.22 -31.84
C ASN A 52 22.33 -21.60 -31.27
N GLY A 53 21.47 -21.99 -30.33
CA GLY A 53 21.42 -23.36 -29.84
C GLY A 53 22.58 -23.88 -29.04
N PHE A 54 23.06 -23.08 -28.10
CA PHE A 54 24.14 -23.47 -27.21
C PHE A 54 23.59 -23.80 -25.82
N GLY A 55 22.27 -23.87 -25.70
CA GLY A 55 21.61 -24.24 -24.47
C GLY A 55 22.12 -23.64 -23.18
N PRO A 56 22.02 -22.31 -23.04
CA PRO A 56 22.58 -21.60 -21.90
C PRO A 56 21.79 -21.74 -20.61
N GLU A 57 22.49 -21.57 -19.51
CA GLU A 57 21.92 -21.52 -18.18
C GLU A 57 22.39 -20.23 -17.55
N ARG A 58 21.58 -19.67 -16.68
CA ARG A 58 22.02 -18.55 -15.88
C ARG A 58 22.58 -19.07 -14.56
N VAL A 59 23.82 -18.73 -14.29
CA VAL A 59 24.48 -19.18 -13.08
C VAL A 59 24.99 -17.99 -12.28
N GLY A 60 24.27 -17.60 -11.23
CA GLY A 60 24.61 -16.40 -10.50
C GLY A 60 24.15 -16.38 -9.06
N VAL A 61 24.62 -15.41 -8.32
CA VAL A 61 24.26 -15.23 -6.91
C VAL A 61 23.03 -14.35 -6.76
N PHE A 62 22.88 -13.41 -7.69
CA PHE A 62 21.71 -12.56 -7.70
C PHE A 62 21.00 -12.78 -9.01
N ASP A 63 19.72 -12.49 -9.01
CA ASP A 63 18.90 -12.71 -10.17
C ASP A 63 19.09 -11.65 -11.26
N ASP A 64 19.76 -10.56 -10.95
CA ASP A 64 20.01 -9.53 -11.96
C ASP A 64 21.50 -9.31 -12.18
N ARG A 65 22.30 -10.15 -11.54
CA ARG A 65 23.72 -10.19 -11.76
C ARG A 65 24.16 -11.63 -11.77
N PHE A 66 24.38 -12.16 -12.96
CA PHE A 66 24.63 -13.58 -13.11
C PHE A 66 25.64 -13.86 -14.19
N ASN A 67 26.14 -15.09 -14.22
CA ASN A 67 26.99 -15.54 -15.32
C ASN A 67 26.16 -16.34 -16.28
N VAL A 68 26.57 -16.40 -17.53
CA VAL A 68 25.83 -17.17 -18.51
C VAL A 68 26.71 -18.23 -19.10
N VAL A 69 26.30 -19.48 -19.00
CA VAL A 69 27.12 -20.58 -19.48
C VAL A 69 26.41 -21.47 -20.46
N GLY A 70 26.97 -21.61 -21.65
CA GLY A 70 26.44 -22.54 -22.62
C GLY A 70 27.54 -23.41 -23.16
N ARG A 71 27.18 -24.41 -23.95
CA ARG A 71 28.17 -25.33 -24.45
C ARG A 71 27.95 -25.69 -25.92
N LEU A 72 29.03 -26.07 -26.58
CA LEU A 72 28.97 -26.67 -27.90
C LEU A 72 29.43 -28.10 -27.74
N ARG A 73 28.50 -29.06 -27.67
CA ARG A 73 28.89 -30.35 -27.19
C ARG A 73 29.53 -31.18 -28.27
N GLY A 74 30.47 -32.00 -27.85
CA GLY A 74 31.27 -32.78 -28.75
C GLY A 74 30.74 -34.19 -28.89
N THR A 75 31.32 -34.93 -29.81
CA THR A 75 30.93 -36.30 -30.09
C THR A 75 31.24 -37.26 -28.95
N GLY A 76 32.25 -36.95 -28.16
CA GLY A 76 32.59 -37.79 -27.04
C GLY A 76 34.05 -38.13 -27.01
N GLY A 77 34.62 -38.14 -25.82
CA GLY A 77 35.96 -38.63 -25.63
C GLY A 77 37.06 -37.60 -25.78
N GLY A 78 36.70 -36.33 -25.72
CA GLY A 78 37.69 -35.27 -25.89
C GLY A 78 37.87 -34.36 -24.69
N ALA A 79 38.86 -33.48 -24.78
CA ALA A 79 39.14 -32.50 -23.75
C ALA A 79 38.22 -31.30 -23.87
N SER A 80 37.89 -30.70 -22.75
CA SER A 80 37.03 -29.53 -22.73
C SER A 80 37.85 -28.27 -22.81
N LEU A 81 37.34 -27.28 -23.54
CA LEU A 81 37.93 -25.97 -23.57
C LEU A 81 36.88 -24.91 -23.22
N SER A 82 37.16 -24.09 -22.21
CA SER A 82 36.30 -22.96 -21.93
C SER A 82 36.77 -21.71 -22.65
N PHE A 83 35.82 -20.90 -23.11
CA PHE A 83 36.12 -19.54 -23.54
C PHE A 83 35.46 -18.58 -22.59
N ASN A 84 36.19 -17.56 -22.15
CA ASN A 84 35.73 -16.68 -21.10
C ASN A 84 35.95 -15.22 -21.38
N SER A 85 34.90 -14.44 -21.25
CA SER A 85 35.01 -12.98 -21.26
C SER A 85 34.00 -12.42 -20.29
N HIS A 86 34.10 -11.15 -19.91
CA HIS A 86 33.20 -10.64 -18.88
C HIS A 86 32.16 -9.65 -19.39
N LEU A 87 31.02 -9.62 -18.71
CA LEU A 87 29.88 -8.82 -19.12
C LEU A 87 29.91 -7.36 -18.67
N ASP A 88 30.67 -7.06 -17.63
CA ASP A 88 30.72 -5.69 -17.10
C ASP A 88 31.71 -4.78 -17.83
N THR A 89 31.47 -3.47 -17.71
CA THR A 89 32.34 -2.47 -18.28
C THR A 89 32.81 -1.52 -17.19
N ILE A 90 33.81 -0.72 -17.49
CA ILE A 90 34.48 0.08 -16.48
C ILE A 90 33.70 1.31 -16.02
N MET A 91 33.30 2.14 -16.96
CA MET A 91 32.69 3.42 -16.62
C MET A 91 31.20 3.33 -16.41
N ALA A 92 30.74 3.94 -15.33
CA ALA A 92 29.32 4.21 -15.13
C ALA A 92 29.06 5.69 -15.42
N ARG A 93 27.86 6.04 -15.86
CA ARG A 93 27.55 7.44 -16.13
C ARG A 93 27.52 8.20 -14.81
N GLU A 94 27.24 7.46 -13.77
CA GLU A 94 27.21 7.94 -12.39
C GLU A 94 28.49 8.54 -11.83
N ASP A 95 29.63 7.93 -12.15
CA ASP A 95 30.85 8.19 -11.37
C ASP A 95 31.58 9.43 -11.83
N THR A 96 31.10 10.57 -11.37
CA THR A 96 31.70 11.84 -11.70
C THR A 96 32.90 12.11 -10.81
N ALA A 97 33.12 11.20 -9.85
CA ALA A 97 34.17 11.34 -8.85
C ALA A 97 35.49 10.73 -9.32
N ARG A 98 35.45 10.05 -10.47
CA ARG A 98 36.61 9.36 -11.01
C ARG A 98 37.04 9.91 -12.35
N PHE A 99 36.10 10.51 -13.08
CA PHE A 99 36.44 11.01 -14.41
C PHE A 99 36.13 12.48 -14.58
N ALA A 100 36.96 13.18 -15.35
CA ALA A 100 36.78 14.59 -15.59
C ALA A 100 35.53 14.79 -16.44
N ASP A 101 35.30 13.87 -17.38
CA ASP A 101 34.09 13.86 -18.18
C ASP A 101 33.42 12.51 -18.12
N ALA A 102 32.69 12.25 -17.05
CA ALA A 102 32.06 10.95 -16.87
C ALA A 102 31.12 10.60 -18.01
N ASN A 103 30.58 11.61 -18.69
CA ASN A 103 29.66 11.37 -19.79
C ASN A 103 30.29 11.64 -21.14
N ASP A 104 31.42 10.99 -21.39
CA ASP A 104 32.07 11.03 -22.68
C ASP A 104 31.63 9.84 -23.51
N ARG A 105 31.17 10.10 -24.72
CA ARG A 105 30.70 9.08 -25.63
C ARG A 105 31.52 7.80 -25.64
N ILE A 106 32.84 7.94 -25.57
CA ILE A 106 33.73 6.79 -25.63
C ILE A 106 33.62 5.86 -24.42
N TYR A 107 33.15 6.41 -23.31
CA TYR A 107 33.01 5.64 -22.08
C TYR A 107 31.79 4.72 -22.09
N HIS A 108 30.78 5.03 -22.89
CA HIS A 108 29.50 4.37 -22.73
C HIS A 108 28.92 3.73 -23.98
N GLU A 109 29.29 4.21 -25.15
CA GLU A 109 28.70 3.70 -26.38
C GLU A 109 29.72 2.91 -27.18
N ALA A 110 29.28 2.43 -28.33
CA ALA A 110 30.11 1.58 -29.15
C ALA A 110 29.65 1.63 -30.59
N TRP A 111 30.54 1.94 -31.52
CA TRP A 111 30.13 2.12 -32.91
C TRP A 111 31.18 1.71 -33.90
N HIS A 112 30.73 1.34 -35.09
CA HIS A 112 31.59 0.97 -36.19
C HIS A 112 31.77 2.18 -37.09
N GLU A 113 32.96 2.74 -37.12
CA GLU A 113 33.20 3.81 -38.05
C GLU A 113 34.06 3.03 -39.04
N GLU A 114 34.71 3.73 -39.99
CA GLU A 114 36.03 3.30 -40.51
C GLU A 114 36.08 1.78 -41.06
N GLY A 115 35.80 0.82 -40.12
CA GLY A 115 36.48 -0.50 -40.10
C GLY A 115 37.20 -0.76 -38.76
N ARG A 116 36.96 0.06 -37.70
CA ARG A 116 37.47 -0.04 -36.32
C ARG A 116 36.19 -0.17 -35.61
N ILE A 117 36.17 -0.59 -34.37
CA ILE A 117 34.97 -0.49 -33.57
C ILE A 117 35.37 0.24 -32.32
N TYR A 118 34.74 1.38 -32.07
CA TYR A 118 35.16 2.21 -30.96
C TYR A 118 34.32 1.93 -29.74
N GLY A 119 34.88 2.25 -28.58
CA GLY A 119 34.16 2.13 -27.33
C GLY A 119 34.94 1.32 -26.33
N TYR A 120 35.09 1.87 -25.13
CA TYR A 120 35.73 1.15 -24.05
C TYR A 120 34.98 -0.16 -23.79
N SER A 121 33.67 -0.13 -23.97
CA SER A 121 32.85 -1.31 -23.75
C SER A 121 33.21 -2.45 -24.69
N VAL A 122 33.86 -2.10 -25.79
CA VAL A 122 34.24 -3.10 -26.76
C VAL A 122 35.63 -3.63 -26.48
N VAL A 123 36.53 -2.75 -26.12
CA VAL A 123 37.87 -3.16 -25.77
C VAL A 123 37.80 -4.05 -24.54
N ASN A 124 36.88 -3.71 -23.65
CA ASN A 124 36.77 -4.41 -22.39
C ASN A 124 35.32 -4.52 -22.01
N CYS A 125 34.63 -5.57 -22.47
CA CYS A 125 35.24 -6.70 -23.15
C CYS A 125 34.28 -7.38 -24.13
N LYS A 126 33.74 -6.67 -25.12
CA LYS A 126 32.56 -7.22 -25.78
C LYS A 126 32.46 -7.64 -27.26
N GLY A 127 33.52 -7.86 -28.03
CA GLY A 127 34.85 -7.32 -27.97
C GLY A 127 35.56 -8.61 -28.25
N PRO A 128 36.33 -9.09 -27.29
CA PRO A 128 36.80 -10.45 -27.42
C PRO A 128 35.63 -11.41 -27.30
N MET A 129 34.63 -11.04 -26.51
CA MET A 129 33.48 -11.90 -26.33
C MET A 129 32.78 -12.16 -27.65
N ALA A 130 32.65 -11.12 -28.46
CA ALA A 130 32.00 -11.29 -29.75
C ALA A 130 32.81 -12.24 -30.61
N CYS A 131 34.12 -12.17 -30.43
CA CYS A 131 35.03 -12.97 -31.21
C CYS A 131 34.81 -14.47 -31.01
N TRP A 132 34.72 -14.92 -29.77
CA TRP A 132 34.56 -16.36 -29.60
C TRP A 132 33.12 -16.81 -29.68
N LEU A 133 32.17 -15.91 -29.47
CA LEU A 133 30.79 -16.26 -29.72
C LEU A 133 30.60 -16.59 -31.18
N ILE A 134 31.16 -15.75 -32.03
CA ILE A 134 31.08 -15.97 -33.46
C ILE A 134 31.86 -17.23 -33.81
N ALA A 135 33.05 -17.35 -33.23
CA ALA A 135 33.90 -18.50 -33.46
C ALA A 135 33.16 -19.78 -33.17
N ALA A 136 32.43 -19.82 -32.07
CA ALA A 136 31.66 -21.00 -31.71
C ALA A 136 30.56 -21.27 -32.73
N LYS A 137 29.94 -20.20 -33.19
CA LYS A 137 28.88 -20.30 -34.18
C LYS A 137 29.42 -20.93 -35.46
N ALA A 138 30.64 -20.55 -35.82
CA ALA A 138 31.27 -21.09 -37.01
C ALA A 138 31.49 -22.58 -36.91
N LEU A 139 32.09 -22.99 -35.81
CA LEU A 139 32.38 -24.40 -35.56
C LEU A 139 31.12 -25.23 -35.68
N LYS A 140 30.03 -24.74 -35.11
CA LYS A 140 28.79 -25.47 -35.13
C LYS A 140 28.19 -25.60 -36.52
N GLU A 141 28.18 -24.49 -37.24
CA GLU A 141 27.48 -24.44 -38.52
C GLU A 141 28.33 -25.02 -39.64
N ALA A 142 29.64 -25.09 -39.41
CA ALA A 142 30.50 -25.73 -40.38
C ALA A 142 30.55 -27.22 -40.07
N GLY A 143 29.89 -27.62 -38.99
CA GLY A 143 29.86 -29.00 -38.56
C GLY A 143 31.23 -29.58 -38.27
N ALA A 144 32.09 -28.77 -37.67
CA ALA A 144 33.45 -29.22 -37.38
C ALA A 144 33.43 -30.40 -36.43
N ALA A 145 34.38 -31.30 -36.60
CA ALA A 145 34.47 -32.49 -35.76
C ALA A 145 35.17 -32.15 -34.46
N LEU A 146 34.46 -32.32 -33.35
CA LEU A 146 35.03 -32.08 -32.05
C LEU A 146 34.63 -33.20 -31.11
N LYS A 147 35.61 -33.85 -30.50
CA LYS A 147 35.31 -34.93 -29.59
C LYS A 147 34.87 -34.36 -28.25
N GLY A 148 35.52 -33.28 -27.86
CA GLY A 148 35.28 -32.65 -26.57
C GLY A 148 34.34 -31.46 -26.62
N ASP A 149 33.81 -31.11 -25.45
CA ASP A 149 32.90 -29.97 -25.33
C ASP A 149 33.63 -28.64 -25.42
N VAL A 150 32.98 -27.65 -26.04
CA VAL A 150 33.46 -26.27 -25.93
C VAL A 150 32.56 -25.54 -24.99
N VAL A 151 33.11 -25.00 -23.92
CA VAL A 151 32.29 -24.35 -22.93
C VAL A 151 32.29 -22.85 -23.14
N LEU A 152 31.11 -22.26 -23.27
CA LEU A 152 31.03 -20.84 -23.52
C LEU A 152 30.58 -20.11 -22.27
N THR A 153 31.51 -19.41 -21.62
CA THR A 153 31.27 -18.81 -20.32
C THR A 153 31.37 -17.29 -20.30
N ALA A 154 30.23 -16.61 -20.25
CA ALA A 154 30.21 -15.15 -20.12
C ALA A 154 29.92 -14.77 -18.69
N VAL A 155 30.87 -14.13 -18.06
CA VAL A 155 30.80 -13.91 -16.64
C VAL A 155 30.52 -12.46 -16.26
N CYS A 156 30.05 -12.25 -15.04
CA CYS A 156 29.92 -10.90 -14.52
C CYS A 156 31.03 -10.61 -13.54
N GLY A 157 31.08 -9.38 -13.07
CA GLY A 157 32.03 -8.99 -12.04
C GLY A 157 33.51 -9.33 -12.19
N GLU A 158 34.11 -9.09 -13.34
CA GLU A 158 35.53 -9.28 -13.44
C GLU A 158 36.24 -8.06 -12.91
N ILE A 159 35.64 -6.90 -13.11
CA ILE A 159 36.32 -5.67 -12.78
C ILE A 159 36.46 -5.43 -11.27
N ASP A 160 37.59 -4.86 -10.88
CA ASP A 160 38.07 -4.88 -9.49
C ASP A 160 37.30 -3.99 -8.51
N CYS A 161 36.01 -3.85 -8.70
CA CYS A 161 35.19 -3.21 -7.70
C CYS A 161 35.10 -4.13 -6.52
N GLU A 162 35.16 -3.59 -5.31
CA GLU A 162 34.99 -4.39 -4.12
C GLU A 162 34.28 -3.57 -3.11
N PRO A 163 33.50 -4.21 -2.24
CA PRO A 163 32.87 -3.57 -1.09
C PRO A 163 33.87 -3.18 -0.02
N VAL A 164 33.56 -2.17 0.76
CA VAL A 164 34.36 -1.70 1.88
C VAL A 164 33.48 -0.81 2.73
N ASP A 165 33.75 -0.78 4.03
CA ASP A 165 33.03 0.07 4.95
C ASP A 165 31.54 -0.09 4.84
N GLU A 166 30.85 0.99 4.51
CA GLU A 166 29.41 0.97 4.48
C GLU A 166 28.86 0.60 3.11
N PHE A 167 29.77 0.33 2.18
CA PHE A 167 29.33 0.00 0.84
C PHE A 167 29.35 -1.49 0.64
N GLN A 168 28.22 -2.12 0.90
CA GLN A 168 28.13 -3.56 0.99
C GLN A 168 27.05 -4.23 0.14
N GLY A 169 27.24 -5.51 -0.15
CA GLY A 169 26.21 -6.34 -0.74
C GLY A 169 26.01 -6.19 -2.23
N HIS A 170 24.82 -6.53 -2.69
CA HIS A 170 24.47 -6.59 -4.09
C HIS A 170 25.09 -5.52 -4.98
N ASP A 171 25.05 -4.27 -4.56
CA ASP A 171 25.49 -3.19 -5.44
C ASP A 171 27.00 -3.11 -5.67
N TYR A 172 27.80 -3.71 -4.80
CA TYR A 172 29.22 -3.43 -4.81
C TYR A 172 30.11 -4.65 -5.01
N LEU A 173 29.51 -5.83 -4.97
CA LEU A 173 30.26 -7.04 -5.21
C LEU A 173 30.64 -7.17 -6.66
N ALA A 174 31.72 -7.91 -6.92
CA ALA A 174 32.15 -8.17 -8.29
C ALA A 174 32.70 -9.59 -8.44
N GLU A 175 33.95 -9.80 -8.08
CA GLU A 175 34.63 -11.01 -8.46
C GLU A 175 34.14 -12.22 -7.69
N ASP A 176 33.63 -12.01 -6.49
CA ASP A 176 33.19 -13.14 -5.71
C ASP A 176 32.00 -13.83 -6.33
N ILE A 177 31.25 -13.13 -7.16
CA ILE A 177 30.05 -13.68 -7.76
C ILE A 177 30.24 -13.90 -9.24
N GLY A 178 31.48 -13.74 -9.70
CA GLY A 178 31.77 -13.87 -11.10
C GLY A 178 32.32 -15.22 -11.46
N ALA A 179 33.42 -15.22 -12.19
CA ALA A 179 34.01 -16.43 -12.72
C ALA A 179 34.16 -17.53 -11.70
N ARG A 180 34.68 -17.19 -10.52
CA ARG A 180 34.97 -18.24 -9.58
C ARG A 180 33.69 -18.92 -9.17
N TYR A 181 32.61 -18.16 -9.15
CA TYR A 181 31.32 -18.72 -8.80
C TYR A 181 30.84 -19.63 -9.90
N ALA A 182 30.94 -19.19 -11.14
CA ALA A 182 30.50 -20.02 -12.25
C ALA A 182 31.25 -21.35 -12.29
N ILE A 183 32.56 -21.30 -12.16
CA ILE A 183 33.38 -22.49 -12.23
C ILE A 183 33.08 -23.42 -11.07
N SER A 184 32.96 -22.86 -9.88
CA SER A 184 32.69 -23.67 -8.72
C SER A 184 31.34 -24.33 -8.78
N HIS A 185 30.51 -23.88 -9.69
CA HIS A 185 29.16 -24.38 -9.78
C HIS A 185 28.85 -24.94 -11.15
N GLY A 186 29.85 -25.50 -11.80
CA GLY A 186 29.59 -26.28 -12.99
C GLY A 186 30.40 -25.97 -14.24
N ALA A 187 30.83 -24.74 -14.40
CA ALA A 187 31.50 -24.37 -15.63
C ALA A 187 32.96 -24.80 -15.66
N ILE A 188 33.20 -26.06 -15.35
CA ILE A 188 34.55 -26.59 -15.32
C ILE A 188 34.89 -27.21 -16.66
N SER A 189 36.18 -27.34 -16.92
CA SER A 189 36.67 -27.83 -18.18
C SER A 189 38.12 -28.22 -18.02
N ASP A 190 38.72 -28.83 -19.03
CA ASP A 190 40.10 -29.24 -18.90
C ASP A 190 41.04 -28.04 -18.99
N TYR A 191 40.79 -27.19 -19.97
CA TYR A 191 41.59 -25.99 -20.16
C TYR A 191 40.66 -24.81 -20.39
N ALA A 192 41.18 -23.60 -20.25
CA ALA A 192 40.37 -22.42 -20.45
C ALA A 192 41.14 -21.27 -21.06
N LEU A 193 40.56 -20.64 -22.06
CA LEU A 193 41.15 -19.47 -22.66
C LEU A 193 40.33 -18.23 -22.28
N VAL A 194 40.95 -17.30 -21.58
CA VAL A 194 40.30 -16.06 -21.22
C VAL A 194 40.54 -15.07 -22.33
N ALA A 195 39.50 -14.66 -23.02
CA ALA A 195 39.63 -13.75 -24.15
C ALA A 195 39.53 -12.28 -23.74
N GLU A 196 40.67 -11.66 -23.50
CA GLU A 196 40.77 -10.24 -23.25
C GLU A 196 41.83 -9.69 -24.15
N ALA A 197 42.04 -8.38 -24.11
CA ALA A 197 42.98 -7.75 -25.02
C ALA A 197 44.42 -7.84 -24.56
N THR A 198 45.18 -8.69 -25.22
CA THR A 198 46.62 -8.58 -25.24
C THR A 198 46.89 -8.24 -26.69
N ASN A 199 48.12 -8.06 -27.10
CA ASN A 199 48.27 -7.76 -28.50
C ASN A 199 48.67 -9.01 -29.23
N PHE A 200 47.73 -9.94 -29.31
CA PHE A 200 48.00 -11.26 -29.80
C PHE A 200 49.22 -11.86 -29.11
N LYS A 201 49.41 -11.55 -27.84
CA LYS A 201 50.48 -12.14 -27.05
C LYS A 201 49.88 -12.89 -25.86
N PRO A 202 50.12 -14.20 -25.80
CA PRO A 202 49.52 -15.00 -24.72
C PRO A 202 50.19 -14.73 -23.41
N ALA A 203 49.42 -14.65 -22.34
CA ALA A 203 49.98 -14.54 -21.02
C ALA A 203 49.33 -15.58 -20.14
N TRP A 204 50.11 -16.24 -19.29
CA TRP A 204 49.52 -17.21 -18.39
C TRP A 204 50.12 -17.05 -17.01
N VAL A 205 50.49 -15.82 -16.69
CA VAL A 205 50.70 -15.41 -15.32
C VAL A 205 49.84 -14.18 -15.07
N GLU A 206 49.42 -13.98 -13.83
CA GLU A 206 48.62 -12.82 -13.51
C GLU A 206 48.88 -12.43 -12.06
N ALA A 207 48.52 -11.21 -11.69
CA ALA A 207 48.88 -10.74 -10.37
C ALA A 207 47.77 -10.93 -9.37
N GLY A 208 48.12 -10.98 -8.10
CA GLY A 208 47.14 -10.93 -7.06
C GLY A 208 46.96 -9.48 -6.73
N LYS A 209 46.42 -9.19 -5.55
CA LYS A 209 46.22 -7.84 -5.09
C LYS A 209 45.84 -7.81 -3.65
N VAL A 210 46.29 -6.81 -2.91
CA VAL A 210 45.73 -6.57 -1.60
C VAL A 210 45.35 -5.10 -1.51
N PHE A 211 44.16 -4.84 -1.00
CA PHE A 211 43.70 -3.48 -0.84
C PHE A 211 43.82 -3.05 0.59
N LEU A 212 44.44 -1.91 0.82
CA LEU A 212 44.62 -1.40 2.16
C LEU A 212 43.85 -0.13 2.42
N LYS A 213 43.17 -0.06 3.56
CA LYS A 213 42.59 1.17 4.03
C LYS A 213 43.51 1.74 5.09
N VAL A 214 44.08 2.88 4.81
CA VAL A 214 44.98 3.50 5.76
C VAL A 214 44.31 4.68 6.39
N THR A 215 44.03 4.58 7.68
CA THR A 215 43.36 5.67 8.38
C THR A 215 44.30 6.31 9.35
N VAL A 216 44.57 7.60 9.15
CA VAL A 216 45.46 8.36 10.00
C VAL A 216 44.68 9.09 11.05
N PHE A 217 45.17 9.04 12.28
CA PHE A 217 44.48 9.68 13.39
C PHE A 217 45.18 10.92 13.88
N ALA A 218 44.38 11.88 14.33
CA ALA A 218 44.90 13.13 14.86
C ALA A 218 43.97 13.67 15.94
N GLY A 219 43.53 14.91 15.79
CA GLY A 219 42.70 15.55 16.80
C GLY A 219 43.49 16.37 17.81
N PRO A 220 42.81 16.97 18.79
CA PRO A 220 41.37 16.94 19.06
C PRO A 220 40.62 17.88 18.16
N SER A 221 39.37 17.54 17.89
CA SER A 221 38.53 18.34 17.05
C SER A 221 38.43 19.73 17.60
N ARG A 222 38.50 20.72 16.71
CA ARG A 222 38.31 22.11 17.08
C ARG A 222 37.46 22.85 16.05
N TYR A 223 36.53 23.66 16.54
CA TYR A 223 35.79 24.62 15.74
C TYR A 223 36.79 25.60 15.12
N THR A 224 36.61 25.91 13.84
CA THR A 224 37.56 26.69 13.08
C THR A 224 38.11 27.94 13.76
N PRO A 225 37.27 28.69 14.48
CA PRO A 225 37.90 29.82 15.17
C PRO A 225 38.86 29.45 16.28
N TYR A 226 39.08 28.18 16.56
CA TYR A 226 39.98 27.81 17.66
C TYR A 226 41.20 27.02 17.20
N VAL A 227 41.31 26.77 15.91
CA VAL A 227 42.37 25.90 15.42
C VAL A 227 43.73 26.50 15.72
N PRO A 228 44.64 25.68 16.26
CA PRO A 228 45.99 26.17 16.59
C PRO A 228 46.87 26.35 15.35
N ARG A 229 47.43 27.55 15.20
CA ARG A 229 48.42 27.80 14.15
C ARG A 229 49.48 28.74 14.70
N PRO A 230 50.72 28.61 14.22
CA PRO A 230 51.14 27.62 13.24
C PRO A 230 51.61 26.36 13.90
N VAL A 231 51.46 25.23 13.21
CA VAL A 231 51.86 23.94 13.73
C VAL A 231 52.48 23.14 12.60
N ALA A 232 53.48 22.32 12.94
CA ALA A 232 54.11 21.43 11.98
C ALA A 232 53.12 20.45 11.37
N ALA A 233 53.24 20.22 10.07
CA ALA A 233 52.33 19.36 9.33
C ALA A 233 52.09 18.03 10.03
N LEU A 234 53.14 17.30 10.36
CA LEU A 234 52.96 16.01 11.02
C LEU A 234 52.38 16.09 12.42
N ASP A 235 52.23 17.29 12.96
CA ASP A 235 51.71 17.47 14.30
C ASP A 235 50.33 18.09 14.27
N SER A 236 49.87 18.39 13.06
CA SER A 236 48.59 19.01 12.86
C SER A 236 47.49 18.25 13.52
N PRO A 237 46.50 18.95 14.09
CA PRO A 237 45.33 18.28 14.65
C PRO A 237 44.39 17.87 13.54
N ASN A 238 44.64 18.38 12.34
CA ASN A 238 43.82 18.02 11.20
C ASN A 238 44.36 16.80 10.49
N ALA A 239 43.62 15.71 10.57
CA ALA A 239 44.04 14.47 10.00
C ALA A 239 44.24 14.57 8.51
N ILE A 240 43.57 15.51 7.87
CA ILE A 240 43.75 15.67 6.44
C ILE A 240 45.14 16.18 6.16
N VAL A 241 45.63 17.04 7.03
CA VAL A 241 46.94 17.62 6.85
C VAL A 241 48.03 16.57 7.01
N ARG A 242 47.92 15.75 8.04
CA ARG A 242 48.86 14.67 8.24
C ARG A 242 48.85 13.68 7.08
N MET A 243 47.68 13.37 6.58
CA MET A 243 47.57 12.40 5.53
C MET A 243 48.29 12.88 4.29
N ALA A 244 48.23 14.16 4.03
CA ALA A 244 48.89 14.72 2.87
C ALA A 244 50.38 14.44 2.91
N LYS A 245 50.94 14.45 4.11
CA LYS A 245 52.35 14.15 4.29
C LYS A 245 52.59 12.66 4.09
N LEU A 246 51.64 11.84 4.54
CA LEU A 246 51.78 10.40 4.37
C LEU A 246 51.68 9.99 2.92
N VAL A 247 50.91 10.73 2.15
CA VAL A 247 50.75 10.42 0.74
C VAL A 247 52.05 10.54 -0.05
N GLU A 248 52.88 11.54 0.22
CA GLU A 248 54.10 11.63 -0.60
C GLU A 248 55.10 10.57 -0.16
N ALA A 249 55.04 10.16 1.10
CA ALA A 249 55.91 9.09 1.56
C ALA A 249 55.50 7.78 0.95
N LEU A 250 54.20 7.61 0.80
CA LEU A 250 53.69 6.40 0.22
C LEU A 250 53.91 6.35 -1.26
N GLU A 251 53.93 7.50 -1.91
CA GLU A 251 54.19 7.47 -3.33
C GLU A 251 55.63 7.06 -3.63
N GLU A 252 56.57 7.47 -2.79
CA GLU A 252 57.94 7.07 -3.06
C GLU A 252 58.10 5.59 -2.74
N TRP A 253 57.44 5.12 -1.68
CA TRP A 253 57.48 3.70 -1.37
C TRP A 253 56.95 2.86 -2.51
N ALA A 254 55.97 3.39 -3.20
CA ALA A 254 55.36 2.71 -4.33
C ALA A 254 56.28 2.68 -5.54
N ASP A 255 57.03 3.76 -5.74
CA ASP A 255 57.99 3.85 -6.82
C ASP A 255 59.02 2.75 -6.73
N ASN A 256 59.40 2.42 -5.51
CA ASN A 256 60.41 1.41 -5.29
C ASN A 256 59.80 0.01 -5.21
N TYR A 257 58.56 -0.09 -4.75
CA TYR A 257 57.86 -1.37 -4.69
C TYR A 257 57.80 -2.13 -5.99
N GLU A 258 57.41 -1.47 -7.06
CA GLU A 258 57.19 -2.17 -8.32
C GLU A 258 58.51 -2.72 -8.85
N LYS A 259 59.59 -2.05 -8.53
CA LYS A 259 60.90 -2.50 -8.98
C LYS A 259 61.40 -3.63 -8.10
N ARG A 260 61.21 -3.50 -6.78
CA ARG A 260 61.68 -4.52 -5.85
C ARG A 260 60.96 -5.84 -6.04
N TYR A 261 59.71 -5.82 -6.49
CA TYR A 261 58.93 -7.04 -6.55
C TYR A 261 58.65 -7.47 -7.98
N THR A 262 59.34 -6.86 -8.93
CA THR A 262 59.27 -7.34 -10.29
C THR A 262 59.84 -8.74 -10.33
N ARG A 263 59.23 -9.63 -11.10
CA ARG A 263 59.62 -11.03 -11.11
C ARG A 263 59.26 -11.69 -12.42
N GLU A 264 60.15 -12.46 -12.99
CA GLU A 264 59.91 -13.02 -14.30
C GLU A 264 59.40 -14.44 -14.23
N TYR A 265 58.33 -14.75 -14.95
CA TYR A 265 57.81 -16.09 -14.98
C TYR A 265 57.83 -16.53 -16.42
N GLY A 266 57.63 -17.80 -16.68
CA GLY A 266 57.58 -18.25 -18.04
C GLY A 266 56.42 -17.62 -18.76
N GLY A 267 55.34 -17.37 -18.04
CA GLY A 267 54.13 -16.82 -18.62
C GLY A 267 54.15 -15.31 -18.77
N GLY A 268 55.19 -14.67 -18.26
CA GLY A 268 55.36 -13.25 -18.41
C GLY A 268 56.12 -12.63 -17.26
N THR A 269 56.51 -11.37 -17.42
CA THR A 269 57.18 -10.67 -16.35
C THR A 269 56.14 -9.88 -15.58
N VAL A 270 56.10 -10.07 -14.28
CA VAL A 270 55.12 -9.38 -13.45
C VAL A 270 55.70 -8.13 -12.84
N VAL A 271 55.10 -7.00 -13.19
CA VAL A 271 55.49 -5.74 -12.60
C VAL A 271 54.37 -5.20 -11.77
N PRO A 272 54.43 -5.47 -10.46
CA PRO A 272 53.34 -5.17 -9.53
C PRO A 272 53.33 -3.72 -9.10
N LYS A 273 52.27 -2.99 -9.42
CA LYS A 273 52.25 -1.57 -9.16
C LYS A 273 51.32 -1.21 -8.00
N VAL A 274 51.37 0.05 -7.59
CA VAL A 274 50.60 0.55 -6.48
C VAL A 274 49.93 1.88 -6.80
N ALA A 275 48.67 2.04 -6.47
CA ALA A 275 47.99 3.32 -6.68
C ALA A 275 47.10 3.71 -5.50
N ILE A 276 47.00 4.99 -5.21
CA ILE A 276 46.03 5.44 -4.22
C ILE A 276 44.71 5.78 -4.92
N GLY A 277 43.69 4.98 -4.69
CA GLY A 277 42.49 5.04 -5.51
C GLY A 277 41.36 5.89 -4.96
N ALA A 278 41.41 6.17 -3.68
CA ALA A 278 40.37 6.95 -3.06
C ALA A 278 40.86 7.55 -1.78
N ILE A 279 40.32 8.72 -1.45
CA ILE A 279 40.58 9.36 -0.19
C ILE A 279 39.27 9.93 0.31
N ARG A 280 39.12 9.99 1.62
CA ARG A 280 38.03 10.74 2.20
C ARG A 280 38.27 11.06 3.65
N GLY A 281 37.75 12.20 4.09
CA GLY A 281 37.61 12.55 5.49
C GLY A 281 37.28 14.01 5.44
N GLY A 282 36.36 14.51 6.26
CA GLY A 282 35.28 13.75 6.84
C GLY A 282 34.15 13.90 5.85
N VAL A 283 33.13 14.69 6.17
CA VAL A 283 32.00 14.86 5.24
C VAL A 283 31.88 16.30 4.75
N PRO A 284 31.55 16.47 3.46
CA PRO A 284 31.57 17.78 2.79
C PRO A 284 30.50 18.74 3.28
N TYR A 285 29.49 18.21 3.95
CA TYR A 285 28.33 19.02 4.27
C TYR A 285 28.37 19.44 5.72
N LYS A 286 29.49 19.15 6.38
CA LYS A 286 29.77 19.57 7.76
C LYS A 286 31.25 19.89 7.95
N ILE A 287 31.70 21.03 7.44
CA ILE A 287 33.12 21.27 7.40
C ILE A 287 33.64 22.23 8.45
N TYR A 288 32.83 22.63 9.42
CA TYR A 288 33.27 23.62 10.40
C TYR A 288 34.19 23.05 11.44
N ARG A 289 34.35 21.74 11.48
CA ARG A 289 35.37 21.14 12.31
C ARG A 289 36.17 20.17 11.48
N PHE A 290 37.48 20.36 11.46
CA PHE A 290 38.33 19.45 10.71
C PHE A 290 38.24 18.06 11.31
N PRO A 291 38.56 17.02 10.53
CA PRO A 291 38.38 15.65 10.98
C PRO A 291 39.45 15.17 11.94
N GLU A 292 39.11 14.31 12.88
CA GLU A 292 40.11 13.69 13.73
C GLU A 292 40.73 12.48 13.05
N LEU A 293 40.15 12.08 11.93
CA LEU A 293 40.65 10.94 11.15
C LEU A 293 40.52 11.19 9.67
N CYS A 294 41.26 10.44 8.87
CA CYS A 294 41.22 10.54 7.43
C CYS A 294 41.72 9.28 6.79
N SER A 295 41.00 8.74 5.81
CA SER A 295 41.37 7.47 5.21
C SER A 295 41.81 7.55 3.76
N ILE A 296 42.69 6.63 3.39
CA ILE A 296 43.23 6.49 2.05
C ILE A 296 42.94 5.05 1.64
N TYR A 297 42.78 4.77 0.35
CA TYR A 297 42.49 3.40 -0.10
C TYR A 297 43.44 2.93 -1.19
N MET A 298 44.27 1.94 -0.89
CA MET A 298 45.38 1.57 -1.77
C MET A 298 45.18 0.28 -2.52
N ASP A 299 45.42 0.33 -3.82
CA ASP A 299 45.46 -0.84 -4.69
C ASP A 299 46.91 -1.30 -4.82
N ILE A 300 47.23 -2.43 -4.23
CA ILE A 300 48.59 -2.93 -4.29
C ILE A 300 48.62 -4.30 -4.92
N ARG A 301 49.19 -4.38 -6.10
CA ARG A 301 49.23 -5.63 -6.83
C ARG A 301 50.32 -6.53 -6.30
N LEU A 302 50.06 -7.82 -6.30
CA LEU A 302 51.01 -8.80 -5.81
C LEU A 302 51.49 -9.71 -6.92
N ASN A 303 52.77 -10.07 -6.91
CA ASN A 303 53.18 -11.17 -7.76
C ASN A 303 52.70 -12.44 -7.07
N PRO A 304 52.62 -13.55 -7.80
CA PRO A 304 52.10 -14.78 -7.23
C PRO A 304 52.78 -15.24 -5.95
N ASP A 305 53.97 -14.73 -5.68
CA ASP A 305 54.76 -15.24 -4.57
C ASP A 305 54.90 -14.30 -3.41
N THR A 306 54.08 -13.25 -3.38
CA THR A 306 54.12 -12.30 -2.29
C THR A 306 52.96 -12.49 -1.32
N ASN A 307 53.27 -12.67 -0.05
CA ASN A 307 52.25 -12.77 0.99
C ASN A 307 51.69 -11.40 1.31
N PRO A 308 50.36 -11.30 1.40
CA PRO A 308 49.78 -9.98 1.66
C PRO A 308 50.25 -9.35 2.95
N LEU A 309 50.52 -10.13 3.98
CA LEU A 309 50.90 -9.56 5.27
C LEU A 309 52.25 -8.88 5.22
N VAL A 310 53.10 -9.32 4.31
CA VAL A 310 54.40 -8.72 4.13
C VAL A 310 54.27 -7.29 3.66
N VAL A 311 53.38 -7.09 2.70
CA VAL A 311 53.09 -5.78 2.18
C VAL A 311 52.48 -4.85 3.22
N GLN A 312 51.58 -5.38 4.03
CA GLN A 312 50.97 -4.60 5.07
C GLN A 312 52.00 -4.08 6.06
N ARG A 313 52.95 -4.92 6.45
CA ARG A 313 54.01 -4.48 7.34
C ARG A 313 54.89 -3.43 6.72
N GLU A 314 55.09 -3.52 5.41
CA GLU A 314 55.89 -2.50 4.77
C GLU A 314 55.20 -1.17 4.88
N VAL A 315 53.89 -1.16 4.69
CA VAL A 315 53.13 0.09 4.79
C VAL A 315 53.06 0.56 6.22
N GLU A 316 52.91 -0.35 7.16
CA GLU A 316 52.89 0.03 8.56
C GLU A 316 54.19 0.71 8.92
N ALA A 317 55.25 0.30 8.25
CA ALA A 317 56.56 0.82 8.50
C ALA A 317 56.76 2.22 7.95
N VAL A 318 56.18 2.50 6.79
CA VAL A 318 56.25 3.82 6.22
C VAL A 318 55.63 4.82 7.19
N VAL A 319 54.50 4.43 7.74
CA VAL A 319 53.78 5.25 8.69
C VAL A 319 54.61 5.44 9.94
N SER A 320 55.22 4.35 10.38
CA SER A 320 55.96 4.37 11.61
C SER A 320 57.13 5.32 11.50
N LYS A 321 57.68 5.44 10.29
CA LYS A 321 58.85 6.28 10.08
C LYS A 321 58.48 7.75 10.20
N LEU A 322 57.20 8.05 10.02
CA LEU A 322 56.75 9.43 10.09
C LEU A 322 56.24 9.79 11.47
N GLY A 323 56.16 8.81 12.34
CA GLY A 323 55.70 9.08 13.68
C GLY A 323 54.20 9.25 13.79
N LEU A 324 53.48 8.74 12.80
CA LEU A 324 52.04 8.86 12.75
C LEU A 324 51.31 7.69 13.41
N LYS A 325 50.17 7.96 14.01
CA LYS A 325 49.33 6.89 14.52
C LYS A 325 48.33 6.54 13.42
N ALA A 326 48.35 5.30 12.97
CA ALA A 326 47.43 4.91 11.91
C ALA A 326 46.97 3.45 11.97
N GLU A 327 45.86 3.20 11.32
CA GLU A 327 45.33 1.86 11.14
C GLU A 327 45.53 1.44 9.70
N VAL A 328 46.31 0.40 9.47
CA VAL A 328 46.45 -0.16 8.13
C VAL A 328 45.65 -1.46 8.08
N LYS A 329 44.50 -1.40 7.43
CA LYS A 329 43.59 -2.53 7.45
C LYS A 329 43.33 -3.04 6.06
N PRO A 330 43.59 -4.32 5.83
CA PRO A 330 43.29 -4.94 4.55
C PRO A 330 41.82 -5.20 4.41
N PHE A 331 41.25 -4.95 3.24
CA PHE A 331 39.85 -5.27 3.00
C PHE A 331 39.67 -6.02 1.70
N LEU A 332 40.75 -6.39 1.06
CA LEU A 332 40.68 -7.30 -0.09
C LEU A 332 41.94 -8.10 -0.26
N PHE A 333 41.82 -9.39 -0.46
CA PHE A 333 42.98 -10.19 -0.79
C PHE A 333 42.68 -11.28 -1.80
N ARG A 334 43.35 -11.26 -2.94
CA ARG A 334 43.20 -12.35 -3.90
C ARG A 334 44.57 -12.77 -4.37
N ARG A 335 44.76 -14.06 -4.65
CA ARG A 335 46.05 -14.55 -5.09
C ARG A 335 46.18 -14.55 -6.57
N GLY A 336 47.38 -14.27 -7.06
CA GLY A 336 47.69 -14.41 -8.47
C GLY A 336 48.40 -15.71 -8.70
N TYR A 337 48.29 -16.25 -9.91
CA TYR A 337 48.84 -17.56 -10.23
C TYR A 337 49.50 -17.58 -11.59
N GLU A 338 50.52 -18.43 -11.72
CA GLU A 338 51.02 -18.86 -13.01
C GLU A 338 50.49 -20.24 -13.31
N ALA A 339 50.08 -20.46 -14.55
CA ALA A 339 49.46 -21.73 -14.93
C ALA A 339 50.44 -22.91 -14.82
N GLN A 340 49.94 -24.06 -14.38
CA GLN A 340 50.72 -25.27 -14.35
C GLN A 340 50.16 -26.22 -15.37
N GLY A 341 51.00 -26.76 -16.23
CA GLY A 341 50.54 -27.71 -17.22
C GLY A 341 49.82 -27.05 -18.37
N ILE A 342 50.31 -25.90 -18.78
CA ILE A 342 49.66 -25.09 -19.79
C ILE A 342 49.97 -25.50 -21.24
N GLU A 343 51.00 -26.31 -21.40
CA GLU A 343 51.54 -26.62 -22.72
C GLU A 343 50.53 -27.06 -23.78
N PRO A 344 49.56 -27.92 -23.43
CA PRO A 344 48.60 -28.27 -24.49
C PRO A 344 47.81 -27.09 -25.05
N LEU A 345 47.35 -26.18 -24.19
CA LEU A 345 46.63 -25.03 -24.68
C LEU A 345 47.60 -24.05 -25.33
N GLN A 346 48.76 -23.88 -24.69
CA GLN A 346 49.82 -23.04 -25.21
C GLN A 346 50.20 -23.44 -26.61
N ASN A 347 50.31 -24.74 -26.83
CA ASN A 347 50.73 -25.23 -28.12
C ASN A 347 49.63 -25.13 -29.15
N ALA A 348 48.42 -25.50 -28.77
CA ALA A 348 47.29 -25.43 -29.69
C ALA A 348 47.11 -24.01 -30.18
N LEU A 349 47.25 -23.06 -29.28
CA LEU A 349 47.13 -21.67 -29.61
C LEU A 349 48.27 -21.21 -30.49
N GLU A 350 49.49 -21.61 -30.14
CA GLU A 350 50.67 -21.23 -30.88
C GLU A 350 50.54 -21.66 -32.33
N VAL A 351 50.08 -22.88 -32.54
CA VAL A 351 49.91 -23.37 -33.90
C VAL A 351 48.94 -22.49 -34.66
N ALA A 352 47.80 -22.22 -34.05
CA ALA A 352 46.78 -21.37 -34.66
C ALA A 352 47.29 -19.96 -34.93
N HIS A 353 48.00 -19.40 -33.96
CA HIS A 353 48.52 -18.05 -34.09
C HIS A 353 49.46 -17.87 -35.27
N ARG A 354 50.33 -18.84 -35.52
CA ARG A 354 51.30 -18.72 -36.59
C ARG A 354 50.61 -18.84 -37.93
N GLU A 355 49.50 -19.55 -37.94
CA GLU A 355 48.76 -19.78 -39.18
C GLU A 355 48.02 -18.53 -39.60
N VAL A 356 47.41 -17.86 -38.63
CA VAL A 356 46.56 -16.72 -38.90
C VAL A 356 47.33 -15.41 -38.87
N VAL A 357 48.22 -15.26 -37.90
CA VAL A 357 48.98 -14.03 -37.73
C VAL A 357 50.33 -14.05 -38.43
N GLY A 358 50.97 -15.22 -38.52
CA GLY A 358 52.14 -15.35 -39.38
C GLY A 358 53.55 -15.49 -38.79
N ARG A 359 53.74 -15.10 -37.54
CA ARG A 359 55.03 -15.23 -36.85
C ARG A 359 54.83 -15.95 -35.53
N PRO A 360 55.93 -16.37 -34.88
CA PRO A 360 55.79 -16.92 -33.53
C PRO A 360 55.21 -15.90 -32.58
N THR A 361 54.60 -16.34 -31.50
CA THR A 361 54.08 -15.40 -30.52
C THR A 361 55.18 -14.72 -29.73
N GLU A 362 54.93 -13.50 -29.29
CA GLU A 362 55.92 -12.82 -28.48
C GLU A 362 55.54 -12.86 -27.01
N ARG A 363 56.47 -12.47 -26.17
CA ARG A 363 56.25 -12.45 -24.75
C ARG A 363 55.34 -11.27 -24.42
N PRO A 364 54.36 -11.47 -23.53
CA PRO A 364 53.34 -10.46 -23.27
C PRO A 364 53.86 -9.22 -22.60
N GLY A 365 53.18 -8.10 -22.80
CA GLY A 365 53.55 -6.88 -22.15
C GLY A 365 53.29 -7.00 -20.68
N SER A 366 54.16 -6.44 -19.86
CA SER A 366 54.04 -6.56 -18.42
C SER A 366 52.70 -6.14 -17.81
N PRO A 367 52.10 -5.04 -18.29
CA PRO A 367 50.84 -4.68 -17.63
C PRO A 367 49.77 -5.74 -17.81
N GLU A 368 49.81 -6.44 -18.93
CA GLU A 368 48.79 -7.45 -19.16
C GLU A 368 49.09 -8.73 -18.37
N CYS A 369 50.27 -8.83 -17.76
CA CYS A 369 50.62 -9.94 -16.86
C CYS A 369 50.44 -9.55 -15.43
N SER A 370 50.30 -8.26 -15.19
CA SER A 370 50.40 -7.76 -13.84
C SER A 370 49.07 -7.20 -13.38
N MET A 371 47.98 -7.78 -13.86
CA MET A 371 46.65 -7.32 -13.49
C MET A 371 45.81 -8.41 -12.89
N TRP A 372 44.51 -8.17 -12.83
CA TRP A 372 43.59 -9.22 -12.50
C TRP A 372 42.79 -9.54 -13.73
N ARG A 373 42.89 -10.77 -14.18
CA ARG A 373 42.01 -11.29 -15.21
C ARG A 373 41.53 -12.64 -14.74
N ASP A 374 40.51 -13.18 -15.40
CA ASP A 374 39.89 -14.37 -14.87
C ASP A 374 40.69 -15.65 -15.16
N THR A 375 41.94 -15.53 -15.55
CA THR A 375 42.79 -16.70 -15.64
C THR A 375 43.06 -17.21 -14.24
N ASN A 376 43.05 -16.30 -13.27
CA ASN A 376 43.33 -16.66 -11.90
C ASN A 376 42.34 -17.64 -11.28
N PRO A 377 41.02 -17.41 -11.41
CA PRO A 377 40.12 -18.40 -10.82
C PRO A 377 40.27 -19.79 -11.44
N TYR A 378 40.41 -19.83 -12.76
CA TYR A 378 40.63 -21.09 -13.46
C TYR A 378 41.90 -21.77 -12.98
N ASN A 379 42.97 -21.00 -12.87
CA ASN A 379 44.21 -21.59 -12.46
C ASN A 379 44.10 -22.05 -11.02
N GLU A 380 43.48 -21.25 -10.18
CA GLU A 380 43.33 -21.58 -8.77
C GLU A 380 42.63 -22.91 -8.60
N LEU A 381 41.73 -23.21 -9.52
CA LEU A 381 40.91 -24.40 -9.43
C LEU A 381 41.38 -25.53 -10.35
N GLY A 382 42.61 -25.43 -10.84
CA GLY A 382 43.21 -26.55 -11.54
C GLY A 382 42.86 -26.68 -13.00
N ILE A 383 42.38 -25.60 -13.57
CA ILE A 383 42.11 -25.60 -14.99
C ILE A 383 43.15 -24.72 -15.62
N PRO A 384 44.16 -25.33 -16.24
CA PRO A 384 45.24 -24.52 -16.80
C PRO A 384 44.71 -23.48 -17.75
N SER A 385 45.07 -22.23 -17.56
CA SER A 385 44.42 -21.16 -18.28
C SER A 385 45.31 -19.97 -18.63
N LEU A 386 45.14 -19.45 -19.85
CA LEU A 386 45.84 -18.25 -20.31
C LEU A 386 44.89 -17.19 -20.86
N THR A 387 45.43 -16.01 -21.14
CA THR A 387 44.65 -14.97 -21.76
C THR A 387 45.22 -14.55 -23.11
N TYR A 388 44.35 -14.23 -24.06
CA TYR A 388 44.75 -13.92 -25.43
C TYR A 388 43.65 -13.24 -26.22
N GLY A 389 43.93 -12.08 -26.79
CA GLY A 389 42.94 -11.43 -27.65
C GLY A 389 43.62 -10.37 -28.46
N CYS A 390 42.86 -9.58 -29.20
CA CYS A 390 43.49 -8.54 -30.00
C CYS A 390 43.51 -7.20 -29.31
N GLY A 391 44.35 -6.30 -29.80
CA GLY A 391 44.34 -4.91 -29.40
C GLY A 391 45.01 -4.58 -28.09
N GLY A 392 45.16 -3.29 -27.82
CA GLY A 392 45.77 -2.88 -26.58
C GLY A 392 44.77 -2.87 -25.46
N GLY A 393 45.25 -2.97 -24.25
CA GLY A 393 44.37 -3.07 -23.10
C GLY A 393 43.62 -1.79 -22.87
N ALA A 394 42.43 -1.91 -22.33
CA ALA A 394 41.65 -0.73 -22.04
C ALA A 394 42.30 0.05 -20.90
N GLY A 395 43.09 -0.62 -20.08
CA GLY A 395 43.75 0.08 -18.99
C GLY A 395 44.82 1.01 -19.50
N GLY A 396 45.02 0.95 -20.82
CA GLY A 396 46.11 1.63 -21.51
C GLY A 396 46.17 3.13 -21.68
N GLY A 397 45.15 3.77 -22.25
CA GLY A 397 43.94 3.11 -22.69
C GLY A 397 43.62 3.12 -24.18
N ASN A 398 43.61 1.93 -24.77
CA ASN A 398 43.11 1.75 -26.11
C ASN A 398 41.62 1.99 -26.12
N THR A 399 41.07 2.47 -27.23
CA THR A 399 39.66 2.77 -27.28
C THR A 399 38.99 2.14 -28.49
N TYR A 400 39.74 1.34 -29.24
CA TYR A 400 39.17 0.72 -30.42
C TYR A 400 39.83 -0.58 -30.82
N PHE A 401 39.12 -1.34 -31.65
CA PHE A 401 39.65 -2.55 -32.27
C PHE A 401 39.59 -2.38 -33.77
N LEU A 402 40.52 -2.97 -34.50
CA LEU A 402 40.38 -3.08 -35.94
C LEU A 402 39.51 -4.27 -36.26
N VAL A 403 38.55 -4.12 -37.14
CA VAL A 403 37.66 -5.23 -37.45
C VAL A 403 38.42 -6.42 -37.99
N ASP A 404 39.45 -6.16 -38.76
CA ASP A 404 40.30 -7.21 -39.32
C ASP A 404 41.00 -8.05 -38.27
N ASP A 405 41.43 -7.42 -37.18
CA ASP A 405 42.09 -8.12 -36.09
C ASP A 405 41.12 -8.96 -35.27
N MET A 406 39.88 -8.48 -35.13
CA MET A 406 38.88 -9.24 -34.40
C MET A 406 38.58 -10.51 -35.15
N LEU A 407 38.55 -10.42 -36.46
CA LEU A 407 38.30 -11.57 -37.29
C LEU A 407 39.44 -12.56 -37.15
N LYS A 408 40.66 -12.04 -37.07
CA LYS A 408 41.83 -12.88 -36.91
C LYS A 408 41.71 -13.68 -35.63
N ALA A 409 41.34 -13.02 -34.55
CA ALA A 409 41.22 -13.65 -33.25
C ALA A 409 40.20 -14.76 -33.27
N ALA A 410 39.04 -14.48 -33.85
CA ALA A 410 37.97 -15.46 -33.88
C ALA A 410 38.44 -16.70 -34.61
N LYS A 411 39.31 -16.51 -35.58
CA LYS A 411 39.86 -17.62 -36.32
C LYS A 411 40.80 -18.41 -35.43
N VAL A 412 41.67 -17.71 -34.71
CA VAL A 412 42.59 -18.36 -33.79
C VAL A 412 41.84 -19.12 -32.69
N TYR A 413 40.77 -18.54 -32.17
CA TYR A 413 39.98 -19.19 -31.15
C TYR A 413 39.41 -20.49 -31.69
N ALA A 414 38.84 -20.43 -32.88
CA ALA A 414 38.24 -21.62 -33.47
C ALA A 414 39.29 -22.67 -33.73
N MET A 415 40.43 -22.27 -34.28
CA MET A 415 41.47 -23.23 -34.59
C MET A 415 42.00 -23.88 -33.34
N THR A 416 42.21 -23.08 -32.31
CA THR A 416 42.66 -23.59 -31.03
C THR A 416 41.73 -24.67 -30.53
N ALA A 417 40.45 -24.43 -30.67
CA ALA A 417 39.44 -25.38 -30.22
C ALA A 417 39.52 -26.68 -30.97
N MET A 418 39.71 -26.60 -32.28
CA MET A 418 39.73 -27.80 -33.11
C MET A 418 40.92 -28.68 -32.82
N ASP A 419 42.04 -28.08 -32.44
CA ASP A 419 43.18 -28.86 -32.02
C ASP A 419 42.87 -29.48 -30.66
N LEU A 420 42.77 -28.62 -29.66
CA LEU A 420 42.69 -29.04 -28.28
C LEU A 420 41.51 -29.96 -27.99
N CYS A 421 40.34 -29.67 -28.53
CA CYS A 421 39.17 -30.49 -28.22
C CYS A 421 39.19 -31.88 -28.87
N ASN A 422 40.26 -32.21 -29.58
CA ASN A 422 40.32 -33.53 -30.18
C ASN A 422 41.40 -34.35 -29.53
N ARG A 423 41.97 -33.85 -28.44
CA ARG A 423 42.85 -34.66 -27.66
C ARG A 423 42.06 -35.46 -26.65
N THR A 424 42.59 -36.62 -26.32
CA THR A 424 42.02 -37.43 -25.27
C THR A 424 42.72 -36.97 -24.01
N PRO A 425 41.94 -36.68 -22.96
CA PRO A 425 42.50 -36.20 -21.69
C PRO A 425 43.35 -37.25 -20.99
N MET B 1 -48.23 41.39 -19.36
CA MET B 1 -48.47 40.15 -20.06
C MET B 1 -47.17 39.81 -20.76
N ALA B 2 -47.14 38.66 -21.43
CA ALA B 2 -46.11 38.39 -22.41
C ALA B 2 -46.33 39.44 -23.47
N GLY B 3 -45.25 39.88 -24.11
CA GLY B 3 -45.35 40.90 -25.15
C GLY B 3 -46.12 40.39 -26.35
N SER B 4 -45.80 40.88 -27.53
CA SER B 4 -46.48 40.33 -28.68
C SER B 4 -45.49 40.05 -29.76
N ASN B 5 -44.75 41.07 -30.13
CA ASN B 5 -43.78 40.93 -31.20
C ASN B 5 -42.44 40.44 -30.67
N ASP B 6 -42.33 40.33 -29.35
CA ASP B 6 -41.14 39.83 -28.74
C ASP B 6 -41.43 38.34 -28.50
N VAL B 7 -42.68 37.96 -28.61
CA VAL B 7 -42.98 36.55 -28.44
C VAL B 7 -42.62 35.85 -29.72
N ALA B 8 -43.08 36.41 -30.82
CA ALA B 8 -42.84 35.85 -32.14
C ALA B 8 -41.37 35.67 -32.42
N LYS B 9 -40.56 36.60 -31.90
CA LYS B 9 -39.15 36.51 -32.12
C LYS B 9 -38.60 35.26 -31.45
N VAL B 10 -39.03 35.01 -30.23
CA VAL B 10 -38.57 33.84 -29.49
C VAL B 10 -39.11 32.57 -30.11
N MET B 11 -40.37 32.61 -30.52
CA MET B 11 -40.93 31.46 -31.18
C MET B 11 -40.14 31.11 -32.43
N LYS B 12 -39.70 32.12 -33.17
CA LYS B 12 -39.02 31.82 -34.43
C LYS B 12 -37.65 31.21 -34.18
N THR B 13 -36.98 31.69 -33.14
CA THR B 13 -35.68 31.14 -32.77
C THR B 13 -35.80 29.67 -32.42
N LEU B 14 -36.87 29.33 -31.72
CA LEU B 14 -37.06 27.97 -31.28
C LEU B 14 -37.33 27.06 -32.45
N ASP B 15 -37.96 27.56 -33.50
CA ASP B 15 -38.15 26.77 -34.71
C ASP B 15 -36.80 26.41 -35.32
N GLY B 16 -35.82 27.26 -35.07
CA GLY B 16 -34.49 27.10 -35.62
C GLY B 16 -33.58 26.25 -34.76
N MET B 17 -34.10 25.84 -33.61
CA MET B 17 -33.32 25.05 -32.68
C MET B 17 -33.81 23.63 -32.63
N ARG B 18 -34.55 23.19 -33.64
CA ARG B 18 -35.16 21.86 -33.60
C ARG B 18 -34.14 20.72 -33.42
N GLU B 19 -33.11 20.80 -34.23
CA GLU B 19 -32.04 19.81 -34.26
C GLU B 19 -31.18 19.91 -32.99
N GLY B 20 -31.05 21.14 -32.47
CA GLY B 20 -30.26 21.35 -31.27
C GLY B 20 -31.02 20.71 -30.12
N LEU B 21 -32.35 20.75 -30.18
CA LEU B 21 -33.19 20.12 -29.18
C LEU B 21 -33.04 18.60 -29.19
N ILE B 22 -33.07 18.01 -30.37
CA ILE B 22 -32.94 16.57 -30.49
C ILE B 22 -31.60 16.08 -29.97
N GLN B 23 -30.53 16.71 -30.40
CA GLN B 23 -29.23 16.24 -29.98
C GLN B 23 -29.07 16.31 -28.48
N THR B 24 -29.59 17.37 -27.89
CA THR B 24 -29.43 17.54 -26.47
C THR B 24 -30.18 16.45 -25.78
N ALA B 25 -31.35 16.13 -26.29
CA ALA B 25 -32.16 15.08 -25.67
C ALA B 25 -31.52 13.71 -25.82
N VAL B 26 -31.00 13.41 -27.01
CA VAL B 26 -30.45 12.09 -27.26
C VAL B 26 -29.10 11.87 -26.56
N GLU B 27 -28.22 12.85 -26.62
CA GLU B 27 -26.94 12.74 -25.93
C GLU B 27 -27.16 12.55 -24.45
N LEU B 28 -28.15 13.27 -23.94
CA LEU B 28 -28.44 13.24 -22.53
C LEU B 28 -29.07 11.94 -22.13
N GLY B 29 -30.01 11.49 -22.95
CA GLY B 29 -30.69 10.25 -22.68
C GLY B 29 -29.77 9.07 -22.82
N SER B 30 -28.66 9.25 -23.54
CA SER B 30 -27.74 8.16 -23.84
C SER B 30 -26.84 7.83 -22.66
N ILE B 31 -26.74 8.75 -21.73
CA ILE B 31 -25.89 8.57 -20.57
C ILE B 31 -26.51 7.66 -19.55
N GLU B 32 -25.76 6.66 -19.10
CA GLU B 32 -26.23 5.78 -18.05
C GLU B 32 -26.33 6.55 -16.77
N ALA B 33 -27.54 6.70 -16.25
CA ALA B 33 -27.70 7.48 -15.06
C ALA B 33 -28.88 7.03 -14.22
N PRO B 34 -28.87 5.76 -13.81
CA PRO B 34 -29.92 5.34 -12.89
C PRO B 34 -29.74 5.98 -11.55
N THR B 35 -30.79 6.03 -10.75
CA THR B 35 -30.69 6.60 -9.43
C THR B 35 -29.56 5.95 -8.66
N GLY B 36 -28.65 6.77 -8.17
CA GLY B 36 -27.51 6.29 -7.44
C GLY B 36 -26.21 6.57 -8.19
N ARG B 37 -26.33 6.84 -9.50
CA ARG B 37 -25.17 7.07 -10.33
C ARG B 37 -25.39 8.17 -11.36
N GLU B 38 -26.07 9.23 -10.94
CA GLU B 38 -26.39 10.35 -11.83
C GLU B 38 -25.28 11.36 -12.06
N GLY B 39 -24.12 11.13 -11.47
CA GLY B 39 -23.02 12.06 -11.58
C GLY B 39 -22.69 12.47 -13.00
N ALA B 40 -22.52 11.48 -13.87
CA ALA B 40 -22.13 11.75 -15.24
C ALA B 40 -23.15 12.61 -15.95
N ALA B 41 -24.42 12.36 -15.69
CA ALA B 41 -25.46 13.15 -16.31
C ALA B 41 -25.40 14.58 -15.82
N GLY B 42 -25.12 14.75 -14.54
CA GLY B 42 -24.98 16.07 -13.96
C GLY B 42 -23.87 16.83 -14.63
N ASP B 43 -22.76 16.14 -14.84
CA ASP B 43 -21.60 16.72 -15.49
C ASP B 43 -21.96 17.24 -16.87
N TYR B 44 -22.76 16.47 -17.60
CA TYR B 44 -23.14 16.91 -18.92
C TYR B 44 -23.86 18.19 -18.81
N VAL B 45 -24.85 18.20 -17.94
CA VAL B 45 -25.72 19.35 -17.82
C VAL B 45 -24.96 20.55 -17.35
N TYR B 46 -24.02 20.35 -16.42
CA TYR B 46 -23.23 21.47 -15.95
C TYR B 46 -22.44 22.13 -17.05
N GLU B 47 -21.74 21.35 -17.87
CA GLU B 47 -20.87 21.97 -18.85
C GLU B 47 -21.72 22.53 -20.00
N TRP B 48 -22.90 21.96 -20.20
CA TRP B 48 -23.84 22.52 -21.17
C TRP B 48 -24.31 23.90 -20.73
N MET B 49 -24.67 24.03 -19.46
CA MET B 49 -25.10 25.32 -18.95
C MET B 49 -23.94 26.29 -19.01
N ALA B 50 -22.75 25.80 -18.75
CA ALA B 50 -21.57 26.64 -18.81
C ALA B 50 -21.31 27.16 -20.23
N ARG B 51 -21.38 26.29 -21.23
CA ARG B 51 -21.20 26.71 -22.61
C ARG B 51 -22.16 27.80 -23.02
N ASN B 52 -23.40 27.71 -22.57
CA ASN B 52 -24.42 28.69 -22.94
C ASN B 52 -24.50 29.85 -21.96
N GLY B 53 -23.53 29.91 -21.06
CA GLY B 53 -23.38 31.02 -20.16
C GLY B 53 -24.43 31.21 -19.12
N PHE B 54 -24.83 30.13 -18.47
CA PHE B 54 -25.82 30.21 -17.41
C PHE B 54 -25.17 30.13 -16.03
N GLY B 55 -23.85 30.11 -15.98
CA GLY B 55 -23.10 30.08 -14.74
C GLY B 55 -23.56 29.11 -13.68
N PRO B 56 -23.51 27.81 -13.97
CA PRO B 56 -24.00 26.78 -13.05
C PRO B 56 -23.09 26.50 -11.88
N GLU B 57 -23.69 26.03 -10.81
CA GLU B 57 -22.98 25.58 -9.63
C GLU B 57 -23.43 24.19 -9.32
N ARG B 58 -22.54 23.38 -8.77
CA ARG B 58 -22.91 22.06 -8.31
C ARG B 58 -23.34 22.11 -6.85
N VAL B 59 -24.57 21.71 -6.60
CA VAL B 59 -25.16 21.74 -5.26
C VAL B 59 -25.59 20.36 -4.83
N GLY B 60 -24.79 19.72 -3.99
CA GLY B 60 -25.07 18.34 -3.62
C GLY B 60 -24.48 17.90 -2.29
N VAL B 61 -24.89 16.72 -1.84
CA VAL B 61 -24.39 16.16 -0.61
C VAL B 61 -23.14 15.33 -0.87
N PHE B 62 -23.05 14.74 -2.06
CA PHE B 62 -21.89 13.98 -2.46
C PHE B 62 -21.32 14.60 -3.72
N ASP B 63 -20.05 14.38 -3.99
CA ASP B 63 -19.44 14.98 -5.15
C ASP B 63 -19.75 14.23 -6.43
N ASP B 64 -20.39 13.07 -6.33
CA ASP B 64 -20.76 12.35 -7.55
C ASP B 64 -22.28 12.17 -7.69
N ARG B 65 -23.02 12.76 -6.76
CA ARG B 65 -24.46 12.83 -6.87
C ARG B 65 -24.86 14.21 -6.42
N PHE B 66 -25.17 15.08 -7.37
CA PHE B 66 -25.37 16.46 -7.04
C PHE B 66 -26.44 17.07 -7.91
N ASN B 67 -26.92 18.24 -7.54
CA ASN B 67 -27.85 18.96 -8.38
C ASN B 67 -27.11 20.02 -9.14
N VAL B 68 -27.64 20.44 -10.26
CA VAL B 68 -27.00 21.51 -11.01
C VAL B 68 -27.94 22.71 -11.14
N VAL B 69 -27.49 23.86 -10.68
CA VAL B 69 -28.31 25.06 -10.65
C VAL B 69 -27.67 26.22 -11.39
N GLY B 70 -28.33 26.68 -12.44
CA GLY B 70 -27.87 27.86 -13.14
C GLY B 70 -29.01 28.83 -13.33
N ARG B 71 -28.70 30.02 -13.80
CA ARG B 71 -29.71 31.04 -13.97
C ARG B 71 -29.58 31.84 -15.24
N LEU B 72 -30.70 32.37 -15.70
CA LEU B 72 -30.73 33.40 -16.72
C LEU B 72 -31.25 34.64 -16.07
N ARG B 73 -30.37 35.56 -15.71
CA ARG B 73 -30.74 36.63 -14.79
C ARG B 73 -31.46 37.80 -15.47
N GLY B 74 -32.42 38.41 -14.75
CA GLY B 74 -33.25 39.46 -15.28
C GLY B 74 -32.76 40.85 -14.92
N THR B 75 -33.37 41.86 -15.54
CA THR B 75 -32.98 43.24 -15.33
C THR B 75 -33.25 43.73 -13.92
N GLY B 76 -34.22 43.12 -13.27
CA GLY B 76 -34.55 43.50 -11.91
C GLY B 76 -36.03 43.78 -11.77
N GLY B 77 -36.58 43.36 -10.64
CA GLY B 77 -37.93 43.71 -10.24
C GLY B 77 -39.04 42.78 -10.67
N GLY B 78 -38.70 41.56 -11.06
CA GLY B 78 -39.71 40.62 -11.50
C GLY B 78 -39.75 39.35 -10.67
N ALA B 79 -40.73 38.50 -10.94
CA ALA B 79 -40.85 37.24 -10.26
C ALA B 79 -39.93 36.19 -10.87
N SER B 80 -39.44 35.29 -10.03
CA SER B 80 -38.54 34.25 -10.43
C SER B 80 -39.34 33.04 -10.84
N LEU B 81 -38.92 32.36 -11.91
CA LEU B 81 -39.53 31.11 -12.29
C LEU B 81 -38.45 30.05 -12.38
N SER B 82 -38.63 28.95 -11.66
CA SER B 82 -37.71 27.82 -11.72
C SER B 82 -38.17 26.83 -12.76
N PHE B 83 -37.24 26.22 -13.48
CA PHE B 83 -37.56 25.05 -14.29
C PHE B 83 -36.84 23.83 -13.74
N ASN B 84 -37.55 22.72 -13.59
CA ASN B 84 -37.00 21.58 -12.89
C ASN B 84 -37.22 20.27 -13.60
N SER B 85 -36.16 19.50 -13.76
CA SER B 85 -36.28 18.12 -14.19
C SER B 85 -35.22 17.32 -13.50
N HIS B 86 -35.32 16.00 -13.51
CA HIS B 86 -34.36 15.22 -12.73
C HIS B 86 -33.38 14.45 -13.58
N LEU B 87 -32.20 14.21 -13.01
CA LEU B 87 -31.10 13.59 -13.70
C LEU B 87 -31.10 12.05 -13.70
N ASP B 88 -31.79 11.43 -12.74
CA ASP B 88 -31.79 9.96 -12.65
C ASP B 88 -32.82 9.28 -13.54
N THR B 89 -32.57 8.02 -13.86
CA THR B 89 -33.50 7.24 -14.64
C THR B 89 -33.91 6.01 -13.83
N ILE B 90 -34.95 5.31 -14.26
CA ILE B 90 -35.55 4.27 -13.45
C ILE B 90 -34.75 3.00 -13.43
N MET B 91 -34.44 2.47 -14.61
CA MET B 91 -33.79 1.17 -14.69
C MET B 91 -32.28 1.25 -14.68
N ALA B 92 -31.69 0.44 -13.81
CA ALA B 92 -30.27 0.17 -13.86
C ALA B 92 -30.10 -1.21 -14.47
N ARG B 93 -28.98 -1.43 -15.14
CA ARG B 93 -28.73 -2.70 -15.77
C ARG B 93 -28.62 -3.79 -14.70
N GLU B 94 -28.27 -3.38 -13.50
CA GLU B 94 -28.23 -4.26 -12.32
C GLU B 94 -29.57 -4.93 -12.00
N ASP B 95 -30.68 -4.28 -12.33
CA ASP B 95 -31.97 -4.65 -11.76
C ASP B 95 -32.60 -5.88 -12.38
N THR B 96 -32.03 -7.05 -12.10
CA THR B 96 -32.56 -8.29 -12.62
C THR B 96 -33.63 -8.84 -11.72
N ALA B 97 -33.80 -8.17 -10.59
CA ALA B 97 -34.72 -8.60 -9.56
C ALA B 97 -36.10 -7.96 -9.71
N ARG B 98 -36.21 -6.97 -10.58
CA ARG B 98 -37.48 -6.28 -10.76
C ARG B 98 -37.99 -6.36 -12.18
N PHE B 99 -37.10 -6.65 -13.11
CA PHE B 99 -37.50 -6.70 -14.50
C PHE B 99 -37.16 -8.03 -15.12
N ALA B 100 -37.99 -8.50 -16.03
CA ALA B 100 -37.77 -9.79 -16.66
C ALA B 100 -36.55 -9.73 -17.55
N ASP B 101 -36.37 -8.62 -18.22
CA ASP B 101 -35.17 -8.37 -19.01
C ASP B 101 -34.53 -7.05 -18.63
N ALA B 102 -33.70 -7.08 -17.58
CA ALA B 102 -33.07 -5.88 -17.03
C ALA B 102 -32.29 -5.10 -18.08
N ASN B 103 -31.81 -5.83 -19.07
CA ASN B 103 -31.06 -5.22 -20.15
C ASN B 103 -31.79 -5.15 -21.46
N ASP B 104 -32.91 -4.45 -21.52
CA ASP B 104 -33.49 -4.24 -22.83
C ASP B 104 -32.62 -3.12 -23.40
N ARG B 105 -33.25 -2.26 -24.18
CA ARG B 105 -32.62 -1.16 -24.86
C ARG B 105 -33.38 0.09 -24.51
N ILE B 106 -34.70 -0.07 -24.50
CA ILE B 106 -35.60 1.02 -24.23
C ILE B 106 -35.39 1.50 -22.80
N TYR B 107 -34.87 0.63 -21.96
CA TYR B 107 -34.59 0.94 -20.58
C TYR B 107 -33.34 1.78 -20.40
N HIS B 108 -32.39 1.70 -21.32
CA HIS B 108 -31.06 2.26 -21.08
C HIS B 108 -30.55 3.19 -22.16
N GLU B 109 -31.05 3.07 -23.37
CA GLU B 109 -30.53 3.89 -24.44
C GLU B 109 -31.53 4.91 -24.89
N ALA B 110 -31.16 5.69 -25.89
CA ALA B 110 -32.01 6.76 -26.39
C ALA B 110 -31.66 7.13 -27.81
N TRP B 111 -32.64 7.10 -28.71
CA TRP B 111 -32.37 7.34 -30.12
C TRP B 111 -33.51 8.03 -30.86
N HIS B 112 -33.16 8.73 -31.93
CA HIS B 112 -34.08 9.45 -32.79
C HIS B 112 -34.47 8.59 -33.98
N GLU B 113 -35.72 8.16 -34.05
CA GLU B 113 -36.13 7.35 -35.20
C GLU B 113 -37.04 8.13 -36.17
N GLU B 114 -38.35 8.01 -36.06
CA GLU B 114 -39.26 8.80 -36.91
C GLU B 114 -38.94 10.29 -36.95
N GLY B 115 -38.86 10.86 -35.75
CA GLY B 115 -39.31 12.20 -35.49
C GLY B 115 -39.99 11.92 -34.16
N ARG B 116 -39.71 10.71 -33.69
CA ARG B 116 -39.98 10.30 -32.33
C ARG B 116 -38.63 10.20 -31.65
N ILE B 117 -38.61 10.25 -30.33
CA ILE B 117 -37.41 9.93 -29.60
C ILE B 117 -37.74 8.85 -28.59
N TYR B 118 -37.08 7.70 -28.72
CA TYR B 118 -37.42 6.56 -27.89
C TYR B 118 -36.51 6.51 -26.69
N GLY B 119 -36.97 5.85 -25.63
CA GLY B 119 -36.17 5.64 -24.46
C GLY B 119 -36.83 6.12 -23.20
N TYR B 120 -36.91 5.26 -22.21
CA TYR B 120 -37.44 5.64 -20.92
C TYR B 120 -36.64 6.81 -20.36
N SER B 121 -35.35 6.83 -20.63
CA SER B 121 -34.51 7.88 -20.12
C SER B 121 -34.88 9.25 -20.69
N VAL B 122 -35.59 9.24 -21.81
CA VAL B 122 -35.96 10.48 -22.44
C VAL B 122 -37.31 10.93 -21.94
N VAL B 123 -38.22 9.97 -21.82
CA VAL B 123 -39.53 10.26 -21.25
C VAL B 123 -39.37 10.73 -19.81
N ASN B 124 -38.44 10.10 -19.12
CA ASN B 124 -38.24 10.34 -17.71
C ASN B 124 -36.76 10.25 -17.37
N CYS B 125 -36.06 11.38 -17.46
CA CYS B 125 -36.71 12.65 -17.70
C CYS B 125 -35.79 13.60 -18.42
N LYS B 126 -35.25 13.20 -19.55
CA LYS B 126 -34.17 14.00 -20.10
C LYS B 126 -34.71 14.79 -21.27
N GLY B 127 -35.82 14.33 -21.80
CA GLY B 127 -36.50 15.04 -22.87
C GLY B 127 -37.11 16.34 -22.40
N PRO B 128 -37.92 16.29 -21.34
CA PRO B 128 -38.41 17.55 -20.79
C PRO B 128 -37.29 18.44 -20.30
N MET B 129 -36.24 17.88 -19.76
CA MET B 129 -35.12 18.68 -19.32
C MET B 129 -34.53 19.43 -20.52
N ALA B 130 -34.42 18.73 -21.63
CA ALA B 130 -33.87 19.28 -22.85
C ALA B 130 -34.73 20.42 -23.35
N CYS B 131 -36.03 20.29 -23.14
CA CYS B 131 -36.99 21.29 -23.58
C CYS B 131 -36.79 22.67 -22.95
N TRP B 132 -36.58 22.73 -21.66
CA TRP B 132 -36.40 24.05 -21.07
C TRP B 132 -34.96 24.53 -21.15
N LEU B 133 -34.02 23.61 -21.32
CA LEU B 133 -32.65 23.99 -21.60
C LEU B 133 -32.60 24.74 -22.91
N ILE B 134 -33.28 24.21 -23.90
CA ILE B 134 -33.35 24.89 -25.17
C ILE B 134 -34.16 26.17 -25.03
N ALA B 135 -35.28 26.09 -24.31
CA ALA B 135 -36.12 27.25 -24.05
C ALA B 135 -35.34 28.38 -23.40
N ALA B 136 -34.50 28.05 -22.42
CA ALA B 136 -33.67 29.07 -21.81
C ALA B 136 -32.68 29.64 -22.83
N LYS B 137 -32.13 28.77 -23.68
CA LYS B 137 -31.18 29.17 -24.71
C LYS B 137 -31.82 30.15 -25.69
N ALA B 138 -33.06 29.89 -26.04
CA ALA B 138 -33.78 30.76 -26.95
C ALA B 138 -33.97 32.13 -26.34
N LEU B 139 -34.45 32.16 -25.11
CA LEU B 139 -34.68 33.41 -24.41
C LEU B 139 -33.43 34.26 -24.38
N LYS B 140 -32.30 33.62 -24.07
CA LYS B 140 -31.05 34.35 -23.93
C LYS B 140 -30.59 34.90 -25.24
N GLU B 141 -30.68 34.09 -26.29
CA GLU B 141 -30.13 34.46 -27.57
C GLU B 141 -31.03 35.41 -28.34
N ALA B 142 -32.30 35.44 -27.99
CA ALA B 142 -33.21 36.37 -28.61
C ALA B 142 -33.23 37.71 -27.87
N GLY B 143 -32.49 37.78 -26.79
CA GLY B 143 -32.42 38.99 -25.99
C GLY B 143 -33.75 39.41 -25.44
N ALA B 144 -34.57 38.44 -25.06
CA ALA B 144 -35.90 38.71 -24.52
C ALA B 144 -35.80 39.52 -23.25
N ALA B 145 -36.75 40.41 -23.04
CA ALA B 145 -36.77 41.25 -21.84
C ALA B 145 -37.40 40.52 -20.68
N LEU B 146 -36.64 40.31 -19.62
CA LEU B 146 -37.16 39.66 -18.42
C LEU B 146 -36.72 40.39 -17.16
N LYS B 147 -37.67 40.79 -16.33
CA LYS B 147 -37.33 41.49 -15.10
C LYS B 147 -36.86 40.52 -14.02
N GLY B 148 -37.46 39.35 -13.99
CA GLY B 148 -37.11 38.34 -13.00
C GLY B 148 -36.15 37.27 -13.51
N ASP B 149 -35.49 36.60 -12.58
CA ASP B 149 -34.57 35.53 -12.93
C ASP B 149 -35.32 34.32 -13.36
N VAL B 150 -34.73 33.58 -14.30
CA VAL B 150 -35.18 32.23 -14.58
C VAL B 150 -34.18 31.29 -13.96
N VAL B 151 -34.63 30.45 -13.05
CA VAL B 151 -33.73 29.52 -12.39
C VAL B 151 -33.82 28.17 -13.06
N LEU B 152 -32.67 27.65 -13.45
CA LEU B 152 -32.61 26.38 -14.15
C LEU B 152 -32.11 25.32 -13.17
N THR B 153 -32.98 24.41 -12.75
CA THR B 153 -32.61 23.47 -11.72
C THR B 153 -32.69 22.01 -12.16
N ALA B 154 -31.55 21.38 -12.38
CA ALA B 154 -31.50 19.95 -12.68
C ALA B 154 -31.04 19.16 -11.47
N VAL B 155 -31.92 18.34 -10.95
CA VAL B 155 -31.74 17.70 -9.68
C VAL B 155 -31.45 16.22 -9.81
N CYS B 156 -30.89 15.64 -8.76
CA CYS B 156 -30.72 14.21 -8.72
C CYS B 156 -31.73 13.59 -7.77
N GLY B 157 -31.75 12.27 -7.71
CA GLY B 157 -32.59 11.53 -6.80
C GLY B 157 -34.06 11.88 -6.67
N GLU B 158 -34.76 12.03 -7.79
CA GLU B 158 -36.19 12.30 -7.72
C GLU B 158 -36.91 11.01 -7.52
N ILE B 159 -36.39 9.96 -8.11
CA ILE B 159 -37.08 8.69 -8.13
C ILE B 159 -37.11 8.04 -6.76
N ASP B 160 -38.22 7.39 -6.46
CA ASP B 160 -38.61 7.00 -5.11
C ASP B 160 -37.80 5.86 -4.47
N CYS B 161 -36.51 5.76 -4.79
CA CYS B 161 -35.63 4.83 -4.09
C CYS B 161 -35.42 5.33 -2.68
N GLU B 162 -35.37 4.42 -1.71
CA GLU B 162 -35.08 4.80 -0.33
C GLU B 162 -34.25 3.75 0.38
N PRO B 163 -33.43 4.18 1.32
CA PRO B 163 -32.70 3.25 2.17
C PRO B 163 -33.63 2.54 3.11
N VAL B 164 -33.24 1.34 3.53
CA VAL B 164 -33.98 0.57 4.51
C VAL B 164 -33.08 -0.54 5.01
N ASP B 165 -33.26 -0.96 6.26
CA ASP B 165 -32.51 -2.09 6.81
C ASP B 165 -30.98 -1.91 6.66
N GLU B 166 -30.33 -2.82 5.96
CA GLU B 166 -28.89 -2.78 5.86
C GLU B 166 -28.44 -1.97 4.67
N PHE B 167 -29.40 -1.44 3.93
CA PHE B 167 -29.07 -0.67 2.76
C PHE B 167 -29.12 0.80 3.06
N GLN B 168 -28.00 1.36 3.45
CA GLN B 168 -27.94 2.72 3.96
C GLN B 168 -26.95 3.59 3.23
N GLY B 169 -27.12 4.90 3.33
CA GLY B 169 -26.12 5.84 2.88
C GLY B 169 -26.10 6.12 1.40
N HIS B 170 -24.95 6.61 0.95
CA HIS B 170 -24.73 7.11 -0.39
C HIS B 170 -25.42 6.35 -1.53
N ASP B 171 -25.34 5.04 -1.54
CA ASP B 171 -25.81 4.29 -2.70
C ASP B 171 -27.32 4.24 -2.87
N TYR B 172 -28.06 4.51 -1.79
CA TYR B 172 -29.48 4.22 -1.79
C TYR B 172 -30.35 5.45 -1.52
N LEU B 173 -29.74 6.57 -1.18
CA LEU B 173 -30.47 7.79 -0.96
C LEU B 173 -30.97 8.36 -2.29
N ALA B 174 -32.06 9.13 -2.26
CA ALA B 174 -32.58 9.77 -3.47
C ALA B 174 -33.14 11.15 -3.18
N GLU B 175 -34.36 11.19 -2.67
CA GLU B 175 -35.06 12.46 -2.59
C GLU B 175 -34.53 13.34 -1.51
N ASP B 176 -33.89 12.77 -0.51
CA ASP B 176 -33.36 13.59 0.54
C ASP B 176 -32.21 14.47 0.08
N ILE B 177 -31.53 14.05 -0.97
CA ILE B 177 -30.37 14.76 -1.48
C ILE B 177 -30.67 15.41 -2.81
N GLY B 178 -31.94 15.42 -3.20
CA GLY B 178 -32.30 15.99 -4.47
C GLY B 178 -32.85 17.40 -4.38
N ALA B 179 -33.99 17.61 -5.03
CA ALA B 179 -34.58 18.93 -5.15
C ALA B 179 -34.69 19.68 -3.84
N ARG B 180 -35.17 19.03 -2.79
CA ARG B 180 -35.39 19.74 -1.55
C ARG B 180 -34.08 20.27 -1.01
N TYR B 181 -32.99 19.56 -1.30
CA TYR B 181 -31.66 19.99 -0.87
C TYR B 181 -31.22 21.20 -1.67
N ALA B 182 -31.42 21.15 -2.97
CA ALA B 182 -31.05 22.25 -3.84
C ALA B 182 -31.77 23.54 -3.46
N ILE B 183 -33.08 23.45 -3.24
CA ILE B 183 -33.88 24.60 -2.87
C ILE B 183 -33.48 25.12 -1.51
N SER B 184 -33.29 24.21 -0.58
CA SER B 184 -32.93 24.61 0.77
C SER B 184 -31.58 25.27 0.77
N HIS B 185 -30.83 25.08 -0.30
CA HIS B 185 -29.46 25.59 -0.32
C HIS B 185 -29.23 26.52 -1.49
N GLY B 186 -30.27 27.25 -1.88
CA GLY B 186 -30.11 28.35 -2.80
C GLY B 186 -31.04 28.43 -3.99
N ALA B 187 -31.52 27.28 -4.46
CA ALA B 187 -32.32 27.27 -5.68
C ALA B 187 -33.75 27.75 -5.47
N ILE B 188 -33.94 28.88 -4.80
CA ILE B 188 -35.27 29.37 -4.55
C ILE B 188 -35.72 30.37 -5.60
N SER B 189 -37.04 30.53 -5.70
CA SER B 189 -37.66 31.37 -6.69
C SER B 189 -39.10 31.63 -6.28
N ASP B 190 -39.80 32.48 -7.01
CA ASP B 190 -41.16 32.80 -6.66
C ASP B 190 -42.12 31.69 -7.02
N TYR B 191 -41.95 31.15 -8.21
CA TYR B 191 -42.79 30.07 -8.69
C TYR B 191 -41.90 29.01 -9.29
N ALA B 192 -42.43 27.83 -9.52
CA ALA B 192 -41.61 26.77 -10.09
C ALA B 192 -42.40 25.84 -10.99
N LEU B 193 -41.88 25.59 -12.18
CA LEU B 193 -42.51 24.63 -13.07
C LEU B 193 -41.66 23.39 -13.21
N VAL B 194 -42.21 22.26 -12.79
CA VAL B 194 -41.52 21.01 -12.90
C VAL B 194 -41.88 20.38 -14.25
N ALA B 195 -40.89 20.23 -15.13
CA ALA B 195 -41.15 19.68 -16.45
C ALA B 195 -40.99 18.16 -16.44
N GLU B 196 -42.10 17.46 -16.32
CA GLU B 196 -42.14 16.02 -16.45
C GLU B 196 -43.25 15.72 -17.41
N ALA B 197 -43.46 14.45 -17.75
CA ALA B 197 -44.49 14.12 -18.73
C ALA B 197 -45.89 14.06 -18.14
N THR B 198 -46.69 15.07 -18.46
CA THR B 198 -48.14 15.01 -18.40
C THR B 198 -48.57 15.07 -19.84
N ASN B 199 -49.85 15.05 -20.16
CA ASN B 199 -50.18 15.14 -21.57
C ASN B 199 -50.57 16.54 -21.88
N PHE B 200 -49.60 17.44 -21.80
CA PHE B 200 -49.90 18.85 -21.87
C PHE B 200 -51.06 19.23 -20.93
N LYS B 201 -51.13 18.54 -19.80
CA LYS B 201 -52.13 18.86 -18.79
C LYS B 201 -51.44 19.21 -17.50
N PRO B 202 -51.67 20.41 -16.99
CA PRO B 202 -51.06 20.86 -15.75
C PRO B 202 -51.64 20.18 -14.54
N ALA B 203 -50.79 19.83 -13.59
CA ALA B 203 -51.22 19.30 -12.31
C ALA B 203 -50.56 20.08 -11.22
N TRP B 204 -51.28 20.45 -10.16
CA TRP B 204 -50.62 21.14 -9.06
C TRP B 204 -51.09 20.58 -7.75
N VAL B 205 -51.42 19.30 -7.76
CA VAL B 205 -51.51 18.53 -6.54
C VAL B 205 -50.64 17.32 -6.76
N GLU B 206 -50.13 16.75 -5.68
CA GLU B 206 -49.32 15.56 -5.80
C GLU B 206 -49.51 14.74 -4.53
N ALA B 207 -49.17 13.46 -4.57
CA ALA B 207 -49.45 12.59 -3.45
C ALA B 207 -48.27 12.48 -2.52
N GLY B 208 -48.54 12.14 -1.27
CA GLY B 208 -47.47 11.82 -0.35
C GLY B 208 -47.23 10.34 -0.43
N LYS B 209 -46.56 9.78 0.57
CA LYS B 209 -46.34 8.33 0.60
C LYS B 209 -45.84 7.87 1.95
N VAL B 210 -46.24 6.67 2.35
CA VAL B 210 -45.62 6.03 3.48
C VAL B 210 -45.23 4.62 3.08
N PHE B 211 -43.99 4.25 3.38
CA PHE B 211 -43.51 2.91 3.09
C PHE B 211 -43.53 2.07 4.34
N LEU B 212 -44.15 0.91 4.27
CA LEU B 212 -44.23 0.04 5.44
C LEU B 212 -43.46 -1.23 5.25
N LYS B 213 -42.70 -1.63 6.27
CA LYS B 213 -42.11 -2.94 6.31
C LYS B 213 -42.93 -3.77 7.24
N VAL B 214 -43.62 -4.76 6.68
CA VAL B 214 -44.47 -5.63 7.47
C VAL B 214 -43.84 -6.99 7.61
N THR B 215 -43.45 -7.31 8.82
CA THR B 215 -42.78 -8.56 9.13
C THR B 215 -43.68 -9.46 9.96
N VAL B 216 -43.98 -10.64 9.42
CA VAL B 216 -44.83 -11.61 10.08
C VAL B 216 -44.01 -12.62 10.85
N PHE B 217 -44.43 -12.95 12.06
CA PHE B 217 -43.69 -13.89 12.87
C PHE B 217 -44.36 -15.24 12.97
N ALA B 218 -43.56 -16.28 13.07
CA ALA B 218 -44.10 -17.61 13.18
C ALA B 218 -43.19 -18.47 14.00
N GLY B 219 -42.79 -19.61 13.46
CA GLY B 219 -41.94 -20.51 14.21
C GLY B 219 -42.75 -21.49 15.02
N PRO B 220 -42.08 -22.38 15.73
CA PRO B 220 -40.63 -22.50 15.90
C PRO B 220 -39.93 -23.14 14.72
N SER B 221 -38.68 -22.77 14.51
CA SER B 221 -37.87 -23.32 13.46
C SER B 221 -37.73 -24.82 13.58
N ARG B 222 -37.84 -25.52 12.46
CA ARG B 222 -37.61 -26.95 12.43
C ARG B 222 -36.81 -27.33 11.18
N TYR B 223 -35.84 -28.23 11.36
CA TYR B 223 -35.15 -28.88 10.25
C TYR B 223 -36.19 -29.59 9.40
N THR B 224 -36.07 -29.49 8.08
CA THR B 224 -37.12 -29.97 7.16
C THR B 224 -37.66 -31.37 7.44
N PRO B 225 -36.81 -32.33 7.80
CA PRO B 225 -37.38 -33.64 8.14
C PRO B 225 -38.29 -33.66 9.38
N TYR B 226 -38.49 -32.52 10.03
CA TYR B 226 -39.32 -32.44 11.23
C TYR B 226 -40.53 -31.52 11.06
N VAL B 227 -40.71 -30.95 9.88
CA VAL B 227 -41.79 -29.99 9.69
C VAL B 227 -43.13 -30.69 9.91
N PRO B 228 -44.01 -30.07 10.72
CA PRO B 228 -45.33 -30.62 10.98
C PRO B 228 -46.26 -30.43 9.79
N ARG B 229 -46.88 -31.50 9.33
CA ARG B 229 -47.92 -31.41 8.33
C ARG B 229 -49.00 -32.43 8.65
N PRO B 230 -50.26 -32.12 8.34
CA PRO B 230 -50.72 -30.87 7.73
C PRO B 230 -51.08 -29.82 8.77
N VAL B 231 -50.93 -28.56 8.39
CA VAL B 231 -51.26 -27.46 9.28
C VAL B 231 -51.92 -26.38 8.47
N ALA B 232 -52.93 -25.73 9.04
CA ALA B 232 -53.54 -24.59 8.38
C ALA B 232 -52.52 -23.49 8.13
N ALA B 233 -52.61 -22.88 6.97
CA ALA B 233 -51.69 -21.84 6.54
C ALA B 233 -51.42 -20.83 7.64
N LEU B 234 -52.47 -20.26 8.21
CA LEU B 234 -52.34 -19.22 9.24
C LEU B 234 -51.73 -19.72 10.53
N ASP B 235 -51.56 -21.04 10.62
CA ASP B 235 -50.97 -21.64 11.80
C ASP B 235 -49.62 -22.23 11.52
N SER B 236 -49.19 -22.12 10.26
CA SER B 236 -47.90 -22.66 9.82
C SER B 236 -46.74 -22.11 10.64
N PRO B 237 -45.72 -22.95 10.90
CA PRO B 237 -44.52 -22.44 11.55
C PRO B 237 -43.64 -21.70 10.56
N ASN B 238 -43.93 -21.84 9.27
CA ASN B 238 -43.19 -21.16 8.24
C ASN B 238 -43.75 -19.79 7.98
N ALA B 239 -43.01 -18.76 8.34
CA ALA B 239 -43.50 -17.40 8.19
C ALA B 239 -43.79 -17.07 6.73
N ILE B 240 -43.17 -17.77 5.79
CA ILE B 240 -43.44 -17.50 4.40
C ILE B 240 -44.86 -17.88 4.05
N VAL B 241 -45.32 -18.98 4.61
CA VAL B 241 -46.66 -19.48 4.37
C VAL B 241 -47.72 -18.55 4.95
N ARG B 242 -47.52 -18.09 6.17
CA ARG B 242 -48.44 -17.13 6.77
C ARG B 242 -48.46 -15.84 5.97
N MET B 243 -47.29 -15.41 5.51
CA MET B 243 -47.21 -14.17 4.78
C MET B 243 -48.02 -14.24 3.52
N ALA B 244 -48.03 -15.41 2.89
CA ALA B 244 -48.80 -15.58 1.66
C ALA B 244 -50.27 -15.30 1.89
N LYS B 245 -50.75 -15.66 3.06
CA LYS B 245 -52.12 -15.42 3.40
C LYS B 245 -52.33 -13.95 3.68
N LEU B 246 -51.34 -13.32 4.30
CA LEU B 246 -51.43 -11.88 4.56
C LEU B 246 -51.37 -11.08 3.28
N VAL B 247 -50.61 -11.56 2.31
CA VAL B 247 -50.51 -10.87 1.05
C VAL B 247 -51.87 -10.81 0.33
N GLU B 248 -52.67 -11.86 0.38
CA GLU B 248 -53.94 -11.80 -0.34
C GLU B 248 -54.92 -10.94 0.41
N ALA B 249 -54.82 -10.91 1.73
CA ALA B 249 -55.70 -10.06 2.50
C ALA B 249 -55.33 -8.60 2.30
N LEU B 250 -54.04 -8.32 2.14
CA LEU B 250 -53.59 -6.97 1.94
C LEU B 250 -53.93 -6.46 0.55
N GLU B 251 -53.98 -7.35 -0.41
CA GLU B 251 -54.32 -6.94 -1.75
C GLU B 251 -55.76 -6.48 -1.81
N GLU B 252 -56.63 -7.10 -1.01
CA GLU B 252 -58.02 -6.68 -1.02
C GLU B 252 -58.17 -5.34 -0.34
N TRP B 253 -57.44 -5.14 0.74
CA TRP B 253 -57.43 -3.85 1.43
C TRP B 253 -56.97 -2.73 0.51
N ALA B 254 -56.03 -3.04 -0.37
CA ALA B 254 -55.47 -2.08 -1.32
C ALA B 254 -56.47 -1.73 -2.41
N ASP B 255 -57.28 -2.71 -2.79
CA ASP B 255 -58.35 -2.49 -3.76
C ASP B 255 -59.35 -1.46 -3.25
N ASN B 256 -59.59 -1.47 -1.95
CA ASN B 256 -60.57 -0.57 -1.38
C ASN B 256 -59.97 0.74 -0.92
N TYR B 257 -58.71 0.70 -0.52
CA TYR B 257 -58.00 1.89 -0.11
C TYR B 257 -58.03 2.99 -1.18
N GLU B 258 -57.73 2.64 -2.42
CA GLU B 258 -57.64 3.67 -3.43
C GLU B 258 -59.01 4.27 -3.65
N LYS B 259 -60.05 3.46 -3.47
CA LYS B 259 -61.38 3.99 -3.67
C LYS B 259 -61.79 4.81 -2.47
N ARG B 260 -61.50 4.33 -1.27
CA ARG B 260 -61.86 5.08 -0.06
C ARG B 260 -61.13 6.42 0.06
N TYR B 261 -59.91 6.52 -0.42
CA TYR B 261 -59.15 7.74 -0.19
C TYR B 261 -58.97 8.57 -1.42
N THR B 262 -59.74 8.30 -2.46
CA THR B 262 -59.80 9.17 -3.60
C THR B 262 -60.37 10.52 -3.16
N ARG B 263 -59.78 11.60 -3.66
CA ARG B 263 -60.10 12.93 -3.21
C ARG B 263 -59.87 13.95 -4.30
N GLU B 264 -60.80 14.89 -4.47
CA GLU B 264 -60.72 15.86 -5.55
C GLU B 264 -60.21 17.21 -5.11
N TYR B 265 -59.20 17.70 -5.83
CA TYR B 265 -58.62 19.00 -5.55
C TYR B 265 -58.69 19.87 -6.77
N GLY B 266 -58.44 21.15 -6.61
CA GLY B 266 -58.41 22.03 -7.74
C GLY B 266 -57.31 21.62 -8.67
N GLY B 267 -56.23 21.13 -8.09
CA GLY B 267 -55.06 20.78 -8.87
C GLY B 267 -55.11 19.42 -9.52
N GLY B 268 -56.12 18.63 -9.20
CA GLY B 268 -56.30 17.33 -9.81
C GLY B 268 -56.98 16.39 -8.86
N THR B 269 -57.40 15.24 -9.37
CA THR B 269 -58.01 14.23 -8.51
C THR B 269 -56.98 13.24 -8.06
N VAL B 270 -56.87 13.05 -6.76
CA VAL B 270 -55.88 12.13 -6.28
C VAL B 270 -56.46 10.76 -6.03
N VAL B 271 -55.97 9.77 -6.76
CA VAL B 271 -56.34 8.38 -6.55
C VAL B 271 -55.13 7.66 -6.02
N PRO B 272 -55.01 7.58 -4.70
CA PRO B 272 -53.81 7.06 -4.08
C PRO B 272 -53.79 5.54 -4.06
N LYS B 273 -52.81 4.92 -4.70
CA LYS B 273 -52.80 3.48 -4.85
C LYS B 273 -51.78 2.82 -3.94
N VAL B 274 -51.83 1.49 -3.88
CA VAL B 274 -50.96 0.70 -3.02
C VAL B 274 -50.33 -0.47 -3.75
N ALA B 275 -49.04 -0.69 -3.56
CA ALA B 275 -48.39 -1.85 -4.17
C ALA B 275 -47.45 -2.53 -3.21
N ILE B 276 -47.37 -3.85 -3.30
CA ILE B 276 -46.35 -4.57 -2.55
C ILE B 276 -45.09 -4.70 -3.40
N GLY B 277 -44.04 -4.00 -3.02
CA GLY B 277 -42.89 -3.83 -3.87
C GLY B 277 -41.73 -4.78 -3.71
N ALA B 278 -41.66 -5.42 -2.54
CA ALA B 278 -40.58 -6.36 -2.26
C ALA B 278 -40.94 -7.30 -1.13
N ILE B 279 -40.43 -8.52 -1.18
CA ILE B 279 -40.61 -9.49 -0.12
C ILE B 279 -39.32 -10.25 0.11
N ARG B 280 -39.06 -10.64 1.34
CA ARG B 280 -37.97 -11.57 1.62
C ARG B 280 -38.09 -12.25 2.98
N GLY B 281 -37.55 -13.46 3.03
CA GLY B 281 -37.32 -14.21 4.26
C GLY B 281 -37.01 -15.56 3.65
N GLY B 282 -36.10 -16.35 4.19
CA GLY B 282 -35.02 -15.90 5.01
C GLY B 282 -33.95 -15.68 3.96
N VAL B 283 -32.94 -16.53 3.92
CA VAL B 283 -31.87 -16.38 2.93
C VAL B 283 -31.77 -17.60 2.01
N PRO B 284 -31.51 -17.37 0.72
CA PRO B 284 -31.54 -18.42 -0.30
C PRO B 284 -30.45 -19.47 -0.17
N TYR B 285 -29.40 -19.19 0.60
CA TYR B 285 -28.28 -20.11 0.66
C TYR B 285 -28.26 -20.96 1.94
N LYS B 286 -29.32 -20.87 2.74
CA LYS B 286 -29.51 -21.68 3.95
C LYS B 286 -30.96 -22.05 4.14
N ILE B 287 -31.46 -22.96 3.33
CA ILE B 287 -32.89 -23.18 3.29
C ILE B 287 -33.35 -24.43 4.04
N TYR B 288 -32.47 -25.08 4.79
CA TYR B 288 -32.86 -26.32 5.46
C TYR B 288 -33.72 -26.10 6.69
N ARG B 289 -33.86 -24.85 7.11
CA ARG B 289 -34.84 -24.51 8.12
C ARG B 289 -35.65 -23.34 7.61
N PHE B 290 -36.98 -23.49 7.61
CA PHE B 290 -37.85 -22.41 7.17
C PHE B 290 -37.66 -21.24 8.12
N PRO B 291 -38.02 -20.02 7.69
CA PRO B 291 -37.80 -18.81 8.49
C PRO B 291 -38.82 -18.62 9.57
N GLU B 292 -38.41 -18.09 10.73
CA GLU B 292 -39.37 -17.76 11.78
C GLU B 292 -40.02 -16.40 11.50
N LEU B 293 -39.50 -15.66 10.54
CA LEU B 293 -40.05 -14.36 10.17
C LEU B 293 -40.01 -14.13 8.66
N CYS B 294 -40.78 -13.19 8.18
CA CYS B 294 -40.79 -12.88 6.77
C CYS B 294 -41.36 -11.49 6.57
N SER B 295 -40.71 -10.68 5.75
CA SER B 295 -41.11 -9.29 5.55
C SER B 295 -41.57 -8.94 4.15
N ILE B 296 -42.46 -7.97 4.06
CA ILE B 296 -42.86 -7.39 2.78
C ILE B 296 -42.68 -5.89 2.92
N TYR B 297 -42.55 -5.20 1.80
CA TYR B 297 -42.28 -3.78 1.81
C TYR B 297 -43.29 -3.04 0.96
N MET B 298 -44.13 -2.21 1.57
CA MET B 298 -45.30 -1.66 0.89
C MET B 298 -45.19 -0.22 0.50
N ASP B 299 -45.53 0.08 -0.73
CA ASP B 299 -45.64 1.46 -1.19
C ASP B 299 -47.09 1.86 -1.04
N ILE B 300 -47.36 2.76 -0.12
CA ILE B 300 -48.71 3.24 0.08
C ILE B 300 -48.74 4.74 -0.10
N ARG B 301 -49.40 5.18 -1.17
CA ARG B 301 -49.46 6.58 -1.48
C ARG B 301 -50.50 7.25 -0.64
N LEU B 302 -50.24 8.48 -0.23
CA LEU B 302 -51.17 9.25 0.58
C LEU B 302 -51.66 10.44 -0.17
N ASN B 303 -52.92 10.80 -0.02
CA ASN B 303 -53.35 12.10 -0.48
C ASN B 303 -52.87 13.14 0.52
N PRO B 304 -52.82 14.41 0.11
CA PRO B 304 -52.27 15.43 0.99
C PRO B 304 -52.87 15.51 2.36
N ASP B 305 -54.03 14.91 2.57
CA ASP B 305 -54.72 15.11 3.84
C ASP B 305 -54.78 13.88 4.71
N THR B 306 -53.99 12.86 4.40
CA THR B 306 -54.00 11.65 5.21
C THR B 306 -52.77 11.55 6.13
N ASN B 307 -53.00 11.38 7.41
CA ASN B 307 -51.93 11.18 8.36
C ASN B 307 -51.40 9.75 8.21
N PRO B 308 -50.07 9.58 8.12
CA PRO B 308 -49.47 8.26 7.90
C PRO B 308 -49.79 7.24 8.99
N LEU B 309 -50.00 7.69 10.21
CA LEU B 309 -50.29 6.79 11.31
C LEU B 309 -51.65 6.11 11.15
N VAL B 310 -52.58 6.81 10.51
CA VAL B 310 -53.89 6.26 10.25
C VAL B 310 -53.79 5.06 9.33
N VAL B 311 -52.98 5.20 8.29
CA VAL B 311 -52.79 4.12 7.35
C VAL B 311 -52.09 2.93 8.01
N GLN B 312 -51.12 3.21 8.88
CA GLN B 312 -50.44 2.15 9.61
C GLN B 312 -51.40 1.31 10.44
N ARG B 313 -52.32 2.00 11.10
CA ARG B 313 -53.30 1.37 11.94
C ARG B 313 -54.23 0.52 11.12
N GLU B 314 -54.53 0.97 9.91
CA GLU B 314 -55.39 0.20 9.03
C GLU B 314 -54.74 -1.12 8.66
N VAL B 315 -53.45 -1.09 8.38
CA VAL B 315 -52.73 -2.30 8.01
C VAL B 315 -52.56 -3.21 9.22
N GLU B 316 -52.31 -2.60 10.38
CA GLU B 316 -52.19 -3.38 11.59
C GLU B 316 -53.45 -4.14 11.85
N ALA B 317 -54.57 -3.57 11.43
CA ALA B 317 -55.88 -4.17 11.64
C ALA B 317 -56.13 -5.37 10.75
N VAL B 318 -55.68 -5.29 9.51
CA VAL B 318 -55.74 -6.40 8.59
C VAL B 318 -54.99 -7.57 9.17
N VAL B 319 -53.83 -7.26 9.74
CA VAL B 319 -53.01 -8.25 10.38
C VAL B 319 -53.75 -8.86 11.55
N SER B 320 -54.42 -8.01 12.31
CA SER B 320 -55.09 -8.46 13.51
C SER B 320 -56.28 -9.32 13.18
N LYS B 321 -56.97 -8.96 12.11
CA LYS B 321 -58.19 -9.65 11.73
C LYS B 321 -57.88 -11.07 11.29
N LEU B 322 -56.62 -11.33 10.96
CA LEU B 322 -56.20 -12.66 10.54
C LEU B 322 -55.62 -13.44 11.70
N GLY B 323 -55.47 -12.77 12.82
CA GLY B 323 -54.95 -13.41 14.01
C GLY B 323 -53.47 -13.60 13.98
N LEU B 324 -52.78 -12.87 13.10
CA LEU B 324 -51.34 -13.00 12.95
C LEU B 324 -50.59 -12.02 13.84
N LYS B 325 -49.41 -12.41 14.29
CA LYS B 325 -48.53 -11.49 14.97
C LYS B 325 -47.57 -10.84 13.98
N ALA B 326 -47.60 -9.52 13.88
CA ALA B 326 -46.67 -8.87 13.00
C ALA B 326 -46.28 -7.50 13.49
N GLU B 327 -45.12 -7.08 13.04
CA GLU B 327 -44.61 -5.74 13.27
C GLU B 327 -44.78 -4.93 12.01
N VAL B 328 -45.51 -3.83 12.11
CA VAL B 328 -45.67 -2.90 10.99
C VAL B 328 -44.83 -1.66 11.22
N LYS B 329 -43.71 -1.53 10.51
CA LYS B 329 -42.80 -0.42 10.77
C LYS B 329 -42.65 0.47 9.54
N PRO B 330 -42.92 1.78 9.72
CA PRO B 330 -42.72 2.71 8.62
C PRO B 330 -41.26 2.99 8.44
N PHE B 331 -40.79 3.05 7.20
CA PHE B 331 -39.42 3.44 6.99
C PHE B 331 -39.34 4.56 5.99
N LEU B 332 -40.48 5.09 5.57
CA LEU B 332 -40.48 6.29 4.77
C LEU B 332 -41.78 7.05 4.93
N PHE B 333 -41.69 8.37 5.10
CA PHE B 333 -42.85 9.22 5.07
C PHE B 333 -42.56 10.54 4.40
N ARG B 334 -43.30 10.85 3.34
CA ARG B 334 -43.23 12.17 2.72
C ARG B 334 -44.65 12.69 2.46
N ARG B 335 -44.87 13.99 2.65
CA ARG B 335 -46.19 14.59 2.48
C ARG B 335 -46.41 15.06 1.06
N GLY B 336 -47.66 14.96 0.62
CA GLY B 336 -48.09 15.54 -0.65
C GLY B 336 -48.79 16.86 -0.48
N TYR B 337 -48.75 17.69 -1.51
CA TYR B 337 -49.30 19.04 -1.42
C TYR B 337 -50.05 19.44 -2.66
N GLU B 338 -51.07 20.28 -2.48
CA GLU B 338 -51.68 21.06 -3.55
C GLU B 338 -51.14 22.46 -3.47
N ALA B 339 -50.84 23.07 -4.60
CA ALA B 339 -50.24 24.39 -4.59
C ALA B 339 -51.16 25.43 -3.98
N GLN B 340 -50.59 26.35 -3.21
CA GLN B 340 -51.36 27.48 -2.72
C GLN B 340 -50.80 28.71 -3.41
N GLY B 341 -51.66 29.53 -3.97
CA GLY B 341 -51.23 30.75 -4.64
C GLY B 341 -50.61 30.55 -6.00
N ILE B 342 -51.15 29.57 -6.73
CA ILE B 342 -50.64 29.15 -8.03
C ILE B 342 -51.13 30.01 -9.19
N GLU B 343 -52.18 30.77 -8.97
CA GLU B 343 -52.86 31.48 -10.05
C GLU B 343 -51.95 32.24 -11.02
N PRO B 344 -50.93 32.94 -10.52
CA PRO B 344 -50.08 33.60 -11.51
C PRO B 344 -49.41 32.67 -12.49
N LEU B 345 -48.88 31.56 -12.00
CA LEU B 345 -48.21 30.61 -12.86
C LEU B 345 -49.18 29.82 -13.70
N GLN B 346 -50.29 29.45 -13.08
CA GLN B 346 -51.34 28.74 -13.78
C GLN B 346 -51.82 29.52 -14.97
N ASN B 347 -51.97 30.82 -14.77
CA ASN B 347 -52.46 31.70 -15.81
C ASN B 347 -51.44 31.93 -16.89
N ALA B 348 -50.21 32.17 -16.49
CA ALA B 348 -49.16 32.41 -17.45
C ALA B 348 -49.05 31.22 -18.38
N LEU B 349 -49.12 30.03 -17.81
CA LEU B 349 -49.03 28.82 -18.59
C LEU B 349 -50.23 28.62 -19.47
N GLU B 350 -51.42 28.86 -18.92
CA GLU B 350 -52.65 28.65 -19.65
C GLU B 350 -52.67 29.45 -20.93
N VAL B 351 -52.27 30.70 -20.85
CA VAL B 351 -52.22 31.53 -22.03
C VAL B 351 -51.20 30.99 -23.01
N ALA B 352 -50.04 30.63 -22.49
CA ALA B 352 -48.97 30.08 -23.31
C ALA B 352 -49.43 28.81 -23.98
N HIS B 353 -50.09 27.97 -23.21
CA HIS B 353 -50.60 26.73 -23.71
C HIS B 353 -51.57 26.94 -24.86
N ARG B 354 -52.41 27.96 -24.77
CA ARG B 354 -53.41 28.17 -25.80
C ARG B 354 -52.87 28.69 -27.10
N GLU B 355 -51.78 29.44 -27.09
CA GLU B 355 -51.29 29.89 -28.38
C GLU B 355 -50.57 28.77 -29.07
N VAL B 356 -49.84 27.98 -28.30
CA VAL B 356 -48.97 26.98 -28.90
C VAL B 356 -49.71 25.69 -29.15
N VAL B 357 -50.53 25.25 -28.22
CA VAL B 357 -51.22 23.99 -28.43
C VAL B 357 -52.59 24.22 -29.05
N GLY B 358 -53.24 25.33 -28.70
CA GLY B 358 -54.42 25.74 -29.43
C GLY B 358 -55.76 25.59 -28.75
N ARG B 359 -55.83 24.74 -27.73
CA ARG B 359 -57.08 24.47 -27.03
C ARG B 359 -56.89 24.72 -25.55
N PRO B 360 -57.98 24.84 -24.78
CA PRO B 360 -57.81 24.97 -23.34
C PRO B 360 -57.12 23.76 -22.73
N THR B 361 -56.51 23.93 -21.57
CA THR B 361 -55.90 22.81 -20.87
C THR B 361 -56.98 21.93 -20.28
N GLU B 362 -56.73 20.64 -20.16
CA GLU B 362 -57.72 19.77 -19.52
C GLU B 362 -57.26 19.39 -18.12
N ARG B 363 -58.16 18.81 -17.37
CA ARG B 363 -57.82 18.39 -16.03
C ARG B 363 -56.95 17.15 -16.16
N PRO B 364 -55.88 17.05 -15.37
CA PRO B 364 -54.87 15.99 -15.53
C PRO B 364 -55.36 14.60 -15.22
N GLY B 365 -54.70 13.60 -15.81
CA GLY B 365 -55.02 12.22 -15.52
C GLY B 365 -54.61 11.93 -14.10
N SER B 366 -55.42 11.16 -13.40
CA SER B 366 -55.16 10.91 -12.00
C SER B 366 -53.81 10.34 -11.64
N PRO B 367 -53.27 9.41 -12.43
CA PRO B 367 -51.98 8.90 -11.98
C PRO B 367 -50.92 9.99 -11.91
N GLU B 368 -51.03 11.00 -12.74
CA GLU B 368 -50.06 12.09 -12.72
C GLU B 368 -50.29 13.09 -11.59
N CYS B 369 -51.42 13.00 -10.90
CA CYS B 369 -51.69 13.81 -9.71
C CYS B 369 -51.39 13.02 -8.48
N SER B 370 -51.25 11.71 -8.66
CA SER B 370 -51.23 10.80 -7.53
C SER B 370 -49.90 10.10 -7.35
N MET B 371 -48.82 10.79 -7.69
CA MET B 371 -47.46 10.26 -7.56
C MET B 371 -46.57 11.16 -6.73
N TRP B 372 -45.27 10.96 -6.86
CA TRP B 372 -44.30 11.88 -6.32
C TRP B 372 -43.59 12.60 -7.43
N ARG B 373 -43.70 13.92 -7.43
CA ARG B 373 -42.87 14.73 -8.29
C ARG B 373 -42.34 15.89 -7.49
N ASP B 374 -41.37 16.60 -8.05
CA ASP B 374 -40.66 17.58 -7.27
C ASP B 374 -41.44 18.86 -7.09
N THR B 375 -42.72 18.85 -7.42
CA THR B 375 -43.56 19.99 -7.08
C THR B 375 -43.74 20.01 -5.60
N ASN B 376 -43.64 18.84 -4.99
CA ASN B 376 -43.85 18.74 -3.58
C ASN B 376 -42.82 19.52 -2.74
N PRO B 377 -41.50 19.36 -3.00
CA PRO B 377 -40.57 20.15 -2.20
C PRO B 377 -40.79 21.63 -2.39
N TYR B 378 -41.04 22.04 -3.63
CA TYR B 378 -41.27 23.43 -3.91
C TYR B 378 -42.47 23.94 -3.15
N ASN B 379 -43.56 23.18 -3.19
CA ASN B 379 -44.75 23.61 -2.49
C ASN B 379 -44.53 23.59 -0.99
N GLU B 380 -43.83 22.59 -0.52
CA GLU B 380 -43.54 22.48 0.89
C GLU B 380 -42.83 23.71 1.42
N LEU B 381 -42.02 24.31 0.55
CA LEU B 381 -41.19 25.44 0.91
C LEU B 381 -41.76 26.78 0.42
N GLY B 382 -43.02 26.80 0.03
CA GLY B 382 -43.71 28.03 -0.27
C GLY B 382 -43.46 28.58 -1.66
N ILE B 383 -42.98 27.73 -2.54
CA ILE B 383 -42.84 28.13 -3.92
C ILE B 383 -43.90 27.42 -4.72
N PRO B 384 -44.99 28.12 -5.04
CA PRO B 384 -46.11 27.52 -5.73
C PRO B 384 -45.65 26.86 -7.01
N SER B 385 -46.01 25.59 -7.19
CA SER B 385 -45.44 24.81 -8.27
C SER B 385 -46.40 23.85 -8.94
N LEU B 386 -46.35 23.76 -10.25
CA LEU B 386 -47.11 22.76 -10.98
C LEU B 386 -46.21 21.97 -11.90
N THR B 387 -46.71 20.89 -12.47
CA THR B 387 -45.96 20.12 -13.42
C THR B 387 -46.67 20.07 -14.78
N TYR B 388 -45.89 20.09 -15.85
CA TYR B 388 -46.40 20.20 -17.21
C TYR B 388 -45.33 19.79 -18.20
N GLY B 389 -45.63 18.86 -19.07
CA GLY B 389 -44.69 18.48 -20.11
C GLY B 389 -45.45 17.73 -21.17
N CYS B 390 -44.76 17.18 -22.17
CA CYS B 390 -45.45 16.47 -23.22
C CYS B 390 -45.41 14.97 -22.97
N GLY B 391 -46.29 14.25 -23.67
CA GLY B 391 -46.26 12.80 -23.71
C GLY B 391 -46.85 12.08 -22.52
N GLY B 392 -46.99 10.75 -22.64
CA GLY B 392 -47.55 9.95 -21.58
C GLY B 392 -46.49 9.59 -20.58
N GLY B 393 -46.91 9.31 -19.35
CA GLY B 393 -45.97 9.04 -18.28
C GLY B 393 -45.20 7.76 -18.43
N ALA B 394 -43.98 7.74 -17.90
CA ALA B 394 -43.16 6.55 -17.93
C ALA B 394 -43.72 5.46 -17.03
N GLY B 395 -44.48 5.84 -16.02
CA GLY B 395 -45.09 4.86 -15.14
C GLY B 395 -46.17 4.09 -15.88
N GLY B 396 -46.43 4.50 -17.11
CA GLY B 396 -47.53 4.00 -17.92
C GLY B 396 -47.54 2.58 -18.49
N GLY B 397 -46.53 2.16 -19.23
CA GLY B 397 -45.36 2.96 -19.48
C GLY B 397 -45.15 3.39 -20.91
N ASN B 398 -45.24 4.69 -21.12
CA ASN B 398 -44.90 5.29 -22.39
C ASN B 398 -43.41 5.16 -22.64
N THR B 399 -43.02 5.08 -23.91
CA THR B 399 -41.63 4.85 -24.25
C THR B 399 -41.05 5.81 -25.29
N TYR B 400 -41.81 6.80 -25.72
CA TYR B 400 -41.30 7.76 -26.70
C TYR B 400 -41.98 9.14 -26.64
N PHE B 401 -41.34 10.13 -27.25
CA PHE B 401 -41.93 11.46 -27.40
C PHE B 401 -42.03 11.79 -28.88
N LEU B 402 -43.00 12.59 -29.28
CA LEU B 402 -43.00 13.15 -30.63
C LEU B 402 -42.13 14.40 -30.61
N VAL B 403 -41.21 14.55 -31.55
CA VAL B 403 -40.33 15.71 -31.53
C VAL B 403 -41.14 16.99 -31.65
N ASP B 404 -42.23 16.92 -32.43
CA ASP B 404 -43.14 18.04 -32.59
C ASP B 404 -43.73 18.44 -31.24
N ASP B 405 -44.01 17.45 -30.40
CA ASP B 405 -44.59 17.74 -29.10
C ASP B 405 -43.55 18.37 -28.17
N MET B 406 -42.30 17.96 -28.30
CA MET B 406 -41.24 18.53 -27.50
C MET B 406 -40.97 19.96 -27.86
N LEU B 407 -41.05 20.27 -29.14
CA LEU B 407 -40.85 21.64 -29.59
C LEU B 407 -41.98 22.52 -29.08
N LYS B 408 -43.20 21.99 -29.09
CA LYS B 408 -44.35 22.72 -28.55
C LYS B 408 -44.12 23.02 -27.07
N ALA B 409 -43.65 22.03 -26.32
CA ALA B 409 -43.41 22.18 -24.89
C ALA B 409 -42.40 23.27 -24.60
N ALA B 410 -41.32 23.28 -25.36
CA ALA B 410 -40.30 24.29 -25.14
C ALA B 410 -40.83 25.68 -25.41
N LYS B 411 -41.75 25.80 -26.35
CA LYS B 411 -42.32 27.08 -26.66
C LYS B 411 -43.20 27.60 -25.54
N VAL B 412 -44.03 26.71 -25.02
CA VAL B 412 -44.90 27.02 -23.88
C VAL B 412 -44.08 27.43 -22.67
N TYR B 413 -42.98 26.73 -22.42
CA TYR B 413 -42.09 27.08 -21.33
C TYR B 413 -41.57 28.48 -21.53
N ALA B 414 -41.12 28.77 -22.73
CA ALA B 414 -40.54 30.08 -23.00
C ALA B 414 -41.55 31.20 -22.82
N MET B 415 -42.76 31.04 -23.36
CA MET B 415 -43.76 32.10 -23.24
C MET B 415 -44.16 32.32 -21.81
N THR B 416 -44.33 31.23 -21.09
CA THR B 416 -44.70 31.33 -19.69
C THR B 416 -43.74 32.22 -18.96
N ALA B 417 -42.47 32.04 -19.23
CA ALA B 417 -41.43 32.81 -18.57
C ALA B 417 -41.52 34.28 -18.93
N MET B 418 -41.79 34.58 -20.20
CA MET B 418 -41.84 35.96 -20.66
C MET B 418 -42.98 36.70 -20.03
N ASP B 419 -44.05 35.97 -19.74
CA ASP B 419 -45.16 36.56 -19.02
C ASP B 419 -44.77 36.71 -17.57
N LEU B 420 -44.65 35.58 -16.91
CA LEU B 420 -44.53 35.53 -15.49
C LEU B 420 -43.36 36.34 -14.96
N CYS B 421 -42.20 36.23 -15.58
CA CYS B 421 -41.01 36.89 -15.06
C CYS B 421 -41.03 38.38 -15.23
N ASN B 422 -42.12 38.91 -15.77
CA ASN B 422 -42.26 40.34 -15.91
C ASN B 422 -43.37 40.88 -15.02
N ARG B 423 -43.91 40.03 -14.16
CA ARG B 423 -44.85 40.47 -13.14
C ARG B 423 -44.12 40.87 -11.86
N THR B 424 -44.69 41.80 -11.11
CA THR B 424 -44.05 42.26 -9.90
C THR B 424 -44.35 41.38 -8.71
N PRO B 425 -43.30 41.02 -7.96
CA PRO B 425 -43.48 40.21 -6.75
C PRO B 425 -44.23 40.98 -5.67
N ASN C 5 -52.78 6.27 40.92
CA ASN C 5 -51.59 6.43 41.80
C ASN C 5 -50.43 5.67 41.26
N ASP C 6 -50.44 5.65 39.93
CA ASP C 6 -49.46 5.08 39.08
C ASP C 6 -48.64 6.28 38.75
N VAL C 7 -49.12 7.48 39.07
CA VAL C 7 -48.28 8.69 38.88
C VAL C 7 -47.26 8.88 39.99
N ALA C 8 -47.73 8.85 41.23
CA ALA C 8 -46.86 9.00 42.39
C ALA C 8 -45.78 7.91 42.39
N LYS C 9 -46.11 6.75 41.85
CA LYS C 9 -45.16 5.65 41.78
C LYS C 9 -43.95 6.02 40.94
N VAL C 10 -44.21 6.66 39.81
CA VAL C 10 -43.14 7.05 38.91
C VAL C 10 -42.32 8.18 39.51
N MET C 11 -43.00 9.14 40.13
CA MET C 11 -42.32 10.26 40.75
C MET C 11 -41.31 9.79 41.76
N LYS C 12 -41.70 8.79 42.53
CA LYS C 12 -40.82 8.23 43.54
C LYS C 12 -39.63 7.53 42.93
N THR C 13 -39.88 6.79 41.84
CA THR C 13 -38.84 6.08 41.15
C THR C 13 -37.83 7.09 40.63
N LEU C 14 -38.32 8.23 40.19
CA LEU C 14 -37.47 9.26 39.67
C LEU C 14 -36.66 9.90 40.79
N ASP C 15 -37.24 9.95 41.99
CA ASP C 15 -36.52 10.49 43.14
C ASP C 15 -35.31 9.64 43.40
N GLY C 16 -35.41 8.38 43.01
CA GLY C 16 -34.34 7.45 43.25
C GLY C 16 -33.34 7.39 42.14
N MET C 17 -33.58 8.10 41.05
CA MET C 17 -32.71 8.01 39.90
C MET C 17 -31.81 9.23 39.73
N ARG C 18 -31.65 9.98 40.81
CA ARG C 18 -30.94 11.24 40.79
C ARG C 18 -29.51 11.06 40.32
N GLU C 19 -28.85 10.04 40.85
CA GLU C 19 -27.47 9.76 40.52
C GLU C 19 -27.24 9.34 39.09
N GLY C 20 -28.19 8.60 38.54
CA GLY C 20 -28.07 8.16 37.17
C GLY C 20 -28.34 9.31 36.22
N LEU C 21 -29.22 10.21 36.65
CA LEU C 21 -29.53 11.40 35.88
C LEU C 21 -28.27 12.20 35.76
N ILE C 22 -27.57 12.33 36.86
CA ILE C 22 -26.30 13.01 36.89
C ILE C 22 -25.24 12.30 36.05
N GLN C 23 -25.04 11.02 36.31
CA GLN C 23 -24.00 10.28 35.63
C GLN C 23 -24.23 10.22 34.14
N THR C 24 -25.48 10.07 33.73
CA THR C 24 -25.78 10.00 32.31
C THR C 24 -25.50 11.33 31.64
N ALA C 25 -25.85 12.42 32.29
CA ALA C 25 -25.59 13.73 31.70
C ALA C 25 -24.11 14.02 31.58
N VAL C 26 -23.37 13.69 32.62
CA VAL C 26 -21.95 13.99 32.65
C VAL C 26 -21.18 13.08 31.72
N GLU C 27 -21.44 11.78 31.76
CA GLU C 27 -20.75 10.90 30.84
C GLU C 27 -21.04 11.33 29.40
N LEU C 28 -22.26 11.74 29.14
CA LEU C 28 -22.67 12.12 27.79
C LEU C 28 -22.05 13.44 27.38
N GLY C 29 -22.06 14.39 28.30
CA GLY C 29 -21.53 15.70 28.01
C GLY C 29 -20.03 15.69 27.84
N SER C 30 -19.38 14.68 28.38
CA SER C 30 -17.94 14.64 28.37
C SER C 30 -17.41 14.21 27.03
N ILE C 31 -18.27 13.65 26.21
CA ILE C 31 -17.86 13.17 24.90
C ILE C 31 -17.69 14.32 23.94
N GLU C 32 -16.57 14.36 23.22
CA GLU C 32 -16.34 15.37 22.22
C GLU C 32 -17.28 15.14 21.06
N ALA C 33 -18.15 16.12 20.79
CA ALA C 33 -19.14 15.97 19.74
C ALA C 33 -19.60 17.28 19.14
N PRO C 34 -18.68 18.09 18.60
CA PRO C 34 -19.16 19.25 17.88
C PRO C 34 -19.84 18.82 16.61
N THR C 35 -20.71 19.65 16.06
CA THR C 35 -21.40 19.30 14.84
C THR C 35 -20.39 18.89 13.80
N GLY C 36 -20.54 17.69 13.28
CA GLY C 36 -19.61 17.18 12.30
C GLY C 36 -18.92 15.96 12.85
N ARG C 37 -18.97 15.80 14.16
CA ARG C 37 -18.30 14.69 14.81
C ARG C 37 -19.11 14.13 15.96
N GLU C 38 -20.43 14.02 15.77
CA GLU C 38 -21.32 13.50 16.79
C GLU C 38 -21.33 11.99 16.89
N GLY C 39 -20.51 11.33 16.08
CA GLY C 39 -20.52 9.89 16.03
C GLY C 39 -20.40 9.21 17.38
N ALA C 40 -19.39 9.59 18.14
CA ALA C 40 -19.16 8.94 19.41
C ALA C 40 -20.34 9.07 20.35
N ALA C 41 -20.92 10.26 20.38
CA ALA C 41 -22.06 10.51 21.22
C ALA C 41 -23.23 9.66 20.80
N GLY C 42 -23.40 9.51 19.50
CA GLY C 42 -24.46 8.68 18.98
C GLY C 42 -24.28 7.27 19.47
N ASP C 43 -23.05 6.78 19.42
CA ASP C 43 -22.75 5.45 19.90
C ASP C 43 -23.10 5.27 21.37
N TYR C 44 -22.79 6.26 22.19
CA TYR C 44 -23.09 6.18 23.62
C TYR C 44 -24.57 6.04 23.85
N VAL C 45 -25.35 6.86 23.17
CA VAL C 45 -26.78 6.89 23.34
C VAL C 45 -27.41 5.61 22.88
N TYR C 46 -26.89 5.05 21.80
CA TYR C 46 -27.41 3.80 21.28
C TYR C 46 -27.30 2.69 22.31
N GLU C 47 -26.14 2.60 22.93
CA GLU C 47 -25.89 1.49 23.82
C GLU C 47 -26.60 1.68 25.12
N TRP C 48 -26.86 2.91 25.47
CA TRP C 48 -27.66 3.20 26.65
C TRP C 48 -29.08 2.75 26.43
N MET C 49 -29.61 3.06 25.26
CA MET C 49 -30.96 2.64 24.93
C MET C 49 -31.00 1.13 24.85
N ALA C 50 -29.93 0.54 24.34
CA ALA C 50 -29.88 -0.90 24.23
C ALA C 50 -29.85 -1.56 25.60
N ARG C 51 -28.96 -1.09 26.48
CA ARG C 51 -28.85 -1.61 27.84
C ARG C 51 -30.18 -1.52 28.57
N ASN C 52 -30.92 -0.45 28.35
CA ASN C 52 -32.20 -0.29 29.03
C ASN C 52 -33.38 -0.88 28.27
N GLY C 53 -33.08 -1.62 27.21
CA GLY C 53 -34.09 -2.36 26.49
C GLY C 53 -35.08 -1.50 25.73
N PHE C 54 -34.57 -0.51 25.00
CA PHE C 54 -35.42 0.36 24.19
C PHE C 54 -35.29 0.04 22.71
N GLY C 55 -34.55 -1.01 22.39
CA GLY C 55 -34.41 -1.48 21.03
C GLY C 55 -34.17 -0.41 20.00
N PRO C 56 -33.02 0.26 20.06
CA PRO C 56 -32.67 1.40 19.22
C PRO C 56 -32.27 1.03 17.81
N GLU C 57 -32.40 1.98 16.89
CA GLU C 57 -31.91 1.82 15.53
C GLU C 57 -31.03 3.01 15.16
N ARG C 58 -30.02 2.79 14.35
CA ARG C 58 -29.25 3.90 13.79
C ARG C 58 -29.83 4.33 12.47
N VAL C 59 -30.26 5.58 12.41
CA VAL C 59 -30.89 6.12 11.22
C VAL C 59 -30.12 7.35 10.77
N GLY C 60 -29.33 7.20 9.72
CA GLY C 60 -28.48 8.29 9.31
C GLY C 60 -28.08 8.25 7.85
N VAL C 61 -27.47 9.33 7.41
CA VAL C 61 -26.99 9.43 6.05
C VAL C 61 -25.57 8.88 5.97
N PHE C 62 -24.84 9.04 7.06
CA PHE C 62 -23.48 8.53 7.14
C PHE C 62 -23.33 7.57 8.30
N ASP C 63 -22.32 6.72 8.22
CA ASP C 63 -22.12 5.73 9.24
C ASP C 63 -21.47 6.30 10.51
N ASP C 64 -21.00 7.53 10.43
CA ASP C 64 -20.40 8.17 11.60
C ASP C 64 -21.14 9.42 12.00
N ARG C 65 -22.22 9.73 11.32
CA ARG C 65 -23.10 10.81 11.73
C ARG C 65 -24.54 10.38 11.53
N PHE C 66 -25.20 10.02 12.60
CA PHE C 66 -26.49 9.36 12.50
C PHE C 66 -27.42 9.76 13.62
N ASN C 67 -28.69 9.43 13.47
CA ASN C 67 -29.66 9.62 14.53
C ASN C 67 -29.88 8.32 15.25
N VAL C 68 -30.35 8.39 16.48
CA VAL C 68 -30.65 7.17 17.20
C VAL C 68 -32.10 7.17 17.62
N VAL C 69 -32.85 6.16 17.20
CA VAL C 69 -34.28 6.12 17.47
C VAL C 69 -34.73 4.86 18.15
N GLY C 70 -35.29 4.98 19.35
CA GLY C 70 -35.88 3.85 20.02
C GLY C 70 -37.27 4.14 20.53
N ARG C 71 -37.91 3.11 21.05
CA ARG C 71 -39.29 3.19 21.53
C ARG C 71 -39.55 2.53 22.87
N LEU C 72 -40.56 3.04 23.57
CA LEU C 72 -41.15 2.38 24.71
C LEU C 72 -42.57 2.03 24.31
N ARG C 73 -42.82 0.77 23.99
CA ARG C 73 -44.05 0.42 23.31
C ARG C 73 -45.24 0.31 24.25
N GLY C 74 -46.38 0.71 23.72
CA GLY C 74 -47.58 0.85 24.51
C GLY C 74 -48.47 -0.36 24.40
N THR C 75 -49.48 -0.41 25.26
CA THR C 75 -50.36 -1.56 25.31
C THR C 75 -51.17 -1.64 24.03
N GLY C 76 -51.40 -0.49 23.42
CA GLY C 76 -52.13 -0.41 22.18
C GLY C 76 -53.23 0.60 22.34
N GLY C 77 -53.46 1.38 21.28
CA GLY C 77 -54.61 2.24 21.22
C GLY C 77 -54.49 3.65 21.74
N GLY C 78 -53.26 4.13 21.90
CA GLY C 78 -53.03 5.48 22.39
C GLY C 78 -52.28 6.36 21.41
N ALA C 79 -52.12 7.62 21.77
CA ALA C 79 -51.37 8.56 20.96
C ALA C 79 -49.88 8.41 21.18
N SER C 80 -49.10 8.65 20.13
CA SER C 80 -47.65 8.56 20.22
C SER C 80 -47.05 9.89 20.61
N LEU C 81 -46.04 9.85 21.45
CA LEU C 81 -45.29 11.05 21.81
C LEU C 81 -43.81 10.85 21.56
N SER C 82 -43.19 11.77 20.82
CA SER C 82 -41.76 11.77 20.63
C SER C 82 -41.08 12.63 21.66
N PHE C 83 -39.90 12.20 22.11
CA PHE C 83 -38.99 13.07 22.84
C PHE C 83 -37.76 13.28 22.01
N ASN C 84 -37.31 14.52 21.86
CA ASN C 84 -36.22 14.82 20.96
C ASN C 84 -35.18 15.73 21.56
N SER C 85 -33.92 15.34 21.47
CA SER C 85 -32.81 16.24 21.78
C SER C 85 -31.70 15.90 20.82
N HIS C 86 -30.69 16.76 20.71
CA HIS C 86 -29.67 16.55 19.69
C HIS C 86 -28.28 16.17 20.22
N LEU C 87 -27.53 15.43 19.41
CA LEU C 87 -26.26 14.87 19.85
C LEU C 87 -25.06 15.82 19.71
N ASP C 88 -25.14 16.82 18.83
CA ASP C 88 -24.02 17.73 18.59
C ASP C 88 -23.94 18.88 19.57
N THR C 89 -22.74 19.43 19.69
CA THR C 89 -22.49 20.56 20.57
C THR C 89 -21.94 21.71 19.76
N ILE C 90 -21.84 22.88 20.36
CA ILE C 90 -21.48 24.09 19.64
C ILE C 90 -20.02 24.22 19.29
N MET C 91 -19.16 24.16 20.30
CA MET C 91 -17.75 24.44 20.13
C MET C 91 -16.93 23.24 19.74
N ALA C 92 -16.10 23.39 18.72
CA ALA C 92 -15.05 22.45 18.43
C ALA C 92 -13.75 23.06 18.91
N ARG C 93 -12.78 22.24 19.32
CA ARG C 93 -11.51 22.80 19.81
C ARG C 93 -10.77 23.51 18.68
N GLU C 94 -11.11 23.11 17.46
CA GLU C 94 -10.63 23.71 16.23
C GLU C 94 -10.97 25.20 16.10
N ASP C 95 -12.06 25.61 16.72
CA ASP C 95 -12.67 26.92 16.43
C ASP C 95 -11.93 28.08 17.06
N THR C 96 -10.76 28.38 16.55
CA THR C 96 -9.97 29.48 17.08
C THR C 96 -10.38 30.74 16.40
N ALA C 97 -11.23 30.56 15.39
CA ALA C 97 -11.67 31.63 14.53
C ALA C 97 -12.92 32.27 15.04
N ARG C 98 -13.56 31.66 16.04
CA ARG C 98 -14.80 32.20 16.53
C ARG C 98 -14.73 32.53 17.99
N PHE C 99 -13.78 31.95 18.71
CA PHE C 99 -13.69 32.21 20.12
C PHE C 99 -12.33 32.72 20.52
N ALA C 100 -12.30 33.66 21.45
CA ALA C 100 -11.03 34.23 21.86
C ALA C 100 -10.25 33.19 22.62
N ASP C 101 -10.93 32.38 23.40
CA ASP C 101 -10.26 31.31 24.10
C ASP C 101 -10.93 29.99 23.75
N ALA C 102 -10.61 29.48 22.58
CA ALA C 102 -11.26 28.30 22.05
C ALA C 102 -11.14 27.06 22.93
N ASN C 103 -10.12 27.00 23.77
CA ASN C 103 -9.98 25.83 24.62
C ASN C 103 -10.29 26.12 26.06
N ASP C 104 -11.45 26.71 26.32
CA ASP C 104 -11.91 26.92 27.68
C ASP C 104 -12.61 25.65 28.11
N ARG C 105 -12.48 25.30 29.38
CA ARG C 105 -13.01 24.04 29.88
C ARG C 105 -14.53 23.97 29.68
N ILE C 106 -15.22 25.08 29.89
CA ILE C 106 -16.68 25.11 29.84
C ILE C 106 -17.21 24.81 28.45
N TYR C 107 -16.38 25.01 27.44
CA TYR C 107 -16.78 24.76 26.06
C TYR C 107 -16.79 23.27 25.73
N HIS C 108 -16.00 22.49 26.45
CA HIS C 108 -15.75 21.13 26.01
C HIS C 108 -16.00 20.04 27.04
N GLU C 109 -15.97 20.39 28.32
CA GLU C 109 -16.12 19.37 29.34
C GLU C 109 -17.44 19.51 30.05
N ALA C 110 -17.65 18.62 31.02
CA ALA C 110 -18.89 18.57 31.77
C ALA C 110 -18.63 17.89 33.10
N TRP C 111 -19.03 18.54 34.18
CA TRP C 111 -18.75 18.01 35.51
C TRP C 111 -19.79 18.39 36.54
N HIS C 112 -19.92 17.57 37.57
CA HIS C 112 -20.85 17.80 38.66
C HIS C 112 -20.12 18.52 39.75
N GLU C 113 -20.48 19.76 40.01
CA GLU C 113 -19.78 20.41 41.09
C GLU C 113 -20.80 20.39 42.20
N GLU C 114 -20.78 21.38 43.08
CA GLU C 114 -21.68 21.43 44.22
C GLU C 114 -23.12 20.99 43.93
N GLY C 115 -24.04 21.88 43.60
CA GLY C 115 -25.37 21.38 43.30
C GLY C 115 -25.67 21.47 41.83
N ARG C 116 -24.64 21.75 41.06
CA ARG C 116 -24.75 22.01 39.63
C ARG C 116 -24.13 20.96 38.71
N ILE C 117 -24.48 21.05 37.44
CA ILE C 117 -23.76 20.33 36.38
C ILE C 117 -23.29 21.36 35.36
N TYR C 118 -21.99 21.47 35.16
CA TYR C 118 -21.45 22.51 34.29
C TYR C 118 -21.17 21.99 32.91
N GLY C 119 -21.11 22.90 31.94
CA GLY C 119 -20.72 22.55 30.59
C GLY C 119 -21.71 22.97 29.53
N TYR C 120 -21.22 23.68 28.53
CA TYR C 120 -22.08 24.06 27.41
C TYR C 120 -22.67 22.84 26.76
N SER C 121 -21.92 21.76 26.73
CA SER C 121 -22.41 20.53 26.13
C SER C 121 -23.59 19.97 26.88
N VAL C 122 -23.80 20.44 28.11
CA VAL C 122 -24.91 19.93 28.89
C VAL C 122 -26.14 20.79 28.72
N VAL C 123 -25.97 22.10 28.68
CA VAL C 123 -27.07 23.00 28.39
C VAL C 123 -27.60 22.74 26.99
N ASN C 124 -26.69 22.40 26.10
CA ASN C 124 -27.01 22.22 24.71
C ASN C 124 -26.17 21.08 24.16
N CYS C 125 -26.67 19.84 24.24
CA CYS C 125 -28.04 19.56 24.65
C CYS C 125 -28.20 18.22 25.35
N LYS C 126 -27.48 18.02 26.43
CA LYS C 126 -27.45 16.73 27.10
C LYS C 126 -26.94 17.04 28.47
N GLY C 127 -27.86 17.09 29.41
CA GLY C 127 -29.06 16.33 29.21
C GLY C 127 -30.36 16.95 29.61
N PRO C 128 -30.85 17.84 28.77
CA PRO C 128 -32.27 17.71 28.59
C PRO C 128 -32.48 16.32 28.04
N MET C 129 -31.53 15.83 27.24
CA MET C 129 -31.58 14.47 26.71
C MET C 129 -31.50 13.45 27.84
N ALA C 130 -30.64 13.71 28.82
CA ALA C 130 -30.54 12.84 29.97
C ALA C 130 -31.84 12.84 30.74
N CYS C 131 -32.47 14.00 30.80
CA CYS C 131 -33.71 14.15 31.52
C CYS C 131 -34.76 13.21 31.00
N TRP C 132 -34.94 13.17 29.68
CA TRP C 132 -35.99 12.30 29.16
C TRP C 132 -35.48 10.88 28.96
N LEU C 133 -34.18 10.70 28.84
CA LEU C 133 -33.68 9.34 28.82
C LEU C 133 -34.05 8.68 30.14
N ILE C 134 -33.85 9.41 31.22
CA ILE C 134 -34.16 8.93 32.56
C ILE C 134 -35.66 8.74 32.75
N ALA C 135 -36.44 9.69 32.28
CA ALA C 135 -37.89 9.58 32.36
C ALA C 135 -38.36 8.31 31.71
N ALA C 136 -37.78 7.97 30.57
CA ALA C 136 -38.18 6.75 29.90
C ALA C 136 -37.83 5.51 30.72
N LYS C 137 -36.65 5.52 31.34
CA LYS C 137 -36.24 4.40 32.15
C LYS C 137 -37.19 4.23 33.34
N ALA C 138 -37.59 5.35 33.91
CA ALA C 138 -38.50 5.30 35.03
C ALA C 138 -39.82 4.70 34.61
N LEU C 139 -40.39 5.23 33.53
CA LEU C 139 -41.65 4.73 33.00
C LEU C 139 -41.57 3.25 32.74
N LYS C 140 -40.49 2.80 32.15
CA LYS C 140 -40.37 1.39 31.83
C LYS C 140 -40.27 0.58 33.10
N GLU C 141 -39.44 1.04 34.04
CA GLU C 141 -39.17 0.26 35.23
C GLU C 141 -40.26 0.35 36.31
N ALA C 142 -41.09 1.38 36.26
CA ALA C 142 -42.21 1.49 37.18
C ALA C 142 -43.43 0.78 36.64
N GLY C 143 -43.28 0.21 35.43
CA GLY C 143 -44.37 -0.48 34.75
C GLY C 143 -45.57 0.41 34.48
N ALA C 144 -45.33 1.65 34.10
CA ALA C 144 -46.43 2.58 33.85
C ALA C 144 -47.29 2.08 32.72
N ALA C 145 -48.59 2.29 32.85
CA ALA C 145 -49.53 1.88 31.81
C ALA C 145 -49.59 2.93 30.72
N LEU C 146 -49.23 2.55 29.50
CA LEU C 146 -49.28 3.49 28.41
C LEU C 146 -49.92 2.83 27.21
N LYS C 147 -50.97 3.42 26.67
CA LYS C 147 -51.63 2.81 25.54
C LYS C 147 -50.82 3.07 24.27
N GLY C 148 -50.27 4.27 24.19
CA GLY C 148 -49.50 4.68 23.03
C GLY C 148 -48.01 4.53 23.20
N ASP C 149 -47.30 4.50 22.09
CA ASP C 149 -45.85 4.36 22.07
C ASP C 149 -45.18 5.66 22.46
N VAL C 150 -44.04 5.55 23.12
CA VAL C 150 -43.15 6.68 23.33
C VAL C 150 -41.92 6.54 22.45
N VAL C 151 -41.69 7.50 21.57
CA VAL C 151 -40.55 7.42 20.67
C VAL C 151 -39.38 8.24 21.19
N LEU C 152 -38.22 7.61 21.31
CA LEU C 152 -37.04 8.27 21.82
C LEU C 152 -36.13 8.61 20.68
N THR C 153 -36.03 9.89 20.34
CA THR C 153 -35.30 10.31 19.15
C THR C 153 -34.14 11.24 19.45
N ALA C 154 -32.93 10.70 19.34
CA ALA C 154 -31.72 11.49 19.50
C ALA C 154 -31.11 11.82 18.16
N VAL C 155 -31.04 13.09 17.83
CA VAL C 155 -30.68 13.48 16.48
C VAL C 155 -29.28 14.08 16.38
N CYS C 156 -28.74 14.08 15.17
CA CYS C 156 -27.49 14.78 14.92
C CYS C 156 -27.78 16.06 14.16
N GLY C 157 -26.75 16.83 13.93
CA GLY C 157 -26.83 18.02 13.11
C GLY C 157 -28.00 18.94 13.36
N GLU C 158 -28.28 19.30 14.60
CA GLU C 158 -29.32 20.27 14.83
C GLU C 158 -28.78 21.66 14.66
N ILE C 159 -27.54 21.86 15.05
CA ILE C 159 -26.94 23.18 15.08
C ILE C 159 -26.66 23.75 13.70
N ASP C 160 -26.85 25.06 13.56
CA ASP C 160 -27.01 25.74 12.28
C ASP C 160 -25.76 25.85 11.41
N CYS C 161 -24.90 24.84 11.45
CA CYS C 161 -23.81 24.76 10.50
C CYS C 161 -24.38 24.49 9.13
N GLU C 162 -23.86 25.13 8.10
CA GLU C 162 -24.31 24.82 6.75
C GLU C 162 -23.11 24.91 5.82
N PRO C 163 -23.10 24.07 4.79
CA PRO C 163 -22.09 24.15 3.75
C PRO C 163 -22.23 25.41 2.92
N VAL C 164 -21.15 25.84 2.31
CA VAL C 164 -21.15 26.99 1.45
C VAL C 164 -19.86 26.98 0.68
N ASP C 165 -19.90 27.45 -0.56
CA ASP C 165 -18.73 27.58 -1.41
C ASP C 165 -17.94 26.28 -1.49
N GLU C 166 -16.70 26.28 -1.02
CA GLU C 166 -15.86 25.11 -1.19
C GLU C 166 -16.01 24.17 0.00
N PHE C 167 -16.85 24.53 0.95
CA PHE C 167 -17.03 23.68 2.11
C PHE C 167 -18.27 22.86 1.91
N GLN C 168 -18.09 21.66 1.35
CA GLN C 168 -19.21 20.84 0.92
C GLN C 168 -19.21 19.44 1.49
N GLY C 169 -20.38 18.82 1.53
CA GLY C 169 -20.46 17.41 1.87
C GLY C 169 -20.38 17.02 3.34
N HIS C 170 -19.97 15.78 3.58
CA HIS C 170 -19.97 15.17 4.90
C HIS C 170 -19.58 16.06 6.07
N ASP C 171 -18.49 16.79 5.95
CA ASP C 171 -17.96 17.49 7.10
C ASP C 171 -18.78 18.70 7.54
N TYR C 172 -19.65 19.19 6.67
CA TYR C 172 -20.26 20.50 6.89
C TYR C 172 -21.79 20.48 6.96
N LEU C 173 -22.39 19.35 6.63
CA LEU C 173 -23.81 19.20 6.71
C LEU C 173 -24.27 19.16 8.15
N ALA C 174 -25.52 19.53 8.39
CA ALA C 174 -26.07 19.49 9.72
C ALA C 174 -27.52 19.09 9.72
N GLU C 175 -28.39 20.06 9.46
CA GLU C 175 -29.81 19.86 9.67
C GLU C 175 -30.43 18.97 8.62
N ASP C 176 -29.87 18.96 7.43
CA ASP C 176 -30.42 18.10 6.40
C ASP C 176 -30.27 16.62 6.70
N ILE C 177 -29.34 16.24 7.55
CA ILE C 177 -29.11 14.83 7.84
C ILE C 177 -29.51 14.48 9.26
N GLY C 178 -30.17 15.42 9.92
CA GLY C 178 -30.56 15.24 11.29
C GLY C 178 -32.03 14.86 11.42
N ALA C 179 -32.71 15.58 12.29
CA ALA C 179 -34.10 15.30 12.65
C ALA C 179 -35.02 15.09 11.47
N ARG C 180 -34.97 15.96 10.48
CA ARG C 180 -35.91 15.82 9.40
C ARG C 180 -35.66 14.52 8.68
N TYR C 181 -34.42 14.06 8.66
CA TYR C 181 -34.11 12.80 8.02
C TYR C 181 -34.69 11.68 8.86
N ALA C 182 -34.51 11.77 10.16
CA ALA C 182 -35.04 10.75 11.04
C ALA C 182 -36.56 10.63 10.92
N ILE C 183 -37.25 11.75 10.94
CA ILE C 183 -38.70 11.72 10.88
C ILE C 183 -39.17 11.17 9.54
N SER C 184 -38.51 11.59 8.46
CA SER C 184 -38.87 11.12 7.14
C SER C 184 -38.62 9.63 6.97
N HIS C 185 -37.86 9.03 7.86
CA HIS C 185 -37.49 7.65 7.69
C HIS C 185 -37.90 6.80 8.87
N GLY C 186 -39.00 7.16 9.50
CA GLY C 186 -39.62 6.26 10.46
C GLY C 186 -39.98 6.82 11.80
N ALA C 187 -39.24 7.82 12.24
CA ALA C 187 -39.41 8.34 13.58
C ALA C 187 -40.65 9.22 13.72
N ILE C 188 -41.80 8.74 13.25
CA ILE C 188 -43.03 9.50 13.36
C ILE C 188 -43.83 9.13 14.57
N SER C 189 -44.72 10.04 14.96
CA SER C 189 -45.57 9.91 16.14
C SER C 189 -46.68 10.92 16.04
N ASP C 190 -47.64 10.88 16.96
CA ASP C 190 -48.74 11.84 16.93
C ASP C 190 -48.30 13.22 17.38
N TYR C 191 -47.53 13.29 18.45
CA TYR C 191 -47.04 14.56 18.95
C TYR C 191 -45.57 14.45 19.27
N ALA C 192 -44.90 15.59 19.45
CA ALA C 192 -43.49 15.56 19.77
C ALA C 192 -43.07 16.67 20.68
N LEU C 193 -42.33 16.33 21.73
CA LEU C 193 -41.76 17.33 22.63
C LEU C 193 -40.26 17.45 22.43
N VAL C 194 -39.80 18.61 22.00
CA VAL C 194 -38.37 18.81 21.83
C VAL C 194 -37.80 19.35 23.12
N ALA C 195 -36.91 18.60 23.74
CA ALA C 195 -36.34 18.98 25.01
C ALA C 195 -35.06 19.77 24.85
N GLU C 196 -35.19 21.09 24.90
CA GLU C 196 -34.05 21.97 24.91
C GLU C 196 -34.28 22.92 26.07
N ALA C 197 -33.35 23.83 26.35
CA ALA C 197 -33.52 24.73 27.50
C ALA C 197 -34.44 25.90 27.21
N THR C 198 -35.63 25.87 27.79
CA THR C 198 -36.40 27.08 28.02
C THR C 198 -36.39 27.22 29.52
N ASN C 199 -37.02 28.23 30.11
CA ASN C 199 -37.01 28.23 31.57
C ASN C 199 -38.32 27.69 32.06
N PHE C 200 -38.53 26.41 31.82
CA PHE C 200 -39.81 25.77 32.05
C PHE C 200 -40.95 26.57 31.40
N LYS C 201 -40.68 27.11 30.23
CA LYS C 201 -41.69 27.82 29.44
C LYS C 201 -41.87 27.16 28.09
N PRO C 202 -43.07 26.69 27.78
CA PRO C 202 -43.30 26.03 26.50
C PRO C 202 -43.34 27.01 25.36
N ALA C 203 -42.74 26.67 24.24
CA ALA C 203 -42.85 27.49 23.04
C ALA C 203 -43.24 26.59 21.90
N TRP C 204 -44.16 27.01 21.05
CA TRP C 204 -44.50 26.18 19.91
C TRP C 204 -44.59 27.01 18.64
N VAL C 205 -43.79 28.05 18.60
CA VAL C 205 -43.44 28.70 17.35
C VAL C 205 -41.93 28.76 17.30
N GLU C 206 -41.36 28.77 16.10
CA GLU C 206 -39.92 28.86 15.96
C GLU C 206 -39.64 29.64 14.67
N ALA C 207 -38.43 30.16 14.52
CA ALA C 207 -38.16 31.04 13.38
C ALA C 207 -37.58 30.29 12.21
N GLY C 208 -37.72 30.83 11.01
CA GLY C 208 -37.03 30.27 9.88
C GLY C 208 -35.70 30.98 9.73
N LYS C 209 -35.06 30.87 8.57
CA LYS C 209 -33.80 31.55 8.35
C LYS C 209 -33.39 31.58 6.89
N VAL C 210 -32.75 32.64 6.48
CA VAL C 210 -32.09 32.69 5.18
C VAL C 210 -30.67 33.19 5.39
N PHE C 211 -29.71 32.52 4.76
CA PHE C 211 -28.32 32.94 4.82
C PHE C 211 -27.91 33.61 3.53
N LEU C 212 -27.37 34.81 3.61
CA LEU C 212 -26.95 35.52 2.41
C LEU C 212 -25.44 35.65 2.38
N LYS C 213 -24.86 35.39 1.23
CA LYS C 213 -23.47 35.73 0.96
C LYS C 213 -23.46 36.98 0.13
N VAL C 214 -22.94 38.05 0.70
CA VAL C 214 -22.87 39.31 0.00
C VAL C 214 -21.46 39.60 -0.41
N THR C 215 -21.23 39.65 -1.72
CA THR C 215 -19.91 39.92 -2.28
C THR C 215 -19.84 41.28 -2.94
N VAL C 216 -18.94 42.13 -2.47
CA VAL C 216 -18.74 43.47 -2.99
C VAL C 216 -17.62 43.52 -4.01
N PHE C 217 -17.85 44.20 -5.12
CA PHE C 217 -16.84 44.27 -6.16
C PHE C 217 -16.19 45.63 -6.27
N ALA C 218 -14.92 45.62 -6.62
CA ALA C 218 -14.15 46.84 -6.76
C ALA C 218 -13.07 46.71 -7.82
N GLY C 219 -11.85 47.01 -7.44
CA GLY C 219 -10.73 46.93 -8.35
C GLY C 219 -10.52 48.25 -9.07
N PRO C 220 -9.50 48.34 -9.92
CA PRO C 220 -8.55 47.30 -10.31
C PRO C 220 -7.49 47.00 -9.27
N SER C 221 -7.05 45.75 -9.23
CA SER C 221 -5.99 45.33 -8.33
C SER C 221 -4.70 46.10 -8.62
N ARG C 222 -4.00 46.49 -7.56
CA ARG C 222 -2.73 47.17 -7.72
C ARG C 222 -1.70 46.68 -6.73
N TYR C 223 -0.47 46.50 -7.18
CA TYR C 223 0.66 46.26 -6.29
C TYR C 223 0.75 47.43 -5.31
N THR C 224 0.97 47.13 -4.05
CA THR C 224 0.94 48.14 -2.99
C THR C 224 1.67 49.45 -3.29
N PRO C 225 2.84 49.41 -3.92
CA PRO C 225 3.46 50.70 -4.22
C PRO C 225 2.74 51.53 -5.25
N TYR C 226 1.63 51.04 -5.79
CA TYR C 226 0.89 51.76 -6.82
C TYR C 226 -0.51 52.14 -6.37
N VAL C 227 -0.86 51.85 -5.13
CA VAL C 227 -2.21 52.10 -4.65
C VAL C 227 -2.53 53.60 -4.66
N PRO C 228 -3.69 53.99 -5.22
CA PRO C 228 -4.11 55.38 -5.28
C PRO C 228 -4.57 55.94 -3.95
N ARG C 229 -4.02 57.05 -3.48
CA ARG C 229 -4.56 57.71 -2.30
C ARG C 229 -4.44 59.20 -2.50
N PRO C 230 -5.38 59.96 -1.92
CA PRO C 230 -6.52 59.49 -1.15
C PRO C 230 -7.74 59.27 -2.04
N VAL C 231 -8.61 58.37 -1.61
CA VAL C 231 -9.84 58.08 -2.33
C VAL C 231 -10.93 57.91 -1.30
N ALA C 232 -12.13 58.37 -1.60
CA ALA C 232 -13.27 58.14 -0.72
C ALA C 232 -13.52 56.64 -0.51
N ALA C 233 -13.84 56.25 0.71
CA ALA C 233 -14.04 54.85 1.05
C ALA C 233 -14.89 54.11 0.01
N LEU C 234 -16.06 54.64 -0.30
CA LEU C 234 -16.98 53.98 -1.23
C LEU C 234 -16.46 53.91 -2.66
N ASP C 235 -15.35 54.57 -2.94
CA ASP C 235 -14.78 54.55 -4.29
C ASP C 235 -13.48 53.78 -4.34
N SER C 236 -13.05 53.28 -3.19
CA SER C 236 -11.79 52.57 -3.07
C SER C 236 -11.71 51.42 -4.04
N PRO C 237 -10.52 51.16 -4.57
CA PRO C 237 -10.35 49.96 -5.41
C PRO C 237 -10.24 48.70 -4.58
N ASN C 238 -10.04 48.89 -3.28
CA ASN C 238 -9.93 47.80 -2.33
C ASN C 238 -11.29 47.41 -1.81
N ALA C 239 -11.76 46.23 -2.21
CA ALA C 239 -13.09 45.77 -1.87
C ALA C 239 -13.29 45.65 -0.38
N ILE C 240 -12.22 45.47 0.38
CA ILE C 240 -12.31 45.40 1.82
C ILE C 240 -12.75 46.75 2.38
N VAL C 241 -12.27 47.82 1.79
CA VAL C 241 -12.61 49.15 2.23
C VAL C 241 -14.06 49.49 1.99
N ARG C 242 -14.55 49.17 0.80
CA ARG C 242 -15.94 49.37 0.49
C ARG C 242 -16.80 48.50 1.40
N MET C 243 -16.35 47.28 1.65
CA MET C 243 -17.15 46.38 2.46
C MET C 243 -17.32 46.90 3.86
N ALA C 244 -16.29 47.51 4.40
CA ALA C 244 -16.40 48.04 5.76
C ALA C 244 -17.51 49.05 5.86
N LYS C 245 -17.65 49.84 4.81
CA LYS C 245 -18.70 50.84 4.78
C LYS C 245 -20.06 50.17 4.60
N LEU C 246 -20.12 49.08 3.87
CA LEU C 246 -21.36 48.34 3.72
C LEU C 246 -21.78 47.70 5.02
N VAL C 247 -20.82 47.28 5.81
CA VAL C 247 -21.10 46.64 7.07
C VAL C 247 -21.82 47.56 8.02
N GLU C 248 -21.49 48.84 8.02
CA GLU C 248 -22.15 49.73 8.95
C GLU C 248 -23.56 49.97 8.51
N ALA C 249 -23.77 49.96 7.20
CA ALA C 249 -25.08 50.18 6.64
C ALA C 249 -26.02 49.02 6.92
N LEU C 250 -25.46 47.82 6.90
CA LEU C 250 -26.22 46.62 7.15
C LEU C 250 -26.52 46.42 8.63
N GLU C 251 -25.63 46.90 9.47
CA GLU C 251 -25.88 46.82 10.89
C GLU C 251 -27.04 47.72 11.24
N GLU C 252 -27.20 48.83 10.53
CA GLU C 252 -28.32 49.71 10.78
C GLU C 252 -29.61 49.07 10.32
N TRP C 253 -29.55 48.47 9.15
CA TRP C 253 -30.70 47.77 8.62
C TRP C 253 -31.12 46.68 9.57
N ALA C 254 -30.13 46.03 10.19
CA ALA C 254 -30.40 44.93 11.10
C ALA C 254 -31.06 45.40 12.37
N ASP C 255 -30.68 46.58 12.83
CA ASP C 255 -31.31 47.13 14.03
C ASP C 255 -32.81 47.32 13.83
N ASN C 256 -33.20 47.71 12.61
CA ASN C 256 -34.59 47.98 12.31
C ASN C 256 -35.38 46.76 11.83
N TYR C 257 -34.69 45.81 11.21
CA TYR C 257 -35.31 44.56 10.76
C TYR C 257 -36.05 43.84 11.87
N GLU C 258 -35.37 43.69 13.01
CA GLU C 258 -35.95 42.93 14.09
C GLU C 258 -37.20 43.62 14.60
N LYS C 259 -37.24 44.94 14.51
CA LYS C 259 -38.42 45.65 14.98
C LYS C 259 -39.51 45.55 13.96
N ARG C 260 -39.17 45.72 12.69
CA ARG C 260 -40.16 45.68 11.63
C ARG C 260 -40.80 44.31 11.50
N TYR C 261 -40.09 43.25 11.84
CA TYR C 261 -40.63 41.91 11.60
C TYR C 261 -40.99 41.12 12.84
N THR C 262 -41.02 41.78 13.98
CA THR C 262 -41.50 41.15 15.19
C THR C 262 -42.97 40.82 14.99
N ARG C 263 -43.40 39.66 15.45
CA ARG C 263 -44.75 39.21 15.18
C ARG C 263 -45.19 38.30 16.31
N GLU C 264 -46.41 38.46 16.80
CA GLU C 264 -46.83 37.73 17.98
C GLU C 264 -47.68 36.54 17.58
N TYR C 265 -47.35 35.38 18.12
CA TYR C 265 -48.08 34.19 17.82
C TYR C 265 -48.56 33.57 19.11
N GLY C 266 -49.46 32.61 19.02
CA GLY C 266 -49.93 31.91 20.19
C GLY C 266 -48.83 31.16 20.88
N GLY C 267 -47.87 30.69 20.08
CA GLY C 267 -46.77 29.92 20.60
C GLY C 267 -45.61 30.72 21.12
N GLY C 268 -45.64 32.03 20.90
CA GLY C 268 -44.61 32.90 21.40
C GLY C 268 -44.44 34.10 20.51
N THR C 269 -43.69 35.09 20.97
CA THR C 269 -43.40 36.27 20.17
C THR C 269 -42.09 36.09 19.43
N VAL C 270 -42.11 36.25 18.12
CA VAL C 270 -40.92 36.06 17.35
C VAL C 270 -40.22 37.38 17.10
N VAL C 271 -38.99 37.48 17.59
CA VAL C 271 -38.14 38.64 17.34
C VAL C 271 -36.98 38.21 16.48
N PRO C 272 -37.10 38.36 15.16
CA PRO C 272 -36.11 37.85 14.23
C PRO C 272 -34.91 38.77 14.06
N LYS C 273 -33.73 38.28 14.40
CA LYS C 273 -32.53 39.08 14.43
C LYS C 273 -31.57 38.76 13.29
N VAL C 274 -30.55 39.60 13.14
CA VAL C 274 -29.58 39.48 12.06
C VAL C 274 -28.17 39.63 12.59
N ALA C 275 -27.27 38.77 12.16
CA ALA C 275 -25.86 38.89 12.52
C ALA C 275 -24.98 38.62 11.32
N ILE C 276 -23.88 39.33 11.22
CA ILE C 276 -22.88 39.05 10.22
C ILE C 276 -21.91 38.07 10.82
N GLY C 277 -21.90 36.84 10.29
CA GLY C 277 -21.22 35.74 10.93
C GLY C 277 -19.83 35.46 10.42
N ALA C 278 -19.54 35.97 9.23
CA ALA C 278 -18.22 35.74 8.65
C ALA C 278 -17.89 36.76 7.58
N ILE C 279 -16.61 37.04 7.45
CA ILE C 279 -16.11 37.90 6.40
C ILE C 279 -14.83 37.31 5.89
N ARG C 280 -14.55 37.49 4.60
CA ARG C 280 -13.24 37.17 4.07
C ARG C 280 -12.95 37.85 2.75
N GLY C 281 -11.67 38.13 2.52
CA GLY C 281 -11.16 38.55 1.22
C GLY C 281 -9.77 39.06 1.52
N GLY C 282 -8.78 38.82 0.69
CA GLY C 282 -8.75 37.70 -0.22
C GLY C 282 -8.07 36.66 0.64
N VAL C 283 -6.81 36.35 0.35
CA VAL C 283 -6.11 35.35 1.17
C VAL C 283 -4.92 35.95 1.87
N PRO C 284 -4.68 35.52 3.12
CA PRO C 284 -3.63 36.05 4.00
C PRO C 284 -2.21 35.77 3.54
N TYR C 285 -2.04 34.82 2.64
CA TYR C 285 -0.69 34.41 2.29
C TYR C 285 -0.23 35.02 0.98
N LYS C 286 -1.04 35.94 0.43
CA LYS C 286 -0.72 36.71 -0.76
C LYS C 286 -1.31 38.13 -0.67
N ILE C 287 -0.73 38.98 0.16
CA ILE C 287 -1.35 40.25 0.47
C ILE C 287 -0.75 41.48 -0.21
N TYR C 288 0.16 41.29 -1.14
CA TYR C 288 0.83 42.41 -1.77
C TYR C 288 -0.05 43.13 -2.78
N ARG C 289 -1.20 42.56 -3.11
CA ARG C 289 -2.23 43.25 -3.88
C ARG C 289 -3.59 43.11 -3.18
N PHE C 290 -4.27 44.22 -2.90
CA PHE C 290 -5.59 44.17 -2.27
C PHE C 290 -6.60 43.46 -3.16
N PRO C 291 -7.71 42.97 -2.57
CA PRO C 291 -8.67 42.17 -3.32
C PRO C 291 -9.63 42.98 -4.17
N GLU C 292 -10.05 42.45 -5.31
CA GLU C 292 -11.06 43.10 -6.12
C GLU C 292 -12.45 42.77 -5.60
N LEU C 293 -12.53 41.79 -4.69
CA LEU C 293 -13.80 41.38 -4.13
C LEU C 293 -13.68 40.99 -2.68
N CYS C 294 -14.79 40.97 -1.96
CA CYS C 294 -14.79 40.63 -0.55
C CYS C 294 -16.19 40.17 -0.13
N SER C 295 -16.28 39.06 0.60
CA SER C 295 -17.58 38.53 0.93
C SER C 295 -17.91 38.57 2.42
N ILE C 296 -19.21 38.69 2.68
CA ILE C 296 -19.75 38.75 4.01
C ILE C 296 -20.77 37.63 4.09
N TYR C 297 -20.99 37.08 5.26
CA TYR C 297 -21.94 35.97 5.36
C TYR C 297 -22.95 36.25 6.43
N MET C 298 -24.21 36.41 6.04
CA MET C 298 -25.22 36.92 6.95
C MET C 298 -26.18 35.87 7.44
N ASP C 299 -26.41 35.86 8.74
CA ASP C 299 -27.46 35.05 9.35
C ASP C 299 -28.71 35.91 9.52
N ILE C 300 -29.76 35.64 8.78
CA ILE C 300 -30.98 36.42 8.89
C ILE C 300 -32.18 35.57 9.27
N ARG C 301 -32.71 35.76 10.46
CA ARG C 301 -33.83 34.94 10.91
C ARG C 301 -35.16 35.41 10.34
N LEU C 302 -36.03 34.47 10.03
CA LEU C 302 -37.32 34.81 9.48
C LEU C 302 -38.43 34.46 10.44
N ASN C 303 -39.46 35.29 10.51
CA ASN C 303 -40.66 34.84 11.19
C ASN C 303 -41.36 33.88 10.22
N PRO C 304 -42.27 33.05 10.73
CA PRO C 304 -42.90 32.08 9.85
C PRO C 304 -43.58 32.65 8.62
N ASP C 305 -43.86 33.93 8.59
CA ASP C 305 -44.68 34.49 7.52
C ASP C 305 -43.95 35.36 6.53
N THR C 306 -42.63 35.32 6.56
CA THR C 306 -41.79 36.10 5.66
C THR C 306 -41.14 35.25 4.57
N ASN C 307 -41.37 35.63 3.32
CA ASN C 307 -40.70 34.99 2.19
C ASN C 307 -39.26 35.52 2.11
N PRO C 308 -38.28 34.63 1.92
CA PRO C 308 -36.86 34.99 1.89
C PRO C 308 -36.49 35.96 0.80
N LEU C 309 -37.20 35.93 -0.31
CA LEU C 309 -36.84 36.78 -1.43
C LEU C 309 -37.05 38.24 -1.08
N VAL C 310 -37.98 38.48 -0.16
CA VAL C 310 -38.23 39.82 0.32
C VAL C 310 -37.00 40.35 1.05
N VAL C 311 -36.41 39.51 1.88
CA VAL C 311 -35.22 39.89 2.63
C VAL C 311 -34.05 40.13 1.69
N GLN C 312 -33.93 39.30 0.68
CA GLN C 312 -32.89 39.50 -0.30
C GLN C 312 -33.04 40.83 -1.02
N ARG C 313 -34.27 41.22 -1.35
CA ARG C 313 -34.49 42.50 -2.01
C ARG C 313 -34.12 43.66 -1.09
N GLU C 314 -34.41 43.51 0.20
CA GLU C 314 -34.08 44.54 1.14
C GLU C 314 -32.58 44.74 1.28
N VAL C 315 -31.83 43.65 1.35
CA VAL C 315 -30.38 43.78 1.46
C VAL C 315 -29.80 44.30 0.14
N GLU C 316 -30.34 43.83 -0.97
CA GLU C 316 -29.89 44.34 -2.25
C GLU C 316 -30.14 45.84 -2.34
N ALA C 317 -31.19 46.31 -1.67
CA ALA C 317 -31.55 47.72 -1.69
C ALA C 317 -30.58 48.54 -0.87
N VAL C 318 -30.12 47.99 0.23
CA VAL C 318 -29.11 48.63 1.04
C VAL C 318 -27.90 48.87 0.20
N VAL C 319 -27.54 47.87 -0.59
CA VAL C 319 -26.38 47.96 -1.45
C VAL C 319 -26.55 49.04 -2.50
N SER C 320 -27.75 49.10 -3.04
CA SER C 320 -28.02 50.04 -4.10
C SER C 320 -27.95 51.45 -3.57
N LYS C 321 -28.39 51.68 -2.35
CA LYS C 321 -28.40 53.03 -1.79
C LYS C 321 -26.99 53.51 -1.54
N LEU C 322 -26.04 52.59 -1.49
CA LEU C 322 -24.67 52.98 -1.27
C LEU C 322 -23.93 53.13 -2.58
N GLY C 323 -24.57 52.80 -3.69
CA GLY C 323 -23.96 52.95 -4.99
C GLY C 323 -22.95 51.87 -5.32
N LEU C 324 -23.04 50.78 -4.59
CA LEU C 324 -22.11 49.68 -4.74
C LEU C 324 -22.57 48.62 -5.72
N LYS C 325 -21.59 47.97 -6.33
CA LYS C 325 -21.80 46.75 -7.09
C LYS C 325 -21.63 45.55 -6.17
N ALA C 326 -22.65 44.72 -6.02
CA ALA C 326 -22.54 43.53 -5.19
C ALA C 326 -23.44 42.41 -5.65
N GLU C 327 -23.06 41.18 -5.32
CA GLU C 327 -23.90 40.03 -5.57
C GLU C 327 -24.45 39.55 -4.23
N VAL C 328 -25.78 39.52 -4.11
CA VAL C 328 -26.40 38.97 -2.92
C VAL C 328 -26.98 37.60 -3.23
N LYS C 329 -26.32 36.56 -2.76
CA LYS C 329 -26.72 35.20 -3.11
C LYS C 329 -27.06 34.42 -1.86
N PRO C 330 -28.26 33.84 -1.83
CA PRO C 330 -28.68 33.01 -0.71
C PRO C 330 -28.04 31.66 -0.79
N PHE C 331 -27.64 31.08 0.33
CA PHE C 331 -27.16 29.71 0.29
C PHE C 331 -27.82 28.83 1.33
N LEU C 332 -28.82 29.34 2.02
CA LEU C 332 -29.58 28.52 2.92
C LEU C 332 -30.98 29.08 3.07
N PHE C 333 -31.98 28.22 3.05
CA PHE C 333 -33.32 28.64 3.37
C PHE C 333 -34.08 27.58 4.14
N ARG C 334 -34.55 27.94 5.34
CA ARG C 334 -35.41 27.04 6.09
C ARG C 334 -36.60 27.80 6.63
N ARG C 335 -37.76 27.16 6.64
CA ARG C 335 -38.98 27.79 7.13
C ARG C 335 -39.21 27.53 8.59
N GLY C 336 -39.75 28.52 9.28
CA GLY C 336 -40.20 28.33 10.65
C GLY C 336 -41.70 28.16 10.69
N TYR C 337 -42.18 27.48 11.72
CA TYR C 337 -43.59 27.12 11.84
C TYR C 337 -44.12 27.37 13.25
N GLU C 338 -45.40 27.72 13.34
CA GLU C 338 -46.12 27.65 14.59
C GLU C 338 -46.92 26.37 14.57
N ALA C 339 -46.95 25.65 15.68
CA ALA C 339 -47.62 24.37 15.74
C ALA C 339 -49.13 24.52 15.55
N GLN C 340 -49.72 23.57 14.84
CA GLN C 340 -51.16 23.48 14.70
C GLN C 340 -51.72 22.20 15.33
N GLY C 341 -52.77 22.34 16.13
CA GLY C 341 -53.40 21.21 16.78
C GLY C 341 -52.56 20.73 17.94
N ILE C 342 -51.92 21.68 18.60
CA ILE C 342 -50.98 21.41 19.67
C ILE C 342 -51.68 21.18 20.99
N GLU C 343 -52.95 21.55 21.04
CA GLU C 343 -53.69 21.61 22.31
C GLU C 343 -53.56 20.37 23.20
N PRO C 344 -53.64 19.17 22.64
CA PRO C 344 -53.53 18.05 23.56
C PRO C 344 -52.20 17.97 24.29
N LEU C 345 -51.11 18.21 23.58
CA LEU C 345 -49.80 18.15 24.19
C LEU C 345 -49.58 19.35 25.09
N GLN C 346 -50.06 20.49 24.62
CA GLN C 346 -49.98 21.72 25.41
C GLN C 346 -50.61 21.49 26.75
N ASN C 347 -51.77 20.85 26.73
CA ASN C 347 -52.57 20.64 27.91
C ASN C 347 -51.95 19.60 28.81
N ALA C 348 -51.52 18.50 28.22
CA ALA C 348 -50.90 17.45 29.00
C ALA C 348 -49.70 18.00 29.73
N LEU C 349 -48.93 18.83 29.01
CA LEU C 349 -47.73 19.44 29.56
C LEU C 349 -48.04 20.44 30.64
N GLU C 350 -49.03 21.28 30.38
CA GLU C 350 -49.45 22.28 31.33
C GLU C 350 -49.82 21.68 32.66
N VAL C 351 -50.60 20.61 32.62
CA VAL C 351 -51.03 19.97 33.84
C VAL C 351 -49.84 19.48 34.63
N ALA C 352 -48.95 18.76 33.95
CA ALA C 352 -47.77 18.24 34.60
C ALA C 352 -46.91 19.34 35.18
N HIS C 353 -46.73 20.41 34.42
CA HIS C 353 -45.94 21.51 34.86
C HIS C 353 -46.49 22.11 36.14
N ARG C 354 -47.80 22.22 36.24
CA ARG C 354 -48.38 22.85 37.41
C ARG C 354 -48.27 21.95 38.63
N GLU C 355 -48.19 20.65 38.41
CA GLU C 355 -48.11 19.78 39.56
C GLU C 355 -46.70 19.79 40.10
N VAL C 356 -45.74 19.81 39.19
CA VAL C 356 -44.35 19.65 39.56
C VAL C 356 -43.64 20.97 39.90
N VAL C 357 -43.88 21.98 39.10
CA VAL C 357 -43.22 23.25 39.28
C VAL C 357 -44.04 24.17 40.17
N GLY C 358 -45.35 24.03 40.13
CA GLY C 358 -46.15 24.71 41.12
C GLY C 358 -46.95 25.90 40.62
N ARG C 359 -46.56 26.47 39.48
CA ARG C 359 -47.23 27.65 38.96
C ARG C 359 -47.68 27.39 37.54
N PRO C 360 -48.61 28.18 37.03
CA PRO C 360 -48.92 28.12 35.62
C PRO C 360 -47.70 28.43 34.76
N THR C 361 -47.69 27.95 33.53
CA THR C 361 -46.59 28.24 32.63
C THR C 361 -46.63 29.70 32.22
N GLU C 362 -45.46 30.26 31.94
CA GLU C 362 -45.41 31.62 31.46
C GLU C 362 -45.11 31.62 29.97
N ARG C 363 -45.24 32.78 29.36
CA ARG C 363 -44.98 32.93 27.95
C ARG C 363 -43.48 32.89 27.73
N PRO C 364 -43.03 32.18 26.70
CA PRO C 364 -41.59 31.99 26.54
C PRO C 364 -40.86 33.27 26.17
N GLY C 365 -39.58 33.35 26.50
CA GLY C 365 -38.76 34.46 26.11
C GLY C 365 -38.58 34.43 24.62
N SER C 366 -38.61 35.59 24.01
CA SER C 366 -38.55 35.71 22.56
C SER C 366 -37.36 34.99 21.91
N PRO C 367 -36.18 35.01 22.53
CA PRO C 367 -35.10 34.30 21.85
C PRO C 367 -35.36 32.81 21.70
N GLU C 368 -36.10 32.24 22.63
CA GLU C 368 -36.38 30.82 22.53
C GLU C 368 -37.51 30.50 21.55
N CYS C 369 -38.21 31.53 21.07
CA CYS C 369 -39.21 31.36 20.02
C CYS C 369 -38.63 31.69 18.68
N SER C 370 -37.48 32.34 18.68
CA SER C 370 -36.97 32.97 17.48
C SER C 370 -35.70 32.36 16.97
N MET C 371 -35.52 31.07 17.18
CA MET C 371 -34.32 30.39 16.73
C MET C 371 -34.65 29.24 15.83
N TRP C 372 -33.70 28.34 15.65
CA TRP C 372 -33.99 27.07 15.04
C TRP C 372 -33.88 25.99 16.07
N ARG C 373 -34.99 25.29 16.29
CA ARG C 373 -34.97 24.08 17.09
C ARG C 373 -35.74 23.04 16.31
N ASP C 374 -35.62 21.79 16.70
CA ASP C 374 -36.15 20.75 15.84
C ASP C 374 -37.66 20.60 15.93
N THR C 375 -38.33 21.59 16.51
CA THR C 375 -39.78 21.61 16.47
C THR C 375 -40.22 21.86 15.06
N ASN C 376 -39.40 22.56 14.30
CA ASN C 376 -39.76 22.90 12.95
C ASN C 376 -39.95 21.70 12.02
N PRO C 377 -39.00 20.75 11.98
CA PRO C 377 -39.26 19.61 11.09
C PRO C 377 -40.51 18.82 11.45
N TYR C 378 -40.75 18.63 12.75
CA TYR C 378 -41.94 17.92 13.18
C TYR C 378 -43.19 18.63 12.69
N ASN C 379 -43.23 19.93 12.92
CA ASN C 379 -44.40 20.70 12.55
C ASN C 379 -44.56 20.73 11.04
N GLU C 380 -43.45 20.80 10.33
CA GLU C 380 -43.48 20.78 8.88
C GLU C 380 -44.18 19.51 8.41
N LEU C 381 -44.00 18.44 9.16
CA LEU C 381 -44.46 17.13 8.76
C LEU C 381 -45.73 16.68 9.46
N GLY C 382 -46.43 17.62 10.08
CA GLY C 382 -47.75 17.35 10.61
C GLY C 382 -47.77 16.71 11.98
N ILE C 383 -46.67 16.83 12.68
CA ILE C 383 -46.59 16.38 14.05
C ILE C 383 -46.50 17.57 14.98
N PRO C 384 -47.59 17.91 15.65
CA PRO C 384 -47.54 19.08 16.53
C PRO C 384 -46.44 18.99 17.57
N SER C 385 -45.64 20.05 17.68
CA SER C 385 -44.44 20.00 18.49
C SER C 385 -44.11 21.31 19.21
N LEU C 386 -43.71 21.20 20.47
CA LEU C 386 -43.27 22.33 21.27
C LEU C 386 -41.89 22.08 21.93
N THR C 387 -41.32 23.11 22.56
CA THR C 387 -40.06 22.97 23.26
C THR C 387 -40.22 23.24 24.73
N TYR C 388 -39.49 22.51 25.56
CA TYR C 388 -39.63 22.64 26.98
C TYR C 388 -38.43 22.01 27.64
N GLY C 389 -37.75 22.73 28.51
CA GLY C 389 -36.67 22.15 29.27
C GLY C 389 -36.37 23.04 30.44
N CYS C 390 -35.31 22.73 31.18
CA CYS C 390 -34.93 23.57 32.32
C CYS C 390 -33.79 24.51 31.97
N GLY C 391 -33.59 25.54 32.78
CA GLY C 391 -32.41 26.38 32.66
C GLY C 391 -32.40 27.42 31.55
N GLY C 392 -31.40 28.28 31.54
CA GLY C 392 -31.30 29.28 30.51
C GLY C 392 -30.67 28.73 29.26
N GLY C 393 -30.94 29.35 28.12
CA GLY C 393 -30.44 28.86 26.85
C GLY C 393 -28.94 29.03 26.71
N ALA C 394 -28.32 28.14 25.96
CA ALA C 394 -26.89 28.23 25.71
C ALA C 394 -26.54 29.43 24.85
N GLY C 395 -27.49 29.88 24.03
CA GLY C 395 -27.24 31.04 23.21
C GLY C 395 -27.16 32.26 24.09
N GLY C 396 -27.43 32.06 25.37
CA GLY C 396 -27.54 33.11 26.36
C GLY C 396 -26.32 33.89 26.81
N GLY C 397 -25.26 33.25 27.28
CA GLY C 397 -25.15 31.81 27.37
C GLY C 397 -25.09 31.30 28.80
N ASN C 398 -26.09 30.50 29.17
CA ASN C 398 -26.09 29.75 30.41
C ASN C 398 -25.03 28.67 30.32
N THR C 399 -24.41 28.32 31.43
CA THR C 399 -23.36 27.32 31.37
C THR C 399 -23.55 26.20 32.36
N TYR C 400 -24.69 26.17 33.06
CA TYR C 400 -24.97 25.08 33.98
C TYR C 400 -26.45 24.81 34.20
N PHE C 401 -26.73 23.64 34.74
CA PHE C 401 -28.08 23.27 35.15
C PHE C 401 -28.07 22.99 36.64
N LEU C 402 -29.16 23.27 37.34
CA LEU C 402 -29.32 22.78 38.69
C LEU C 402 -29.85 21.38 38.61
N VAL C 403 -29.26 20.46 39.35
CA VAL C 403 -29.72 19.09 39.28
C VAL C 403 -31.17 18.98 39.70
N ASP C 404 -31.57 19.79 40.68
CA ASP C 404 -32.94 19.80 41.14
C ASP C 404 -33.87 20.20 40.00
N ASP C 405 -33.43 21.10 39.15
CA ASP C 405 -34.23 21.50 37.99
C ASP C 405 -34.24 20.42 36.93
N MET C 406 -33.14 19.70 36.79
CA MET C 406 -33.12 18.66 35.79
C MET C 406 -34.09 17.57 36.18
N LEU C 407 -34.13 17.26 37.46
CA LEU C 407 -35.05 16.24 37.96
C LEU C 407 -36.49 16.68 37.77
N LYS C 408 -36.77 17.95 38.02
CA LYS C 408 -38.12 18.45 37.83
C LYS C 408 -38.52 18.24 36.40
N ALA C 409 -37.63 18.55 35.48
CA ALA C 409 -37.92 18.38 34.07
C ALA C 409 -38.23 16.92 33.72
N ALA C 410 -37.42 16.00 34.22
CA ALA C 410 -37.62 14.60 33.92
C ALA C 410 -38.97 14.13 34.42
N LYS C 411 -39.42 14.68 35.54
CA LYS C 411 -40.72 14.31 36.08
C LYS C 411 -41.82 14.82 35.18
N VAL C 412 -41.72 16.07 34.77
CA VAL C 412 -42.67 16.66 33.86
C VAL C 412 -42.74 15.88 32.56
N TYR C 413 -41.59 15.42 32.07
CA TYR C 413 -41.60 14.63 30.86
C TYR C 413 -42.42 13.38 31.08
N ALA C 414 -42.21 12.71 32.20
CA ALA C 414 -42.95 11.48 32.47
C ALA C 414 -44.45 11.70 32.63
N MET C 415 -44.83 12.70 33.40
CA MET C 415 -46.23 12.95 33.63
C MET C 415 -46.95 13.32 32.35
N THR C 416 -46.30 14.14 31.53
CA THR C 416 -46.82 14.51 30.23
C THR C 416 -47.11 13.27 29.42
N ALA C 417 -46.18 12.33 29.44
CA ALA C 417 -46.33 11.11 28.67
C ALA C 417 -47.49 10.27 29.19
N MET C 418 -47.60 10.16 30.51
CA MET C 418 -48.64 9.33 31.11
C MET C 418 -50.01 9.87 30.83
N ASP C 419 -50.13 11.19 30.72
CA ASP C 419 -51.38 11.81 30.32
C ASP C 419 -51.61 11.56 28.84
N LEU C 420 -50.77 12.17 28.02
CA LEU C 420 -50.97 12.20 26.58
C LEU C 420 -51.06 10.83 25.96
N CYS C 421 -50.18 9.92 26.36
CA CYS C 421 -50.17 8.61 25.71
C CYS C 421 -51.33 7.73 26.06
N ASN C 422 -52.23 8.21 26.89
CA ASN C 422 -53.39 7.42 27.25
C ASN C 422 -54.66 8.05 26.71
N ARG C 423 -54.49 9.07 25.89
CA ARG C 423 -55.58 9.67 25.15
C ARG C 423 -55.73 8.99 23.79
N THR C 424 -56.94 8.98 23.25
CA THR C 424 -57.18 8.39 21.94
C THR C 424 -56.93 9.39 20.81
N PRO C 425 -56.17 8.97 19.80
CA PRO C 425 -55.82 9.83 18.66
C PRO C 425 -57.02 10.21 17.81
N MET D 1 37.47 50.26 -19.77
CA MET D 1 36.38 50.91 -20.51
C MET D 1 35.78 49.97 -21.53
N ALA D 2 34.67 50.42 -22.11
CA ALA D 2 34.04 49.79 -23.25
C ALA D 2 34.98 49.83 -24.43
N GLY D 3 34.94 48.75 -25.20
CA GLY D 3 35.78 48.62 -26.37
C GLY D 3 35.33 49.61 -27.43
N SER D 4 36.27 50.00 -28.28
CA SER D 4 35.98 50.92 -29.35
C SER D 4 35.22 50.16 -30.40
N ASN D 5 36.00 49.33 -31.08
CA ASN D 5 35.59 48.52 -32.21
C ASN D 5 34.99 47.16 -31.90
N ASP D 6 34.92 46.77 -30.64
CA ASP D 6 34.38 45.46 -30.34
C ASP D 6 32.92 45.53 -30.02
N VAL D 7 32.42 46.74 -29.86
CA VAL D 7 31.02 46.94 -29.59
C VAL D 7 30.20 46.76 -30.84
N ALA D 8 30.66 47.36 -31.93
CA ALA D 8 29.91 47.27 -33.17
C ALA D 8 29.66 45.84 -33.58
N LYS D 9 30.64 44.98 -33.33
CA LYS D 9 30.50 43.56 -33.68
C LYS D 9 29.42 42.87 -32.85
N VAL D 10 29.41 43.14 -31.55
CA VAL D 10 28.45 42.56 -30.63
C VAL D 10 27.05 43.10 -30.92
N MET D 11 26.98 44.39 -31.22
CA MET D 11 25.71 45.00 -31.58
C MET D 11 25.12 44.34 -32.83
N LYS D 12 25.98 44.04 -33.79
CA LYS D 12 25.54 43.46 -35.04
C LYS D 12 24.96 42.10 -34.80
N THR D 13 25.62 41.35 -33.93
CA THR D 13 25.16 40.04 -33.55
C THR D 13 23.82 40.13 -32.87
N LEU D 14 23.63 41.14 -32.05
CA LEU D 14 22.35 41.29 -31.37
C LEU D 14 21.24 41.63 -32.34
N ASP D 15 21.56 42.36 -33.39
CA ASP D 15 20.56 42.64 -34.42
C ASP D 15 20.09 41.37 -35.11
N GLY D 16 20.96 40.37 -35.15
CA GLY D 16 20.64 39.15 -35.84
C GLY D 16 19.95 38.12 -34.98
N MET D 17 19.80 38.42 -33.69
CA MET D 17 19.21 37.47 -32.77
C MET D 17 17.82 37.91 -32.37
N ARG D 18 17.24 38.81 -33.15
CA ARG D 18 15.98 39.42 -32.74
C ARG D 18 14.83 38.43 -32.58
N GLU D 19 14.64 37.54 -33.55
CA GLU D 19 13.55 36.59 -33.45
C GLU D 19 13.85 35.53 -32.39
N GLY D 20 15.12 35.27 -32.16
CA GLY D 20 15.51 34.30 -31.14
C GLY D 20 15.19 34.89 -29.78
N LEU D 21 15.34 36.21 -29.68
CA LEU D 21 14.96 36.92 -28.48
C LEU D 21 13.46 36.82 -28.28
N ILE D 22 12.71 36.97 -29.35
CA ILE D 22 11.27 36.92 -29.25
C ILE D 22 10.77 35.54 -28.84
N GLN D 23 11.21 34.51 -29.53
CA GLN D 23 10.72 33.18 -29.23
C GLN D 23 11.05 32.79 -27.80
N THR D 24 12.22 33.17 -27.32
CA THR D 24 12.66 32.82 -26.00
C THR D 24 11.73 33.43 -24.97
N ALA D 25 11.32 34.67 -25.20
CA ALA D 25 10.41 35.32 -24.28
C ALA D 25 9.04 34.66 -24.33
N VAL D 26 8.58 34.34 -25.54
CA VAL D 26 7.25 33.79 -25.69
C VAL D 26 7.17 32.39 -25.11
N GLU D 27 8.17 31.56 -25.42
CA GLU D 27 8.22 30.23 -24.86
C GLU D 27 8.28 30.28 -23.35
N LEU D 28 9.05 31.23 -22.84
CA LEU D 28 9.26 31.34 -21.41
C LEU D 28 8.02 31.91 -20.75
N GLY D 29 7.41 32.91 -21.37
CA GLY D 29 6.22 33.52 -20.82
C GLY D 29 5.03 32.58 -20.83
N SER D 30 5.11 31.55 -21.68
CA SER D 30 4.04 30.61 -21.88
C SER D 30 3.93 29.54 -20.79
N ILE D 31 4.98 29.39 -20.02
CA ILE D 31 5.04 28.38 -19.00
C ILE D 31 4.25 28.77 -17.76
N GLU D 32 3.40 27.88 -17.29
CA GLU D 32 2.65 28.16 -16.09
C GLU D 32 3.62 28.12 -14.95
N ALA D 33 3.85 29.26 -14.33
CA ALA D 33 4.82 29.33 -13.25
C ALA D 33 4.57 30.44 -12.22
N PRO D 34 3.40 30.45 -11.57
CA PRO D 34 3.17 31.41 -10.49
C PRO D 34 4.02 31.10 -9.28
N THR D 35 4.21 32.06 -8.38
CA THR D 35 4.99 31.80 -7.17
C THR D 35 4.49 30.57 -6.46
N GLY D 36 5.35 29.59 -6.25
CA GLY D 36 4.96 28.34 -5.62
C GLY D 36 5.08 27.16 -6.58
N ARG D 37 5.14 27.46 -7.87
CA ARG D 37 5.23 26.44 -8.89
C ARG D 37 6.12 26.87 -10.05
N GLU D 38 7.24 27.51 -9.73
CA GLU D 38 8.17 27.97 -10.76
C GLU D 38 9.08 26.89 -11.28
N GLY D 39 8.91 25.67 -10.79
CA GLY D 39 9.77 24.57 -11.15
C GLY D 39 9.96 24.42 -12.63
N ALA D 40 8.87 24.38 -13.37
CA ALA D 40 8.95 24.17 -14.80
C ALA D 40 9.72 25.27 -15.50
N ALA D 41 9.53 26.50 -15.05
CA ALA D 41 10.24 27.62 -15.63
C ALA D 41 11.74 27.53 -15.38
N GLY D 42 12.12 27.09 -14.19
CA GLY D 42 13.52 26.88 -13.88
C GLY D 42 14.15 25.85 -14.79
N ASP D 43 13.41 24.76 -15.00
CA ASP D 43 13.86 23.69 -15.87
C ASP D 43 14.13 24.23 -17.25
N TYR D 44 13.27 25.09 -17.79
CA TYR D 44 13.49 25.66 -19.12
C TYR D 44 14.78 26.44 -19.17
N VAL D 45 14.97 27.32 -18.20
CA VAL D 45 16.14 28.16 -18.19
C VAL D 45 17.41 27.35 -18.02
N TYR D 46 17.36 26.32 -17.18
CA TYR D 46 18.52 25.48 -17.01
C TYR D 46 18.92 24.84 -18.34
N GLU D 47 18.01 24.25 -19.09
CA GLU D 47 18.41 23.59 -20.31
C GLU D 47 18.75 24.61 -21.39
N TRP D 48 18.20 25.83 -21.29
CA TRP D 48 18.57 26.91 -22.23
C TRP D 48 20.00 27.33 -22.00
N MET D 49 20.37 27.53 -20.75
CA MET D 49 21.73 27.91 -20.43
C MET D 49 22.69 26.80 -20.77
N ALA D 50 22.26 25.57 -20.56
CA ALA D 50 23.08 24.41 -20.83
C ALA D 50 23.40 24.31 -22.32
N ARG D 51 22.38 24.43 -23.16
CA ARG D 51 22.59 24.41 -24.61
C ARG D 51 23.56 25.49 -25.05
N ASN D 52 23.46 26.67 -24.45
CA ASN D 52 24.33 27.77 -24.84
C ASN D 52 25.64 27.80 -24.08
N GLY D 53 25.90 26.73 -23.33
CA GLY D 53 27.18 26.52 -22.69
C GLY D 53 27.53 27.47 -21.57
N PHE D 54 26.58 27.72 -20.69
CA PHE D 54 26.84 28.58 -19.56
C PHE D 54 26.99 27.76 -18.28
N GLY D 55 26.97 26.45 -18.43
CA GLY D 55 27.16 25.55 -17.31
C GLY D 55 26.38 25.87 -16.06
N PRO D 56 25.05 25.75 -16.14
CA PRO D 56 24.15 26.14 -15.07
C PRO D 56 24.17 25.16 -13.91
N GLU D 57 23.81 25.68 -12.75
CA GLU D 57 23.69 24.92 -11.53
C GLU D 57 22.29 25.16 -11.00
N ARG D 58 21.67 24.18 -10.38
CA ARG D 58 20.43 24.42 -9.69
C ARG D 58 20.75 24.68 -8.23
N VAL D 59 20.37 25.85 -7.74
CA VAL D 59 20.66 26.22 -6.38
C VAL D 59 19.35 26.53 -5.66
N GLY D 60 18.88 25.62 -4.83
CA GLY D 60 17.58 25.80 -4.21
C GLY D 60 17.32 25.08 -2.91
N VAL D 61 16.20 25.41 -2.28
CA VAL D 61 15.80 24.81 -1.01
C VAL D 61 14.96 23.57 -1.24
N PHE D 62 14.20 23.54 -2.33
CA PHE D 62 13.40 22.36 -2.70
C PHE D 62 13.77 21.92 -4.09
N ASP D 63 13.51 20.69 -4.45
CA ASP D 63 13.91 20.22 -5.76
C ASP D 63 12.99 20.72 -6.86
N ASP D 64 11.88 21.34 -6.50
CA ASP D 64 10.97 21.83 -7.52
C ASP D 64 10.78 23.31 -7.45
N ARG D 65 11.51 23.96 -6.56
CA ARG D 65 11.55 25.41 -6.51
C ARG D 65 12.98 25.82 -6.27
N PHE D 66 13.65 26.25 -7.32
CA PHE D 66 15.07 26.47 -7.24
C PHE D 66 15.50 27.65 -8.09
N ASN D 67 16.72 28.12 -7.86
CA ASN D 67 17.32 29.16 -8.68
C ASN D 67 18.24 28.54 -9.70
N VAL D 68 18.47 29.22 -10.80
CA VAL D 68 19.37 28.69 -11.81
C VAL D 68 20.55 29.64 -12.01
N VAL D 69 21.76 29.16 -11.80
CA VAL D 69 22.90 30.04 -11.88
C VAL D 69 23.94 29.54 -12.87
N GLY D 70 24.25 30.35 -13.88
CA GLY D 70 25.31 29.99 -14.78
C GLY D 70 26.30 31.11 -14.93
N ARG D 71 27.39 30.87 -15.63
CA ARG D 71 28.43 31.87 -15.80
C ARG D 71 28.91 31.96 -17.22
N LEU D 72 29.39 33.14 -17.59
CA LEU D 72 30.17 33.34 -18.79
C LEU D 72 31.52 33.80 -18.31
N ARG D 73 32.51 32.90 -18.29
CA ARG D 73 33.74 33.18 -17.58
C ARG D 73 34.73 34.01 -18.38
N GLY D 74 35.44 34.88 -17.65
CA GLY D 74 36.34 35.83 -18.26
C GLY D 74 37.76 35.34 -18.21
N THR D 75 38.63 36.07 -18.92
CA THR D 75 40.03 35.75 -19.07
C THR D 75 40.82 35.89 -17.78
N GLY D 76 40.34 36.76 -16.90
CA GLY D 76 40.98 36.98 -15.61
C GLY D 76 41.22 38.44 -15.30
N GLY D 77 40.98 38.81 -14.05
CA GLY D 77 41.37 40.11 -13.55
C GLY D 77 40.36 41.22 -13.68
N GLY D 78 39.10 40.88 -13.89
CA GLY D 78 38.08 41.89 -14.05
C GLY D 78 37.01 41.82 -12.99
N ALA D 79 36.10 42.77 -13.01
CA ALA D 79 34.98 42.79 -12.09
C ALA D 79 33.87 41.86 -12.53
N SER D 80 33.16 41.26 -11.59
CA SER D 80 32.07 40.36 -11.90
C SER D 80 30.78 41.13 -12.02
N LEU D 81 29.95 40.79 -12.99
CA LEU D 81 28.65 41.40 -13.06
C LEU D 81 27.58 40.33 -13.10
N SER D 82 26.61 40.44 -12.21
CA SER D 82 25.45 39.55 -12.25
C SER D 82 24.34 40.18 -13.08
N PHE D 83 23.62 39.36 -13.81
CA PHE D 83 22.35 39.77 -14.38
C PHE D 83 21.25 38.97 -13.72
N ASN D 84 20.20 39.63 -13.25
CA ASN D 84 19.20 38.96 -12.43
C ASN D 84 17.74 39.22 -12.77
N SER D 85 16.98 38.16 -12.94
CA SER D 85 15.54 38.27 -13.04
C SER D 85 14.88 37.09 -12.37
N HIS D 86 13.58 37.16 -12.12
CA HIS D 86 12.93 36.10 -11.36
C HIS D 86 12.00 35.24 -12.20
N LEU D 87 11.88 33.99 -11.78
CA LEU D 87 11.16 32.96 -12.53
C LEU D 87 9.66 32.91 -12.30
N ASP D 88 9.19 33.44 -11.17
CA ASP D 88 7.78 33.39 -10.84
C ASP D 88 6.99 34.52 -11.48
N THR D 89 5.68 34.32 -11.58
CA THR D 89 4.77 35.31 -12.11
C THR D 89 3.71 35.58 -11.07
N ILE D 90 2.92 36.62 -11.27
CA ILE D 90 2.02 37.08 -10.22
C ILE D 90 0.76 36.23 -10.03
N MET D 91 0.00 36.03 -11.09
CA MET D 91 -1.29 35.36 -10.99
C MET D 91 -1.26 33.85 -11.16
N ALA D 92 -1.87 33.14 -10.22
CA ALA D 92 -2.14 31.72 -10.39
C ALA D 92 -3.60 31.51 -10.81
N ARG D 93 -3.87 30.47 -11.57
CA ARG D 93 -5.24 30.24 -12.04
C ARG D 93 -6.14 29.92 -10.86
N GLU D 94 -5.52 29.43 -9.80
CA GLU D 94 -6.15 29.16 -8.52
C GLU D 94 -6.83 30.37 -7.87
N ASP D 95 -6.28 31.56 -8.09
CA ASP D 95 -6.60 32.74 -7.29
C ASP D 95 -7.87 33.51 -7.62
N THR D 96 -9.03 32.97 -7.28
CA THR D 96 -10.29 33.68 -7.49
C THR D 96 -10.61 34.58 -6.31
N ALA D 97 -9.75 34.54 -5.29
CA ALA D 97 -9.98 35.25 -4.05
C ALA D 97 -9.41 36.67 -4.08
N ARG D 98 -8.60 37.00 -5.09
CA ARG D 98 -8.07 38.36 -5.21
C ARG D 98 -8.34 39.01 -6.54
N PHE D 99 -8.74 38.22 -7.54
CA PHE D 99 -9.04 38.79 -8.84
C PHE D 99 -10.44 38.43 -9.28
N ALA D 100 -11.07 39.35 -10.00
CA ALA D 100 -12.45 39.18 -10.44
C ALA D 100 -12.54 38.08 -11.48
N ASP D 101 -11.57 38.01 -12.37
CA ASP D 101 -11.54 36.88 -13.27
C ASP D 101 -10.15 36.27 -13.27
N ALA D 102 -9.88 35.35 -12.35
CA ALA D 102 -8.55 34.77 -12.19
C ALA D 102 -7.98 34.14 -13.46
N ASN D 103 -8.87 33.67 -14.34
CA ASN D 103 -8.48 33.02 -15.58
C ASN D 103 -8.69 33.95 -16.77
N ASP D 104 -7.96 35.05 -16.83
CA ASP D 104 -8.10 35.89 -17.99
C ASP D 104 -7.24 35.27 -19.09
N ARG D 105 -6.22 35.97 -19.54
CA ARG D 105 -5.34 35.44 -20.59
C ARG D 105 -4.06 36.16 -20.43
N ILE D 106 -4.21 37.43 -20.17
CA ILE D 106 -3.10 38.32 -19.98
C ILE D 106 -2.37 37.89 -18.70
N TYR D 107 -3.10 37.21 -17.81
CA TYR D 107 -2.54 36.77 -16.55
C TYR D 107 -1.63 35.55 -16.68
N HIS D 108 -1.82 34.75 -17.72
CA HIS D 108 -1.14 33.47 -17.75
C HIS D 108 -0.39 33.13 -18.99
N GLU D 109 -0.74 33.76 -20.10
CA GLU D 109 -0.17 33.37 -21.38
C GLU D 109 0.73 34.44 -21.97
N ALA D 110 1.33 34.17 -23.13
CA ALA D 110 2.26 35.11 -23.74
C ALA D 110 2.38 34.88 -25.21
N TRP D 111 2.20 35.93 -26.01
CA TRP D 111 2.19 35.80 -27.47
C TRP D 111 2.73 37.00 -28.22
N HIS D 112 3.26 36.77 -29.41
CA HIS D 112 3.79 37.84 -30.24
C HIS D 112 2.87 38.33 -31.35
N GLU D 113 2.04 39.32 -31.05
CA GLU D 113 1.18 39.94 -32.05
C GLU D 113 1.56 41.41 -32.26
N GLU D 114 1.99 41.75 -33.49
CA GLU D 114 2.26 43.13 -33.97
C GLU D 114 3.69 43.63 -33.84
N GLY D 115 4.50 42.98 -33.04
CA GLY D 115 5.84 43.48 -32.81
C GLY D 115 5.79 43.91 -31.37
N ARG D 116 4.71 43.51 -30.71
CA ARG D 116 4.60 43.62 -29.27
C ARG D 116 4.64 42.21 -28.70
N ILE D 117 4.89 42.10 -27.42
CA ILE D 117 4.71 40.85 -26.74
C ILE D 117 3.82 41.09 -25.55
N TYR D 118 2.68 40.41 -25.51
CA TYR D 118 1.73 40.66 -24.46
C TYR D 118 1.88 39.63 -23.36
N GLY D 119 1.41 39.97 -22.17
CA GLY D 119 1.41 39.02 -21.07
C GLY D 119 2.10 39.56 -19.85
N TYR D 120 1.42 39.48 -18.71
CA TYR D 120 2.02 39.84 -17.45
C TYR D 120 3.28 39.00 -17.20
N SER D 121 3.28 37.76 -17.64
CA SER D 121 4.45 36.91 -17.46
C SER D 121 5.65 37.44 -18.21
N VAL D 122 5.41 38.32 -19.17
CA VAL D 122 6.51 38.88 -19.95
C VAL D 122 7.00 40.17 -19.32
N VAL D 123 6.08 41.01 -18.88
CA VAL D 123 6.44 42.22 -18.16
C VAL D 123 7.14 41.88 -16.87
N ASN D 124 6.64 40.83 -16.23
CA ASN D 124 7.08 40.46 -14.92
C ASN D 124 7.08 38.94 -14.80
N CYS D 125 8.17 38.29 -15.17
CA CYS D 125 9.41 38.94 -15.54
C CYS D 125 10.25 38.17 -16.54
N LYS D 126 9.72 37.81 -17.70
CA LYS D 126 10.44 36.85 -18.52
C LYS D 126 10.94 37.63 -19.71
N GLY D 127 10.34 38.80 -19.91
CA GLY D 127 10.77 39.70 -20.95
C GLY D 127 12.18 40.16 -20.70
N PRO D 128 12.41 40.83 -19.57
CA PRO D 128 13.78 41.22 -19.23
C PRO D 128 14.74 40.02 -19.07
N MET D 129 14.25 38.90 -18.57
CA MET D 129 15.10 37.73 -18.43
C MET D 129 15.62 37.30 -19.79
N ALA D 130 14.74 37.30 -20.78
CA ALA D 130 15.16 36.91 -22.11
C ALA D 130 16.21 37.86 -22.64
N CYS D 131 16.07 39.14 -22.27
CA CYS D 131 16.96 40.17 -22.77
C CYS D 131 18.40 39.89 -22.41
N TRP D 132 18.66 39.58 -21.16
CA TRP D 132 20.05 39.39 -20.81
C TRP D 132 20.53 38.01 -21.14
N LEU D 133 19.62 37.06 -21.27
CA LEU D 133 19.99 35.75 -21.77
C LEU D 133 20.52 35.90 -23.17
N ILE D 134 19.82 36.67 -23.98
CA ILE D 134 20.24 36.93 -25.34
C ILE D 134 21.53 37.76 -25.37
N ALA D 135 21.59 38.79 -24.54
CA ALA D 135 22.80 39.59 -24.44
C ALA D 135 24.01 38.74 -24.09
N ALA D 136 23.84 37.81 -23.16
CA ALA D 136 24.93 36.91 -22.80
C ALA D 136 25.29 36.00 -23.96
N LYS D 137 24.30 35.52 -24.68
CA LYS D 137 24.55 34.67 -25.84
C LYS D 137 25.35 35.44 -26.87
N ALA D 138 25.00 36.70 -27.07
CA ALA D 138 25.70 37.53 -28.05
C ALA D 138 27.15 37.75 -27.66
N LEU D 139 27.38 38.14 -26.41
CA LEU D 139 28.72 38.35 -25.92
C LEU D 139 29.56 37.12 -26.15
N LYS D 140 28.99 35.97 -25.86
CA LYS D 140 29.73 34.72 -25.98
C LYS D 140 30.06 34.38 -27.41
N GLU D 141 29.09 34.53 -28.31
CA GLU D 141 29.27 34.08 -29.68
C GLU D 141 30.06 35.08 -30.49
N ALA D 142 30.09 36.33 -30.02
CA ALA D 142 30.90 37.36 -30.67
C ALA D 142 32.34 37.37 -30.15
N GLY D 143 32.63 36.49 -29.20
CA GLY D 143 33.96 36.38 -28.62
C GLY D 143 34.42 37.65 -27.96
N ALA D 144 33.50 38.35 -27.33
CA ALA D 144 33.84 39.59 -26.69
C ALA D 144 34.88 39.33 -25.63
N ALA D 145 35.82 40.25 -25.49
CA ALA D 145 36.85 40.12 -24.50
C ALA D 145 36.34 40.65 -23.18
N LEU D 146 36.29 39.78 -22.18
CA LEU D 146 35.88 40.18 -20.85
C LEU D 146 36.83 39.61 -19.84
N LYS D 147 37.39 40.46 -18.98
CA LYS D 147 38.33 40.01 -17.96
C LYS D 147 37.57 39.40 -16.81
N GLY D 148 36.42 39.97 -16.50
CA GLY D 148 35.60 39.49 -15.40
C GLY D 148 34.47 38.57 -15.83
N ASP D 149 33.97 37.80 -14.88
CA ASP D 149 32.88 36.90 -15.13
C ASP D 149 31.56 37.64 -15.28
N VAL D 150 30.69 37.12 -16.13
CA VAL D 150 29.29 37.54 -16.12
C VAL D 150 28.46 36.45 -15.49
N VAL D 151 27.81 36.76 -14.38
CA VAL D 151 27.04 35.76 -13.68
C VAL D 151 25.57 35.86 -14.02
N LEU D 152 25.01 34.75 -14.47
CA LEU D 152 23.63 34.71 -14.91
C LEU D 152 22.75 34.06 -13.86
N THR D 153 21.94 34.86 -13.20
CA THR D 153 21.17 34.40 -12.05
C THR D 153 19.68 34.54 -12.22
N ALA D 154 19.00 33.43 -12.45
CA ALA D 154 17.54 33.41 -12.52
C ALA D 154 16.95 32.85 -11.23
N VAL D 155 16.20 33.66 -10.53
CA VAL D 155 15.77 33.30 -9.19
C VAL D 155 14.30 32.92 -9.09
N CYS D 156 13.96 32.21 -8.03
CA CYS D 156 12.58 31.94 -7.77
C CYS D 156 12.08 32.82 -6.63
N GLY D 157 10.78 32.75 -6.38
CA GLY D 157 10.17 33.43 -5.26
C GLY D 157 10.53 34.87 -5.01
N GLU D 158 10.47 35.74 -6.03
CA GLU D 158 10.72 37.16 -5.80
C GLU D 158 9.47 37.87 -5.29
N ILE D 159 8.31 37.45 -5.76
CA ILE D 159 7.07 38.13 -5.47
C ILE D 159 6.68 37.96 -4.00
N ASP D 160 6.11 38.99 -3.42
CA ASP D 160 6.03 39.12 -1.97
C ASP D 160 5.07 38.18 -1.27
N CYS D 161 4.91 36.98 -1.79
CA CYS D 161 4.13 35.97 -1.09
C CYS D 161 4.89 35.65 0.17
N GLU D 162 4.19 35.50 1.27
CA GLU D 162 4.83 35.10 2.51
C GLU D 162 3.91 34.18 3.26
N PRO D 163 4.47 33.22 4.00
CA PRO D 163 3.67 32.39 4.89
C PRO D 163 3.15 33.15 6.08
N VAL D 164 2.04 32.67 6.64
CA VAL D 164 1.43 33.23 7.84
C VAL D 164 0.42 32.25 8.41
N ASP D 165 0.30 32.23 9.73
CA ASP D 165 -0.67 31.38 10.41
C ASP D 165 -0.55 29.90 10.03
N GLU D 166 -1.60 29.34 9.44
CA GLU D 166 -1.61 27.91 9.16
C GLU D 166 -1.05 27.62 7.78
N PHE D 167 -0.60 28.66 7.10
CA PHE D 167 -0.04 28.52 5.77
C PHE D 167 1.47 28.52 5.87
N GLN D 168 2.06 27.36 5.96
CA GLN D 168 3.48 27.25 6.25
C GLN D 168 4.24 26.37 5.23
N GLY D 169 5.54 26.57 5.13
CA GLY D 169 6.39 25.69 4.37
C GLY D 169 6.39 25.85 2.87
N HIS D 170 6.81 24.78 2.19
CA HIS D 170 7.04 24.74 0.75
C HIS D 170 6.08 25.53 -0.11
N ASP D 171 4.79 25.39 0.12
CA ASP D 171 3.79 25.98 -0.77
C ASP D 171 3.68 27.51 -0.69
N TYR D 172 4.17 28.11 0.37
CA TYR D 172 3.88 29.52 0.64
C TYR D 172 5.08 30.43 0.78
N LEU D 173 6.28 29.87 0.80
CA LEU D 173 7.52 30.65 0.85
C LEU D 173 7.84 31.33 -0.45
N ALA D 174 8.62 32.41 -0.39
CA ALA D 174 9.07 33.07 -1.61
C ALA D 174 10.48 33.58 -1.50
N GLU D 175 10.65 34.75 -0.92
CA GLU D 175 11.92 35.45 -1.03
C GLU D 175 13.01 34.82 -0.18
N ASP D 176 12.65 34.08 0.85
CA ASP D 176 13.66 33.45 1.69
C ASP D 176 14.39 32.36 0.98
N ILE D 177 13.80 31.82 -0.07
CA ILE D 177 14.42 30.72 -0.80
C ILE D 177 14.83 31.16 -2.18
N GLY D 178 14.75 32.45 -2.44
CA GLY D 178 15.08 32.99 -3.74
C GLY D 178 16.46 33.60 -3.84
N ALA D 179 16.56 34.80 -4.39
CA ALA D 179 17.83 35.43 -4.65
C ALA D 179 18.78 35.39 -3.47
N ARG D 180 18.31 35.74 -2.29
CA ARG D 180 19.25 35.82 -1.19
C ARG D 180 19.85 34.46 -0.91
N TYR D 181 19.09 33.39 -1.17
CA TYR D 181 19.61 32.04 -0.97
C TYR D 181 20.66 31.74 -2.01
N ALA D 182 20.36 32.09 -3.25
CA ALA D 182 21.29 31.87 -4.33
C ALA D 182 22.60 32.61 -4.07
N ILE D 183 22.52 33.87 -3.68
CA ILE D 183 23.73 34.65 -3.49
C ILE D 183 24.54 34.08 -2.34
N SER D 184 23.85 33.71 -1.27
CA SER D 184 24.51 33.13 -0.12
C SER D 184 25.15 31.78 -0.40
N HIS D 185 24.82 31.15 -1.52
CA HIS D 185 25.35 29.84 -1.81
C HIS D 185 26.11 29.81 -3.11
N GLY D 186 26.72 30.95 -3.44
CA GLY D 186 27.66 30.99 -4.53
C GLY D 186 27.49 32.09 -5.55
N ALA D 187 26.27 32.55 -5.74
CA ALA D 187 26.01 33.46 -6.83
C ALA D 187 26.51 34.86 -6.52
N ILE D 188 27.74 34.96 -6.06
CA ILE D 188 28.28 36.26 -5.71
C ILE D 188 29.07 36.83 -6.87
N SER D 189 29.21 38.15 -6.86
CA SER D 189 29.86 38.91 -7.92
C SER D 189 30.17 40.31 -7.38
N ASP D 190 30.88 41.12 -8.16
CA ASP D 190 31.25 42.44 -7.68
C ASP D 190 30.07 43.42 -7.73
N TYR D 191 29.33 43.38 -8.82
CA TYR D 191 28.18 44.26 -9.01
C TYR D 191 27.01 43.43 -9.54
N ALA D 192 25.80 43.99 -9.47
CA ALA D 192 24.63 43.26 -9.93
C ALA D 192 23.60 44.15 -10.57
N LEU D 193 23.14 43.78 -11.75
CA LEU D 193 22.09 44.49 -12.42
C LEU D 193 20.83 43.64 -12.41
N VAL D 194 19.78 44.12 -11.75
CA VAL D 194 18.52 43.41 -11.72
C VAL D 194 17.63 43.83 -12.88
N ALA D 195 17.35 42.92 -13.78
CA ALA D 195 16.55 43.25 -14.96
C ALA D 195 15.07 43.05 -14.67
N GLU D 196 14.41 44.14 -14.33
CA GLU D 196 12.97 44.16 -14.19
C GLU D 196 12.53 45.37 -14.97
N ALA D 197 11.23 45.60 -15.10
CA ALA D 197 10.74 46.73 -15.89
C ALA D 197 10.77 48.02 -15.08
N THR D 198 11.73 48.89 -15.37
CA THR D 198 11.66 50.30 -15.04
C THR D 198 11.53 50.85 -16.43
N ASN D 199 11.38 52.14 -16.66
CA ASN D 199 11.51 52.47 -18.07
C ASN D 199 12.84 53.13 -18.47
N PHE D 200 13.86 52.30 -18.65
CA PHE D 200 15.19 52.77 -18.95
C PHE D 200 15.55 53.86 -17.95
N LYS D 201 15.04 53.69 -16.75
CA LYS D 201 15.41 54.57 -15.66
C LYS D 201 16.02 53.72 -14.58
N PRO D 202 17.29 53.99 -14.26
CA PRO D 202 17.98 53.23 -13.24
C PRO D 202 17.47 53.58 -11.84
N ALA D 203 17.28 52.56 -11.01
CA ALA D 203 16.94 52.80 -9.63
C ALA D 203 17.87 52.00 -8.77
N TRP D 204 18.39 52.61 -7.70
CA TRP D 204 19.23 51.86 -6.75
C TRP D 204 18.88 52.21 -5.33
N VAL D 205 17.63 52.55 -5.12
CA VAL D 205 17.04 52.51 -3.79
C VAL D 205 15.81 51.65 -3.94
N GLU D 206 15.44 50.98 -2.87
CA GLU D 206 14.26 50.16 -2.88
C GLU D 206 13.71 50.16 -1.48
N ALA D 207 12.46 49.73 -1.34
CA ALA D 207 11.82 49.78 -0.05
C ALA D 207 11.92 48.46 0.70
N GLY D 208 11.85 48.56 2.02
CA GLY D 208 11.72 47.41 2.85
C GLY D 208 10.24 47.18 2.96
N LYS D 209 9.81 46.46 4.00
CA LYS D 209 8.40 46.19 4.23
C LYS D 209 8.21 45.53 5.57
N VAL D 210 7.10 45.81 6.23
CA VAL D 210 6.69 45.03 7.39
C VAL D 210 5.23 44.63 7.20
N PHE D 211 4.93 43.37 7.43
CA PHE D 211 3.55 42.88 7.34
C PHE D 211 2.98 42.72 8.74
N LEU D 212 1.83 43.32 8.98
CA LEU D 212 1.20 43.25 10.30
C LEU D 212 -0.09 42.49 10.27
N LYS D 213 -0.28 41.61 11.25
CA LYS D 213 -1.57 40.97 11.44
C LYS D 213 -2.26 41.67 12.58
N VAL D 214 -3.36 42.31 12.28
CA VAL D 214 -4.10 43.03 13.28
C VAL D 214 -5.38 42.30 13.63
N THR D 215 -5.45 41.81 14.85
CA THR D 215 -6.61 41.10 15.31
C THR D 215 -7.35 41.93 16.34
N VAL D 216 -8.61 42.24 16.07
CA VAL D 216 -9.44 42.98 16.99
C VAL D 216 -10.32 42.06 17.81
N PHE D 217 -10.41 42.30 19.11
CA PHE D 217 -11.21 41.47 20.01
C PHE D 217 -12.50 42.12 20.50
N ALA D 218 -13.50 41.28 20.70
CA ALA D 218 -14.81 41.74 21.16
C ALA D 218 -15.45 40.67 22.00
N GLY D 219 -16.65 40.28 21.61
CA GLY D 219 -17.40 39.29 22.36
C GLY D 219 -18.30 39.93 23.39
N PRO D 220 -19.07 39.12 24.13
CA PRO D 220 -19.13 37.66 24.15
C PRO D 220 -19.93 37.07 23.00
N SER D 221 -19.55 35.87 22.57
CA SER D 221 -20.27 35.20 21.51
C SER D 221 -21.73 35.03 21.87
N ARG D 222 -22.62 35.28 20.93
CA ARG D 222 -24.04 35.06 21.12
C ARG D 222 -24.67 34.42 19.91
N TYR D 223 -25.53 33.44 20.15
CA TYR D 223 -26.38 32.88 19.12
C TYR D 223 -27.23 34.00 18.55
N THR D 224 -27.37 34.04 17.24
CA THR D 224 -28.01 35.16 16.55
C THR D 224 -29.35 35.58 17.16
N PRO D 225 -30.20 34.64 17.60
CA PRO D 225 -31.44 35.09 18.24
C PRO D 225 -31.24 35.84 19.55
N TYR D 226 -30.00 35.99 19.99
CA TYR D 226 -29.72 36.66 21.25
C TYR D 226 -28.86 37.90 21.11
N VAL D 227 -28.46 38.24 19.90
CA VAL D 227 -27.54 39.37 19.70
C VAL D 227 -28.16 40.68 20.15
N PRO D 228 -27.44 41.46 20.95
CA PRO D 228 -27.92 42.74 21.48
C PRO D 228 -27.97 43.86 20.44
N ARG D 229 -29.11 44.52 20.32
CA ARG D 229 -29.22 45.69 19.46
C ARG D 229 -30.11 46.75 20.10
N PRO D 230 -29.85 48.03 19.79
CA PRO D 230 -28.77 48.55 18.95
C PRO D 230 -27.54 48.88 19.79
N VAL D 231 -26.38 48.81 19.18
CA VAL D 231 -25.15 49.09 19.89
C VAL D 231 -24.23 49.92 19.01
N ALA D 232 -23.51 50.87 19.60
CA ALA D 232 -22.52 51.62 18.83
C ALA D 232 -21.47 50.67 18.27
N ALA D 233 -21.11 50.89 17.01
CA ALA D 233 -20.19 50.00 16.31
C ALA D 233 -18.99 49.62 17.15
N LEU D 234 -18.32 50.60 17.70
CA LEU D 234 -17.11 50.34 18.48
C LEU D 234 -17.38 49.55 19.74
N ASP D 235 -18.65 49.30 20.04
CA ASP D 235 -19.00 48.54 21.24
C ASP D 235 -19.59 47.19 20.91
N SER D 236 -19.75 46.92 19.61
CA SER D 236 -20.37 45.68 19.15
C SER D 236 -19.68 44.44 19.67
N PRO D 237 -20.45 43.39 19.96
CA PRO D 237 -19.85 42.14 20.36
C PRO D 237 -19.29 41.44 19.14
N ASN D 238 -19.67 41.92 17.96
CA ASN D 238 -19.18 41.35 16.74
C ASN D 238 -17.88 42.03 16.30
N ALA D 239 -16.79 41.29 16.36
CA ALA D 239 -15.48 41.81 16.05
C ALA D 239 -15.41 42.27 14.61
N ILE D 240 -16.29 41.73 13.78
CA ILE D 240 -16.33 42.14 12.39
C ILE D 240 -16.77 43.57 12.31
N VAL D 241 -17.74 43.91 13.13
CA VAL D 241 -18.26 45.24 13.12
C VAL D 241 -17.23 46.22 13.62
N ARG D 242 -16.57 45.91 14.72
CA ARG D 242 -15.56 46.82 15.23
C ARG D 242 -14.45 47.04 14.19
N MET D 243 -14.03 45.97 13.53
CA MET D 243 -12.96 46.02 12.55
C MET D 243 -13.31 46.94 11.42
N ALA D 244 -14.57 46.93 11.05
CA ALA D 244 -15.03 47.77 9.97
C ALA D 244 -14.73 49.21 10.33
N LYS D 245 -14.84 49.54 11.62
CA LYS D 245 -14.52 50.87 12.07
C LYS D 245 -13.01 51.10 12.10
N LEU D 246 -12.26 50.08 12.50
CA LEU D 246 -10.82 50.21 12.53
C LEU D 246 -10.27 50.35 11.14
N VAL D 247 -10.92 49.72 10.17
CA VAL D 247 -10.43 49.78 8.80
C VAL D 247 -10.40 51.18 8.22
N GLU D 248 -11.44 51.98 8.45
CA GLU D 248 -11.39 53.35 7.91
C GLU D 248 -10.45 54.23 8.74
N ALA D 249 -10.20 53.91 10.00
CA ALA D 249 -9.23 54.70 10.73
C ALA D 249 -7.87 54.38 10.20
N LEU D 250 -7.61 53.14 9.82
CA LEU D 250 -6.30 52.75 9.30
C LEU D 250 -6.07 53.26 7.89
N GLU D 251 -7.14 53.38 7.12
CA GLU D 251 -7.01 53.95 5.79
C GLU D 251 -6.64 55.42 5.91
N GLU D 252 -7.14 56.10 6.93
CA GLU D 252 -6.79 57.50 7.08
C GLU D 252 -5.33 57.65 7.46
N TRP D 253 -4.86 56.78 8.34
CA TRP D 253 -3.48 56.78 8.76
C TRP D 253 -2.57 56.54 7.59
N ALA D 254 -3.04 55.71 6.67
CA ALA D 254 -2.28 55.32 5.50
C ALA D 254 -2.11 56.45 4.50
N ASP D 255 -3.15 57.27 4.33
CA ASP D 255 -3.09 58.39 3.40
C ASP D 255 -1.95 59.29 3.81
N ASN D 256 -1.75 59.41 5.11
CA ASN D 256 -0.73 60.28 5.67
C ASN D 256 0.61 59.59 5.87
N TYR D 257 0.58 58.28 6.10
CA TYR D 257 1.82 57.55 6.24
C TYR D 257 2.69 57.77 5.04
N GLU D 258 2.13 57.60 3.85
CA GLU D 258 2.96 57.66 2.67
C GLU D 258 3.56 59.03 2.50
N LYS D 259 2.86 60.05 2.93
CA LYS D 259 3.36 61.38 2.76
C LYS D 259 4.41 61.69 3.78
N ARG D 260 4.18 61.30 5.02
CA ARG D 260 5.11 61.57 6.12
C ARG D 260 6.44 60.87 5.94
N TYR D 261 6.43 59.72 5.29
CA TYR D 261 7.65 58.95 5.22
C TYR D 261 8.24 58.95 3.84
N THR D 262 7.77 59.87 3.00
CA THR D 262 8.42 60.08 1.72
C THR D 262 9.83 60.62 1.99
N ARG D 263 10.80 60.12 1.24
CA ARG D 263 12.19 60.45 1.46
C ARG D 263 12.96 60.33 0.17
N GLU D 264 13.82 61.30 -0.10
CA GLU D 264 14.53 61.35 -1.37
C GLU D 264 15.95 60.85 -1.20
N TYR D 265 16.34 59.93 -2.06
CA TYR D 265 17.67 59.34 -2.05
C TYR D 265 18.29 59.59 -3.39
N GLY D 266 19.59 59.40 -3.51
CA GLY D 266 20.21 59.58 -4.79
C GLY D 266 19.67 58.58 -5.77
N GLY D 267 19.33 57.40 -5.27
CA GLY D 267 18.88 56.31 -6.11
C GLY D 267 17.42 56.36 -6.49
N GLY D 268 16.69 57.30 -5.92
CA GLY D 268 15.30 57.51 -6.28
C GLY D 268 14.55 58.03 -5.09
N THR D 269 13.34 58.53 -5.30
CA THR D 269 12.51 59.03 -4.21
C THR D 269 11.58 57.96 -3.76
N VAL D 270 11.60 57.67 -2.47
CA VAL D 270 10.80 56.59 -1.95
C VAL D 270 9.49 57.09 -1.36
N VAL D 271 8.40 56.60 -1.92
CA VAL D 271 7.08 56.88 -1.40
C VAL D 271 6.51 55.60 -0.86
N PRO D 272 6.64 55.37 0.44
CA PRO D 272 6.25 54.08 1.01
C PRO D 272 4.75 53.99 1.27
N LYS D 273 4.07 53.03 0.64
CA LYS D 273 2.62 52.97 0.72
C LYS D 273 2.07 51.86 1.61
N VAL D 274 0.76 51.88 1.84
CA VAL D 274 0.08 50.93 2.71
C VAL D 274 -1.16 50.38 2.07
N ALA D 275 -1.37 49.07 2.18
CA ALA D 275 -2.60 48.47 1.70
C ALA D 275 -3.06 47.37 2.65
N ILE D 276 -4.36 47.20 2.79
CA ILE D 276 -4.88 46.07 3.52
C ILE D 276 -5.14 44.93 2.55
N GLY D 277 -4.38 43.86 2.64
CA GLY D 277 -4.39 42.86 1.58
C GLY D 277 -5.34 41.71 1.79
N ALA D 278 -5.76 41.50 3.04
CA ALA D 278 -6.66 40.41 3.38
C ALA D 278 -7.37 40.63 4.71
N ILE D 279 -8.56 40.07 4.83
CA ILE D 279 -9.32 40.09 6.06
C ILE D 279 -9.95 38.76 6.24
N ARG D 280 -10.11 38.33 7.48
CA ARG D 280 -10.97 37.19 7.75
C ARG D 280 -11.38 37.13 9.20
N GLY D 281 -12.55 36.55 9.42
CA GLY D 281 -13.02 36.13 10.72
C GLY D 281 -14.48 35.87 10.52
N GLY D 282 -15.07 34.85 11.11
CA GLY D 282 -14.40 33.66 11.54
C GLY D 282 -14.53 32.76 10.33
N VAL D 283 -15.37 31.75 10.41
CA VAL D 283 -15.47 30.81 9.30
C VAL D 283 -16.83 30.79 8.62
N PRO D 284 -16.86 30.66 7.28
CA PRO D 284 -18.07 30.70 6.45
C PRO D 284 -19.02 29.53 6.64
N TYR D 285 -18.58 28.44 7.24
CA TYR D 285 -19.42 27.26 7.37
C TYR D 285 -20.01 27.10 8.76
N LYS D 286 -19.80 28.11 9.59
CA LYS D 286 -20.37 28.19 10.94
C LYS D 286 -20.71 29.61 11.31
N ILE D 287 -21.76 30.18 10.73
CA ILE D 287 -22.03 31.59 10.91
C ILE D 287 -23.15 31.93 11.89
N TYR D 288 -23.65 30.96 12.63
CA TYR D 288 -24.77 31.23 13.53
C TYR D 288 -24.40 31.99 14.79
N ARG D 289 -23.10 32.15 15.04
CA ARG D 289 -22.59 33.03 16.09
C ARG D 289 -21.54 33.92 15.48
N PHE D 290 -21.66 35.22 15.67
CA PHE D 290 -20.65 36.15 15.21
C PHE D 290 -19.35 35.86 15.94
N PRO D 291 -18.21 36.30 15.37
CA PRO D 291 -16.87 36.05 15.92
C PRO D 291 -16.47 36.96 17.08
N GLU D 292 -15.72 36.44 18.04
CA GLU D 292 -15.18 37.28 19.09
C GLU D 292 -13.91 37.96 18.66
N LEU D 293 -13.37 37.53 17.53
CA LEU D 293 -12.14 38.13 17.01
C LEU D 293 -12.21 38.25 15.50
N CYS D 294 -11.38 39.10 14.94
CA CYS D 294 -11.36 39.29 13.51
C CYS D 294 -10.03 39.85 13.15
N SER D 295 -9.38 39.28 12.15
CA SER D 295 -8.04 39.70 11.83
C SER D 295 -7.98 40.40 10.48
N ILE D 296 -7.04 41.31 10.36
CA ILE D 296 -6.75 42.05 9.13
C ILE D 296 -5.28 41.87 8.77
N TYR D 297 -4.92 41.96 7.50
CA TYR D 297 -3.52 41.75 7.09
C TYR D 297 -2.95 42.87 6.24
N MET D 298 -1.98 43.58 6.80
CA MET D 298 -1.49 44.82 6.21
C MET D 298 -0.10 44.76 5.58
N ASP D 299 -0.01 45.27 4.36
CA ASP D 299 1.26 45.45 3.70
C ASP D 299 1.75 46.86 3.90
N ILE D 300 2.80 47.03 4.68
CA ILE D 300 3.32 48.36 4.95
C ILE D 300 4.75 48.49 4.52
N ARG D 301 4.99 49.28 3.49
CA ARG D 301 6.32 49.42 2.94
C ARG D 301 7.14 50.37 3.78
N LEU D 302 8.44 50.09 3.90
CA LEU D 302 9.33 50.93 4.69
C LEU D 302 10.38 51.59 3.82
N ASN D 303 10.72 52.83 4.10
CA ASN D 303 11.90 53.38 3.46
C ASN D 303 13.08 52.78 4.19
N PRO D 304 14.27 52.82 3.59
CA PRO D 304 15.45 52.18 4.16
C PRO D 304 15.81 52.58 5.58
N ASP D 305 15.25 53.67 6.08
CA ASP D 305 15.67 54.19 7.37
C ASP D 305 14.64 54.08 8.46
N THR D 306 13.56 53.34 8.21
CA THR D 306 12.48 53.19 9.18
C THR D 306 12.48 51.86 9.88
N ASN D 307 12.54 51.90 11.20
CA ASN D 307 12.45 50.69 11.99
C ASN D 307 11.03 50.17 12.01
N PRO D 308 10.84 48.87 11.77
CA PRO D 308 9.49 48.30 11.75
C PRO D 308 8.75 48.49 13.07
N LEU D 309 9.47 48.56 14.19
CA LEU D 309 8.81 48.74 15.46
C LEU D 309 8.16 50.11 15.57
N VAL D 310 8.73 51.10 14.88
CA VAL D 310 8.16 52.43 14.87
C VAL D 310 6.79 52.42 14.24
N VAL D 311 6.68 51.72 13.12
CA VAL D 311 5.42 51.58 12.41
C VAL D 311 4.44 50.78 13.22
N GLN D 312 4.90 49.72 13.87
CA GLN D 312 4.00 48.95 14.68
C GLN D 312 3.34 49.78 15.78
N ARG D 313 4.11 50.63 16.44
CA ARG D 313 3.56 51.47 17.47
C ARG D 313 2.57 52.50 16.95
N GLU D 314 2.77 52.97 15.73
CA GLU D 314 1.83 53.91 15.16
C GLU D 314 0.50 53.23 14.98
N VAL D 315 0.52 51.99 14.50
CA VAL D 315 -0.71 51.25 14.29
C VAL D 315 -1.37 50.93 15.62
N GLU D 316 -0.57 50.57 16.61
CA GLU D 316 -1.10 50.32 17.94
C GLU D 316 -1.78 51.56 18.52
N ALA D 317 -1.28 52.73 18.16
CA ALA D 317 -1.85 53.96 18.66
C ALA D 317 -3.19 54.24 18.01
N VAL D 318 -3.27 53.93 16.72
CA VAL D 318 -4.52 54.09 15.98
C VAL D 318 -5.59 53.26 16.63
N VAL D 319 -5.24 52.04 16.99
CA VAL D 319 -6.16 51.18 17.68
C VAL D 319 -6.53 51.76 19.03
N SER D 320 -5.54 52.30 19.72
CA SER D 320 -5.78 52.79 21.06
C SER D 320 -6.71 54.01 21.08
N LYS D 321 -6.59 54.84 20.04
CA LYS D 321 -7.35 56.06 19.94
C LYS D 321 -8.84 55.76 19.70
N LEU D 322 -9.13 54.54 19.27
CA LEU D 322 -10.49 54.13 19.03
C LEU D 322 -11.05 53.41 20.24
N GLY D 323 -10.21 53.16 21.23
CA GLY D 323 -10.66 52.49 22.43
C GLY D 323 -10.85 51.01 22.23
N LEU D 324 -10.21 50.47 21.20
CA LEU D 324 -10.30 49.05 20.86
C LEU D 324 -9.20 48.23 21.50
N LYS D 325 -9.51 46.98 21.79
CA LYS D 325 -8.50 46.02 22.19
C LYS D 325 -8.00 45.27 20.98
N ALA D 326 -6.71 45.36 20.69
CA ALA D 326 -6.17 44.60 19.57
C ALA D 326 -4.71 44.17 19.71
N GLU D 327 -4.40 43.11 18.98
CA GLU D 327 -3.06 42.59 18.86
C GLU D 327 -2.53 43.01 17.53
N VAL D 328 -1.44 43.76 17.53
CA VAL D 328 -0.77 44.11 16.29
C VAL D 328 0.50 43.27 16.21
N LYS D 329 0.50 42.23 15.40
CA LYS D 329 1.65 41.35 15.39
C LYS D 329 2.31 41.29 14.00
N PRO D 330 3.61 41.54 13.94
CA PRO D 330 4.34 41.45 12.69
C PRO D 330 4.57 40.01 12.30
N PHE D 331 4.41 39.69 11.03
CA PHE D 331 4.75 38.37 10.59
C PHE D 331 5.65 38.43 9.38
N LEU D 332 6.11 39.62 9.00
CA LEU D 332 7.13 39.75 7.97
C LEU D 332 7.95 41.00 8.13
N PHE D 333 9.27 40.90 8.05
CA PHE D 333 10.11 42.07 8.03
C PHE D 333 11.31 41.93 7.11
N ARG D 334 11.43 42.85 6.16
CA ARG D 334 12.58 42.91 5.28
C ARG D 334 13.06 44.34 5.16
N ARG D 335 14.36 44.53 5.09
CA ARG D 335 14.91 45.86 4.96
C ARG D 335 15.08 46.24 3.52
N GLY D 336 14.89 47.52 3.22
CA GLY D 336 15.19 48.10 1.93
C GLY D 336 16.51 48.83 2.02
N TYR D 337 17.20 48.96 0.89
CA TYR D 337 18.54 49.54 0.86
C TYR D 337 18.76 50.50 -0.30
N GLU D 338 19.62 51.48 -0.10
CA GLU D 338 20.20 52.23 -1.22
C GLU D 338 21.59 51.70 -1.51
N ALA D 339 21.94 51.59 -2.78
CA ALA D 339 23.21 51.01 -3.15
C ALA D 339 24.33 51.86 -2.64
N GLN D 340 25.40 51.24 -2.15
CA GLN D 340 26.61 51.96 -1.74
C GLN D 340 27.73 51.66 -2.69
N GLY D 341 28.41 52.66 -3.20
CA GLY D 341 29.53 52.41 -4.09
C GLY D 341 29.04 51.93 -5.43
N ILE D 342 27.92 52.46 -5.88
CA ILE D 342 27.27 51.99 -7.10
C ILE D 342 27.89 52.63 -8.33
N GLU D 343 28.65 53.71 -8.14
CA GLU D 343 29.11 54.55 -9.25
C GLU D 343 29.71 53.83 -10.48
N PRO D 344 30.55 52.80 -10.30
CA PRO D 344 31.06 52.11 -11.49
C PRO D 344 29.98 51.46 -12.35
N LEU D 345 28.98 50.84 -11.74
CA LEU D 345 27.88 50.23 -12.47
C LEU D 345 26.97 51.31 -13.02
N GLN D 346 26.75 52.35 -12.23
CA GLN D 346 25.98 53.51 -12.64
C GLN D 346 26.58 54.12 -13.89
N ASN D 347 27.91 54.23 -13.90
CA ASN D 347 28.60 54.86 -15.02
C ASN D 347 28.65 53.98 -16.25
N ALA D 348 28.91 52.69 -16.05
CA ALA D 348 28.96 51.76 -17.17
C ALA D 348 27.61 51.72 -17.85
N LEU D 349 26.56 51.69 -17.05
CA LEU D 349 25.22 51.69 -17.58
C LEU D 349 24.91 53.03 -18.24
N GLU D 350 25.28 54.12 -17.61
CA GLU D 350 24.97 55.44 -18.17
C GLU D 350 25.53 55.61 -19.56
N VAL D 351 26.79 55.28 -19.74
CA VAL D 351 27.40 55.41 -21.05
C VAL D 351 26.68 54.55 -22.06
N ALA D 352 26.43 53.30 -21.71
CA ALA D 352 25.76 52.37 -22.60
C ALA D 352 24.37 52.86 -22.97
N HIS D 353 23.64 53.34 -22.00
CA HIS D 353 22.29 53.81 -22.21
C HIS D 353 22.25 54.91 -23.26
N ARG D 354 23.25 55.77 -23.25
CA ARG D 354 23.26 56.92 -24.16
C ARG D 354 23.60 56.51 -25.57
N GLU D 355 24.32 55.41 -25.72
CA GLU D 355 24.69 54.94 -27.05
C GLU D 355 23.48 54.36 -27.70
N VAL D 356 22.71 53.62 -26.92
CA VAL D 356 21.59 52.87 -27.44
C VAL D 356 20.27 53.62 -27.42
N VAL D 357 19.99 54.28 -26.31
CA VAL D 357 18.71 54.97 -26.18
C VAL D 357 18.79 56.41 -26.67
N GLY D 358 19.93 57.06 -26.49
CA GLY D 358 20.16 58.33 -27.14
C GLY D 358 20.14 59.58 -26.28
N ARG D 359 19.52 59.47 -25.12
CA ARG D 359 19.40 60.61 -24.23
C ARG D 359 19.92 60.22 -22.85
N PRO D 360 20.18 61.20 -21.97
CA PRO D 360 20.54 60.85 -20.59
C PRO D 360 19.46 60.07 -19.90
N THR D 361 19.83 59.31 -18.89
CA THR D 361 18.85 58.59 -18.10
C THR D 361 18.12 59.55 -17.22
N GLU D 362 16.85 59.29 -16.94
CA GLU D 362 16.14 60.15 -15.99
C GLU D 362 15.98 59.48 -14.66
N ARG D 363 15.53 60.27 -13.70
CA ARG D 363 15.34 59.78 -12.36
C ARG D 363 14.09 58.91 -12.43
N PRO D 364 14.13 57.76 -11.75
CA PRO D 364 13.11 56.73 -11.83
C PRO D 364 11.78 57.14 -11.24
N GLY D 365 10.70 56.51 -11.68
CA GLY D 365 9.40 56.72 -11.09
C GLY D 365 9.36 56.15 -9.68
N SER D 366 8.68 56.85 -8.79
CA SER D 366 8.66 56.47 -7.38
C SER D 366 8.20 55.05 -7.04
N PRO D 367 7.15 54.55 -7.70
CA PRO D 367 6.77 53.19 -7.30
C PRO D 367 7.87 52.18 -7.55
N GLU D 368 8.71 52.42 -8.55
CA GLU D 368 9.75 51.46 -8.85
C GLU D 368 10.93 51.60 -7.90
N CYS D 369 10.94 52.64 -7.09
CA CYS D 369 11.96 52.79 -6.05
C CYS D 369 11.39 52.38 -4.74
N SER D 370 10.09 52.22 -4.68
CA SER D 370 9.45 52.05 -3.40
C SER D 370 8.78 50.70 -3.25
N MET D 371 9.36 49.69 -3.89
CA MET D 371 8.81 48.35 -3.88
C MET D 371 9.80 47.34 -3.37
N TRP D 372 9.55 46.08 -3.67
CA TRP D 372 10.55 45.05 -3.43
C TRP D 372 11.08 44.51 -4.72
N ARG D 373 12.38 44.66 -4.91
CA ARG D 373 13.06 44.00 -5.98
C ARG D 373 14.34 43.37 -5.47
N ASP D 374 14.93 42.51 -6.28
CA ASP D 374 16.03 41.70 -5.79
C ASP D 374 17.34 42.47 -5.66
N THR D 375 17.29 43.79 -5.77
CA THR D 375 18.45 44.59 -5.49
C THR D 375 18.72 44.57 -4.03
N ASN D 376 17.67 44.38 -3.26
CA ASN D 376 17.81 44.40 -1.82
C ASN D 376 18.73 43.29 -1.32
N PRO D 377 18.52 42.04 -1.75
CA PRO D 377 19.48 41.05 -1.27
C PRO D 377 20.92 41.32 -1.70
N TYR D 378 21.11 41.71 -2.94
CA TYR D 378 22.45 41.99 -3.42
C TYR D 378 23.10 43.09 -2.60
N ASN D 379 22.38 44.17 -2.36
CA ASN D 379 22.94 45.27 -1.59
C ASN D 379 23.15 44.91 -0.13
N GLU D 380 22.20 44.17 0.43
CA GLU D 380 22.30 43.72 1.81
C GLU D 380 23.59 42.96 2.00
N LEU D 381 24.01 42.26 0.95
CA LEU D 381 25.19 41.42 1.02
C LEU D 381 26.44 42.07 0.42
N GLY D 382 26.41 43.37 0.18
CA GLY D 382 27.60 44.08 -0.22
C GLY D 382 27.91 44.01 -1.70
N ILE D 383 26.92 43.70 -2.51
CA ILE D 383 27.06 43.77 -3.95
C ILE D 383 26.24 44.92 -4.49
N PRO D 384 26.87 46.04 -4.81
CA PRO D 384 26.13 47.21 -5.25
C PRO D 384 25.25 46.90 -6.41
N SER D 385 23.98 47.28 -6.31
CA SER D 385 23.03 46.81 -7.31
C SER D 385 21.93 47.81 -7.66
N LEU D 386 21.61 47.91 -8.94
CA LEU D 386 20.52 48.75 -9.43
C LEU D 386 19.51 47.99 -10.30
N THR D 387 18.41 48.63 -10.64
CA THR D 387 17.42 48.04 -11.51
C THR D 387 17.26 48.83 -12.78
N TYR D 388 17.05 48.14 -13.89
CA TYR D 388 16.95 48.76 -15.19
C TYR D 388 16.36 47.81 -16.23
N GLY D 389 15.31 48.23 -16.89
CA GLY D 389 14.78 47.45 -17.99
C GLY D 389 13.86 48.30 -18.82
N CYS D 390 13.20 47.70 -19.79
CA CYS D 390 12.28 48.43 -20.63
C CYS D 390 10.86 48.30 -20.16
N GLY D 391 10.00 49.20 -20.59
CA GLY D 391 8.57 49.08 -20.36
C GLY D 391 8.06 49.49 -19.01
N GLY D 392 6.73 49.56 -18.87
CA GLY D 392 6.12 49.94 -17.62
C GLY D 392 5.96 48.76 -16.69
N GLY D 393 5.89 49.04 -15.41
CA GLY D 393 5.79 47.98 -14.41
C GLY D 393 4.45 47.27 -14.41
N ALA D 394 4.47 46.00 -14.06
CA ALA D 394 3.26 45.22 -13.97
C ALA D 394 2.40 45.71 -12.82
N GLY D 395 3.01 46.37 -11.86
CA GLY D 395 2.24 46.93 -10.75
C GLY D 395 1.41 48.09 -11.25
N GLY D 396 1.62 48.46 -12.51
CA GLY D 396 0.98 49.63 -13.09
C GLY D 396 -0.51 49.58 -13.34
N GLY D 397 -1.01 48.60 -14.08
CA GLY D 397 -0.24 47.52 -14.67
C GLY D 397 -0.14 47.49 -16.17
N ASN D 398 1.08 47.66 -16.68
CA ASN D 398 1.40 47.45 -18.08
C ASN D 398 1.28 45.98 -18.46
N THR D 399 0.97 45.72 -19.72
CA THR D 399 0.73 44.36 -20.17
C THR D 399 1.52 43.97 -21.38
N TYR D 400 2.41 44.84 -21.84
CA TYR D 400 3.21 44.47 -22.99
C TYR D 400 4.57 45.17 -23.11
N PHE D 401 5.46 44.60 -23.92
CA PHE D 401 6.72 45.23 -24.27
C PHE D 401 6.76 45.42 -25.78
N LEU D 402 7.43 46.47 -26.22
CA LEU D 402 7.72 46.62 -27.64
C LEU D 402 9.00 45.85 -27.94
N VAL D 403 9.01 45.04 -28.99
CA VAL D 403 10.19 44.25 -29.27
C VAL D 403 11.38 45.15 -29.53
N ASP D 404 11.14 46.30 -30.14
CA ASP D 404 12.21 47.26 -30.38
C ASP D 404 12.86 47.68 -29.07
N ASP D 405 12.04 47.83 -28.04
CA ASP D 405 12.54 48.22 -26.72
C ASP D 405 13.33 47.09 -26.06
N MET D 406 12.90 45.85 -26.28
CA MET D 406 13.61 44.72 -25.70
C MET D 406 14.96 44.53 -26.34
N LEU D 407 15.04 44.75 -27.64
CA LEU D 407 16.31 44.64 -28.33
C LEU D 407 17.24 45.71 -27.80
N LYS D 408 16.70 46.89 -27.52
CA LYS D 408 17.51 47.96 -26.95
C LYS D 408 18.10 47.58 -25.60
N ALA D 409 17.28 47.04 -24.71
CA ALA D 409 17.73 46.67 -23.37
C ALA D 409 18.84 45.63 -23.44
N ALA D 410 18.69 44.65 -24.30
CA ALA D 410 19.70 43.61 -24.44
C ALA D 410 21.00 44.20 -24.89
N LYS D 411 20.92 45.25 -25.70
CA LYS D 411 22.12 45.92 -26.18
C LYS D 411 22.80 46.68 -25.06
N VAL D 412 22.00 47.41 -24.28
CA VAL D 412 22.48 48.15 -23.12
C VAL D 412 23.13 47.23 -22.12
N TYR D 413 22.51 46.07 -21.91
CA TYR D 413 23.07 45.07 -21.00
C TYR D 413 24.43 44.62 -21.45
N ALA D 414 24.58 44.35 -22.73
CA ALA D 414 25.86 43.88 -23.22
C ALA D 414 26.94 44.92 -23.05
N MET D 415 26.67 46.16 -23.41
CA MET D 415 27.69 47.19 -23.35
C MET D 415 28.13 47.41 -21.93
N THR D 416 27.18 47.41 -21.04
CA THR D 416 27.48 47.56 -19.64
C THR D 416 28.50 46.53 -19.20
N ALA D 417 28.28 45.29 -19.59
CA ALA D 417 29.19 44.22 -19.24
C ALA D 417 30.57 44.40 -19.86
N MET D 418 30.62 44.84 -21.12
CA MET D 418 31.88 45.00 -21.82
C MET D 418 32.70 46.10 -21.20
N ASP D 419 32.03 47.10 -20.64
CA ASP D 419 32.70 48.14 -19.89
C ASP D 419 33.10 47.61 -18.54
N LEU D 420 32.11 47.33 -17.71
CA LEU D 420 32.34 47.02 -16.31
C LEU D 420 33.26 45.85 -16.08
N CYS D 421 33.06 44.77 -16.83
CA CYS D 421 33.82 43.56 -16.59
C CYS D 421 35.26 43.63 -17.00
N ASN D 422 35.70 44.79 -17.48
CA ASN D 422 37.09 44.96 -17.82
C ASN D 422 37.75 45.96 -16.90
N ARG D 423 37.04 46.38 -15.86
CA ARG D 423 37.63 47.21 -14.83
C ARG D 423 38.22 46.34 -13.75
N THR D 424 39.24 46.85 -13.07
CA THR D 424 39.89 46.11 -12.02
C THR D 424 39.12 46.29 -10.71
N PRO D 425 38.87 45.20 -10.00
CA PRO D 425 38.21 45.23 -8.69
C PRO D 425 39.10 45.87 -7.61
N ASN E 5 -11.91 -59.92 30.05
CA ASN E 5 -11.62 -58.86 31.00
C ASN E 5 -11.04 -57.61 30.38
N ASP E 6 -10.98 -57.56 29.07
CA ASP E 6 -10.37 -56.40 28.45
C ASP E 6 -11.46 -55.36 28.16
N VAL E 7 -12.72 -55.77 28.27
CA VAL E 7 -13.82 -54.83 28.17
C VAL E 7 -13.97 -54.13 29.48
N ALA E 8 -14.01 -54.91 30.55
CA ALA E 8 -14.19 -54.35 31.88
C ALA E 8 -13.10 -53.33 32.21
N LYS E 9 -11.90 -53.56 31.69
CA LYS E 9 -10.84 -52.61 31.95
C LYS E 9 -11.19 -51.28 31.30
N VAL E 10 -11.71 -51.33 30.08
CA VAL E 10 -12.02 -50.10 29.38
C VAL E 10 -13.21 -49.35 29.99
N MET E 11 -14.24 -50.07 30.40
CA MET E 11 -15.37 -49.44 31.03
C MET E 11 -14.97 -48.65 32.26
N LYS E 12 -14.03 -49.18 33.04
CA LYS E 12 -13.57 -48.54 34.27
C LYS E 12 -12.82 -47.28 33.94
N THR E 13 -12.04 -47.35 32.88
CA THR E 13 -11.29 -46.23 32.41
C THR E 13 -12.25 -45.14 32.00
N LEU E 14 -13.36 -45.53 31.40
CA LEU E 14 -14.33 -44.55 30.96
C LEU E 14 -15.02 -43.95 32.16
N ASP E 15 -15.20 -44.71 33.23
CA ASP E 15 -15.80 -44.17 34.46
C ASP E 15 -14.97 -43.04 35.05
N GLY E 16 -13.67 -43.10 34.80
CA GLY E 16 -12.76 -42.13 35.35
C GLY E 16 -12.56 -40.94 34.46
N MET E 17 -13.16 -40.95 33.28
CA MET E 17 -12.91 -39.87 32.33
C MET E 17 -14.03 -38.86 32.17
N ARG E 18 -14.95 -38.84 33.12
CA ARG E 18 -16.14 -37.98 33.05
C ARG E 18 -15.76 -36.51 32.90
N GLU E 19 -14.75 -36.14 33.66
CA GLU E 19 -14.34 -34.76 33.71
C GLU E 19 -13.81 -34.32 32.37
N GLY E 20 -13.14 -35.22 31.67
CA GLY E 20 -12.60 -34.92 30.36
C GLY E 20 -13.68 -34.94 29.29
N LEU E 21 -14.65 -35.82 29.49
CA LEU E 21 -15.75 -35.92 28.57
C LEU E 21 -16.50 -34.62 28.61
N ILE E 22 -16.78 -34.14 29.80
CA ILE E 22 -17.46 -32.88 29.96
C ILE E 22 -16.63 -31.73 29.43
N GLN E 23 -15.38 -31.67 29.83
CA GLN E 23 -14.55 -30.54 29.47
C GLN E 23 -14.39 -30.42 27.97
N THR E 24 -14.27 -31.56 27.31
CA THR E 24 -14.10 -31.56 25.87
C THR E 24 -15.34 -31.02 25.17
N ALA E 25 -16.51 -31.44 25.62
CA ALA E 25 -17.76 -31.02 25.01
C ALA E 25 -18.00 -29.54 25.20
N VAL E 26 -17.74 -29.05 26.40
CA VAL E 26 -17.99 -27.65 26.67
C VAL E 26 -16.98 -26.79 25.95
N GLU E 27 -15.70 -27.12 26.01
CA GLU E 27 -14.73 -26.34 25.28
C GLU E 27 -15.01 -26.36 23.78
N LEU E 28 -15.37 -27.51 23.25
CA LEU E 28 -15.59 -27.62 21.83
C LEU E 28 -16.87 -26.91 21.40
N GLY E 29 -17.93 -27.08 22.17
CA GLY E 29 -19.20 -26.46 21.87
C GLY E 29 -19.20 -24.96 22.00
N SER E 30 -18.22 -24.45 22.75
CA SER E 30 -18.15 -23.03 23.04
C SER E 30 -17.54 -22.26 21.89
N ILE E 31 -16.87 -22.96 20.98
CA ILE E 31 -16.21 -22.32 19.87
C ILE E 31 -17.21 -21.92 18.80
N GLU E 32 -17.13 -20.68 18.34
CA GLU E 32 -18.07 -20.25 17.33
C GLU E 32 -17.73 -20.96 16.04
N ALA E 33 -18.63 -21.78 15.54
CA ALA E 33 -18.32 -22.53 14.35
C ALA E 33 -19.54 -22.82 13.48
N PRO E 34 -20.28 -21.80 13.07
CA PRO E 34 -21.34 -22.08 12.11
C PRO E 34 -20.75 -22.45 10.77
N THR E 35 -21.49 -23.16 9.94
CA THR E 35 -20.99 -23.57 8.63
C THR E 35 -20.46 -22.38 7.86
N GLY E 36 -19.20 -22.45 7.45
CA GLY E 36 -18.57 -21.34 6.75
C GLY E 36 -17.43 -20.78 7.56
N ARG E 37 -17.44 -21.10 8.85
CA ARG E 37 -16.42 -20.64 9.77
C ARG E 37 -16.03 -21.71 10.78
N GLU E 38 -15.92 -22.95 10.32
CA GLU E 38 -15.53 -24.07 11.20
C GLU E 38 -14.03 -24.16 11.45
N GLY E 39 -13.26 -23.21 10.94
CA GLY E 39 -11.83 -23.28 11.07
C GLY E 39 -11.33 -23.47 12.49
N ALA E 40 -11.79 -22.60 13.37
CA ALA E 40 -11.32 -22.60 14.73
C ALA E 40 -11.60 -23.91 15.44
N ALA E 41 -12.77 -24.48 15.21
CA ALA E 41 -13.15 -25.75 15.81
C ALA E 41 -12.27 -26.89 15.32
N GLY E 42 -11.92 -26.85 14.05
CA GLY E 42 -11.01 -27.84 13.51
C GLY E 42 -9.67 -27.77 14.20
N ASP E 43 -9.18 -26.55 14.37
CA ASP E 43 -7.91 -26.32 15.04
C ASP E 43 -7.93 -26.93 16.43
N TYR E 44 -9.04 -26.77 17.15
CA TYR E 44 -9.16 -27.36 18.47
C TYR E 44 -9.03 -28.86 18.44
N VAL E 45 -9.80 -29.50 17.56
CA VAL E 45 -9.86 -30.94 17.45
C VAL E 45 -8.53 -31.50 16.96
N TYR E 46 -7.88 -30.78 16.05
CA TYR E 46 -6.56 -31.17 15.58
C TYR E 46 -5.60 -31.21 16.76
N GLU E 47 -5.61 -30.18 17.58
CA GLU E 47 -4.62 -30.12 18.64
C GLU E 47 -4.98 -31.10 19.73
N TRP E 48 -6.25 -31.42 19.86
CA TRP E 48 -6.66 -32.40 20.83
C TRP E 48 -6.16 -33.75 20.41
N MET E 49 -6.33 -34.10 19.15
CA MET E 49 -5.88 -35.37 18.67
C MET E 49 -4.36 -35.48 18.78
N ALA E 50 -3.66 -34.39 18.54
CA ALA E 50 -2.20 -34.41 18.63
C ALA E 50 -1.72 -34.67 20.05
N ARG E 51 -2.27 -33.96 21.02
CA ARG E 51 -1.91 -34.15 22.42
C ARG E 51 -2.07 -35.61 22.81
N ASN E 52 -3.12 -36.25 22.32
CA ASN E 52 -3.35 -37.65 22.67
C ASN E 52 -2.72 -38.64 21.72
N GLY E 53 -1.90 -38.16 20.81
CA GLY E 53 -1.11 -39.03 19.96
C GLY E 53 -1.90 -39.86 18.98
N PHE E 54 -2.85 -39.23 18.29
CA PHE E 54 -3.65 -39.89 17.28
C PHE E 54 -3.19 -39.49 15.88
N GLY E 55 -2.09 -38.76 15.83
CA GLY E 55 -1.48 -38.35 14.58
C GLY E 55 -2.40 -37.77 13.54
N PRO E 56 -2.93 -36.58 13.81
CA PRO E 56 -3.89 -35.95 12.91
C PRO E 56 -3.31 -35.33 11.65
N GLU E 57 -4.15 -35.30 10.62
CA GLU E 57 -3.90 -34.56 9.39
C GLU E 57 -5.06 -33.62 9.17
N ARG E 58 -4.76 -32.45 8.60
CA ARG E 58 -5.80 -31.56 8.12
C ARG E 58 -6.06 -31.88 6.66
N VAL E 59 -7.29 -32.26 6.35
CA VAL E 59 -7.69 -32.65 5.00
C VAL E 59 -8.79 -31.76 4.49
N GLY E 60 -8.47 -30.82 3.62
CA GLY E 60 -9.47 -29.86 3.19
C GLY E 60 -9.28 -29.15 1.88
N VAL E 61 -10.31 -28.44 1.45
CA VAL E 61 -10.26 -27.70 0.22
C VAL E 61 -9.70 -26.31 0.49
N PHE E 62 -9.95 -25.81 1.68
CA PHE E 62 -9.43 -24.51 2.12
C PHE E 62 -8.59 -24.65 3.39
N ASP E 63 -7.69 -23.71 3.63
CA ASP E 63 -6.87 -23.79 4.81
C ASP E 63 -7.60 -23.34 6.06
N ASP E 64 -8.80 -22.80 5.90
CA ASP E 64 -9.58 -22.43 7.08
C ASP E 64 -10.92 -23.16 7.18
N ARG E 65 -11.15 -24.11 6.27
CA ARG E 65 -12.28 -25.04 6.36
C ARG E 65 -11.83 -26.43 5.96
N PHE E 66 -11.57 -27.29 6.93
CA PHE E 66 -10.90 -28.53 6.64
C PHE E 66 -11.42 -29.61 7.51
N ASN E 67 -11.10 -30.84 7.15
CA ASN E 67 -11.44 -31.99 7.98
C ASN E 67 -10.23 -32.45 8.75
N VAL E 68 -10.47 -33.09 9.87
CA VAL E 68 -9.37 -33.58 10.68
C VAL E 68 -9.45 -35.07 10.84
N VAL E 69 -8.40 -35.76 10.44
CA VAL E 69 -8.42 -37.22 10.44
C VAL E 69 -7.27 -37.79 11.23
N GLY E 70 -7.55 -38.62 12.23
CA GLY E 70 -6.49 -39.29 12.94
C GLY E 70 -6.75 -40.77 13.08
N ARG E 71 -5.78 -41.51 13.58
CA ARG E 71 -5.93 -42.96 13.72
C ARG E 71 -5.44 -43.46 15.05
N LEU E 72 -6.06 -44.54 15.49
CA LEU E 72 -5.57 -45.34 16.58
C LEU E 72 -5.27 -46.69 15.98
N ARG E 73 -4.01 -46.98 15.71
CA ARG E 73 -3.68 -48.13 14.88
C ARG E 73 -3.68 -49.45 15.67
N GLY E 74 -4.12 -50.51 14.99
CA GLY E 74 -4.26 -51.83 15.56
C GLY E 74 -3.05 -52.68 15.25
N THR E 75 -3.02 -53.87 15.84
CA THR E 75 -1.92 -54.79 15.66
C THR E 75 -1.79 -55.34 14.24
N GLY E 76 -2.90 -55.41 13.53
CA GLY E 76 -2.88 -55.90 12.17
C GLY E 76 -3.90 -56.99 11.90
N GLY E 77 -4.48 -56.95 10.72
CA GLY E 77 -5.32 -58.03 10.28
C GLY E 77 -6.77 -57.87 10.68
N GLY E 78 -7.17 -56.67 11.01
CA GLY E 78 -8.54 -56.46 11.43
C GLY E 78 -9.33 -55.50 10.55
N ALA E 79 -10.61 -55.39 10.84
CA ALA E 79 -11.46 -54.47 10.11
C ALA E 79 -11.27 -53.05 10.62
N SER E 80 -11.35 -52.07 9.72
CA SER E 80 -11.22 -50.68 10.12
C SER E 80 -12.57 -50.09 10.45
N LEU E 81 -12.64 -49.29 11.51
CA LEU E 81 -13.87 -48.59 11.83
C LEU E 81 -13.69 -47.07 11.92
N SER E 82 -14.51 -46.33 11.19
CA SER E 82 -14.52 -44.88 11.30
C SER E 82 -15.51 -44.42 12.33
N PHE E 83 -15.13 -43.40 13.08
CA PHE E 83 -16.09 -42.66 13.89
C PHE E 83 -16.21 -41.28 13.31
N ASN E 84 -17.42 -40.80 13.13
CA ASN E 84 -17.62 -39.53 12.44
C ASN E 84 -18.60 -38.58 13.13
N SER E 85 -18.19 -37.33 13.31
CA SER E 85 -19.08 -36.24 13.70
C SER E 85 -18.59 -34.98 13.01
N HIS E 86 -19.42 -33.93 12.97
CA HIS E 86 -19.05 -32.73 12.22
C HIS E 86 -18.74 -31.50 13.05
N LEU E 87 -17.89 -30.65 12.50
CA LEU E 87 -17.36 -29.51 13.23
C LEU E 87 -18.25 -28.27 13.22
N ASP E 88 -19.12 -28.17 12.22
CA ASP E 88 -19.97 -27.00 12.07
C ASP E 88 -21.21 -27.08 12.93
N THR E 89 -21.81 -25.91 13.18
CA THR E 89 -23.02 -25.79 13.95
C THR E 89 -24.09 -25.09 13.13
N ILE E 90 -25.33 -25.10 13.59
CA ILE E 90 -26.44 -24.61 12.79
C ILE E 90 -26.53 -23.10 12.72
N MET E 91 -26.58 -22.45 13.88
CA MET E 91 -26.81 -21.01 13.94
C MET E 91 -25.56 -20.17 13.87
N ALA E 92 -25.59 -19.15 13.02
CA ALA E 92 -24.60 -18.09 13.05
C ALA E 92 -25.23 -16.88 13.72
N ARG E 93 -24.42 -16.04 14.37
CA ARG E 93 -24.98 -14.87 15.01
C ARG E 93 -25.55 -13.95 13.93
N GLU E 94 -25.05 -14.12 12.72
CA GLU E 94 -25.53 -13.41 11.55
C GLU E 94 -27.02 -13.65 11.27
N ASP E 95 -27.57 -14.81 11.65
CA ASP E 95 -28.86 -15.28 11.08
C ASP E 95 -30.12 -14.60 11.64
N THR E 96 -30.33 -13.35 11.28
CA THR E 96 -31.52 -12.65 11.73
C THR E 96 -32.64 -12.89 10.78
N ALA E 97 -32.33 -13.51 9.67
CA ALA E 97 -33.32 -13.64 8.63
C ALA E 97 -34.14 -14.91 8.77
N ARG E 98 -33.72 -15.80 9.64
CA ARG E 98 -34.45 -17.05 9.81
C ARG E 98 -34.82 -17.37 11.26
N PHE E 99 -34.18 -16.71 12.20
CA PHE E 99 -34.51 -16.88 13.62
C PHE E 99 -34.93 -15.56 14.20
N ALA E 100 -35.90 -15.61 15.10
CA ALA E 100 -36.41 -14.41 15.72
C ALA E 100 -35.38 -13.82 16.65
N ASP E 101 -34.64 -14.69 17.32
CA ASP E 101 -33.62 -14.22 18.21
C ASP E 101 -32.30 -14.87 17.87
N ALA E 102 -31.62 -14.35 16.87
CA ALA E 102 -30.36 -14.92 16.38
C ALA E 102 -29.34 -15.02 17.48
N ASN E 103 -29.45 -14.13 18.45
CA ASN E 103 -28.55 -14.10 19.59
C ASN E 103 -29.24 -14.56 20.84
N ASP E 104 -29.65 -15.82 20.86
CA ASP E 104 -30.21 -16.34 22.08
C ASP E 104 -28.98 -16.69 22.91
N ARG E 105 -28.72 -17.97 23.17
CA ARG E 105 -27.53 -18.35 23.94
C ARG E 105 -27.36 -19.80 23.63
N ILE E 106 -28.51 -20.45 23.61
CA ILE E 106 -28.59 -21.86 23.37
C ILE E 106 -28.12 -22.13 21.96
N TYR E 107 -28.19 -21.09 21.12
CA TYR E 107 -27.75 -21.18 19.73
C TYR E 107 -26.21 -21.14 19.60
N HIS E 108 -25.53 -20.53 20.56
CA HIS E 108 -24.12 -20.23 20.36
C HIS E 108 -23.21 -20.68 21.47
N GLU E 109 -23.74 -20.85 22.67
CA GLU E 109 -22.87 -21.22 23.77
C GLU E 109 -23.10 -22.65 24.18
N ALA E 110 -22.35 -23.08 25.18
CA ALA E 110 -22.42 -24.45 25.65
C ALA E 110 -21.90 -24.50 27.08
N TRP E 111 -22.68 -25.06 27.99
CA TRP E 111 -22.29 -25.07 29.40
C TRP E 111 -22.81 -26.28 30.18
N HIS E 112 -22.10 -26.61 31.25
CA HIS E 112 -22.43 -27.70 32.17
C HIS E 112 -23.23 -27.19 33.34
N GLU E 113 -24.48 -27.58 33.46
CA GLU E 113 -25.25 -27.04 34.55
C GLU E 113 -25.48 -28.04 35.68
N GLU E 114 -26.59 -28.78 35.65
CA GLU E 114 -26.73 -29.77 36.71
C GLU E 114 -26.23 -31.12 36.26
N GLY E 115 -27.07 -31.98 35.70
CA GLY E 115 -26.49 -33.22 35.23
C GLY E 115 -26.43 -33.17 33.73
N ARG E 116 -26.71 -31.99 33.22
CA ARG E 116 -26.82 -31.74 31.80
C ARG E 116 -25.68 -30.95 31.20
N ILE E 117 -25.57 -31.02 29.88
CA ILE E 117 -24.74 -30.10 29.12
C ILE E 117 -25.62 -29.48 28.07
N TYR E 118 -25.77 -28.15 28.15
CA TYR E 118 -26.71 -27.44 27.29
C TYR E 118 -26.03 -26.81 26.09
N GLY E 119 -26.82 -26.55 25.06
CA GLY E 119 -26.33 -25.85 23.89
C GLY E 119 -26.56 -26.61 22.63
N TYR E 120 -27.16 -25.96 21.63
CA TYR E 120 -27.34 -26.61 20.35
C TYR E 120 -26.04 -27.11 19.78
N SER E 121 -24.96 -26.37 20.01
CA SER E 121 -23.66 -26.77 19.49
C SER E 121 -23.20 -28.09 20.08
N VAL E 122 -23.80 -28.51 21.19
CA VAL E 122 -23.39 -29.75 21.81
C VAL E 122 -24.22 -30.90 21.27
N VAL E 123 -25.51 -30.67 21.10
CA VAL E 123 -26.38 -31.66 20.50
C VAL E 123 -25.97 -31.96 19.09
N ASN E 124 -25.58 -30.91 18.39
CA ASN E 124 -25.27 -30.96 16.99
C ASN E 124 -24.11 -30.05 16.66
N CYS E 125 -22.89 -30.56 16.74
CA CYS E 125 -22.66 -31.98 16.97
C CYS E 125 -21.36 -32.24 17.74
N LYS E 126 -21.19 -31.62 18.90
CA LYS E 126 -19.88 -31.63 19.50
C LYS E 126 -19.97 -32.53 20.70
N GLY E 127 -21.18 -32.69 21.19
CA GLY E 127 -21.43 -33.65 22.24
C GLY E 127 -21.08 -35.05 21.82
N PRO E 128 -21.67 -35.54 20.73
CA PRO E 128 -21.28 -36.86 20.25
C PRO E 128 -19.82 -36.97 19.84
N MET E 129 -19.24 -35.91 19.31
CA MET E 129 -17.84 -35.94 18.93
C MET E 129 -16.99 -36.13 20.17
N ALA E 130 -17.37 -35.48 21.26
CA ALA E 130 -16.63 -35.64 22.49
C ALA E 130 -16.69 -37.08 22.96
N CYS E 131 -17.81 -37.75 22.72
CA CYS E 131 -18.00 -39.12 23.15
C CYS E 131 -17.00 -40.08 22.53
N TRP E 132 -16.80 -40.03 21.22
CA TRP E 132 -15.88 -40.99 20.65
C TRP E 132 -14.44 -40.54 20.73
N LEU E 133 -14.21 -39.26 20.91
CA LEU E 133 -12.86 -38.78 21.20
C LEU E 133 -12.38 -39.40 22.51
N ILE E 134 -13.25 -39.37 23.52
CA ILE E 134 -12.97 -39.94 24.81
C ILE E 134 -12.90 -41.45 24.72
N ALA E 135 -13.82 -42.06 23.98
CA ALA E 135 -13.77 -43.50 23.78
C ALA E 135 -12.43 -43.96 23.20
N ALA E 136 -11.93 -43.22 22.22
CA ALA E 136 -10.63 -43.53 21.63
C ALA E 136 -9.51 -43.35 22.63
N LYS E 137 -9.58 -42.29 23.41
CA LYS E 137 -8.58 -42.06 24.42
C LYS E 137 -8.58 -43.21 25.42
N ALA E 138 -9.76 -43.71 25.77
CA ALA E 138 -9.86 -44.82 26.70
C ALA E 138 -9.23 -46.06 26.14
N LEU E 139 -9.61 -46.42 24.92
CA LEU E 139 -9.06 -47.59 24.25
C LEU E 139 -7.55 -47.54 24.21
N LYS E 140 -7.01 -46.38 23.88
CA LYS E 140 -5.57 -46.23 23.78
C LYS E 140 -4.89 -46.37 25.14
N GLU E 141 -5.42 -45.70 26.14
CA GLU E 141 -4.74 -45.66 27.42
C GLU E 141 -4.94 -46.93 28.22
N ALA E 142 -5.98 -47.68 27.91
CA ALA E 142 -6.16 -48.95 28.58
C ALA E 142 -5.39 -50.04 27.83
N GLY E 143 -4.78 -49.66 26.72
CA GLY E 143 -4.04 -50.60 25.90
C GLY E 143 -4.89 -51.74 25.38
N ALA E 144 -6.12 -51.43 24.99
CA ALA E 144 -7.02 -52.44 24.49
C ALA E 144 -6.49 -53.08 23.23
N ALA E 145 -6.71 -54.38 23.10
CA ALA E 145 -6.24 -55.12 21.96
C ALA E 145 -7.19 -54.98 20.77
N LEU E 146 -6.68 -54.40 19.68
CA LEU E 146 -7.46 -54.24 18.46
C LEU E 146 -6.67 -54.62 17.22
N LYS E 147 -7.19 -55.51 16.39
CA LYS E 147 -6.47 -55.91 15.20
C LYS E 147 -6.58 -54.83 14.12
N GLY E 148 -7.74 -54.20 14.02
CA GLY E 148 -7.98 -53.19 13.01
C GLY E 148 -7.81 -51.75 13.46
N ASP E 149 -7.67 -50.85 12.50
CA ASP E 149 -7.57 -49.44 12.81
C ASP E 149 -8.91 -48.84 13.24
N VAL E 150 -8.86 -47.90 14.16
CA VAL E 150 -9.99 -47.05 14.45
C VAL E 150 -9.68 -45.70 13.84
N VAL E 151 -10.48 -45.28 12.88
CA VAL E 151 -10.24 -44.03 12.20
C VAL E 151 -11.08 -42.91 12.79
N LEU E 152 -10.43 -41.83 13.17
CA LEU E 152 -11.13 -40.72 13.78
C LEU E 152 -11.33 -39.58 12.80
N THR E 153 -12.56 -39.38 12.37
CA THR E 153 -12.84 -38.43 11.32
C THR E 153 -13.76 -37.31 11.75
N ALA E 154 -13.19 -36.13 11.96
CA ALA E 154 -13.98 -34.95 12.26
C ALA E 154 -14.07 -34.04 11.04
N VAL E 155 -15.28 -33.85 10.54
CA VAL E 155 -15.49 -33.19 9.26
C VAL E 155 -16.09 -31.80 9.36
N CYS E 156 -15.94 -31.02 8.30
CA CYS E 156 -16.60 -29.75 8.20
C CYS E 156 -17.81 -29.86 7.28
N GLY E 157 -18.53 -28.78 7.17
CA GLY E 157 -19.61 -28.65 6.23
C GLY E 157 -20.61 -29.76 6.08
N GLU E 158 -21.14 -30.28 7.17
CA GLU E 158 -22.18 -31.30 7.08
C GLU E 158 -23.55 -30.72 6.86
N ILE E 159 -23.81 -29.58 7.46
CA ILE E 159 -25.13 -28.98 7.44
C ILE E 159 -25.47 -28.43 6.05
N ASP E 160 -26.73 -28.56 5.69
CA ASP E 160 -27.17 -28.47 4.29
C ASP E 160 -27.14 -27.11 3.62
N CYS E 161 -26.16 -26.30 3.94
CA CYS E 161 -25.94 -25.06 3.21
C CYS E 161 -25.48 -25.39 1.82
N GLU E 162 -25.95 -24.63 0.85
CA GLU E 162 -25.49 -24.80 -0.52
C GLU E 162 -25.42 -23.44 -1.17
N PRO E 163 -24.46 -23.26 -2.06
CA PRO E 163 -24.43 -22.04 -2.88
C PRO E 163 -25.56 -22.03 -3.89
N VAL E 164 -25.95 -20.84 -4.31
CA VAL E 164 -26.99 -20.67 -5.31
C VAL E 164 -26.92 -19.23 -5.79
N ASP E 165 -27.25 -19.02 -7.06
CA ASP E 165 -27.25 -17.70 -7.65
C ASP E 165 -25.93 -16.98 -7.48
N GLU E 166 -25.95 -15.86 -6.77
CA GLU E 166 -24.76 -15.04 -6.65
C GLU E 166 -23.95 -15.37 -5.40
N PHE E 167 -24.41 -16.35 -4.64
CA PHE E 167 -23.74 -16.75 -3.43
C PHE E 167 -22.88 -17.95 -3.71
N GLN E 168 -21.62 -17.74 -4.08
CA GLN E 168 -20.81 -18.84 -4.55
C GLN E 168 -19.49 -18.93 -3.81
N GLY E 169 -18.88 -20.11 -3.84
CA GLY E 169 -17.54 -20.28 -3.34
C GLY E 169 -17.39 -20.44 -1.85
N HIS E 170 -16.19 -20.13 -1.36
CA HIS E 170 -15.77 -20.39 0.00
C HIS E 170 -16.81 -20.20 1.08
N ASP E 171 -17.52 -19.09 1.06
CA ASP E 171 -18.39 -18.77 2.19
C ASP E 171 -19.64 -19.63 2.26
N TYR E 172 -20.00 -20.26 1.15
CA TYR E 172 -21.32 -20.85 1.08
C TYR E 172 -21.31 -22.36 0.84
N LEU E 173 -20.16 -22.92 0.54
CA LEU E 173 -20.02 -24.35 0.35
C LEU E 173 -20.16 -25.13 1.66
N ALA E 174 -20.57 -26.39 1.56
CA ALA E 174 -20.64 -27.22 2.75
C ALA E 174 -20.24 -28.66 2.50
N GLU E 175 -21.17 -29.44 1.99
CA GLU E 175 -20.99 -30.87 1.99
C GLU E 175 -20.00 -31.33 0.97
N ASP E 176 -19.78 -30.51 -0.05
CA ASP E 176 -18.82 -30.85 -1.09
C ASP E 176 -17.39 -30.87 -0.59
N ILE E 177 -17.11 -30.11 0.47
CA ILE E 177 -15.77 -30.00 1.01
C ILE E 177 -15.66 -30.66 2.36
N GLY E 178 -16.69 -31.40 2.72
CA GLY E 178 -16.72 -32.09 4.00
C GLY E 178 -16.39 -33.57 3.95
N ALA E 179 -17.22 -34.40 4.57
CA ALA E 179 -16.95 -35.82 4.71
C ALA E 179 -16.57 -36.52 3.41
N ARG E 180 -17.30 -36.29 2.32
CA ARG E 180 -16.98 -37.03 1.12
C ARG E 180 -15.59 -36.66 0.62
N TYR E 181 -15.15 -35.42 0.84
CA TYR E 181 -13.81 -35.01 0.42
C TYR E 181 -12.78 -35.73 1.25
N ALA E 182 -13.02 -35.82 2.54
CA ALA E 182 -12.10 -36.54 3.39
C ALA E 182 -11.97 -38.00 2.98
N ILE E 183 -13.09 -38.66 2.75
CA ILE E 183 -13.06 -40.07 2.42
C ILE E 183 -12.39 -40.29 1.08
N SER E 184 -12.72 -39.47 0.11
CA SER E 184 -12.12 -39.61 -1.20
C SER E 184 -10.65 -39.33 -1.17
N HIS E 185 -10.17 -38.72 -0.10
CA HIS E 185 -8.78 -38.33 -0.05
C HIS E 185 -8.09 -38.98 1.12
N GLY E 186 -8.52 -40.18 1.49
CA GLY E 186 -7.74 -40.99 2.41
C GLY E 186 -8.45 -41.57 3.60
N ALA E 187 -9.50 -40.92 4.06
CA ALA E 187 -10.15 -41.34 5.29
C ALA E 187 -11.03 -42.56 5.10
N ILE E 188 -10.50 -43.59 4.46
CA ILE E 188 -11.28 -44.78 4.20
C ILE E 188 -11.09 -45.83 5.26
N SER E 189 -12.06 -46.73 5.35
CA SER E 189 -12.13 -47.79 6.34
C SER E 189 -13.15 -48.80 5.89
N ASP E 190 -13.27 -49.90 6.61
CA ASP E 190 -14.20 -50.94 6.25
C ASP E 190 -15.63 -50.59 6.57
N TYR E 191 -15.85 -50.06 7.76
CA TYR E 191 -17.17 -49.68 8.21
C TYR E 191 -17.11 -48.29 8.83
N ALA E 192 -18.25 -47.65 9.03
CA ALA E 192 -18.24 -46.32 9.64
C ALA E 192 -19.46 -46.06 10.52
N LEU E 193 -19.21 -45.59 11.72
CA LEU E 193 -20.28 -45.18 12.61
C LEU E 193 -20.32 -43.67 12.69
N VAL E 194 -21.43 -43.10 12.25
CA VAL E 194 -21.61 -41.67 12.33
C VAL E 194 -22.27 -41.32 13.66
N ALA E 195 -21.54 -40.61 14.50
CA ALA E 195 -22.03 -40.27 15.81
C ALA E 195 -22.80 -38.96 15.80
N GLU E 196 -24.12 -39.05 15.67
CA GLU E 196 -24.98 -37.91 15.82
C GLU E 196 -26.06 -38.32 16.79
N ALA E 197 -26.95 -37.41 17.16
CA ALA E 197 -27.97 -37.76 18.12
C ALA E 197 -29.09 -38.52 17.45
N THR E 198 -29.13 -39.81 17.71
CA THR E 198 -30.33 -40.60 17.51
C THR E 198 -30.72 -40.84 18.94
N ASN E 199 -31.77 -41.56 19.24
CA ASN E 199 -32.02 -41.69 20.66
C ASN E 199 -31.63 -43.09 21.12
N PHE E 200 -30.33 -43.34 21.07
CA PHE E 200 -29.79 -44.68 21.23
C PHE E 200 -30.51 -45.67 20.32
N LYS E 201 -30.92 -45.21 19.14
CA LYS E 201 -31.55 -46.08 18.14
C LYS E 201 -30.78 -46.07 16.83
N PRO E 202 -30.30 -47.22 16.37
CA PRO E 202 -29.51 -47.25 15.14
C PRO E 202 -30.36 -47.01 13.90
N ALA E 203 -29.85 -46.21 12.98
CA ALA E 203 -30.47 -46.00 11.67
C ALA E 203 -29.42 -46.20 10.60
N TRP E 204 -29.78 -46.88 9.52
CA TRP E 204 -28.84 -47.02 8.42
C TRP E 204 -29.49 -46.86 7.06
N VAL E 205 -30.52 -46.04 7.00
CA VAL E 205 -30.98 -45.48 5.74
C VAL E 205 -31.02 -43.97 5.94
N GLU E 206 -30.87 -43.22 4.87
CA GLU E 206 -30.93 -41.78 4.99
C GLU E 206 -31.51 -41.22 3.71
N ALA E 207 -31.98 -40.00 3.72
CA ALA E 207 -32.65 -39.45 2.55
C ALA E 207 -31.70 -38.64 1.67
N GLY E 208 -32.04 -38.52 0.40
CA GLY E 208 -31.36 -37.63 -0.50
C GLY E 208 -32.10 -36.32 -0.50
N LYS E 209 -31.87 -35.50 -1.51
CA LYS E 209 -32.51 -34.20 -1.56
C LYS E 209 -32.34 -33.53 -2.90
N VAL E 210 -33.36 -32.78 -3.30
CA VAL E 210 -33.22 -31.88 -4.43
C VAL E 210 -33.76 -30.53 -4.04
N PHE E 211 -33.01 -29.49 -4.35
CA PHE E 211 -33.41 -28.12 -4.08
C PHE E 211 -33.91 -27.48 -5.35
N LEU E 212 -35.09 -26.89 -5.31
CA LEU E 212 -35.64 -26.26 -6.48
C LEU E 212 -35.73 -24.78 -6.27
N LYS E 213 -35.31 -24.01 -7.26
CA LYS E 213 -35.59 -22.59 -7.27
C LYS E 213 -36.76 -22.37 -8.21
N VAL E 214 -37.89 -21.92 -7.70
CA VAL E 214 -39.06 -21.70 -8.52
C VAL E 214 -39.31 -20.21 -8.70
N THR E 215 -39.18 -19.74 -9.93
CA THR E 215 -39.37 -18.33 -10.26
C THR E 215 -40.63 -18.15 -11.04
N VAL E 216 -41.54 -17.33 -10.52
CA VAL E 216 -42.80 -17.01 -11.17
C VAL E 216 -42.73 -15.67 -11.91
N PHE E 217 -43.23 -15.63 -13.13
CA PHE E 217 -43.19 -14.42 -13.93
C PHE E 217 -44.56 -13.78 -14.06
N ALA E 218 -44.56 -12.46 -14.16
CA ALA E 218 -45.78 -11.68 -14.32
C ALA E 218 -45.50 -10.41 -15.11
N GLY E 219 -45.85 -9.25 -14.58
CA GLY E 219 -45.63 -8.01 -15.28
C GLY E 219 -46.81 -7.64 -16.17
N PRO E 220 -46.73 -6.51 -16.88
CA PRO E 220 -45.61 -5.57 -16.94
C PRO E 220 -45.49 -4.67 -15.72
N SER E 221 -44.26 -4.29 -15.40
CA SER E 221 -43.97 -3.40 -14.29
C SER E 221 -44.72 -2.09 -14.42
N ARG E 222 -45.25 -1.61 -13.32
CA ARG E 222 -45.94 -0.34 -13.30
C ARG E 222 -45.56 0.46 -12.07
N TYR E 223 -45.34 1.75 -12.25
CA TYR E 223 -45.19 2.69 -11.14
C TYR E 223 -46.45 2.60 -10.31
N THR E 224 -46.32 2.59 -8.99
CA THR E 224 -47.45 2.37 -8.09
C THR E 224 -48.74 3.16 -8.39
N PRO E 225 -48.63 4.43 -8.78
CA PRO E 225 -49.87 5.12 -9.12
C PRO E 225 -50.59 4.62 -10.37
N TYR E 226 -50.05 3.60 -11.04
CA TYR E 226 -50.64 3.09 -12.27
C TYR E 226 -51.07 1.63 -12.12
N VAL E 227 -50.91 1.06 -10.94
CA VAL E 227 -51.21 -0.36 -10.77
C VAL E 227 -52.68 -0.63 -11.03
N PRO E 228 -52.98 -1.65 -11.83
CA PRO E 228 -54.38 -1.99 -12.13
C PRO E 228 -55.07 -2.66 -10.97
N ARG E 229 -56.23 -2.15 -10.54
CA ARG E 229 -57.02 -2.86 -9.54
C ARG E 229 -58.50 -2.70 -9.85
N PRO E 230 -59.30 -3.73 -9.55
CA PRO E 230 -58.88 -5.00 -8.97
C PRO E 230 -58.53 -6.03 -10.02
N VAL E 231 -57.67 -6.97 -9.66
CA VAL E 231 -57.29 -8.03 -10.57
C VAL E 231 -57.23 -9.32 -9.76
N ALA E 232 -57.68 -10.42 -10.35
CA ALA E 232 -57.56 -11.73 -9.72
C ALA E 232 -56.11 -12.05 -9.44
N ALA E 233 -55.84 -12.63 -8.29
CA ALA E 233 -54.48 -12.88 -7.85
C ALA E 233 -53.64 -13.53 -8.93
N LEU E 234 -54.10 -14.63 -9.50
CA LEU E 234 -53.34 -15.35 -10.51
C LEU E 234 -53.14 -14.55 -11.80
N ASP E 235 -53.78 -13.40 -11.91
CA ASP E 235 -53.67 -12.57 -13.08
C ASP E 235 -52.87 -11.33 -12.76
N SER E 236 -52.46 -11.21 -11.50
CA SER E 236 -51.71 -10.03 -11.06
C SER E 236 -50.46 -9.80 -11.86
N PRO E 237 -50.15 -8.52 -12.12
CA PRO E 237 -48.88 -8.18 -12.75
C PRO E 237 -47.76 -8.24 -11.74
N ASN E 238 -48.11 -8.32 -10.46
CA ASN E 238 -47.14 -8.43 -9.39
C ASN E 238 -46.81 -9.87 -9.11
N ALA E 239 -45.60 -10.28 -9.44
CA ALA E 239 -45.21 -11.67 -9.29
C ALA E 239 -45.30 -12.13 -7.86
N ILE E 240 -45.22 -11.20 -6.92
CA ILE E 240 -45.32 -11.57 -5.53
C ILE E 240 -46.69 -12.08 -5.21
N VAL E 241 -47.70 -11.46 -5.80
CA VAL E 241 -49.08 -11.84 -5.55
C VAL E 241 -49.34 -13.22 -6.11
N ARG E 242 -48.91 -13.47 -7.33
CA ARG E 242 -49.09 -14.77 -7.92
C ARG E 242 -48.36 -15.82 -7.10
N MET E 243 -47.16 -15.49 -6.65
CA MET E 243 -46.35 -16.43 -5.91
C MET E 243 -47.04 -16.85 -4.64
N ALA E 244 -47.71 -15.89 -4.02
CA ALA E 244 -48.44 -16.17 -2.82
C ALA E 244 -49.44 -17.28 -3.07
N LYS E 245 -50.07 -17.27 -4.24
CA LYS E 245 -51.03 -18.30 -4.58
C LYS E 245 -50.34 -19.63 -4.86
N LEU E 246 -49.19 -19.58 -5.51
CA LEU E 246 -48.44 -20.79 -5.79
C LEU E 246 -47.94 -21.42 -4.51
N VAL E 247 -47.64 -20.60 -3.52
CA VAL E 247 -47.20 -21.12 -2.25
C VAL E 247 -48.28 -21.99 -1.63
N GLU E 248 -49.55 -21.62 -1.78
CA GLU E 248 -50.60 -22.41 -1.15
C GLU E 248 -50.77 -23.71 -1.91
N ALA E 249 -50.57 -23.66 -3.22
CA ALA E 249 -50.70 -24.85 -4.01
C ALA E 249 -49.57 -25.83 -3.72
N LEU E 250 -48.38 -25.28 -3.49
CA LEU E 250 -47.22 -26.09 -3.19
C LEU E 250 -47.27 -26.67 -1.79
N GLU E 251 -47.93 -25.97 -0.88
CA GLU E 251 -48.04 -26.50 0.45
C GLU E 251 -48.91 -27.73 0.53
N GLU E 252 -49.99 -27.79 -0.26
CA GLU E 252 -50.81 -28.99 -0.24
C GLU E 252 -50.07 -30.10 -0.95
N TRP E 253 -49.35 -29.79 -2.02
CA TRP E 253 -48.57 -30.79 -2.71
C TRP E 253 -47.60 -31.45 -1.73
N ALA E 254 -47.07 -30.64 -0.83
CA ALA E 254 -46.13 -31.10 0.17
C ALA E 254 -46.78 -32.02 1.19
N ASP E 255 -48.03 -31.75 1.52
CA ASP E 255 -48.77 -32.57 2.47
C ASP E 255 -48.90 -33.99 1.94
N ASN E 256 -49.06 -34.15 0.63
CA ASN E 256 -49.22 -35.47 0.06
C ASN E 256 -47.94 -36.14 -0.33
N TYR E 257 -46.97 -35.35 -0.73
CA TYR E 257 -45.68 -35.86 -1.11
C TYR E 257 -45.10 -36.76 -0.04
N GLU E 258 -45.12 -36.30 1.19
CA GLU E 258 -44.47 -37.05 2.25
C GLU E 258 -45.15 -38.37 2.47
N LYS E 259 -46.46 -38.40 2.23
CA LYS E 259 -47.22 -39.63 2.41
C LYS E 259 -47.06 -40.56 1.22
N ARG E 260 -47.07 -39.99 0.02
CA ARG E 260 -46.95 -40.75 -1.20
C ARG E 260 -45.60 -41.42 -1.33
N TYR E 261 -44.57 -40.78 -0.80
CA TYR E 261 -43.24 -41.32 -1.01
C TYR E 261 -42.67 -41.87 0.25
N THR E 262 -43.50 -42.01 1.27
CA THR E 262 -43.06 -42.70 2.48
C THR E 262 -42.72 -44.10 2.06
N ARG E 263 -41.62 -44.63 2.56
CA ARG E 263 -41.14 -45.92 2.13
C ARG E 263 -40.37 -46.54 3.26
N GLU E 264 -40.66 -47.79 3.61
CA GLU E 264 -40.02 -48.40 4.78
C GLU E 264 -38.93 -49.37 4.37
N TYR E 265 -37.76 -49.22 4.98
CA TYR E 265 -36.60 -50.04 4.66
C TYR E 265 -36.14 -50.82 5.86
N GLY E 266 -35.23 -51.75 5.63
CA GLY E 266 -34.65 -52.50 6.72
C GLY E 266 -33.91 -51.59 7.66
N GLY E 267 -33.33 -50.52 7.14
CA GLY E 267 -32.58 -49.60 7.95
C GLY E 267 -33.39 -48.53 8.63
N GLY E 268 -34.67 -48.42 8.31
CA GLY E 268 -35.53 -47.45 8.93
C GLY E 268 -36.59 -47.02 7.97
N THR E 269 -37.58 -46.26 8.44
CA THR E 269 -38.61 -45.74 7.56
C THR E 269 -38.32 -44.33 7.10
N VAL E 270 -38.34 -44.10 5.79
CA VAL E 270 -38.08 -42.76 5.28
C VAL E 270 -39.37 -42.01 5.00
N VAL E 271 -39.57 -40.90 5.71
CA VAL E 271 -40.70 -40.02 5.45
C VAL E 271 -40.15 -38.73 4.91
N PRO E 272 -40.09 -38.59 3.60
CA PRO E 272 -39.40 -37.46 3.00
C PRO E 272 -40.24 -36.19 2.98
N LYS E 273 -39.76 -35.12 3.59
CA LYS E 273 -40.57 -33.93 3.72
C LYS E 273 -40.16 -32.78 2.83
N VAL E 274 -41.01 -31.76 2.77
CA VAL E 274 -40.83 -30.62 1.90
C VAL E 274 -40.98 -29.33 2.67
N ALA E 275 -40.09 -28.37 2.46
CA ALA E 275 -40.26 -27.07 3.07
C ALA E 275 -39.82 -25.96 2.13
N ILE E 276 -40.51 -24.84 2.20
CA ILE E 276 -40.09 -23.67 1.48
C ILE E 276 -39.21 -22.83 2.37
N GLY E 277 -37.92 -22.75 2.04
CA GLY E 277 -36.93 -22.21 2.95
C GLY E 277 -36.55 -20.76 2.79
N ALA E 278 -36.85 -20.19 1.63
CA ALA E 278 -36.54 -18.80 1.35
C ALA E 278 -37.38 -18.29 0.21
N ILE E 279 -37.69 -16.99 0.24
CA ILE E 279 -38.40 -16.34 -0.84
C ILE E 279 -37.80 -14.99 -1.05
N ARG E 280 -37.77 -14.51 -2.29
CA ARG E 280 -37.44 -13.12 -2.55
C ARG E 280 -37.91 -12.66 -3.91
N GLY E 281 -38.19 -11.36 -3.99
CA GLY E 281 -38.37 -10.63 -5.23
C GLY E 281 -38.97 -9.34 -4.75
N GLY E 282 -38.59 -8.17 -5.27
CA GLY E 282 -37.33 -7.91 -5.90
C GLY E 282 -36.46 -7.41 -4.78
N VAL E 283 -36.15 -6.11 -4.76
CA VAL E 283 -35.25 -5.57 -3.74
C VAL E 283 -35.88 -4.52 -2.84
N PRO E 284 -35.55 -4.55 -1.55
CA PRO E 284 -36.16 -3.68 -0.55
C PRO E 284 -35.87 -2.21 -0.69
N TYR E 285 -34.86 -1.85 -1.44
CA TYR E 285 -34.45 -0.46 -1.49
C TYR E 285 -34.93 0.22 -2.76
N LYS E 286 -35.75 -0.49 -3.52
CA LYS E 286 -36.41 0.03 -4.72
C LYS E 286 -37.79 -0.54 -4.87
N ILE E 287 -38.74 -0.07 -4.09
CA ILE E 287 -40.03 -0.71 -4.06
C ILE E 287 -41.12 0.02 -4.83
N TYR E 288 -40.77 1.08 -5.55
CA TYR E 288 -41.80 1.89 -6.20
C TYR E 288 -42.40 1.22 -7.43
N ARG E 289 -41.81 0.12 -7.89
CA ARG E 289 -42.40 -0.73 -8.92
C ARG E 289 -42.38 -2.19 -8.46
N PHE E 290 -43.52 -2.84 -8.48
CA PHE E 290 -43.59 -4.23 -8.10
C PHE E 290 -42.77 -5.05 -9.06
N PRO E 291 -42.34 -6.25 -8.65
CA PRO E 291 -41.48 -7.09 -9.46
C PRO E 291 -42.19 -7.85 -10.56
N GLU E 292 -41.53 -8.04 -11.69
CA GLU E 292 -42.06 -8.86 -12.75
C GLU E 292 -41.75 -10.31 -12.49
N LEU E 293 -40.90 -10.59 -11.50
CA LEU E 293 -40.59 -11.94 -11.12
C LEU E 293 -40.40 -12.06 -9.63
N CYS E 294 -40.47 -13.29 -9.13
CA CYS E 294 -40.34 -13.54 -7.71
C CYS E 294 -39.92 -14.99 -7.55
N SER E 295 -38.93 -15.25 -6.71
CA SER E 295 -38.39 -16.60 -6.60
C SER E 295 -38.64 -17.28 -5.26
N ILE E 296 -38.77 -18.60 -5.30
CA ILE E 296 -38.98 -19.40 -4.12
C ILE E 296 -37.92 -20.48 -4.10
N TYR E 297 -37.55 -20.94 -2.91
CA TYR E 297 -36.47 -21.92 -2.78
C TYR E 297 -36.90 -23.13 -1.93
N MET E 298 -36.95 -24.31 -2.54
CA MET E 298 -37.56 -25.47 -1.91
C MET E 298 -36.60 -26.56 -1.45
N ASP E 299 -36.77 -27.04 -0.22
CA ASP E 299 -36.05 -28.20 0.28
C ASP E 299 -36.92 -29.41 0.09
N ILE E 300 -36.55 -30.29 -0.82
CA ILE E 300 -37.34 -31.48 -1.08
C ILE E 300 -36.51 -32.73 -0.84
N ARG E 301 -36.89 -33.48 0.19
CA ARG E 301 -36.16 -34.67 0.53
C ARG E 301 -36.59 -35.83 -0.36
N LEU E 302 -35.65 -36.69 -0.72
CA LEU E 302 -35.94 -37.84 -1.55
C LEU E 302 -35.70 -39.10 -0.79
N ASN E 303 -36.52 -40.12 -0.98
CA ASN E 303 -36.10 -41.41 -0.50
C ASN E 303 -35.06 -41.90 -1.49
N PRO E 304 -34.27 -42.90 -1.12
CA PRO E 304 -33.22 -43.41 -2.00
C PRO E 304 -33.67 -43.84 -3.39
N ASP E 305 -34.96 -44.04 -3.59
CA ASP E 305 -35.41 -44.62 -4.84
C ASP E 305 -36.13 -43.63 -5.70
N THR E 306 -36.04 -42.36 -5.36
CA THR E 306 -36.72 -41.34 -6.11
C THR E 306 -35.78 -40.51 -6.95
N ASN E 307 -36.02 -40.48 -8.25
CA ASN E 307 -35.26 -39.66 -9.15
C ASN E 307 -35.69 -38.21 -9.06
N PRO E 308 -34.73 -37.29 -8.96
CA PRO E 308 -35.04 -35.87 -8.80
C PRO E 308 -35.85 -35.28 -9.95
N LEU E 309 -35.69 -35.79 -11.16
CA LEU E 309 -36.42 -35.23 -12.29
C LEU E 309 -37.91 -35.54 -12.18
N VAL E 310 -38.22 -36.63 -11.52
CA VAL E 310 -39.59 -37.01 -11.31
C VAL E 310 -40.27 -35.95 -10.47
N VAL E 311 -39.57 -35.53 -9.43
CA VAL E 311 -40.02 -34.48 -8.52
C VAL E 311 -40.09 -33.12 -9.20
N GLN E 312 -39.13 -32.83 -10.04
CA GLN E 312 -39.16 -31.55 -10.74
C GLN E 312 -40.43 -31.46 -11.56
N ARG E 313 -40.79 -32.55 -12.22
CA ARG E 313 -41.98 -32.55 -13.05
C ARG E 313 -43.27 -32.34 -12.24
N GLU E 314 -43.35 -32.92 -11.06
CA GLU E 314 -44.51 -32.76 -10.21
C GLU E 314 -44.66 -31.30 -9.80
N VAL E 315 -43.56 -30.65 -9.50
CA VAL E 315 -43.62 -29.27 -9.11
C VAL E 315 -44.01 -28.45 -10.32
N GLU E 316 -43.47 -28.81 -11.48
CA GLU E 316 -43.85 -28.13 -12.70
C GLU E 316 -45.32 -28.32 -13.01
N ALA E 317 -45.87 -29.45 -12.63
CA ALA E 317 -47.27 -29.74 -12.92
C ALA E 317 -48.15 -28.88 -12.07
N VAL E 318 -47.73 -28.67 -10.83
CA VAL E 318 -48.44 -27.80 -9.92
C VAL E 318 -48.52 -26.41 -10.50
N VAL E 319 -47.42 -25.93 -11.03
CA VAL E 319 -47.40 -24.62 -11.63
C VAL E 319 -48.31 -24.59 -12.84
N SER E 320 -48.25 -25.63 -13.62
CA SER E 320 -49.00 -25.68 -14.87
C SER E 320 -50.49 -25.75 -14.59
N LYS E 321 -50.85 -26.42 -13.51
CA LYS E 321 -52.25 -26.62 -13.18
C LYS E 321 -52.90 -25.32 -12.78
N LEU E 322 -52.08 -24.35 -12.39
CA LEU E 322 -52.55 -23.04 -11.97
C LEU E 322 -52.49 -22.03 -13.11
N GLY E 323 -51.94 -22.44 -14.23
CA GLY E 323 -51.84 -21.56 -15.38
C GLY E 323 -50.75 -20.52 -15.31
N LEU E 324 -49.78 -20.73 -14.44
CA LEU E 324 -48.69 -19.79 -14.27
C LEU E 324 -47.48 -20.12 -15.13
N LYS E 325 -46.75 -19.08 -15.51
CA LYS E 325 -45.48 -19.21 -16.17
C LYS E 325 -44.41 -19.23 -15.10
N ALA E 326 -43.61 -20.29 -15.03
CA ALA E 326 -42.56 -20.35 -14.03
C ALA E 326 -41.37 -21.14 -14.52
N GLU E 327 -40.19 -20.85 -13.98
CA GLU E 327 -39.05 -21.66 -14.28
C GLU E 327 -38.73 -22.48 -13.03
N VAL E 328 -38.73 -23.80 -13.14
CA VAL E 328 -38.36 -24.67 -12.04
C VAL E 328 -36.95 -25.19 -12.26
N LYS E 329 -35.98 -24.65 -11.54
CA LYS E 329 -34.57 -24.99 -11.78
C LYS E 329 -33.95 -25.62 -10.54
N PRO E 330 -33.39 -26.83 -10.70
CA PRO E 330 -32.70 -27.49 -9.60
C PRO E 330 -31.35 -26.88 -9.36
N PHE E 331 -30.95 -26.69 -8.11
CA PHE E 331 -29.61 -26.22 -7.87
C PHE E 331 -28.88 -27.06 -6.85
N LEU E 332 -29.49 -28.14 -6.41
CA LEU E 332 -28.81 -29.11 -5.59
C LEU E 332 -29.39 -30.49 -5.75
N PHE E 333 -28.54 -31.49 -5.87
CA PHE E 333 -29.01 -32.86 -5.86
C PHE E 333 -28.04 -33.81 -5.15
N ARG E 334 -28.52 -34.49 -4.13
CA ARG E 334 -27.72 -35.50 -3.47
C ARG E 334 -28.54 -36.75 -3.27
N ARG E 335 -27.92 -37.92 -3.42
CA ARG E 335 -28.62 -39.19 -3.25
C ARG E 335 -28.54 -39.70 -1.85
N GLY E 336 -29.62 -40.35 -1.42
CA GLY E 336 -29.68 -41.05 -0.15
C GLY E 336 -29.49 -42.53 -0.35
N TYR E 337 -29.02 -43.21 0.68
CA TYR E 337 -28.67 -44.61 0.58
C TYR E 337 -29.10 -45.41 1.78
N GLU E 338 -29.38 -46.68 1.57
CA GLU E 338 -29.49 -47.64 2.65
C GLU E 338 -28.20 -48.42 2.70
N ALA E 339 -27.69 -48.70 3.88
CA ALA E 339 -26.41 -49.38 3.96
C ALA E 339 -26.53 -50.78 3.43
N GLN E 340 -25.54 -51.25 2.69
CA GLN E 340 -25.51 -52.63 2.31
C GLN E 340 -24.28 -53.30 2.90
N GLY E 341 -24.50 -54.47 3.49
CA GLY E 341 -23.44 -55.22 4.12
C GLY E 341 -23.09 -54.61 5.45
N ILE E 342 -24.10 -54.09 6.11
CA ILE E 342 -23.95 -53.38 7.37
C ILE E 342 -23.92 -54.36 8.54
N GLU E 343 -24.35 -55.59 8.30
CA GLU E 343 -24.62 -56.57 9.36
C GLU E 343 -23.52 -56.77 10.43
N PRO E 344 -22.23 -56.81 10.03
CA PRO E 344 -21.20 -56.95 11.07
C PRO E 344 -21.15 -55.80 12.06
N LEU E 345 -21.30 -54.57 11.57
CA LEU E 345 -21.34 -53.39 12.43
C LEU E 345 -22.66 -53.33 13.19
N GLN E 346 -23.75 -53.67 12.51
CA GLN E 346 -25.04 -53.71 13.15
C GLN E 346 -25.02 -54.58 14.38
N ASN E 347 -24.41 -55.74 14.24
CA ASN E 347 -24.37 -56.67 15.34
C ASN E 347 -23.42 -56.22 16.43
N ALA E 348 -22.26 -55.70 16.05
CA ALA E 348 -21.32 -55.24 17.05
C ALA E 348 -21.94 -54.15 17.91
N LEU E 349 -22.67 -53.24 17.27
CA LEU E 349 -23.33 -52.17 17.98
C LEU E 349 -24.41 -52.73 18.89
N GLU E 350 -25.20 -53.65 18.36
CA GLU E 350 -26.27 -54.24 19.12
C GLU E 350 -25.79 -54.86 20.41
N VAL E 351 -24.74 -55.67 20.33
CA VAL E 351 -24.19 -56.34 21.48
C VAL E 351 -23.71 -55.33 22.51
N ALA E 352 -22.96 -54.34 22.06
CA ALA E 352 -22.48 -53.29 22.94
C ALA E 352 -23.66 -52.57 23.54
N HIS E 353 -24.65 -52.26 22.73
CA HIS E 353 -25.82 -51.54 23.21
C HIS E 353 -26.56 -52.29 24.30
N ARG E 354 -26.69 -53.60 24.16
CA ARG E 354 -27.43 -54.35 25.16
C ARG E 354 -26.67 -54.47 26.45
N GLU E 355 -25.35 -54.45 26.40
CA GLU E 355 -24.61 -54.58 27.64
C GLU E 355 -24.62 -53.28 28.41
N VAL E 356 -24.50 -52.18 27.70
CA VAL E 356 -24.35 -50.88 28.31
C VAL E 356 -25.68 -50.24 28.66
N VAL E 357 -26.64 -50.31 27.76
CA VAL E 357 -27.92 -49.68 28.01
C VAL E 357 -28.88 -50.65 28.68
N GLY E 358 -28.78 -51.93 28.34
CA GLY E 358 -29.52 -52.94 29.07
C GLY E 358 -30.67 -53.59 28.34
N ARG E 359 -31.15 -52.95 27.29
CA ARG E 359 -32.28 -53.47 26.51
C ARG E 359 -31.87 -53.57 25.05
N PRO E 360 -32.64 -54.30 24.25
CA PRO E 360 -32.41 -54.29 22.80
C PRO E 360 -32.59 -52.90 22.21
N THR E 361 -32.02 -52.64 21.05
CA THR E 361 -32.22 -51.35 20.41
C THR E 361 -33.62 -51.24 19.91
N GLU E 362 -34.16 -50.03 19.86
CA GLU E 362 -35.50 -49.86 19.30
C GLU E 362 -35.38 -49.34 17.87
N ARG E 363 -36.49 -49.35 17.14
CA ARG E 363 -36.47 -48.87 15.78
C ARG E 363 -36.35 -47.37 15.77
N PRO E 364 -35.50 -46.85 14.83
CA PRO E 364 -35.28 -45.40 14.85
C PRO E 364 -36.50 -44.62 14.42
N GLY E 365 -36.55 -43.37 14.89
CA GLY E 365 -37.59 -42.45 14.50
C GLY E 365 -37.46 -42.03 13.06
N SER E 366 -38.57 -41.84 12.39
CA SER E 366 -38.59 -41.48 10.99
C SER E 366 -37.73 -40.25 10.66
N PRO E 367 -37.79 -39.20 11.50
CA PRO E 367 -36.98 -38.07 11.11
C PRO E 367 -35.50 -38.36 11.05
N GLU E 368 -35.02 -39.28 11.87
CA GLU E 368 -33.59 -39.57 11.87
C GLU E 368 -33.21 -40.49 10.73
N CYS E 369 -34.19 -41.05 10.05
CA CYS E 369 -33.96 -41.82 8.83
C CYS E 369 -34.20 -41.01 7.60
N SER E 370 -34.79 -39.84 7.76
CA SER E 370 -35.23 -39.11 6.59
C SER E 370 -34.52 -37.78 6.42
N MET E 371 -33.26 -37.70 6.85
CA MET E 371 -32.52 -36.45 6.74
C MET E 371 -31.24 -36.60 5.96
N TRP E 372 -30.35 -35.64 6.11
CA TRP E 372 -29.03 -35.77 5.57
C TRP E 372 -28.07 -35.90 6.71
N ARG E 373 -27.40 -37.04 6.75
CA ARG E 373 -26.28 -37.26 7.64
C ARG E 373 -25.15 -37.89 6.86
N ASP E 374 -23.97 -37.92 7.45
CA ASP E 374 -22.80 -38.32 6.68
C ASP E 374 -22.70 -39.81 6.45
N THR E 375 -23.76 -40.55 6.74
CA THR E 375 -23.78 -41.95 6.37
C THR E 375 -23.88 -42.06 4.87
N ASN E 376 -24.45 -41.05 4.25
CA ASN E 376 -24.64 -41.10 2.82
C ASN E 376 -23.35 -41.14 2.01
N PRO E 377 -22.37 -40.26 2.30
CA PRO E 377 -21.13 -40.40 1.52
C PRO E 377 -20.39 -41.73 1.72
N TYR E 378 -20.33 -42.21 2.96
CA TYR E 378 -19.68 -43.48 3.27
C TYR E 378 -20.35 -44.61 2.54
N ASN E 379 -21.66 -44.63 2.54
CA ASN E 379 -22.37 -45.68 1.86
C ASN E 379 -22.16 -45.56 0.37
N GLU E 380 -22.18 -44.36 -0.15
CA GLU E 380 -21.96 -44.12 -1.56
C GLU E 380 -20.60 -44.67 -2.01
N LEU E 381 -19.63 -44.65 -1.12
CA LEU E 381 -18.27 -45.06 -1.45
C LEU E 381 -17.93 -46.46 -0.98
N GLY E 382 -18.96 -47.23 -0.64
CA GLY E 382 -18.80 -48.63 -0.35
C GLY E 382 -18.37 -48.94 1.05
N ILE E 383 -18.55 -48.00 1.96
CA ILE E 383 -18.27 -48.22 3.36
C ILE E 383 -19.58 -48.28 4.12
N PRO E 384 -20.01 -49.48 4.49
CA PRO E 384 -21.30 -49.67 5.17
C PRO E 384 -21.38 -48.83 6.40
N SER E 385 -22.44 -48.04 6.57
CA SER E 385 -22.44 -47.03 7.63
C SER E 385 -23.79 -46.77 8.27
N LEU E 386 -23.79 -46.62 9.60
CA LEU E 386 -25.00 -46.25 10.34
C LEU E 386 -24.79 -45.04 11.24
N THR E 387 -25.87 -44.52 11.81
CA THR E 387 -25.74 -43.44 12.76
C THR E 387 -26.31 -43.83 14.12
N TYR E 388 -25.67 -43.38 15.19
CA TYR E 388 -26.03 -43.74 16.54
C TYR E 388 -25.42 -42.80 17.57
N GLY E 389 -26.24 -42.23 18.44
CA GLY E 389 -25.76 -41.42 19.53
C GLY E 389 -26.84 -41.25 20.56
N CYS E 390 -26.61 -40.41 21.56
CA CYS E 390 -27.58 -40.18 22.62
C CYS E 390 -28.42 -38.95 22.36
N GLY E 391 -29.55 -38.84 23.06
CA GLY E 391 -30.35 -37.63 23.05
C GLY E 391 -31.21 -37.43 21.82
N GLY E 392 -32.08 -36.44 21.87
CA GLY E 392 -32.93 -36.14 20.73
C GLY E 392 -32.21 -35.26 19.73
N GLY E 393 -32.65 -35.29 18.50
CA GLY E 393 -32.01 -34.54 17.43
C GLY E 393 -32.20 -33.05 17.58
N ALA E 394 -31.27 -32.27 17.05
CA ALA E 394 -31.38 -30.82 17.12
C ALA E 394 -32.52 -30.29 16.26
N GLY E 395 -32.91 -31.03 15.24
CA GLY E 395 -34.03 -30.62 14.41
C GLY E 395 -35.34 -30.73 15.16
N GLY E 396 -35.24 -31.25 16.37
CA GLY E 396 -36.38 -31.56 17.21
C GLY E 396 -37.23 -30.46 17.80
N GLY E 397 -36.65 -29.50 18.50
CA GLY E 397 -35.22 -29.40 18.73
C GLY E 397 -34.83 -29.57 20.17
N ASN E 398 -34.09 -30.65 20.44
CA ASN E 398 -33.47 -30.88 21.72
C ASN E 398 -32.31 -29.91 21.95
N THR E 399 -32.06 -29.53 23.19
CA THR E 399 -31.02 -28.54 23.49
C THR E 399 -30.02 -28.99 24.56
N TYR E 400 -30.11 -30.23 25.02
CA TYR E 400 -29.15 -30.69 26.00
C TYR E 400 -28.94 -32.20 25.94
N PHE E 401 -27.85 -32.63 26.56
CA PHE E 401 -27.53 -34.03 26.72
C PHE E 401 -27.43 -34.30 28.20
N LEU E 402 -27.75 -35.51 28.63
CA LEU E 402 -27.38 -35.92 29.97
C LEU E 402 -25.96 -36.43 29.97
N VAL E 403 -25.14 -35.98 30.91
CA VAL E 403 -23.76 -36.46 30.96
C VAL E 403 -23.76 -37.98 31.13
N ASP E 404 -24.71 -38.51 31.89
CA ASP E 404 -24.81 -39.94 32.07
C ASP E 404 -25.02 -40.66 30.76
N ASP E 405 -25.79 -40.06 29.88
CA ASP E 405 -26.02 -40.64 28.56
C ASP E 405 -24.82 -40.48 27.65
N MET E 406 -24.09 -39.38 27.79
CA MET E 406 -22.90 -39.19 26.98
C MET E 406 -21.87 -40.22 27.35
N LEU E 407 -21.80 -40.53 28.64
CA LEU E 407 -20.87 -41.54 29.10
C LEU E 407 -21.26 -42.90 28.54
N LYS E 408 -22.55 -43.19 28.47
CA LYS E 408 -23.01 -44.47 27.91
C LYS E 408 -22.59 -44.62 26.45
N ALA E 409 -22.76 -43.56 25.69
CA ALA E 409 -22.42 -43.57 24.29
C ALA E 409 -20.95 -43.89 24.11
N ALA E 410 -20.11 -43.29 24.93
CA ALA E 410 -18.69 -43.55 24.82
C ALA E 410 -18.38 -45.01 25.08
N LYS E 411 -19.14 -45.63 25.97
CA LYS E 411 -18.96 -47.04 26.27
C LYS E 411 -19.43 -47.92 25.12
N VAL E 412 -20.59 -47.61 24.56
CA VAL E 412 -21.05 -48.35 23.40
C VAL E 412 -20.05 -48.23 22.24
N TYR E 413 -19.54 -47.01 22.01
CA TYR E 413 -18.57 -46.77 20.96
C TYR E 413 -17.31 -47.59 21.17
N ALA E 414 -16.78 -47.56 22.38
CA ALA E 414 -15.57 -48.30 22.64
C ALA E 414 -15.81 -49.78 22.44
N MET E 415 -16.90 -50.31 23.00
CA MET E 415 -17.17 -51.74 22.90
C MET E 415 -17.41 -52.17 21.47
N THR E 416 -18.14 -51.38 20.71
CA THR E 416 -18.37 -51.68 19.32
C THR E 416 -17.04 -51.86 18.61
N ALA E 417 -16.08 -51.01 18.93
CA ALA E 417 -14.76 -51.09 18.30
C ALA E 417 -14.02 -52.35 18.68
N MET E 418 -14.11 -52.74 19.94
CA MET E 418 -13.39 -53.91 20.42
C MET E 418 -13.94 -55.17 19.81
N ASP E 419 -15.23 -55.18 19.53
CA ASP E 419 -15.84 -56.31 18.86
C ASP E 419 -15.43 -56.30 17.40
N LEU E 420 -15.92 -55.31 16.67
CA LEU E 420 -15.75 -55.24 15.24
C LEU E 420 -14.30 -55.25 14.79
N CYS E 421 -13.45 -54.48 15.45
CA CYS E 421 -12.08 -54.36 14.97
C CYS E 421 -11.22 -55.60 15.20
N ASN E 422 -11.81 -56.65 15.76
CA ASN E 422 -11.09 -57.88 15.98
C ASN E 422 -11.68 -58.99 15.15
N ARG E 423 -12.61 -58.63 14.29
CA ARG E 423 -13.12 -59.55 13.30
C ARG E 423 -12.31 -59.36 12.02
N THR E 424 -12.14 -60.42 11.26
CA THR E 424 -11.38 -60.33 10.01
C THR E 424 -12.27 -59.94 8.85
N PRO E 425 -11.81 -58.97 8.03
CA PRO E 425 -12.59 -58.47 6.89
C PRO E 425 -12.81 -59.57 5.85
N ASN F 5 54.55 -19.51 34.30
CA ASN F 5 54.97 -18.19 33.85
C ASN F 5 53.81 -17.24 33.75
N ASP F 6 53.57 -16.82 32.52
CA ASP F 6 52.46 -15.97 32.21
C ASP F 6 51.39 -16.95 31.75
N VAL F 7 51.79 -18.22 31.63
CA VAL F 7 50.86 -19.27 31.27
C VAL F 7 50.00 -19.71 32.42
N ALA F 8 50.60 -19.98 33.56
CA ALA F 8 49.84 -20.46 34.71
C ALA F 8 48.76 -19.46 35.06
N LYS F 9 49.05 -18.19 34.85
CA LYS F 9 48.09 -17.16 35.14
C LYS F 9 46.88 -17.33 34.25
N VAL F 10 47.11 -17.65 32.98
CA VAL F 10 45.99 -17.82 32.06
C VAL F 10 45.20 -19.07 32.38
N MET F 11 45.89 -20.14 32.74
CA MET F 11 45.20 -21.38 33.09
C MET F 11 44.28 -21.21 34.26
N LYS F 12 44.71 -20.44 35.24
CA LYS F 12 43.90 -20.24 36.42
C LYS F 12 42.67 -19.42 36.08
N THR F 13 42.84 -18.46 35.18
CA THR F 13 41.74 -17.62 34.73
C THR F 13 40.69 -18.48 34.07
N LEU F 14 41.15 -19.44 33.29
CA LEU F 14 40.25 -20.31 32.56
C LEU F 14 39.54 -21.26 33.50
N ASP F 15 40.21 -21.65 34.58
CA ASP F 15 39.58 -22.50 35.57
C ASP F 15 38.40 -21.80 36.19
N GLY F 16 38.48 -20.47 36.22
CA GLY F 16 37.45 -19.66 36.81
C GLY F 16 36.37 -19.22 35.84
N MET F 17 36.53 -19.55 34.56
CA MET F 17 35.57 -19.09 33.57
C MET F 17 34.65 -20.20 33.15
N ARG F 18 34.58 -21.22 33.97
CA ARG F 18 33.84 -22.40 33.62
C ARG F 18 32.36 -22.09 33.37
N GLU F 19 31.73 -21.33 34.25
CA GLU F 19 30.32 -21.04 34.04
C GLU F 19 30.07 -20.09 32.86
N GLY F 20 31.04 -19.24 32.52
CA GLY F 20 30.84 -18.36 31.38
C GLY F 20 30.92 -19.17 30.11
N LEU F 21 31.76 -20.19 30.14
CA LEU F 21 31.93 -21.09 29.01
C LEU F 21 30.65 -21.84 28.75
N ILE F 22 30.05 -22.36 29.80
CA ILE F 22 28.80 -23.09 29.71
C ILE F 22 27.68 -22.19 29.21
N GLN F 23 27.55 -21.04 29.85
CA GLN F 23 26.49 -20.11 29.51
C GLN F 23 26.61 -19.70 28.06
N THR F 24 27.83 -19.43 27.62
CA THR F 24 28.05 -18.98 26.27
C THR F 24 27.71 -20.05 25.26
N ALA F 25 28.10 -21.28 25.51
CA ALA F 25 27.79 -22.35 24.59
C ALA F 25 26.29 -22.60 24.53
N VAL F 26 25.65 -22.60 25.68
CA VAL F 26 24.23 -22.89 25.72
C VAL F 26 23.39 -21.79 25.13
N GLU F 27 23.68 -20.54 25.49
CA GLU F 27 22.95 -19.43 24.90
C GLU F 27 23.16 -19.43 23.39
N LEU F 28 24.35 -19.78 22.97
CA LEU F 28 24.69 -19.78 21.56
C LEU F 28 24.04 -20.95 20.84
N GLY F 29 24.12 -22.13 21.43
CA GLY F 29 23.57 -23.32 20.82
C GLY F 29 22.06 -23.32 20.76
N SER F 30 21.45 -22.48 21.58
CA SER F 30 20.00 -22.43 21.68
C SER F 30 19.34 -21.68 20.54
N ILE F 31 20.12 -20.88 19.84
CA ILE F 31 19.62 -20.05 18.77
C ILE F 31 19.34 -20.86 17.50
N GLU F 32 18.17 -20.66 16.92
CA GLU F 32 17.82 -21.36 15.68
C GLU F 32 18.70 -20.80 14.59
N ALA F 33 19.56 -21.63 14.01
CA ALA F 33 20.46 -21.12 12.99
C ALA F 33 20.89 -22.17 11.98
N PRO F 34 19.93 -22.80 11.29
CA PRO F 34 20.35 -23.70 10.23
C PRO F 34 20.93 -22.90 9.08
N THR F 35 21.74 -23.51 8.22
CA THR F 35 22.29 -22.78 7.08
C THR F 35 21.19 -22.12 6.27
N GLY F 36 21.29 -20.81 6.11
CA GLY F 36 20.27 -20.04 5.44
C GLY F 36 19.61 -19.03 6.36
N ARG F 37 19.76 -19.23 7.66
CA ARG F 37 19.18 -18.35 8.66
C ARG F 37 20.12 -18.18 9.83
N GLU F 38 21.41 -18.03 9.55
CA GLU F 38 22.40 -17.89 10.61
C GLU F 38 22.47 -16.47 11.16
N GLY F 39 21.58 -15.59 10.69
CA GLY F 39 21.61 -14.20 11.10
C GLY F 39 21.64 -13.95 12.58
N ALA F 40 20.70 -14.53 13.30
CA ALA F 40 20.58 -14.29 14.72
C ALA F 40 21.84 -14.71 15.45
N ALA F 41 22.41 -15.83 15.05
CA ALA F 41 23.64 -16.29 15.66
C ALA F 41 24.78 -15.30 15.37
N GLY F 42 24.80 -14.76 14.16
CA GLY F 42 25.78 -13.74 13.84
C GLY F 42 25.63 -12.54 14.74
N ASP F 43 24.39 -12.12 14.96
CA ASP F 43 24.09 -11.01 15.87
C ASP F 43 24.57 -11.26 17.30
N TYR F 44 24.37 -12.46 17.82
CA TYR F 44 24.82 -12.78 19.17
C TYR F 44 26.32 -12.67 19.31
N VAL F 45 27.05 -13.28 18.40
CA VAL F 45 28.50 -13.33 18.50
C VAL F 45 29.08 -11.93 18.34
N TYR F 46 28.48 -11.13 17.48
CA TYR F 46 28.94 -9.76 17.34
C TYR F 46 28.81 -9.08 18.67
N GLU F 47 27.68 -9.26 19.33
CA GLU F 47 27.45 -8.52 20.54
C GLU F 47 28.30 -9.08 21.67
N TRP F 48 28.62 -10.36 21.60
CA TRP F 48 29.51 -10.97 22.57
C TRP F 48 30.90 -10.39 22.40
N MET F 49 31.35 -10.32 21.15
CA MET F 49 32.65 -9.76 20.86
C MET F 49 32.68 -8.29 21.21
N ALA F 50 31.58 -7.59 20.99
CA ALA F 50 31.55 -6.16 21.30
C ALA F 50 31.71 -5.94 22.80
N ARG F 51 30.94 -6.68 23.59
CA ARG F 51 31.00 -6.58 25.04
C ARG F 51 32.40 -6.78 25.58
N ASN F 52 33.15 -7.72 25.02
CA ASN F 52 34.50 -7.97 25.51
C ASN F 52 35.62 -7.17 24.82
N GLY F 53 35.26 -6.20 24.01
CA GLY F 53 36.21 -5.28 23.44
C GLY F 53 37.14 -5.88 22.41
N PHE F 54 36.58 -6.67 21.52
CA PHE F 54 37.32 -7.30 20.43
C PHE F 54 37.06 -6.60 19.13
N GLY F 55 36.35 -5.49 19.20
CA GLY F 55 36.07 -4.67 18.04
C GLY F 55 35.62 -5.37 16.79
N PRO F 56 34.45 -6.01 16.85
CA PRO F 56 34.00 -6.81 15.71
C PRO F 56 33.47 -6.05 14.53
N GLU F 57 33.57 -6.66 13.36
CA GLU F 57 32.99 -6.15 12.14
C GLU F 57 32.14 -7.24 11.53
N ARG F 58 31.06 -6.84 10.88
CA ARG F 58 30.26 -7.73 10.07
C ARG F 58 30.72 -7.74 8.64
N VAL F 59 31.10 -8.91 8.16
CA VAL F 59 31.60 -9.09 6.81
C VAL F 59 30.75 -10.11 6.06
N GLY F 60 29.88 -9.66 5.18
CA GLY F 60 29.00 -10.60 4.53
C GLY F 60 28.51 -10.15 3.18
N VAL F 61 27.88 -11.06 2.48
CA VAL F 61 27.30 -10.77 1.19
C VAL F 61 25.86 -10.26 1.34
N PHE F 62 25.19 -10.75 2.37
CA PHE F 62 23.84 -10.31 2.72
C PHE F 62 23.83 -9.74 4.13
N ASP F 63 22.88 -8.88 4.42
CA ASP F 63 22.83 -8.23 5.73
C ASP F 63 22.24 -9.13 6.81
N ASP F 64 21.71 -10.29 6.44
CA ASP F 64 21.20 -11.24 7.43
C ASP F 64 21.92 -12.57 7.39
N ARG F 65 22.95 -12.66 6.56
CA ARG F 65 23.85 -13.81 6.56
C ARG F 65 25.27 -13.32 6.40
N PHE F 66 26.02 -13.26 7.49
CA PHE F 66 27.30 -12.61 7.45
C PHE F 66 28.29 -13.30 8.34
N ASN F 67 29.56 -12.93 8.18
CA ASN F 67 30.59 -13.41 9.05
C ASN F 67 30.90 -12.37 10.10
N VAL F 68 31.43 -12.79 11.22
CA VAL F 68 31.79 -11.85 12.26
C VAL F 68 33.28 -11.96 12.54
N VAL F 69 34.00 -10.86 12.41
CA VAL F 69 35.45 -10.86 12.56
C VAL F 69 35.92 -9.84 13.61
N GLY F 70 36.64 -10.30 14.62
CA GLY F 70 37.23 -9.39 15.60
C GLY F 70 38.69 -9.71 15.85
N ARG F 71 39.37 -8.88 16.63
CA ARG F 71 40.79 -9.08 16.91
C ARG F 71 41.16 -8.87 18.35
N LEU F 72 42.20 -9.56 18.80
CA LEU F 72 42.86 -9.25 20.05
C LEU F 72 44.24 -8.79 19.67
N ARG F 73 44.44 -7.48 19.71
CA ARG F 73 45.56 -6.91 19.00
C ARG F 73 46.85 -7.05 19.83
N GLY F 74 47.95 -7.31 19.16
CA GLY F 74 49.20 -7.62 19.83
C GLY F 74 50.12 -6.43 19.93
N THR F 75 51.18 -6.57 20.71
CA THR F 75 52.13 -5.47 20.93
C THR F 75 52.90 -5.12 19.67
N GLY F 76 53.07 -6.10 18.79
CA GLY F 76 53.72 -5.88 17.52
C GLY F 76 54.85 -6.86 17.28
N GLY F 77 54.94 -7.33 16.05
CA GLY F 77 56.07 -8.14 15.64
C GLY F 77 55.99 -9.63 15.79
N GLY F 78 54.79 -10.16 15.90
CA GLY F 78 54.61 -11.60 16.03
C GLY F 78 53.78 -12.15 14.89
N ALA F 79 53.61 -13.46 14.84
CA ALA F 79 52.77 -14.12 13.83
C ALA F 79 51.28 -14.03 14.17
N SER F 80 50.44 -13.90 13.17
CA SER F 80 49.00 -13.82 13.41
C SER F 80 48.40 -15.20 13.41
N LEU F 81 47.47 -15.44 14.33
CA LEU F 81 46.73 -16.69 14.38
C LEU F 81 45.24 -16.47 14.35
N SER F 82 44.54 -17.11 13.41
CA SER F 82 43.10 -17.04 13.36
C SER F 82 42.46 -18.18 14.14
N PHE F 83 41.35 -17.92 14.82
CA PHE F 83 40.51 -18.98 15.32
C PHE F 83 39.19 -18.92 14.58
N ASN F 84 38.72 -20.08 14.10
CA ASN F 84 37.57 -20.14 13.21
C ASN F 84 36.56 -21.20 13.58
N SER F 85 35.30 -20.82 13.69
CA SER F 85 34.19 -21.75 13.83
C SER F 85 32.99 -21.20 13.09
N HIS F 86 31.98 -22.03 12.81
CA HIS F 86 30.87 -21.56 11.98
C HIS F 86 29.57 -21.39 12.73
N LEU F 87 28.77 -20.47 12.22
CA LEU F 87 27.53 -20.05 12.85
C LEU F 87 26.32 -20.88 12.53
N ASP F 88 26.33 -21.60 11.42
CA ASP F 88 25.19 -22.42 11.03
C ASP F 88 25.19 -23.79 11.68
N THR F 89 24.02 -24.40 11.73
CA THR F 89 23.83 -25.72 12.30
C THR F 89 23.23 -26.63 11.23
N ILE F 90 23.21 -27.93 11.47
CA ILE F 90 22.80 -28.87 10.44
C ILE F 90 21.30 -28.95 10.18
N MET F 91 20.52 -29.24 11.22
CA MET F 91 19.10 -29.49 11.04
C MET F 91 18.26 -28.22 11.15
N ALA F 92 17.36 -28.05 10.20
CA ALA F 92 16.29 -27.07 10.29
C ALA F 92 15.01 -27.79 10.67
N ARG F 93 14.09 -27.11 11.35
CA ARG F 93 12.84 -27.78 11.74
C ARG F 93 12.00 -28.15 10.51
N GLU F 94 12.22 -27.42 9.43
CA GLU F 94 11.61 -27.68 8.13
C GLU F 94 11.92 -29.08 7.58
N ASP F 95 13.10 -29.61 7.91
CA ASP F 95 13.65 -30.75 7.15
C ASP F 95 12.99 -32.08 7.51
N THR F 96 11.77 -32.27 7.08
CA THR F 96 11.08 -33.52 7.33
C THR F 96 11.43 -34.50 6.24
N ALA F 97 12.15 -34.00 5.27
CA ALA F 97 12.48 -34.78 4.10
C ALA F 97 13.80 -35.52 4.26
N ARG F 98 14.55 -35.21 5.32
CA ARG F 98 15.83 -35.84 5.50
C ARG F 98 15.91 -36.59 6.80
N PHE F 99 15.05 -36.21 7.75
CA PHE F 99 15.08 -36.84 9.06
C PHE F 99 13.74 -37.44 9.37
N ALA F 100 13.73 -38.57 10.06
CA ALA F 100 12.48 -39.23 10.37
C ALA F 100 11.69 -38.41 11.36
N ASP F 101 12.39 -37.81 12.32
CA ASP F 101 11.76 -36.91 13.28
C ASP F 101 12.45 -35.59 13.28
N ALA F 102 12.09 -34.74 12.32
CA ALA F 102 12.73 -33.45 12.15
C ALA F 102 12.66 -32.57 13.40
N ASN F 103 11.63 -32.75 14.20
CA ASN F 103 11.43 -31.98 15.41
C ASN F 103 11.76 -32.77 16.64
N ASP F 104 12.99 -33.22 16.74
CA ASP F 104 13.40 -33.93 17.92
C ASP F 104 13.68 -32.86 18.96
N ARG F 105 14.91 -32.79 19.43
CA ARG F 105 15.28 -31.83 20.46
C ARG F 105 16.75 -31.67 20.34
N ILE F 106 17.41 -32.80 20.15
CA ILE F 106 18.83 -32.83 20.04
C ILE F 106 19.25 -32.11 18.78
N TYR F 107 18.32 -32.01 17.84
CA TYR F 107 18.55 -31.35 16.57
C TYR F 107 18.54 -29.82 16.70
N HIS F 108 17.81 -29.32 17.69
CA HIS F 108 17.50 -27.89 17.72
C HIS F 108 17.82 -27.18 19.00
N GLU F 109 17.91 -27.90 20.10
CA GLU F 109 18.16 -27.21 21.36
C GLU F 109 19.51 -27.53 21.94
N ALA F 110 19.78 -26.94 23.09
CA ALA F 110 21.08 -27.07 23.74
C ALA F 110 20.95 -26.84 25.23
N TRP F 111 21.40 -27.80 26.03
CA TRP F 111 21.20 -27.71 27.48
C TRP F 111 22.32 -28.37 28.30
N HIS F 112 22.49 -27.91 29.54
CA HIS F 112 23.51 -28.42 30.46
C HIS F 112 22.95 -29.48 31.41
N GLU F 113 23.35 -30.74 31.24
CA GLU F 113 22.87 -31.81 32.10
C GLU F 113 23.99 -32.33 33.01
N GLU F 114 24.51 -33.53 32.74
CA GLU F 114 25.67 -34.06 33.48
C GLU F 114 26.67 -32.99 33.88
N GLY F 115 27.55 -32.76 32.93
CA GLY F 115 28.73 -31.93 33.03
C GLY F 115 28.92 -32.03 31.55
N ARG F 116 27.80 -32.38 30.91
CA ARG F 116 27.66 -32.43 29.47
C ARG F 116 26.86 -31.25 29.02
N ILE F 117 27.02 -30.93 27.74
CA ILE F 117 26.16 -30.01 27.04
C ILE F 117 25.64 -30.74 25.82
N TYR F 118 24.33 -30.87 25.69
CA TYR F 118 23.76 -31.65 24.61
C TYR F 118 23.32 -30.77 23.49
N GLY F 119 23.21 -31.33 22.30
CA GLY F 119 22.68 -30.60 21.17
C GLY F 119 23.62 -30.63 19.99
N TYR F 120 23.09 -31.02 18.84
CA TYR F 120 23.87 -31.03 17.62
C TYR F 120 24.40 -29.63 17.35
N SER F 121 23.63 -28.63 17.74
CA SER F 121 24.04 -27.25 17.54
C SER F 121 25.29 -26.93 18.36
N VAL F 122 25.57 -27.75 19.34
CA VAL F 122 26.71 -27.49 20.18
C VAL F 122 27.95 -28.21 19.67
N VAL F 123 27.78 -29.45 19.23
CA VAL F 123 28.86 -30.20 18.64
C VAL F 123 29.33 -29.52 17.36
N ASN F 124 28.37 -28.97 16.63
CA ASN F 124 28.61 -28.40 15.33
C ASN F 124 27.78 -27.16 15.10
N CYS F 125 28.29 -25.99 15.48
CA CYS F 125 29.66 -25.85 15.97
C CYS F 125 29.77 -24.69 16.96
N LYS F 126 28.92 -24.72 17.98
CA LYS F 126 28.78 -23.62 18.89
C LYS F 126 29.27 -24.28 20.12
N GLY F 127 30.43 -23.94 20.59
CA GLY F 127 30.97 -24.78 21.65
C GLY F 127 32.42 -24.91 21.40
N PRO F 128 32.77 -25.46 20.24
CA PRO F 128 34.16 -25.27 19.87
C PRO F 128 34.31 -23.77 19.70
N MET F 129 33.30 -23.12 19.16
CA MET F 129 33.29 -21.68 19.03
C MET F 129 33.35 -21.03 20.40
N ALA F 130 32.60 -21.57 21.34
CA ALA F 130 32.58 -21.07 22.70
C ALA F 130 33.94 -21.23 23.34
N CYS F 131 34.60 -22.33 23.02
CA CYS F 131 35.90 -22.65 23.59
C CYS F 131 36.94 -21.59 23.29
N TRP F 132 37.02 -21.14 22.04
CA TRP F 132 38.05 -20.16 21.76
C TRP F 132 37.63 -18.74 22.04
N LEU F 133 36.34 -18.47 22.03
CA LEU F 133 35.83 -17.19 22.47
C LEU F 133 36.21 -16.95 23.92
N ILE F 134 36.07 -17.97 24.74
CA ILE F 134 36.43 -17.86 26.13
C ILE F 134 37.93 -17.73 26.27
N ALA F 135 38.65 -18.54 25.52
CA ALA F 135 40.10 -18.51 25.55
C ALA F 135 40.62 -17.11 25.24
N ALA F 136 40.02 -16.44 24.28
CA ALA F 136 40.42 -15.09 23.95
C ALA F 136 40.16 -14.16 25.11
N LYS F 137 39.03 -14.34 25.76
CA LYS F 137 38.66 -13.53 26.90
C LYS F 137 39.68 -13.71 28.03
N ALA F 138 40.11 -14.95 28.24
CA ALA F 138 41.08 -15.25 29.27
C ALA F 138 42.38 -14.55 28.98
N LEU F 139 42.84 -14.70 27.75
CA LEU F 139 44.05 -14.07 27.30
C LEU F 139 43.99 -12.58 27.52
N LYS F 140 42.86 -11.99 27.18
CA LYS F 140 42.71 -10.54 27.31
C LYS F 140 42.64 -10.16 28.79
N GLU F 141 41.93 -10.93 29.62
CA GLU F 141 41.78 -10.50 31.00
C GLU F 141 43.03 -10.74 31.80
N ALA F 142 43.85 -11.67 31.39
CA ALA F 142 45.07 -11.93 32.12
C ALA F 142 46.21 -11.05 31.65
N GLY F 143 45.94 -10.20 30.67
CA GLY F 143 46.95 -9.30 30.13
C GLY F 143 48.15 -10.05 29.58
N ALA F 144 47.91 -11.18 28.92
CA ALA F 144 48.98 -11.98 28.37
C ALA F 144 49.77 -11.20 27.34
N ALA F 145 51.06 -11.45 27.31
CA ALA F 145 51.91 -10.80 26.36
C ALA F 145 51.83 -11.52 25.05
N LEU F 146 51.39 -10.83 24.01
CA LEU F 146 51.36 -11.40 22.67
C LEU F 146 51.91 -10.39 21.66
N LYS F 147 52.91 -10.79 20.89
CA LYS F 147 53.48 -9.87 19.91
C LYS F 147 52.58 -9.79 18.70
N GLY F 148 51.99 -10.91 18.32
CA GLY F 148 51.13 -10.95 17.15
C GLY F 148 49.64 -10.88 17.48
N ASP F 149 48.83 -10.53 16.50
CA ASP F 149 47.39 -10.44 16.67
C ASP F 149 46.71 -11.80 16.72
N VAL F 150 45.65 -11.90 17.50
CA VAL F 150 44.76 -13.04 17.40
C VAL F 150 43.47 -12.64 16.72
N VAL F 151 43.16 -13.29 15.59
CA VAL F 151 41.96 -12.99 14.83
C VAL F 151 40.86 -13.94 15.16
N LEU F 152 39.70 -13.40 15.53
CA LEU F 152 38.56 -14.18 15.93
C LEU F 152 37.54 -14.21 14.83
N THR F 153 37.38 -15.35 14.17
CA THR F 153 36.54 -15.43 13.00
C THR F 153 35.38 -16.42 13.09
N ALA F 154 34.16 -15.91 13.22
CA ALA F 154 32.97 -16.74 13.18
C ALA F 154 32.31 -16.61 11.81
N VAL F 155 32.22 -17.69 11.08
CA VAL F 155 31.79 -17.62 9.68
C VAL F 155 30.40 -18.16 9.49
N CYS F 156 29.78 -17.81 8.38
CA CYS F 156 28.50 -18.41 8.04
C CYS F 156 28.70 -19.43 6.96
N GLY F 157 27.64 -20.14 6.63
CA GLY F 157 27.64 -21.08 5.53
C GLY F 157 28.78 -22.04 5.38
N GLU F 158 29.20 -22.72 6.44
CA GLU F 158 30.25 -23.71 6.29
C GLU F 158 29.67 -25.00 5.76
N ILE F 159 28.47 -25.31 6.17
CA ILE F 159 27.86 -26.59 5.87
C ILE F 159 27.44 -26.72 4.39
N ASP F 160 27.60 -27.93 3.85
CA ASP F 160 27.62 -28.21 2.41
C ASP F 160 26.29 -28.07 1.67
N CYS F 161 25.43 -27.15 2.08
CA CYS F 161 24.26 -26.82 1.29
C CYS F 161 24.73 -26.11 0.03
N GLU F 162 24.12 -26.40 -1.11
CA GLU F 162 24.43 -25.66 -2.32
C GLU F 162 23.19 -25.48 -3.17
N PRO F 163 23.11 -24.35 -3.89
CA PRO F 163 22.03 -24.14 -4.84
C PRO F 163 22.16 -25.08 -6.02
N VAL F 164 21.05 -25.37 -6.68
CA VAL F 164 21.01 -26.25 -7.84
C VAL F 164 19.67 -26.06 -8.52
N ASP F 165 19.62 -26.18 -9.84
CA ASP F 165 18.34 -26.07 -10.55
C ASP F 165 17.58 -24.78 -10.21
N GLU F 166 16.40 -24.92 -9.64
CA GLU F 166 15.58 -23.75 -9.38
C GLU F 166 15.82 -23.16 -8.00
N PHE F 167 16.70 -23.77 -7.24
CA PHE F 167 16.94 -23.31 -5.89
C PHE F 167 18.19 -22.47 -5.87
N GLN F 168 18.01 -21.17 -6.08
CA GLN F 168 19.13 -20.26 -6.30
C GLN F 168 19.12 -19.06 -5.36
N GLY F 169 20.29 -18.46 -5.18
CA GLY F 169 20.40 -17.20 -4.47
C GLY F 169 20.40 -17.29 -2.97
N HIS F 170 20.02 -16.18 -2.34
CA HIS F 170 20.13 -15.98 -0.91
C HIS F 170 19.86 -17.20 -0.04
N ASP F 171 18.78 -17.89 -0.30
CA ASP F 171 18.34 -18.94 0.61
C ASP F 171 19.22 -20.19 0.59
N TYR F 172 19.98 -20.37 -0.48
CA TYR F 172 20.56 -21.67 -0.71
C TYR F 172 22.06 -21.63 -0.77
N LEU F 173 22.62 -20.43 -0.73
CA LEU F 173 24.05 -20.29 -0.72
C LEU F 173 24.62 -20.74 0.59
N ALA F 174 25.88 -21.14 0.59
CA ALA F 174 26.54 -21.51 1.82
C ALA F 174 28.00 -21.10 1.83
N GLU F 175 28.85 -21.92 1.23
CA GLU F 175 30.27 -21.74 1.41
C GLU F 175 30.83 -20.56 0.64
N ASP F 176 30.19 -20.16 -0.45
CA ASP F 176 30.68 -19.04 -1.23
C ASP F 176 30.57 -17.72 -0.50
N ILE F 177 29.70 -17.64 0.51
CA ILE F 177 29.52 -16.40 1.25
C ILE F 177 30.05 -16.54 2.65
N GLY F 178 30.74 -17.64 2.93
CA GLY F 178 31.25 -17.90 4.26
C GLY F 178 32.71 -17.59 4.41
N ALA F 179 33.45 -18.53 4.96
CA ALA F 179 34.87 -18.35 5.30
C ALA F 179 35.71 -17.77 4.18
N ARG F 180 35.60 -18.29 2.97
CA ARG F 180 36.47 -17.80 1.91
C ARG F 180 36.19 -16.34 1.64
N TYR F 181 34.94 -15.92 1.80
CA TYR F 181 34.60 -14.52 1.58
C TYR F 181 35.21 -13.69 2.69
N ALA F 182 35.08 -14.17 3.92
CA ALA F 182 35.62 -13.45 5.06
C ALA F 182 37.12 -13.26 4.90
N ILE F 183 37.82 -14.32 4.53
CA ILE F 183 39.26 -14.24 4.38
C ILE F 183 39.64 -13.33 3.24
N SER F 184 38.95 -13.47 2.13
CA SER F 184 39.22 -12.65 0.96
C SER F 184 38.96 -11.19 1.17
N HIS F 185 38.26 -10.85 2.23
CA HIS F 185 37.89 -9.47 2.47
C HIS F 185 38.39 -9.00 3.82
N GLY F 186 39.50 -9.55 4.28
CA GLY F 186 40.17 -9.00 5.43
C GLY F 186 40.60 -9.90 6.56
N ALA F 187 39.91 -11.00 6.77
CA ALA F 187 40.20 -11.83 7.92
C ALA F 187 41.44 -12.69 7.69
N ILE F 188 42.53 -12.07 7.25
CA ILE F 188 43.75 -12.79 6.97
C ILE F 188 44.67 -12.79 8.15
N SER F 189 45.57 -13.77 8.17
CA SER F 189 46.51 -14.03 9.25
C SER F 189 47.59 -14.97 8.77
N ASP F 190 48.61 -15.21 9.59
CA ASP F 190 49.69 -16.09 9.20
C ASP F 190 49.29 -17.57 9.25
N TYR F 191 48.61 -17.96 10.31
CA TYR F 191 48.16 -19.32 10.47
C TYR F 191 46.71 -19.30 10.93
N ALA F 192 46.01 -20.43 10.80
CA ALA F 192 44.63 -20.47 11.23
C ALA F 192 44.25 -21.81 11.82
N LEU F 193 43.64 -21.77 13.00
CA LEU F 193 43.15 -22.98 13.63
C LEU F 193 41.65 -23.02 13.54
N VAL F 194 41.14 -23.99 12.82
CA VAL F 194 39.72 -24.18 12.69
C VAL F 194 39.27 -25.08 13.83
N ALA F 195 38.44 -24.54 14.72
CA ALA F 195 37.99 -25.31 15.87
C ALA F 195 36.72 -26.05 15.58
N GLU F 196 36.84 -27.32 15.24
CA GLU F 196 35.70 -28.19 15.05
C GLU F 196 35.94 -29.44 15.85
N ALA F 197 35.00 -30.36 15.88
CA ALA F 197 35.18 -31.54 16.71
C ALA F 197 36.08 -32.59 16.07
N THR F 198 37.30 -32.72 16.57
CA THR F 198 38.09 -33.94 16.40
C THR F 198 38.21 -34.51 17.80
N ASN F 199 38.88 -35.62 18.01
CA ASN F 199 38.95 -36.06 19.38
C ASN F 199 40.29 -35.68 19.95
N PHE F 200 40.50 -34.39 20.08
CA PHE F 200 41.81 -33.86 20.41
C PHE F 200 42.87 -34.42 19.46
N LYS F 201 42.51 -34.64 18.21
CA LYS F 201 43.46 -35.12 17.20
C LYS F 201 43.54 -34.14 16.05
N PRO F 202 44.73 -33.58 15.79
CA PRO F 202 44.89 -32.59 14.73
C PRO F 202 44.85 -33.17 13.33
N ALA F 203 44.19 -32.49 12.41
CA ALA F 203 44.20 -32.87 11.01
C ALA F 203 44.53 -31.67 10.13
N TRP F 204 45.38 -31.83 9.13
CA TRP F 204 45.63 -30.73 8.23
C TRP F 204 45.64 -31.13 6.77
N VAL F 205 44.84 -32.12 6.44
CA VAL F 205 44.42 -32.34 5.07
C VAL F 205 42.91 -32.43 5.14
N GLU F 206 42.24 -32.09 4.06
CA GLU F 206 40.80 -32.17 4.01
C GLU F 206 40.39 -32.50 2.59
N ALA F 207 39.17 -32.96 2.39
CA ALA F 207 38.77 -33.43 1.08
C ALA F 207 38.10 -32.36 0.28
N GLY F 208 38.10 -32.52 -1.03
CA GLY F 208 37.31 -31.67 -1.90
C GLY F 208 35.98 -32.32 -2.11
N LYS F 209 35.26 -31.93 -3.16
CA LYS F 209 33.97 -32.52 -3.48
C LYS F 209 33.49 -32.11 -4.84
N VAL F 210 32.80 -33.04 -5.50
CA VAL F 210 32.07 -32.71 -6.70
C VAL F 210 30.68 -33.27 -6.54
N PHE F 211 29.68 -32.46 -6.87
CA PHE F 211 28.28 -32.86 -6.83
C PHE F 211 27.80 -33.10 -8.24
N LEU F 212 27.23 -34.26 -8.50
CA LEU F 212 26.74 -34.55 -9.85
C LEU F 212 25.25 -34.71 -9.85
N LYS F 213 24.60 -34.09 -10.81
CA LYS F 213 23.19 -34.33 -11.05
C LYS F 213 23.07 -35.29 -12.22
N VAL F 214 22.57 -36.48 -11.96
CA VAL F 214 22.42 -37.50 -12.98
C VAL F 214 20.95 -37.68 -13.35
N THR F 215 20.61 -37.36 -14.58
CA THR F 215 19.23 -37.47 -15.04
C THR F 215 19.09 -38.60 -16.05
N VAL F 216 18.27 -39.60 -15.76
CA VAL F 216 18.07 -40.70 -16.69
C VAL F 216 16.85 -40.45 -17.55
N PHE F 217 16.97 -40.71 -18.84
CA PHE F 217 15.88 -40.48 -19.76
C PHE F 217 15.19 -41.76 -20.22
N ALA F 218 13.89 -41.64 -20.45
CA ALA F 218 13.10 -42.74 -20.94
C ALA F 218 11.96 -42.24 -21.82
N GLY F 219 10.74 -42.68 -21.50
CA GLY F 219 9.58 -42.31 -22.27
C GLY F 219 9.36 -43.33 -23.36
N PRO F 220 8.30 -43.14 -24.15
CA PRO F 220 7.36 -42.03 -24.12
C PRO F 220 6.34 -42.08 -23.00
N SER F 221 5.94 -40.89 -22.56
CA SER F 221 4.95 -40.73 -21.51
C SER F 221 3.64 -41.41 -21.86
N ARG F 222 3.04 -42.08 -20.89
CA ARG F 222 1.76 -42.74 -21.09
C ARG F 222 0.81 -42.56 -19.92
N TYR F 223 -0.45 -42.28 -20.23
CA TYR F 223 -1.52 -42.34 -19.24
C TYR F 223 -1.58 -43.76 -18.70
N THR F 224 -1.70 -43.90 -17.38
CA THR F 224 -1.59 -45.20 -16.72
C THR F 224 -2.38 -46.34 -17.37
N PRO F 225 -3.60 -46.08 -17.87
CA PRO F 225 -4.28 -47.19 -18.51
C PRO F 225 -3.63 -47.69 -19.78
N TYR F 226 -2.54 -47.07 -20.22
CA TYR F 226 -1.89 -47.48 -21.44
C TYR F 226 -0.47 -47.96 -21.23
N VAL F 227 0.00 -47.96 -19.99
CA VAL F 227 1.39 -48.28 -19.73
C VAL F 227 1.67 -49.72 -20.17
N PRO F 228 2.73 -49.92 -20.97
CA PRO F 228 3.10 -51.24 -21.48
C PRO F 228 3.73 -52.16 -20.43
N ARG F 229 3.17 -53.36 -20.27
CA ARG F 229 3.74 -54.38 -19.39
C ARG F 229 3.56 -55.77 -19.99
N PRO F 230 4.51 -56.67 -19.72
CA PRO F 230 5.73 -56.45 -18.95
C PRO F 230 6.89 -55.97 -19.80
N VAL F 231 7.80 -55.23 -19.19
CA VAL F 231 8.97 -54.73 -19.89
C VAL F 231 10.15 -54.84 -18.96
N ALA F 232 11.32 -55.18 -19.48
CA ALA F 232 12.53 -55.22 -18.66
C ALA F 232 12.81 -53.84 -18.06
N ALA F 233 13.25 -53.82 -16.80
CA ALA F 233 13.50 -52.56 -16.09
C ALA F 233 14.28 -51.56 -16.92
N LEU F 234 15.43 -51.96 -17.46
CA LEU F 234 16.27 -51.05 -18.23
C LEU F 234 15.60 -50.58 -19.51
N ASP F 235 14.45 -51.16 -19.83
CA ASP F 235 13.72 -50.83 -21.05
C ASP F 235 12.42 -50.09 -20.75
N SER F 236 12.14 -49.91 -19.46
CA SER F 236 10.91 -49.25 -19.01
C SER F 236 10.76 -47.86 -19.60
N PRO F 237 9.53 -47.47 -19.92
CA PRO F 237 9.29 -46.11 -20.36
C PRO F 237 9.27 -45.17 -19.17
N ASN F 238 9.22 -45.73 -17.96
CA ASN F 238 9.24 -44.96 -16.73
C ASN F 238 10.65 -44.69 -16.22
N ALA F 239 11.09 -43.45 -16.31
CA ALA F 239 12.45 -43.11 -15.95
C ALA F 239 12.80 -43.43 -14.50
N ILE F 240 11.79 -43.49 -13.65
CA ILE F 240 11.99 -43.84 -12.27
C ILE F 240 12.45 -45.26 -12.13
N VAL F 241 11.90 -46.12 -12.99
CA VAL F 241 12.23 -47.54 -12.93
C VAL F 241 13.68 -47.76 -13.36
N ARG F 242 14.09 -47.10 -14.43
CA ARG F 242 15.48 -47.17 -14.90
C ARG F 242 16.44 -46.61 -13.87
N MET F 243 16.07 -45.52 -13.24
CA MET F 243 16.93 -44.90 -12.28
C MET F 243 17.19 -45.84 -11.13
N ALA F 244 16.16 -46.58 -10.76
CA ALA F 244 16.28 -47.54 -9.68
C ALA F 244 17.37 -48.56 -9.98
N LYS F 245 17.52 -48.93 -11.24
CA LYS F 245 18.55 -49.88 -11.62
C LYS F 245 19.90 -49.21 -11.57
N LEU F 246 19.95 -47.95 -11.98
CA LEU F 246 21.20 -47.23 -11.96
C LEU F 246 21.72 -46.99 -10.56
N VAL F 247 20.80 -46.83 -9.61
CA VAL F 247 21.18 -46.56 -8.23
C VAL F 247 22.00 -47.69 -7.69
N GLU F 248 21.66 -48.91 -8.09
CA GLU F 248 22.39 -50.05 -7.55
C GLU F 248 23.74 -50.13 -8.17
N ALA F 249 23.83 -49.72 -9.42
CA ALA F 249 25.10 -49.77 -10.11
C ALA F 249 26.04 -48.75 -9.51
N LEU F 250 25.46 -47.60 -9.14
CA LEU F 250 26.24 -46.53 -8.55
C LEU F 250 26.65 -46.84 -7.12
N GLU F 251 25.84 -47.59 -6.41
CA GLU F 251 26.21 -47.98 -5.07
C GLU F 251 27.40 -48.92 -5.16
N GLU F 252 27.44 -49.72 -6.20
CA GLU F 252 28.54 -50.63 -6.39
C GLU F 252 29.78 -49.85 -6.73
N TRP F 253 29.62 -48.87 -7.60
CA TRP F 253 30.73 -48.02 -7.94
C TRP F 253 31.22 -47.26 -6.72
N ALA F 254 30.30 -46.90 -5.84
CA ALA F 254 30.65 -46.11 -4.67
C ALA F 254 31.44 -46.90 -3.66
N ASP F 255 31.12 -48.16 -3.55
CA ASP F 255 31.84 -49.05 -2.65
C ASP F 255 33.30 -49.16 -3.02
N ASN F 256 33.58 -49.16 -4.31
CA ASN F 256 34.94 -49.31 -4.77
C ASN F 256 35.65 -47.99 -4.89
N TYR F 257 34.90 -46.93 -5.14
CA TYR F 257 35.51 -45.61 -5.22
C TYR F 257 36.32 -45.26 -4.00
N GLU F 258 35.75 -45.45 -2.83
CA GLU F 258 36.40 -44.98 -1.62
C GLU F 258 37.69 -45.72 -1.35
N LYS F 259 37.77 -46.97 -1.77
CA LYS F 259 38.97 -47.74 -1.54
C LYS F 259 40.02 -47.37 -2.55
N ARG F 260 39.62 -47.22 -3.81
CA ARG F 260 40.54 -46.90 -4.90
C ARG F 260 41.21 -45.55 -4.76
N TYR F 261 40.51 -44.60 -4.14
CA TYR F 261 41.05 -43.26 -4.11
C TYR F 261 41.49 -42.89 -2.70
N THR F 262 41.55 -43.89 -1.83
CA THR F 262 42.10 -43.70 -0.50
C THR F 262 43.55 -43.30 -0.61
N ARG F 263 43.94 -42.35 0.22
CA ARG F 263 45.25 -41.79 0.07
C ARG F 263 45.72 -41.25 1.39
N GLU F 264 46.94 -41.59 1.79
CA GLU F 264 47.41 -41.14 3.07
C GLU F 264 48.35 -39.97 2.87
N TYR F 265 48.16 -38.92 3.64
CA TYR F 265 49.01 -37.76 3.53
C TYR F 265 49.66 -37.57 4.86
N GLY F 266 50.62 -36.65 4.91
CA GLY F 266 51.28 -36.34 6.16
C GLY F 266 50.26 -35.79 7.13
N GLY F 267 49.27 -35.09 6.61
CA GLY F 267 48.27 -34.46 7.41
C GLY F 267 47.11 -35.32 7.84
N GLY F 268 47.05 -36.55 7.36
CA GLY F 268 45.99 -37.44 7.74
C GLY F 268 45.66 -38.36 6.59
N THR F 269 44.82 -39.37 6.83
CA THR F 269 44.40 -40.24 5.75
C THR F 269 43.03 -39.89 5.17
N VAL F 270 42.95 -39.69 3.87
CA VAL F 270 41.70 -39.33 3.20
C VAL F 270 41.00 -40.52 2.59
N VAL F 271 39.81 -40.80 3.07
CA VAL F 271 38.98 -41.83 2.48
C VAL F 271 37.75 -41.17 1.91
N PRO F 272 37.75 -40.88 0.61
CA PRO F 272 36.67 -40.11 -0.01
C PRO F 272 35.45 -40.95 -0.34
N LYS F 273 34.32 -40.59 0.23
CA LYS F 273 33.13 -41.40 0.09
C LYS F 273 32.08 -40.77 -0.83
N VAL F 274 31.07 -41.57 -1.15
CA VAL F 274 30.02 -41.20 -2.07
C VAL F 274 28.64 -41.50 -1.51
N ALA F 275 27.72 -40.54 -1.64
CA ALA F 275 26.35 -40.79 -1.20
C ALA F 275 25.38 -40.22 -2.20
N ILE F 276 24.27 -40.92 -2.39
CA ILE F 276 23.20 -40.36 -3.17
C ILE F 276 22.30 -39.58 -2.22
N GLY F 277 22.32 -38.27 -2.32
CA GLY F 277 21.73 -37.43 -1.31
C GLY F 277 20.31 -37.04 -1.60
N ALA F 278 19.89 -37.18 -2.85
CA ALA F 278 18.54 -36.81 -3.24
C ALA F 278 18.11 -37.44 -4.54
N ILE F 279 16.82 -37.68 -4.65
CA ILE F 279 16.22 -38.16 -5.87
C ILE F 279 14.90 -37.45 -6.09
N ARG F 280 14.54 -37.25 -7.35
CA ARG F 280 13.20 -36.82 -7.69
C ARG F 280 12.82 -37.13 -9.12
N GLY F 281 11.53 -37.36 -9.32
CA GLY F 281 10.92 -37.38 -10.63
C GLY F 281 9.56 -37.97 -10.38
N GLY F 282 8.51 -37.48 -11.00
CA GLY F 282 8.45 -36.12 -11.49
C GLY F 282 7.82 -35.42 -10.31
N VAL F 283 6.55 -35.04 -10.40
CA VAL F 283 5.92 -34.31 -9.31
C VAL F 283 4.78 -35.09 -8.67
N PRO F 284 4.67 -35.03 -7.33
CA PRO F 284 3.72 -35.82 -6.56
C PRO F 284 2.26 -35.48 -6.78
N TYR F 285 1.97 -34.31 -7.36
CA TYR F 285 0.60 -33.86 -7.49
C TYR F 285 0.04 -34.04 -8.91
N LYS F 286 0.78 -34.73 -9.77
CA LYS F 286 0.33 -35.09 -11.12
C LYS F 286 0.89 -36.44 -11.49
N ILE F 287 0.35 -37.52 -10.92
CA ILE F 287 1.02 -38.79 -11.08
C ILE F 287 0.38 -39.73 -12.10
N TYR F 288 -0.58 -39.26 -12.87
CA TYR F 288 -1.28 -40.13 -13.80
C TYR F 288 -0.46 -40.49 -15.02
N ARG F 289 0.68 -39.84 -15.22
CA ARG F 289 1.63 -40.25 -16.24
C ARG F 289 3.01 -40.33 -15.62
N PHE F 290 3.67 -41.48 -15.75
CA PHE F 290 5.00 -41.63 -15.23
C PHE F 290 5.93 -40.66 -15.95
N PRO F 291 7.08 -40.32 -15.34
CA PRO F 291 7.97 -39.32 -15.90
C PRO F 291 8.86 -39.83 -17.02
N GLU F 292 9.17 -38.99 -17.99
CA GLU F 292 10.11 -39.36 -19.05
C GLU F 292 11.54 -39.15 -18.57
N LEU F 293 11.68 -38.52 -17.41
CA LEU F 293 13.00 -38.31 -16.84
C LEU F 293 12.97 -38.42 -15.33
N CYS F 294 14.13 -38.62 -14.73
CA CYS F 294 14.25 -38.74 -13.28
C CYS F 294 15.69 -38.43 -12.92
N SER F 295 15.88 -37.60 -11.88
CA SER F 295 17.20 -37.15 -11.48
C SER F 295 17.67 -37.66 -10.15
N ILE F 296 18.98 -37.80 -10.02
CA ILE F 296 19.64 -38.22 -8.81
C ILE F 296 20.67 -37.14 -8.48
N TYR F 297 21.00 -36.94 -7.20
CA TYR F 297 21.95 -35.90 -6.82
C TYR F 297 23.06 -36.47 -5.95
N MET F 298 24.28 -36.47 -6.47
CA MET F 298 25.36 -37.22 -5.83
C MET F 298 26.41 -36.39 -5.12
N ASP F 299 26.71 -36.79 -3.91
CA ASP F 299 27.78 -36.21 -3.14
C ASP F 299 29.00 -37.11 -3.32
N ILE F 300 30.00 -36.61 -4.02
CA ILE F 300 31.21 -37.39 -4.21
C ILE F 300 32.42 -36.64 -3.68
N ARG F 301 33.03 -37.16 -2.63
CA ARG F 301 34.17 -36.48 -2.05
C ARG F 301 35.43 -36.77 -2.85
N LEU F 302 36.32 -35.79 -2.97
CA LEU F 302 37.55 -35.97 -3.73
C LEU F 302 38.74 -35.86 -2.81
N ASN F 303 39.77 -36.63 -3.05
CA ASN F 303 41.02 -36.33 -2.36
C ASN F 303 41.66 -35.12 -3.05
N PRO F 304 42.60 -34.45 -2.39
CA PRO F 304 43.19 -33.25 -2.98
C PRO F 304 43.79 -33.40 -4.37
N ASP F 305 44.03 -34.63 -4.81
CA ASP F 305 44.76 -34.86 -6.05
C ASP F 305 43.92 -35.44 -7.15
N THR F 306 42.60 -35.38 -7.00
CA THR F 306 41.69 -35.93 -7.99
C THR F 306 40.99 -34.86 -8.82
N ASN F 307 41.12 -34.95 -10.12
CA ASN F 307 40.41 -34.04 -11.00
C ASN F 307 38.95 -34.43 -11.06
N PRO F 308 38.05 -33.47 -10.89
CA PRO F 308 36.61 -33.75 -10.90
C PRO F 308 36.12 -34.34 -12.20
N LEU F 309 36.72 -33.98 -13.31
CA LEU F 309 36.28 -34.49 -14.59
C LEU F 309 36.53 -35.98 -14.69
N VAL F 310 37.55 -36.45 -14.00
CA VAL F 310 37.84 -37.86 -14.01
C VAL F 310 36.68 -38.60 -13.39
N VAL F 311 36.16 -38.09 -12.29
CA VAL F 311 35.05 -38.73 -11.61
C VAL F 311 33.79 -38.72 -12.47
N GLN F 312 33.56 -37.61 -13.15
CA GLN F 312 32.41 -37.51 -14.03
C GLN F 312 32.47 -38.57 -15.12
N ARG F 313 33.65 -38.81 -15.66
CA ARG F 313 33.80 -39.81 -16.69
C ARG F 313 33.55 -41.21 -16.14
N GLU F 314 33.94 -41.45 -14.89
CA GLU F 314 33.73 -42.76 -14.31
C GLU F 314 32.24 -43.03 -14.18
N VAL F 315 31.49 -42.01 -13.79
CA VAL F 315 30.06 -42.17 -13.64
C VAL F 315 29.36 -42.29 -14.98
N GLU F 316 29.78 -41.50 -15.95
CA GLU F 316 29.22 -41.59 -17.29
C GLU F 316 29.42 -42.99 -17.84
N ALA F 317 30.52 -43.61 -17.45
CA ALA F 317 30.89 -44.94 -17.87
C ALA F 317 30.01 -45.99 -17.22
N VAL F 318 29.68 -45.76 -15.95
CA VAL F 318 28.75 -46.63 -15.26
C VAL F 318 27.41 -46.65 -15.98
N VAL F 319 26.96 -45.47 -16.38
CA VAL F 319 25.69 -45.34 -17.09
C VAL F 319 25.75 -46.03 -18.42
N SER F 320 26.87 -45.87 -19.09
CA SER F 320 27.08 -46.40 -20.43
C SER F 320 27.07 -47.92 -20.41
N LYS F 321 27.56 -48.49 -19.32
CA LYS F 321 27.66 -49.93 -19.20
C LYS F 321 26.27 -50.57 -19.10
N LEU F 322 25.29 -49.77 -18.72
CA LEU F 322 23.91 -50.22 -18.56
C LEU F 322 23.05 -49.95 -19.77
N GLY F 323 23.59 -49.27 -20.75
CA GLY F 323 22.84 -48.99 -21.95
C GLY F 323 21.83 -47.88 -21.79
N LEU F 324 22.01 -47.07 -20.75
CA LEU F 324 21.12 -45.97 -20.45
C LEU F 324 21.55 -44.68 -21.11
N LYS F 325 20.56 -43.86 -21.44
CA LYS F 325 20.74 -42.50 -21.87
C LYS F 325 20.69 -41.63 -20.64
N ALA F 326 21.75 -40.89 -20.32
CA ALA F 326 21.72 -40.01 -19.16
C ALA F 326 22.58 -38.79 -19.37
N GLU F 327 22.24 -37.74 -18.65
CA GLU F 327 23.03 -36.53 -18.55
C GLU F 327 23.69 -36.48 -17.20
N VAL F 328 25.01 -36.45 -17.16
CA VAL F 328 25.72 -36.30 -15.90
C VAL F 328 26.28 -34.88 -15.75
N LYS F 329 25.65 -34.05 -14.94
CA LYS F 329 26.06 -32.65 -14.88
C LYS F 329 26.52 -32.26 -13.49
N PRO F 330 27.73 -31.71 -13.40
CA PRO F 330 28.25 -31.22 -12.13
C PRO F 330 27.63 -29.90 -11.77
N PHE F 331 27.31 -29.70 -10.49
CA PHE F 331 26.81 -28.40 -10.08
C PHE F 331 27.54 -27.88 -8.87
N LEU F 332 28.58 -28.58 -8.43
CA LEU F 332 29.48 -28.05 -7.41
C LEU F 332 30.86 -28.67 -7.53
N PHE F 333 31.88 -27.84 -7.45
CA PHE F 333 33.26 -28.31 -7.34
C PHE F 333 34.08 -27.44 -6.42
N ARG F 334 34.64 -28.05 -5.38
CA ARG F 334 35.56 -27.37 -4.48
C ARG F 334 36.77 -28.27 -4.25
N ARG F 335 37.96 -27.68 -4.16
CA ARG F 335 39.18 -28.43 -3.96
C ARG F 335 39.48 -28.57 -2.49
N GLY F 336 40.01 -29.73 -2.11
CA GLY F 336 40.54 -29.96 -0.78
C GLY F 336 42.06 -29.85 -0.79
N TYR F 337 42.64 -29.54 0.36
CA TYR F 337 44.07 -29.26 0.46
C TYR F 337 44.74 -29.88 1.68
N GLU F 338 46.02 -30.18 1.57
CA GLU F 338 46.88 -30.43 2.73
C GLU F 338 47.68 -29.19 2.99
N ALA F 339 47.81 -28.80 4.24
CA ALA F 339 48.50 -27.56 4.57
C ALA F 339 49.97 -27.60 4.21
N GLN F 340 50.50 -26.49 3.71
CA GLN F 340 51.93 -26.36 3.48
C GLN F 340 52.49 -25.33 4.45
N GLY F 341 53.58 -25.66 5.11
CA GLY F 341 54.23 -24.76 6.03
C GLY F 341 53.49 -24.67 7.33
N ILE F 342 52.90 -25.79 7.71
CA ILE F 342 52.06 -25.89 8.87
C ILE F 342 52.86 -26.06 10.13
N GLU F 343 54.13 -26.39 9.99
CA GLU F 343 54.98 -26.82 11.10
C GLU F 343 54.96 -25.90 12.34
N PRO F 344 55.03 -24.58 12.14
CA PRO F 344 55.01 -23.75 13.34
C PRO F 344 53.75 -23.89 14.19
N LEU F 345 52.59 -23.96 13.56
CA LEU F 345 51.32 -24.13 14.27
C LEU F 345 51.17 -25.54 14.78
N GLN F 346 51.59 -26.52 13.98
CA GLN F 346 51.60 -27.90 14.41
C GLN F 346 52.39 -28.05 15.69
N ASN F 347 53.54 -27.41 15.75
CA ASN F 347 54.37 -27.56 16.92
C ASN F 347 53.79 -26.83 18.10
N ALA F 348 53.31 -25.62 17.86
CA ALA F 348 52.73 -24.84 18.94
C ALA F 348 51.57 -25.58 19.58
N LEU F 349 50.71 -26.19 18.77
CA LEU F 349 49.56 -26.92 19.28
C LEU F 349 49.98 -28.18 20.02
N GLU F 350 50.88 -28.94 19.41
CA GLU F 350 51.35 -30.17 20.02
C GLU F 350 51.88 -29.93 21.41
N VAL F 351 52.71 -28.91 21.55
CA VAL F 351 53.28 -28.60 22.87
C VAL F 351 52.16 -28.28 23.85
N ALA F 352 51.22 -27.44 23.43
CA ALA F 352 50.09 -27.09 24.27
C ALA F 352 49.28 -28.33 24.66
N HIS F 353 49.01 -29.17 23.69
CA HIS F 353 48.24 -30.37 23.94
C HIS F 353 48.87 -31.29 24.96
N ARG F 354 50.18 -31.47 24.90
CA ARG F 354 50.83 -32.41 25.80
C ARG F 354 50.84 -31.86 27.19
N GLU F 355 50.79 -30.54 27.30
CA GLU F 355 50.79 -29.90 28.60
C GLU F 355 49.43 -30.05 29.25
N VAL F 356 48.38 -29.92 28.47
CA VAL F 356 47.04 -29.91 29.03
C VAL F 356 46.46 -31.30 29.13
N VAL F 357 46.66 -32.09 28.09
CA VAL F 357 46.06 -33.41 28.02
C VAL F 357 46.96 -34.49 28.61
N GLY F 358 48.27 -34.31 28.47
CA GLY F 358 49.23 -35.13 29.16
C GLY F 358 50.00 -36.11 28.30
N ARG F 359 49.46 -36.43 27.14
CA ARG F 359 50.10 -37.39 26.24
C ARG F 359 50.25 -36.77 24.85
N PRO F 360 51.09 -37.34 23.99
CA PRO F 360 51.20 -36.91 22.60
C PRO F 360 49.89 -37.05 21.83
N THR F 361 49.73 -36.28 20.77
CA THR F 361 48.54 -36.39 19.93
C THR F 361 48.53 -37.67 19.12
N GLU F 362 47.35 -38.18 18.82
CA GLU F 362 47.20 -39.38 18.01
C GLU F 362 46.78 -38.99 16.61
N ARG F 363 46.83 -39.91 15.65
CA ARG F 363 46.45 -39.56 14.28
C ARG F 363 44.92 -39.48 14.15
N PRO F 364 44.41 -38.50 13.47
CA PRO F 364 42.98 -38.30 13.34
C PRO F 364 42.28 -39.44 12.62
N GLY F 365 41.01 -39.61 12.93
CA GLY F 365 40.20 -40.57 12.24
C GLY F 365 40.01 -40.11 10.84
N SER F 366 39.98 -41.04 9.91
CA SER F 366 39.84 -40.72 8.50
C SER F 366 38.66 -39.79 8.18
N PRO F 367 37.49 -40.00 8.81
CA PRO F 367 36.39 -39.10 8.44
C PRO F 367 36.65 -37.64 8.76
N GLU F 368 37.46 -37.35 9.76
CA GLU F 368 37.74 -35.95 10.05
C GLU F 368 38.77 -35.36 9.11
N CYS F 369 39.42 -36.22 8.31
CA CYS F 369 40.33 -35.75 7.28
C CYS F 369 39.67 -35.74 5.93
N SER F 370 38.51 -36.38 5.83
CA SER F 370 37.90 -36.63 4.54
C SER F 370 36.57 -35.92 4.34
N MET F 371 36.43 -34.73 4.90
CA MET F 371 35.20 -33.96 4.80
C MET F 371 35.46 -32.58 4.22
N TRP F 372 34.51 -31.68 4.41
CA TRP F 372 34.74 -30.27 4.15
C TRP F 372 34.75 -29.53 5.45
N ARG F 373 35.87 -28.88 5.75
CA ARG F 373 35.96 -27.94 6.84
C ARG F 373 36.65 -26.68 6.38
N ASP F 374 36.59 -25.61 7.16
CA ASP F 374 37.08 -24.35 6.64
C ASP F 374 38.60 -24.23 6.65
N THR F 375 39.29 -25.34 6.86
CA THR F 375 40.72 -25.32 6.67
C THR F 375 41.00 -25.17 5.19
N ASN F 376 40.09 -25.60 4.36
CA ASN F 376 40.34 -25.54 2.93
C ASN F 376 40.49 -24.11 2.37
N PRO F 377 39.59 -23.20 2.73
CA PRO F 377 39.83 -21.87 2.18
C PRO F 377 41.12 -21.22 2.65
N TYR F 378 41.46 -21.38 3.91
CA TYR F 378 42.68 -20.81 4.43
C TYR F 378 43.87 -21.34 3.68
N ASN F 379 43.91 -22.65 3.51
CA ASN F 379 45.03 -23.25 2.84
C ASN F 379 45.07 -22.81 1.39
N GLU F 380 43.93 -22.74 0.75
CA GLU F 380 43.83 -22.29 -0.63
C GLU F 380 44.43 -20.89 -0.81
N LEU F 381 44.33 -20.08 0.24
CA LEU F 381 44.77 -18.71 0.20
C LEU F 381 46.11 -18.50 0.91
N GLY F 382 46.82 -19.59 1.16
CA GLY F 382 48.19 -19.50 1.64
C GLY F 382 48.33 -19.27 3.12
N ILE F 383 47.27 -19.54 3.86
CA ILE F 383 47.32 -19.48 5.31
C ILE F 383 47.27 -20.89 5.88
N PRO F 384 48.42 -21.43 6.28
CA PRO F 384 48.50 -22.80 6.75
C PRO F 384 47.54 -23.08 7.88
N SER F 385 46.72 -24.12 7.75
CA SER F 385 45.63 -24.32 8.68
C SER F 385 45.30 -25.77 9.02
N LEU F 386 45.03 -26.04 10.30
CA LEU F 386 44.60 -27.36 10.76
C LEU F 386 43.29 -27.31 11.55
N THR F 387 42.77 -28.48 11.90
CA THR F 387 41.56 -28.58 12.70
C THR F 387 41.83 -29.26 14.01
N TYR F 388 41.17 -28.84 15.07
CA TYR F 388 41.38 -29.37 16.40
C TYR F 388 40.25 -28.97 17.31
N GLY F 389 39.63 -29.93 17.98
CA GLY F 389 38.62 -29.59 18.97
C GLY F 389 38.37 -30.76 19.89
N CYS F 390 37.38 -30.66 20.76
CA CYS F 390 37.07 -31.78 21.62
C CYS F 390 35.89 -32.58 21.09
N GLY F 391 35.76 -33.82 21.53
CA GLY F 391 34.58 -34.63 21.26
C GLY F 391 34.47 -35.29 19.91
N GLY F 392 33.48 -36.15 19.76
CA GLY F 392 33.27 -36.84 18.50
C GLY F 392 32.51 -35.97 17.54
N GLY F 393 32.69 -36.23 16.27
CA GLY F 393 32.10 -35.42 15.23
C GLY F 393 30.61 -35.58 15.18
N ALA F 394 29.92 -34.52 14.77
CA ALA F 394 28.48 -34.56 14.61
C ALA F 394 28.08 -35.46 13.47
N GLY F 395 28.96 -35.63 12.49
CA GLY F 395 28.65 -36.50 11.37
C GLY F 395 28.61 -37.93 11.85
N GLY F 396 28.95 -38.10 13.12
CA GLY F 396 29.11 -39.40 13.77
C GLY F 396 27.92 -40.29 14.08
N GLY F 397 26.91 -39.82 14.80
CA GLY F 397 26.84 -38.47 15.30
C GLY F 397 26.88 -38.38 16.81
N ASN F 398 27.95 -37.78 17.32
CA ASN F 398 28.05 -37.45 18.73
C ASN F 398 27.00 -36.39 18.99
N THR F 399 26.43 -36.35 20.19
CA THR F 399 25.38 -35.38 20.46
C THR F 399 25.64 -34.57 21.72
N TYR F 400 26.82 -34.71 22.31
CA TYR F 400 27.18 -33.93 23.48
C TYR F 400 28.68 -33.70 23.63
N PHE F 401 29.04 -32.73 24.46
CA PHE F 401 30.43 -32.49 24.85
C PHE F 401 30.51 -32.63 26.35
N LEU F 402 31.63 -33.09 26.87
CA LEU F 402 31.86 -32.98 28.30
C LEU F 402 32.42 -31.61 28.60
N VAL F 403 31.87 -30.92 29.57
CA VAL F 403 32.37 -29.58 29.88
C VAL F 403 33.85 -29.62 30.24
N ASP F 404 34.29 -30.69 30.90
CA ASP F 404 35.68 -30.83 31.26
C ASP F 404 36.55 -30.80 30.02
N ASP F 405 36.07 -31.42 28.95
CA ASP F 405 36.80 -31.46 27.71
C ASP F 405 36.78 -30.12 27.00
N MET F 406 35.66 -29.41 27.11
CA MET F 406 35.57 -28.10 26.49
C MET F 406 36.56 -27.19 27.14
N LEU F 407 36.71 -27.33 28.45
CA LEU F 407 37.65 -26.51 29.18
C LEU F 407 39.07 -26.84 28.76
N LYS F 408 39.35 -28.12 28.56
CA LYS F 408 40.68 -28.52 28.12
C LYS F 408 41.02 -27.89 26.80
N ALA F 409 40.05 -27.89 25.89
CA ALA F 409 40.27 -27.32 24.57
C ALA F 409 40.61 -25.84 24.62
N ALA F 410 39.87 -25.10 25.43
CA ALA F 410 40.09 -23.67 25.56
C ALA F 410 41.47 -23.39 26.09
N LYS F 411 41.95 -24.28 26.94
CA LYS F 411 43.30 -24.13 27.47
C LYS F 411 44.30 -24.37 26.36
N VAL F 412 44.10 -25.42 25.58
CA VAL F 412 44.99 -25.71 24.47
C VAL F 412 44.99 -24.55 23.48
N TYR F 413 43.83 -23.99 23.22
CA TYR F 413 43.73 -22.86 22.33
C TYR F 413 44.50 -21.69 22.87
N ALA F 414 44.34 -21.43 24.15
CA ALA F 414 45.02 -20.31 24.76
C ALA F 414 46.54 -20.47 24.69
N MET F 415 47.03 -21.61 25.07
CA MET F 415 48.47 -21.85 25.08
C MET F 415 49.06 -21.82 23.68
N THR F 416 48.36 -22.41 22.73
CA THR F 416 48.79 -22.42 21.34
C THR F 416 49.06 -21.00 20.90
N ALA F 417 48.16 -20.11 21.29
CA ALA F 417 48.24 -18.71 20.94
C ALA F 417 49.45 -18.04 21.58
N MET F 418 49.70 -18.35 22.83
CA MET F 418 50.81 -17.72 23.54
C MET F 418 52.17 -18.14 22.99
N ASP F 419 52.26 -19.36 22.48
CA ASP F 419 53.47 -19.81 21.83
C ASP F 419 53.58 -19.17 20.45
N LEU F 420 52.69 -19.53 19.55
CA LEU F 420 52.78 -19.13 18.16
C LEU F 420 52.85 -17.63 17.96
N CYS F 421 52.01 -16.88 18.65
CA CYS F 421 51.94 -15.44 18.42
C CYS F 421 53.14 -14.71 18.96
N ASN F 422 54.10 -15.44 19.51
CA ASN F 422 55.34 -14.85 20.01
C ASN F 422 56.56 -15.32 19.26
N ARG F 423 56.34 -16.07 18.19
CA ARG F 423 57.40 -16.43 17.28
C ARG F 423 57.47 -15.36 16.18
N THR F 424 58.65 -15.11 15.64
CA THR F 424 58.80 -14.08 14.62
C THR F 424 58.48 -14.60 13.23
N PRO F 425 57.65 -13.87 12.47
CA PRO F 425 57.28 -14.27 11.12
C PRO F 425 58.47 -14.22 10.16
N SER G 4 -35.99 -39.33 -39.56
CA SER G 4 -37.01 -38.30 -39.75
C SER G 4 -36.85 -37.55 -41.06
N ASN G 5 -37.70 -36.56 -41.25
CA ASN G 5 -37.64 -35.74 -42.44
C ASN G 5 -36.64 -34.61 -42.15
N ASP G 6 -36.50 -34.25 -40.87
CA ASP G 6 -35.51 -33.25 -40.46
C ASP G 6 -34.19 -33.87 -39.96
N VAL G 7 -34.02 -35.18 -40.09
CA VAL G 7 -32.70 -35.72 -39.81
C VAL G 7 -31.82 -35.22 -40.95
N ALA G 8 -32.30 -35.43 -42.17
CA ALA G 8 -31.58 -34.97 -43.34
C ALA G 8 -31.40 -33.47 -43.32
N LYS G 9 -32.38 -32.74 -42.78
CA LYS G 9 -32.30 -31.29 -42.74
C LYS G 9 -31.13 -30.88 -41.89
N VAL G 10 -30.96 -31.56 -40.78
CA VAL G 10 -29.86 -31.26 -39.87
C VAL G 10 -28.51 -31.66 -40.43
N MET G 11 -28.44 -32.81 -41.09
CA MET G 11 -27.19 -33.26 -41.69
C MET G 11 -26.66 -32.23 -42.69
N LYS G 12 -27.56 -31.63 -43.45
CA LYS G 12 -27.12 -30.65 -44.42
C LYS G 12 -26.58 -29.43 -43.70
N THR G 13 -27.19 -29.06 -42.59
CA THR G 13 -26.71 -27.91 -41.85
C THR G 13 -25.31 -28.13 -41.34
N LEU G 14 -25.04 -29.35 -40.86
CA LEU G 14 -23.74 -29.64 -40.30
C LEU G 14 -22.68 -29.67 -41.38
N ASP G 15 -23.04 -30.12 -42.56
CA ASP G 15 -22.09 -30.14 -43.67
C ASP G 15 -21.65 -28.73 -43.99
N GLY G 16 -22.52 -27.76 -43.70
CA GLY G 16 -22.23 -26.38 -44.02
C GLY G 16 -21.50 -25.67 -42.91
N MET G 17 -21.32 -26.34 -41.78
CA MET G 17 -20.65 -25.71 -40.65
C MET G 17 -19.24 -26.23 -40.40
N ARG G 18 -18.66 -26.91 -41.39
CA ARG G 18 -17.35 -27.52 -41.22
C ARG G 18 -16.23 -26.51 -40.90
N GLU G 19 -16.26 -25.38 -41.58
CA GLU G 19 -15.25 -24.36 -41.41
C GLU G 19 -15.36 -23.76 -39.99
N GLY G 20 -16.58 -23.67 -39.52
CA GLY G 20 -16.87 -23.16 -38.18
C GLY G 20 -16.51 -24.21 -37.14
N LEU G 21 -16.63 -25.48 -37.50
CA LEU G 21 -16.24 -26.59 -36.64
C LEU G 21 -14.74 -26.55 -36.43
N ILE G 22 -14.01 -26.34 -37.51
CA ILE G 22 -12.55 -26.24 -37.46
C ILE G 22 -12.08 -25.04 -36.64
N GLN G 23 -12.63 -23.87 -36.96
CA GLN G 23 -12.23 -22.66 -36.27
C GLN G 23 -12.49 -22.76 -34.78
N THR G 24 -13.60 -23.38 -34.41
CA THR G 24 -13.95 -23.53 -33.02
C THR G 24 -12.96 -24.43 -32.29
N ALA G 25 -12.55 -25.50 -32.93
CA ALA G 25 -11.60 -26.45 -32.35
C ALA G 25 -10.24 -25.83 -32.14
N VAL G 26 -9.80 -25.08 -33.14
CA VAL G 26 -8.49 -24.49 -33.09
C VAL G 26 -8.42 -23.34 -32.09
N GLU G 27 -9.39 -22.45 -32.12
CA GLU G 27 -9.41 -21.34 -31.18
C GLU G 27 -9.47 -21.87 -29.75
N LEU G 28 -10.21 -22.94 -29.57
CA LEU G 28 -10.38 -23.54 -28.25
C LEU G 28 -9.13 -24.28 -27.86
N GLY G 29 -8.56 -25.02 -28.80
CA GLY G 29 -7.35 -25.77 -28.51
C GLY G 29 -6.12 -24.91 -28.30
N SER G 30 -6.16 -23.68 -28.79
CA SER G 30 -5.01 -22.79 -28.73
C SER G 30 -4.86 -22.14 -27.37
N ILE G 31 -5.92 -22.18 -26.58
CA ILE G 31 -5.92 -21.54 -25.28
C ILE G 31 -5.15 -22.36 -24.27
N GLU G 32 -4.24 -21.70 -23.57
CA GLU G 32 -3.47 -22.34 -22.53
C GLU G 32 -4.41 -22.63 -21.39
N ALA G 33 -4.61 -23.91 -21.14
CA ALA G 33 -5.55 -24.32 -20.11
C ALA G 33 -5.21 -25.67 -19.49
N PRO G 34 -4.01 -25.82 -18.93
CA PRO G 34 -3.73 -27.05 -18.21
C PRO G 34 -4.54 -27.13 -16.93
N THR G 35 -4.67 -28.32 -16.38
CA THR G 35 -5.39 -28.48 -15.14
C THR G 35 -4.88 -27.51 -14.10
N GLY G 36 -5.75 -26.65 -13.60
CA GLY G 36 -5.33 -25.68 -12.62
C GLY G 36 -5.46 -24.26 -13.15
N ARG G 37 -5.57 -24.13 -14.46
CA ARG G 37 -5.67 -22.81 -15.07
C ARG G 37 -6.64 -22.82 -16.24
N GLU G 38 -7.74 -23.53 -16.08
CA GLU G 38 -8.77 -23.65 -17.12
C GLU G 38 -9.69 -22.43 -17.18
N GLY G 39 -9.41 -21.41 -16.40
CA GLY G 39 -10.25 -20.23 -16.39
C GLY G 39 -10.48 -19.62 -17.76
N ALA G 40 -9.42 -19.37 -18.50
CA ALA G 40 -9.55 -18.74 -19.81
C ALA G 40 -10.39 -19.56 -20.80
N ALA G 41 -10.21 -20.87 -20.80
CA ALA G 41 -10.98 -21.72 -21.71
C ALA G 41 -12.47 -21.70 -21.37
N GLY G 42 -12.78 -21.69 -20.08
CA GLY G 42 -14.15 -21.62 -19.63
C GLY G 42 -14.82 -20.37 -20.12
N ASP G 43 -14.11 -19.25 -20.00
CA ASP G 43 -14.62 -17.97 -20.50
C ASP G 43 -14.92 -18.03 -21.97
N TYR G 44 -14.08 -18.70 -22.74
CA TYR G 44 -14.33 -18.82 -24.16
C TYR G 44 -15.63 -19.55 -24.40
N VAL G 45 -15.79 -20.69 -23.73
CA VAL G 45 -16.95 -21.54 -23.92
C VAL G 45 -18.23 -20.86 -23.43
N TYR G 46 -18.15 -20.19 -22.30
CA TYR G 46 -19.30 -19.47 -21.82
C TYR G 46 -19.73 -18.44 -22.86
N GLU G 47 -18.79 -17.71 -23.40
CA GLU G 47 -19.16 -16.59 -24.27
C GLU G 47 -19.62 -17.10 -25.61
N TRP G 48 -19.14 -18.29 -25.99
CA TRP G 48 -19.60 -18.94 -27.20
C TRP G 48 -21.05 -19.39 -27.07
N MET G 49 -21.39 -19.98 -25.94
CA MET G 49 -22.75 -20.42 -25.72
C MET G 49 -23.68 -19.22 -25.68
N ALA G 50 -23.22 -18.12 -25.12
CA ALA G 50 -24.05 -16.91 -25.04
C ALA G 50 -24.39 -16.35 -26.41
N ARG G 51 -23.39 -16.22 -27.28
CA ARG G 51 -23.64 -15.75 -28.63
C ARG G 51 -24.66 -16.61 -29.34
N ASN G 52 -24.60 -17.92 -29.13
CA ASN G 52 -25.51 -18.82 -29.81
C ASN G 52 -26.76 -19.07 -29.00
N GLY G 53 -26.93 -18.31 -27.92
CA GLY G 53 -28.16 -18.33 -27.17
C GLY G 53 -28.46 -19.61 -26.42
N PHE G 54 -27.47 -20.14 -25.71
CA PHE G 54 -27.69 -21.35 -24.93
C PHE G 54 -27.81 -20.99 -23.48
N GLY G 55 -27.83 -19.70 -23.22
CA GLY G 55 -28.01 -19.18 -21.87
C GLY G 55 -27.20 -19.86 -20.80
N PRO G 56 -25.86 -19.76 -20.88
CA PRO G 56 -24.98 -20.45 -19.95
C PRO G 56 -24.88 -19.81 -18.57
N GLU G 57 -24.60 -20.63 -17.58
CA GLU G 57 -24.29 -20.13 -16.26
C GLU G 57 -22.95 -20.74 -15.87
N ARG G 58 -22.16 -20.01 -15.10
CA ARG G 58 -20.91 -20.52 -14.57
C ARG G 58 -21.16 -21.18 -13.24
N VAL G 59 -20.80 -22.45 -13.17
CA VAL G 59 -21.03 -23.25 -11.97
C VAL G 59 -19.71 -23.79 -11.42
N GLY G 60 -19.20 -23.18 -10.35
CA GLY G 60 -17.89 -23.56 -9.84
C GLY G 60 -17.59 -23.34 -8.37
N VAL G 61 -16.47 -23.89 -7.92
CA VAL G 61 -16.06 -23.71 -6.54
C VAL G 61 -15.20 -22.47 -6.40
N PHE G 62 -14.49 -22.14 -7.47
CA PHE G 62 -13.67 -20.95 -7.53
C PHE G 62 -14.09 -20.07 -8.68
N ASP G 63 -13.84 -18.78 -8.59
CA ASP G 63 -14.30 -17.90 -9.64
C ASP G 63 -13.42 -17.96 -10.87
N ASP G 64 -12.27 -18.62 -10.78
CA ASP G 64 -11.42 -18.73 -11.95
C ASP G 64 -11.20 -20.16 -12.41
N ARG G 65 -11.91 -21.09 -11.78
CA ARG G 65 -11.98 -22.49 -12.21
C ARG G 65 -13.41 -22.98 -12.06
N PHE G 66 -14.13 -23.08 -13.16
CA PHE G 66 -15.54 -23.34 -13.09
C PHE G 66 -16.03 -24.23 -14.20
N ASN G 67 -17.24 -24.72 -14.06
CA ASN G 67 -17.87 -25.45 -15.13
C ASN G 67 -18.82 -24.54 -15.85
N VAL G 68 -19.12 -24.83 -17.10
CA VAL G 68 -20.06 -24.01 -17.83
C VAL G 68 -21.25 -24.84 -18.28
N VAL G 69 -22.42 -24.40 -17.86
CA VAL G 69 -23.61 -25.17 -18.16
C VAL G 69 -24.65 -24.36 -18.87
N GLY G 70 -24.99 -24.78 -20.08
CA GLY G 70 -26.07 -24.13 -20.79
C GLY G 70 -27.04 -25.17 -21.30
N ARG G 71 -28.17 -24.72 -21.84
CA ARG G 71 -29.20 -25.64 -22.30
C ARG G 71 -29.78 -25.25 -23.63
N LEU G 72 -30.23 -26.26 -24.36
CA LEU G 72 -31.06 -26.08 -25.53
C LEU G 72 -32.44 -26.65 -25.22
N ARG G 73 -33.40 -25.77 -24.99
CA ARG G 73 -34.68 -26.15 -24.41
C ARG G 73 -35.61 -26.81 -25.40
N GLY G 74 -36.39 -27.75 -24.90
CA GLY G 74 -37.24 -28.55 -25.74
C GLY G 74 -38.63 -27.97 -25.75
N THR G 75 -39.48 -28.51 -26.63
CA THR G 75 -40.84 -28.02 -26.75
C THR G 75 -41.59 -28.33 -25.46
N GLY G 76 -41.15 -29.39 -24.80
CA GLY G 76 -41.72 -29.83 -23.54
C GLY G 76 -42.06 -31.29 -23.62
N GLY G 77 -41.81 -32.00 -22.51
CA GLY G 77 -42.28 -33.37 -22.35
C GLY G 77 -41.35 -34.48 -22.80
N GLY G 78 -40.08 -34.20 -22.96
CA GLY G 78 -39.17 -35.22 -23.42
C GLY G 78 -38.08 -35.55 -22.44
N ALA G 79 -37.27 -36.54 -22.78
CA ALA G 79 -36.14 -36.92 -21.96
C ALA G 79 -34.97 -35.95 -22.15
N SER G 80 -34.20 -35.70 -21.10
CA SER G 80 -33.04 -34.80 -21.17
C SER G 80 -31.76 -35.55 -21.50
N LEU G 81 -30.92 -34.94 -22.36
CA LEU G 81 -29.60 -35.49 -22.68
C LEU G 81 -28.47 -34.49 -22.46
N SER G 82 -27.48 -34.91 -21.68
CA SER G 82 -26.29 -34.10 -21.48
C SER G 82 -25.20 -34.45 -22.44
N PHE G 83 -24.48 -33.44 -22.88
CA PHE G 83 -23.21 -33.64 -23.57
C PHE G 83 -22.11 -33.08 -22.70
N ASN G 84 -21.05 -33.86 -22.51
CA ASN G 84 -20.03 -33.47 -21.57
C ASN G 84 -18.63 -33.65 -22.10
N SER G 85 -17.83 -32.59 -22.03
CA SER G 85 -16.38 -32.66 -22.30
C SER G 85 -15.70 -31.76 -21.33
N HIS G 86 -14.40 -31.91 -21.17
CA HIS G 86 -13.69 -31.14 -20.16
C HIS G 86 -12.79 -30.06 -20.71
N LEU G 87 -12.63 -29.01 -19.93
CA LEU G 87 -11.92 -27.82 -20.37
C LEU G 87 -10.41 -27.88 -20.16
N ASP G 88 -9.95 -28.72 -19.24
CA ASP G 88 -8.53 -28.76 -18.94
C ASP G 88 -7.80 -29.64 -19.94
N THR G 89 -6.49 -29.41 -20.03
CA THR G 89 -5.61 -30.19 -20.89
C THR G 89 -4.49 -30.78 -20.06
N ILE G 90 -3.75 -31.71 -20.62
CA ILE G 90 -2.79 -32.46 -19.84
C ILE G 90 -1.51 -31.72 -19.53
N MET G 91 -0.83 -31.23 -20.57
CA MET G 91 0.50 -30.66 -20.39
C MET G 91 0.44 -29.20 -20.08
N ALA G 92 1.16 -28.82 -19.05
CA ALA G 92 1.42 -27.42 -18.76
C ALA G 92 2.83 -27.10 -19.18
N ARG G 93 3.08 -25.86 -19.56
CA ARG G 93 4.44 -25.48 -19.95
C ARG G 93 5.34 -25.61 -18.72
N GLU G 94 4.71 -25.54 -17.55
CA GLU G 94 5.38 -25.76 -16.28
C GLU G 94 6.13 -27.08 -16.19
N ASP G 95 5.62 -28.09 -16.88
CA ASP G 95 5.96 -29.50 -16.61
C ASP G 95 7.30 -29.97 -17.14
N THR G 96 8.40 -29.52 -16.55
CA THR G 96 9.71 -29.98 -16.98
C THR G 96 10.13 -31.24 -16.26
N ALA G 97 9.34 -31.62 -15.26
CA ALA G 97 9.67 -32.75 -14.40
C ALA G 97 9.09 -34.04 -14.89
N ARG G 98 8.21 -33.96 -15.88
CA ARG G 98 7.55 -35.15 -16.39
C ARG G 98 7.73 -35.32 -17.90
N PHE G 99 8.12 -34.26 -18.59
CA PHE G 99 8.32 -34.38 -20.03
C PHE G 99 9.72 -34.00 -20.44
N ALA G 100 10.24 -34.71 -21.44
CA ALA G 100 11.58 -34.48 -21.93
C ALA G 100 11.66 -33.15 -22.67
N ASP G 101 10.60 -32.81 -23.39
CA ASP G 101 10.51 -31.51 -24.02
C ASP G 101 9.22 -30.81 -23.63
N ALA G 102 9.22 -30.20 -22.45
CA ALA G 102 8.04 -29.59 -21.90
C ALA G 102 7.43 -28.50 -22.77
N ASN G 103 8.22 -27.86 -23.61
CA ASN G 103 7.68 -26.76 -24.41
C ASN G 103 7.49 -27.13 -25.86
N ASP G 104 7.37 -28.43 -26.13
CA ASP G 104 7.13 -28.89 -27.49
C ASP G 104 5.79 -28.35 -27.95
N ARG G 105 5.68 -28.09 -29.24
CA ARG G 105 4.51 -27.45 -29.82
C ARG G 105 3.21 -28.25 -29.67
N ILE G 106 3.31 -29.57 -29.85
CA ILE G 106 2.14 -30.43 -29.82
C ILE G 106 1.49 -30.46 -28.45
N TYR G 107 2.24 -30.12 -27.42
CA TYR G 107 1.73 -30.13 -26.08
C TYR G 107 0.85 -28.93 -25.81
N HIS G 108 1.04 -27.85 -26.55
CA HIS G 108 0.44 -26.59 -26.15
C HIS G 108 -0.38 -25.90 -27.21
N GLU G 109 -0.13 -26.18 -28.47
CA GLU G 109 -0.84 -25.47 -29.51
C GLU G 109 -1.80 -26.35 -30.28
N ALA G 110 -2.47 -25.76 -31.26
CA ALA G 110 -3.48 -26.45 -32.02
C ALA G 110 -3.66 -25.78 -33.36
N TRP G 111 -3.54 -26.54 -34.44
CA TRP G 111 -3.58 -25.94 -35.76
C TRP G 111 -4.14 -26.88 -36.79
N HIS G 112 -4.68 -26.29 -37.84
CA HIS G 112 -5.27 -26.98 -38.99
C HIS G 112 -4.25 -27.13 -40.11
N GLU G 113 -3.81 -28.34 -40.42
CA GLU G 113 -2.85 -28.47 -41.50
C GLU G 113 -3.55 -29.12 -42.71
N GLU G 114 -3.24 -30.36 -43.07
CA GLU G 114 -4.06 -31.04 -44.08
C GLU G 114 -5.35 -31.36 -43.33
N GLY G 115 -6.35 -31.95 -43.98
CA GLY G 115 -7.59 -32.31 -43.32
C GLY G 115 -7.57 -32.77 -41.85
N ARG G 116 -6.47 -32.51 -41.16
CA ARG G 116 -6.26 -32.82 -39.76
C ARG G 116 -6.27 -31.58 -38.89
N ILE G 117 -6.47 -31.80 -37.59
CA ILE G 117 -6.25 -30.75 -36.60
C ILE G 117 -5.31 -31.32 -35.56
N TYR G 118 -4.18 -30.65 -35.37
CA TYR G 118 -3.15 -31.15 -34.48
C TYR G 118 -3.19 -30.52 -33.10
N GLY G 119 -2.66 -31.24 -32.12
CA GLY G 119 -2.52 -30.71 -30.78
C GLY G 119 -3.16 -31.60 -29.74
N TYR G 120 -2.41 -31.93 -28.70
CA TYR G 120 -2.96 -32.70 -27.59
C TYR G 120 -4.15 -31.99 -26.96
N SER G 121 -4.12 -30.67 -26.95
CA SER G 121 -5.23 -29.93 -26.39
C SER G 121 -6.50 -30.20 -27.18
N VAL G 122 -6.36 -30.71 -28.39
CA VAL G 122 -7.51 -30.98 -29.24
C VAL G 122 -8.02 -32.40 -29.08
N VAL G 123 -7.10 -33.35 -29.02
CA VAL G 123 -7.51 -34.72 -28.77
C VAL G 123 -8.19 -34.81 -27.42
N ASN G 124 -7.67 -34.04 -26.48
CA ASN G 124 -8.10 -34.11 -25.11
C ASN G 124 -8.11 -32.72 -24.49
N CYS G 125 -9.21 -31.98 -24.61
CA CYS G 125 -10.47 -32.46 -25.16
C CYS G 125 -11.30 -31.34 -25.79
N LYS G 126 -10.77 -30.62 -26.76
CA LYS G 126 -11.42 -29.41 -27.21
C LYS G 126 -11.95 -29.80 -28.57
N GLY G 127 -11.37 -30.87 -29.08
CA GLY G 127 -11.87 -31.52 -30.27
C GLY G 127 -13.29 -32.03 -30.12
N PRO G 128 -13.50 -33.07 -29.28
CA PRO G 128 -14.89 -33.49 -29.13
C PRO G 128 -15.82 -32.42 -28.62
N MET G 129 -15.34 -31.54 -27.77
CA MET G 129 -16.20 -30.49 -27.27
C MET G 129 -16.71 -29.64 -28.42
N ALA G 130 -15.82 -29.36 -29.36
CA ALA G 130 -16.22 -28.56 -30.51
C ALA G 130 -17.30 -29.29 -31.28
N CYS G 131 -17.19 -30.60 -31.31
CA CYS G 131 -18.13 -31.40 -32.06
C CYS G 131 -19.57 -31.25 -31.59
N TRP G 132 -19.80 -31.34 -30.30
CA TRP G 132 -21.19 -31.24 -29.85
C TRP G 132 -21.62 -29.81 -29.64
N LEU G 133 -20.67 -28.91 -29.45
CA LEU G 133 -21.03 -27.50 -29.47
C LEU G 133 -21.60 -27.13 -30.82
N ILE G 134 -20.96 -27.59 -31.88
CA ILE G 134 -21.44 -27.35 -33.22
C ILE G 134 -22.76 -28.10 -33.44
N ALA G 135 -22.83 -29.33 -32.98
CA ALA G 135 -24.05 -30.13 -33.10
C ALA G 135 -25.25 -29.43 -32.49
N ALA G 136 -25.08 -28.84 -31.32
CA ALA G 136 -26.17 -28.11 -30.69
C ALA G 136 -26.57 -26.93 -31.54
N LYS G 137 -25.59 -26.24 -32.10
CA LYS G 137 -25.86 -25.09 -32.95
C LYS G 137 -26.69 -25.51 -34.15
N ALA G 138 -26.38 -26.68 -34.70
CA ALA G 138 -27.10 -27.21 -35.85
C ALA G 138 -28.54 -27.47 -35.50
N LEU G 139 -28.74 -28.21 -34.41
CA LEU G 139 -30.08 -28.52 -33.94
C LEU G 139 -30.91 -27.27 -33.72
N LYS G 140 -30.32 -26.29 -33.05
CA LYS G 140 -31.06 -25.09 -32.74
C LYS G 140 -31.40 -24.33 -33.99
N GLU G 141 -30.41 -24.15 -34.85
CA GLU G 141 -30.58 -23.30 -36.02
C GLU G 141 -31.28 -24.02 -37.17
N ALA G 142 -31.31 -25.35 -37.13
CA ALA G 142 -32.09 -26.06 -38.14
C ALA G 142 -33.52 -26.19 -37.66
N GLY G 143 -33.77 -25.72 -36.44
CA GLY G 143 -35.09 -25.81 -35.83
C GLY G 143 -35.58 -27.23 -35.65
N ALA G 144 -34.67 -28.13 -35.29
CA ALA G 144 -35.05 -29.53 -35.10
C ALA G 144 -36.05 -29.63 -33.98
N ALA G 145 -36.98 -30.55 -34.12
CA ALA G 145 -38.00 -30.73 -33.10
C ALA G 145 -37.46 -31.56 -31.96
N LEU G 146 -37.43 -30.97 -30.77
CA LEU G 146 -36.97 -31.67 -29.60
C LEU G 146 -37.92 -31.44 -28.45
N LYS G 147 -38.45 -32.51 -27.86
CA LYS G 147 -39.37 -32.33 -26.76
C LYS G 147 -38.62 -32.00 -25.50
N GLY G 148 -37.48 -32.67 -25.33
CA GLY G 148 -36.65 -32.54 -24.14
C GLY G 148 -35.45 -31.63 -24.27
N ASP G 149 -34.89 -31.26 -23.12
CA ASP G 149 -33.72 -30.43 -23.11
C ASP G 149 -32.45 -31.17 -23.55
N VAL G 150 -31.58 -30.42 -24.22
CA VAL G 150 -30.21 -30.85 -24.42
C VAL G 150 -29.36 -30.01 -23.50
N VAL G 151 -28.69 -30.67 -22.57
CA VAL G 151 -27.87 -29.96 -21.61
C VAL G 151 -26.43 -29.98 -22.03
N LEU G 152 -25.84 -28.80 -22.13
CA LEU G 152 -24.47 -28.66 -22.58
C LEU G 152 -23.54 -28.38 -21.42
N THR G 153 -22.73 -29.37 -21.07
CA THR G 153 -21.90 -29.28 -19.87
C THR G 153 -20.39 -29.33 -20.11
N ALA G 154 -19.73 -28.19 -20.02
CA ALA G 154 -18.28 -28.13 -20.13
C ALA G 154 -17.64 -28.00 -18.76
N VAL G 155 -16.87 -29.01 -18.39
CA VAL G 155 -16.38 -29.12 -17.04
C VAL G 155 -14.91 -28.81 -16.88
N CYS G 156 -14.52 -28.53 -15.64
CA CYS G 156 -13.14 -28.37 -15.29
C CYS G 156 -12.63 -29.58 -14.53
N GLY G 157 -11.34 -29.60 -14.26
CA GLY G 157 -10.73 -30.64 -13.46
C GLY G 157 -11.06 -32.09 -13.72
N GLU G 158 -11.04 -32.54 -14.96
CA GLU G 158 -11.27 -33.95 -15.24
C GLU G 158 -9.97 -34.73 -15.06
N ILE G 159 -8.87 -34.11 -15.40
CA ILE G 159 -7.60 -34.81 -15.44
C ILE G 159 -7.11 -35.12 -14.04
N ASP G 160 -6.51 -36.29 -13.88
CA ASP G 160 -6.31 -36.92 -12.58
C ASP G 160 -5.28 -36.27 -11.66
N CYS G 161 -5.16 -34.96 -11.70
CA CYS G 161 -4.36 -34.28 -10.72
C CYS G 161 -5.05 -34.37 -9.38
N GLU G 162 -4.31 -34.60 -8.32
CA GLU G 162 -4.90 -34.60 -6.99
C GLU G 162 -3.92 -33.97 -6.04
N PRO G 163 -4.43 -33.27 -5.02
CA PRO G 163 -3.59 -32.72 -3.97
C PRO G 163 -3.01 -33.81 -3.10
N VAL G 164 -1.86 -33.53 -2.49
CA VAL G 164 -1.19 -34.47 -1.61
C VAL G 164 -0.13 -33.73 -0.82
N ASP G 165 0.14 -34.17 0.39
CA ASP G 165 1.20 -33.59 1.23
C ASP G 165 1.06 -32.08 1.34
N GLU G 166 2.05 -31.34 0.87
CA GLU G 166 2.00 -29.91 1.06
C GLU G 166 1.32 -29.20 -0.08
N PHE G 167 0.87 -29.98 -1.05
CA PHE G 167 0.24 -29.41 -2.24
C PHE G 167 -1.26 -29.48 -2.13
N GLN G 168 -1.84 -28.41 -1.60
CA GLN G 168 -3.23 -28.42 -1.23
C GLN G 168 -4.00 -27.27 -1.87
N GLY G 169 -5.31 -27.44 -1.97
CA GLY G 169 -6.20 -26.37 -2.37
C GLY G 169 -6.32 -26.02 -3.84
N HIS G 170 -6.74 -24.79 -4.06
CA HIS G 170 -7.04 -24.24 -5.38
C HIS G 170 -6.13 -24.68 -6.49
N ASP G 171 -4.82 -24.63 -6.29
CA ASP G 171 -3.93 -24.88 -7.39
C ASP G 171 -3.88 -26.34 -7.80
N TYR G 172 -4.34 -27.22 -6.92
CA TYR G 172 -4.10 -28.66 -7.08
C TYR G 172 -5.33 -29.54 -7.16
N LEU G 173 -6.49 -28.99 -6.86
CA LEU G 173 -7.73 -29.75 -6.96
C LEU G 173 -8.10 -30.02 -8.39
N ALA G 174 -8.84 -31.08 -8.65
CA ALA G 174 -9.31 -31.32 -10.00
C ALA G 174 -10.72 -31.84 -10.03
N GLU G 175 -10.88 -33.13 -9.82
CA GLU G 175 -12.14 -33.77 -10.11
C GLU G 175 -13.21 -33.44 -9.11
N ASP G 176 -12.82 -33.10 -7.91
CA ASP G 176 -13.79 -32.78 -6.87
C ASP G 176 -14.54 -31.50 -7.18
N ILE G 177 -13.97 -30.63 -7.99
CA ILE G 177 -14.61 -29.37 -8.28
C ILE G 177 -15.10 -29.31 -9.71
N GLY G 178 -15.03 -30.44 -10.37
CA GLY G 178 -15.42 -30.54 -11.76
C GLY G 178 -16.80 -31.10 -11.97
N ALA G 179 -16.89 -32.12 -12.82
CA ALA G 179 -18.16 -32.68 -13.21
C ALA G 179 -19.09 -32.99 -12.07
N ARG G 180 -18.61 -33.69 -11.05
CA ARG G 180 -19.52 -34.14 -10.02
C ARG G 180 -20.12 -32.94 -9.34
N TYR G 181 -19.37 -31.84 -9.30
CA TYR G 181 -19.88 -30.63 -8.67
C TYR G 181 -20.97 -30.03 -9.48
N ALA G 182 -20.76 -29.99 -10.79
CA ALA G 182 -21.76 -29.44 -11.70
C ALA G 182 -23.07 -30.21 -11.63
N ILE G 183 -22.99 -31.53 -11.67
CA ILE G 183 -24.17 -32.35 -11.66
C ILE G 183 -24.87 -32.17 -10.34
N SER G 184 -24.10 -32.15 -9.27
CA SER G 184 -24.68 -32.04 -7.96
C SER G 184 -25.37 -30.71 -7.74
N HIS G 185 -25.10 -29.74 -8.60
CA HIS G 185 -25.60 -28.39 -8.41
C HIS G 185 -26.42 -27.91 -9.57
N GLY G 186 -27.07 -28.85 -10.24
CA GLY G 186 -28.08 -28.53 -11.21
C GLY G 186 -28.00 -29.19 -12.57
N ALA G 187 -26.81 -29.54 -13.03
CA ALA G 187 -26.66 -30.06 -14.39
C ALA G 187 -27.06 -31.52 -14.51
N ILE G 188 -28.25 -31.85 -14.02
CA ILE G 188 -28.76 -33.21 -14.08
C ILE G 188 -29.61 -33.41 -15.31
N SER G 189 -29.79 -34.66 -15.69
CA SER G 189 -30.53 -35.01 -16.89
C SER G 189 -30.88 -36.50 -16.84
N ASP G 190 -31.66 -36.96 -17.81
CA ASP G 190 -32.06 -38.35 -17.81
C ASP G 190 -30.87 -39.22 -18.23
N TYR G 191 -30.18 -38.80 -19.29
CA TYR G 191 -29.04 -39.54 -19.79
C TYR G 191 -27.88 -38.60 -20.08
N ALA G 192 -26.68 -39.16 -20.23
CA ALA G 192 -25.51 -38.33 -20.48
C ALA G 192 -24.50 -38.98 -21.39
N LEU G 193 -24.05 -38.26 -22.40
CA LEU G 193 -22.97 -38.73 -23.27
C LEU G 193 -21.71 -37.92 -23.04
N VAL G 194 -20.65 -38.58 -22.61
CA VAL G 194 -19.37 -37.94 -22.43
C VAL G 194 -18.59 -38.05 -23.73
N ALA G 195 -18.32 -36.92 -24.36
CA ALA G 195 -17.60 -36.87 -25.61
C ALA G 195 -16.12 -36.75 -25.36
N GLU G 196 -15.43 -37.88 -25.37
CA GLU G 196 -13.99 -37.93 -25.33
C GLU G 196 -13.59 -38.89 -26.43
N ALA G 197 -12.29 -39.06 -26.63
CA ALA G 197 -11.85 -39.89 -27.73
C ALA G 197 -11.93 -41.38 -27.45
N THR G 198 -12.89 -42.03 -28.10
CA THR G 198 -12.82 -43.47 -28.34
C THR G 198 -12.68 -43.52 -29.83
N ASN G 199 -12.55 -44.67 -30.46
CA ASN G 199 -12.48 -44.54 -31.91
C ASN G 199 -13.80 -45.00 -32.52
N PHE G 200 -14.81 -44.15 -32.28
CA PHE G 200 -16.19 -44.43 -32.56
C PHE G 200 -16.65 -45.73 -31.95
N LYS G 201 -16.10 -46.06 -30.78
CA LYS G 201 -16.52 -47.24 -30.03
C LYS G 201 -17.06 -46.84 -28.68
N PRO G 202 -18.34 -47.14 -28.41
CA PRO G 202 -18.94 -46.74 -27.13
C PRO G 202 -18.46 -47.59 -25.96
N ALA G 203 -18.17 -46.93 -24.85
CA ALA G 203 -17.83 -47.60 -23.62
C ALA G 203 -18.72 -47.07 -22.52
N TRP G 204 -19.24 -47.94 -21.66
CA TRP G 204 -20.06 -47.48 -20.53
C TRP G 204 -19.68 -48.24 -19.27
N VAL G 205 -18.44 -48.67 -19.21
CA VAL G 205 -17.82 -49.03 -17.95
C VAL G 205 -16.55 -48.22 -17.85
N GLU G 206 -16.12 -47.92 -16.63
CA GLU G 206 -14.91 -47.15 -16.43
C GLU G 206 -14.31 -47.61 -15.14
N ALA G 207 -13.04 -47.30 -14.93
CA ALA G 207 -12.33 -47.80 -13.76
C ALA G 207 -12.33 -46.78 -12.62
N GLY G 208 -12.13 -47.29 -11.42
CA GLY G 208 -11.90 -46.43 -10.28
C GLY G 208 -10.42 -46.25 -10.18
N LYS G 209 -9.96 -45.86 -9.00
CA LYS G 209 -8.54 -45.67 -8.73
C LYS G 209 -8.26 -45.45 -7.27
N VAL G 210 -7.13 -45.95 -6.81
CA VAL G 210 -6.65 -45.59 -5.49
C VAL G 210 -5.20 -45.12 -5.63
N PHE G 211 -4.85 -44.01 -5.00
CA PHE G 211 -3.47 -43.51 -5.02
C PHE G 211 -2.77 -43.82 -3.71
N LEU G 212 -1.60 -44.44 -3.78
CA LEU G 212 -0.88 -44.74 -2.55
C LEU G 212 0.41 -43.96 -2.44
N LYS G 213 0.66 -43.42 -1.26
CA LYS G 213 1.97 -42.88 -0.95
C LYS G 213 2.67 -43.90 -0.10
N VAL G 214 3.74 -44.45 -0.64
CA VAL G 214 4.56 -45.44 0.04
C VAL G 214 5.88 -44.85 0.48
N THR G 215 6.08 -44.74 1.77
CA THR G 215 7.30 -44.14 2.29
C THR G 215 8.17 -45.17 2.98
N VAL G 216 9.38 -45.35 2.49
CA VAL G 216 10.28 -46.33 3.07
C VAL G 216 11.20 -45.68 4.07
N PHE G 217 11.37 -46.32 5.22
CA PHE G 217 12.24 -45.78 6.25
C PHE G 217 13.54 -46.55 6.36
N ALA G 218 14.60 -45.83 6.72
CA ALA G 218 15.92 -46.39 6.87
C ALA G 218 16.64 -45.61 7.95
N GLY G 219 17.81 -45.08 7.63
CA GLY G 219 18.54 -44.31 8.61
C GLY G 219 19.42 -45.24 9.41
N PRO G 220 20.20 -44.71 10.34
CA PRO G 220 20.33 -43.32 10.79
C PRO G 220 21.12 -42.43 9.85
N SER G 221 20.79 -41.15 9.83
CA SER G 221 21.47 -40.16 9.00
C SER G 221 22.97 -40.09 9.27
N ARG G 222 23.74 -40.00 8.19
CA ARG G 222 25.17 -39.81 8.28
C ARG G 222 25.68 -38.80 7.27
N TYR G 223 26.57 -37.93 7.72
CA TYR G 223 27.36 -37.06 6.85
C TYR G 223 28.19 -37.94 5.92
N THR G 224 28.24 -37.60 4.65
CA THR G 224 28.84 -38.46 3.63
C THR G 224 30.22 -39.06 3.98
N PRO G 225 31.10 -38.31 4.63
CA PRO G 225 32.34 -38.99 5.00
C PRO G 225 32.23 -40.12 6.03
N TYR G 226 31.02 -40.38 6.51
CA TYR G 226 30.85 -41.40 7.53
C TYR G 226 29.96 -42.56 7.08
N VAL G 227 29.45 -42.51 5.85
CA VAL G 227 28.51 -43.51 5.37
C VAL G 227 29.16 -44.88 5.36
N PRO G 228 28.50 -45.88 5.94
CA PRO G 228 29.03 -47.23 6.02
C PRO G 228 28.97 -47.94 4.69
N ARG G 229 30.08 -48.50 4.24
CA ARG G 229 30.10 -49.33 3.05
C ARG G 229 31.06 -50.47 3.31
N PRO G 230 30.78 -51.64 2.72
CA PRO G 230 29.62 -51.94 1.90
C PRO G 230 28.46 -52.48 2.74
N VAL G 231 27.25 -52.29 2.25
CA VAL G 231 26.07 -52.77 2.92
C VAL G 231 25.13 -53.29 1.87
N ALA G 232 24.40 -54.35 2.17
CA ALA G 232 23.38 -54.88 1.27
C ALA G 232 22.32 -53.81 1.02
N ALA G 233 21.84 -53.73 -0.22
CA ALA G 233 20.85 -52.72 -0.59
C ALA G 233 19.72 -52.62 0.42
N LEU G 234 19.09 -53.74 0.76
CA LEU G 234 17.96 -53.71 1.68
C LEU G 234 18.28 -53.31 3.11
N ASP G 235 19.56 -53.15 3.43
CA ASP G 235 19.96 -52.76 4.77
C ASP G 235 20.55 -51.36 4.84
N SER G 236 20.65 -50.70 3.69
CA SER G 236 21.26 -49.38 3.59
C SER G 236 20.60 -48.37 4.48
N PRO G 237 21.39 -47.47 5.09
CA PRO G 237 20.80 -46.39 5.89
C PRO G 237 20.20 -45.33 4.99
N ASN G 238 20.51 -45.40 3.72
CA ASN G 238 19.96 -44.50 2.74
C ASN G 238 18.64 -45.02 2.21
N ALA G 239 17.56 -44.35 2.55
CA ALA G 239 16.24 -44.80 2.15
C ALA G 239 16.07 -44.83 0.65
N ILE G 240 16.90 -44.09 -0.08
CA ILE G 240 16.81 -44.11 -1.53
C ILE G 240 17.23 -45.46 -2.07
N VAL G 241 18.25 -46.04 -1.47
CA VAL G 241 18.73 -47.31 -1.92
C VAL G 241 17.72 -48.39 -1.65
N ARG G 242 17.17 -48.43 -0.45
CA ARG G 242 16.16 -49.43 -0.12
C ARG G 242 14.97 -49.29 -1.05
N MET G 243 14.61 -48.05 -1.34
CA MET G 243 13.47 -47.79 -2.18
C MET G 243 13.67 -48.33 -3.57
N ALA G 244 14.89 -48.23 -4.06
CA ALA G 244 15.20 -48.73 -5.38
C ALA G 244 14.86 -50.19 -5.50
N LYS G 245 15.08 -50.92 -4.42
CA LYS G 245 14.77 -52.33 -4.41
C LYS G 245 13.27 -52.56 -4.32
N LEU G 246 12.57 -51.71 -3.59
CA LEU G 246 11.12 -51.84 -3.49
C LEU G 246 10.44 -51.55 -4.82
N VAL G 247 11.03 -50.66 -5.60
CA VAL G 247 10.49 -50.31 -6.89
C VAL G 247 10.45 -51.52 -7.82
N GLU G 248 11.48 -52.35 -7.78
CA GLU G 248 11.50 -53.46 -8.71
C GLU G 248 10.49 -54.50 -8.25
N ALA G 249 10.29 -54.62 -6.95
CA ALA G 249 9.33 -55.57 -6.45
C ALA G 249 7.91 -55.10 -6.75
N LEU G 250 7.69 -53.80 -6.69
CA LEU G 250 6.38 -53.24 -6.97
C LEU G 250 6.09 -53.26 -8.45
N GLU G 251 7.12 -53.16 -9.28
CA GLU G 251 6.92 -53.26 -10.72
C GLU G 251 6.54 -54.69 -11.05
N GLU G 252 7.07 -55.65 -10.31
CA GLU G 252 6.75 -57.04 -10.57
C GLU G 252 5.30 -57.30 -10.17
N TRP G 253 4.89 -56.75 -9.04
CA TRP G 253 3.53 -56.89 -8.58
C TRP G 253 2.56 -56.31 -9.56
N ALA G 254 2.96 -55.22 -10.19
CA ALA G 254 2.11 -54.48 -11.10
C ALA G 254 1.85 -55.25 -12.38
N ASP G 255 2.86 -55.98 -12.83
CA ASP G 255 2.69 -56.79 -14.01
C ASP G 255 1.56 -57.79 -13.80
N ASN G 256 1.47 -58.32 -12.59
CA ASN G 256 0.50 -59.34 -12.27
C ASN G 256 -0.83 -58.79 -11.82
N TYR G 257 -0.81 -57.62 -11.20
CA TYR G 257 -2.06 -57.00 -10.79
C TYR G 257 -3.02 -56.89 -11.96
N GLU G 258 -2.55 -56.37 -13.08
CA GLU G 258 -3.45 -56.11 -14.18
C GLU G 258 -4.00 -57.39 -14.77
N LYS G 259 -3.25 -58.47 -14.70
CA LYS G 259 -3.71 -59.71 -15.29
C LYS G 259 -4.76 -60.29 -14.36
N ARG G 260 -4.48 -60.24 -13.05
CA ARG G 260 -5.36 -60.78 -12.04
C ARG G 260 -6.71 -60.08 -11.90
N TYR G 261 -6.76 -58.78 -12.16
CA TYR G 261 -8.00 -58.07 -11.89
C TYR G 261 -8.69 -57.65 -13.17
N THR G 262 -8.25 -58.21 -14.29
CA THR G 262 -8.97 -57.98 -15.53
C THR G 262 -10.35 -58.63 -15.41
N ARG G 263 -11.37 -57.94 -15.91
CA ARG G 263 -12.74 -58.37 -15.71
C ARG G 263 -13.63 -57.88 -16.83
N GLU G 264 -14.55 -58.72 -17.33
CA GLU G 264 -15.37 -58.31 -18.46
C GLU G 264 -16.76 -57.85 -18.07
N TYR G 265 -17.15 -56.71 -18.63
CA TYR G 265 -18.44 -56.10 -18.39
C TYR G 265 -19.16 -55.91 -19.71
N GLY G 266 -20.44 -55.59 -19.65
CA GLY G 266 -21.19 -55.31 -20.86
C GLY G 266 -20.71 -54.07 -21.57
N GLY G 267 -20.23 -53.10 -20.79
CA GLY G 267 -19.75 -51.82 -21.29
C GLY G 267 -18.30 -51.82 -21.72
N GLY G 268 -17.60 -52.93 -21.51
CA GLY G 268 -16.24 -53.07 -21.96
C GLY G 268 -15.47 -53.98 -21.05
N THR G 269 -14.28 -54.38 -21.49
CA THR G 269 -13.39 -55.20 -20.69
C THR G 269 -12.41 -54.32 -19.94
N VAL G 270 -12.34 -54.46 -18.63
CA VAL G 270 -11.50 -53.61 -17.83
C VAL G 270 -10.17 -54.25 -17.51
N VAL G 271 -9.10 -53.59 -17.96
CA VAL G 271 -7.76 -54.00 -17.64
C VAL G 271 -7.12 -52.95 -16.77
N PRO G 272 -7.17 -53.13 -15.46
CA PRO G 272 -6.71 -52.12 -14.52
C PRO G 272 -5.20 -52.12 -14.35
N LYS G 273 -4.54 -51.02 -14.65
CA LYS G 273 -3.09 -50.98 -14.63
C LYS G 273 -2.49 -50.19 -13.47
N VAL G 274 -1.18 -50.27 -13.33
CA VAL G 274 -0.44 -49.63 -12.26
C VAL G 274 0.80 -48.89 -12.77
N ALA G 275 1.03 -47.69 -12.26
CA ALA G 275 2.24 -46.96 -12.61
C ALA G 275 2.81 -46.27 -11.40
N ILE G 276 4.12 -46.16 -11.29
CA ILE G 276 4.71 -45.31 -10.26
C ILE G 276 4.97 -43.93 -10.86
N GLY G 277 4.21 -42.93 -10.44
CA GLY G 277 4.14 -41.64 -11.11
C GLY G 277 5.05 -40.56 -10.58
N ALA G 278 5.57 -40.75 -9.37
CA ALA G 278 6.46 -39.78 -8.76
C ALA G 278 7.32 -40.42 -7.69
N ILE G 279 8.51 -39.87 -7.49
CA ILE G 279 9.35 -40.30 -6.39
C ILE G 279 10.01 -39.08 -5.84
N ARG G 280 10.29 -39.05 -4.55
CA ARG G 280 11.15 -38.02 -4.01
C ARG G 280 11.76 -38.39 -2.68
N GLY G 281 12.95 -37.86 -2.43
CA GLY G 281 13.58 -37.84 -1.13
C GLY G 281 15.03 -37.47 -1.33
N GLY G 282 15.65 -36.67 -0.48
CA GLY G 282 15.00 -35.71 0.37
C GLY G 282 15.03 -34.51 -0.54
N VAL G 283 15.87 -33.53 -0.27
CA VAL G 283 15.90 -32.33 -1.10
C VAL G 283 17.21 -32.09 -1.81
N PRO G 284 17.15 -31.60 -3.05
CA PRO G 284 18.32 -31.40 -3.91
C PRO G 284 19.26 -30.33 -3.43
N TYR G 285 18.82 -29.46 -2.54
CA TYR G 285 19.66 -28.33 -2.17
C TYR G 285 20.31 -28.57 -0.82
N LYS G 286 20.17 -29.80 -0.32
CA LYS G 286 20.80 -30.28 0.92
C LYS G 286 21.17 -31.75 0.83
N ILE G 287 22.22 -32.09 0.08
CA ILE G 287 22.50 -33.48 -0.20
C ILE G 287 23.65 -34.09 0.58
N TYR G 288 24.20 -33.37 1.55
CA TYR G 288 25.35 -33.86 2.29
C TYR G 288 25.02 -34.92 3.31
N ARG G 289 23.74 -35.15 3.57
CA ARG G 289 23.30 -36.31 4.33
C ARG G 289 22.21 -37.02 3.55
N PHE G 290 22.38 -38.31 3.32
CA PHE G 290 21.34 -39.07 2.63
C PHE G 290 20.10 -39.06 3.49
N PRO G 291 18.93 -39.29 2.88
CA PRO G 291 17.66 -39.21 3.59
C PRO G 291 17.35 -40.44 4.41
N GLU G 292 16.67 -40.26 5.54
CA GLU G 292 16.19 -41.38 6.34
C GLU G 292 14.87 -41.92 5.80
N LEU G 293 14.27 -41.20 4.86
CA LEU G 293 13.03 -41.65 4.28
C LEU G 293 13.00 -41.28 2.83
N CYS G 294 12.12 -41.92 2.07
CA CYS G 294 11.96 -41.68 0.66
C CYS G 294 10.58 -42.11 0.24
N SER G 295 9.87 -41.28 -0.51
CA SER G 295 8.49 -41.60 -0.88
C SER G 295 8.31 -41.83 -2.36
N ILE G 296 7.35 -42.70 -2.70
CA ILE G 296 6.93 -42.91 -4.09
C ILE G 296 5.42 -42.78 -4.12
N TYR G 297 4.87 -42.47 -5.28
CA TYR G 297 3.46 -42.20 -5.40
C TYR G 297 2.84 -43.04 -6.49
N MET G 298 1.92 -43.93 -6.13
CA MET G 298 1.42 -44.94 -7.05
C MET G 298 0.00 -44.69 -7.55
N ASP G 299 -0.19 -44.81 -8.87
CA ASP G 299 -1.50 -44.79 -9.51
C ASP G 299 -1.95 -46.22 -9.72
N ILE G 300 -2.97 -46.62 -8.99
CA ILE G 300 -3.49 -47.97 -9.10
C ILE G 300 -4.94 -47.90 -9.52
N ARG G 301 -5.23 -48.37 -10.71
CA ARG G 301 -6.59 -48.35 -11.21
C ARG G 301 -7.33 -49.54 -10.64
N LEU G 302 -8.62 -49.36 -10.36
CA LEU G 302 -9.47 -50.43 -9.82
C LEU G 302 -10.57 -50.80 -10.80
N ASN G 303 -10.92 -52.06 -10.88
CA ASN G 303 -12.17 -52.39 -11.55
C ASN G 303 -13.29 -52.00 -10.57
N PRO G 304 -14.52 -51.81 -11.06
CA PRO G 304 -15.61 -51.38 -10.19
C PRO G 304 -15.86 -52.26 -8.98
N ASP G 305 -15.33 -53.47 -8.97
CA ASP G 305 -15.68 -54.39 -7.92
C ASP G 305 -14.53 -54.65 -6.98
N THR G 306 -13.52 -53.80 -7.05
CA THR G 306 -12.37 -53.95 -6.18
C THR G 306 -12.31 -52.93 -5.02
N ASN G 307 -12.23 -53.43 -3.80
CA ASN G 307 -12.07 -52.59 -2.64
C ASN G 307 -10.66 -52.04 -2.45
N PRO G 308 -10.55 -50.74 -2.23
CA PRO G 308 -9.23 -50.13 -2.12
C PRO G 308 -8.39 -50.69 -1.00
N LEU G 309 -9.00 -51.08 0.10
CA LEU G 309 -8.23 -51.61 1.21
C LEU G 309 -7.60 -52.96 0.87
N VAL G 310 -8.21 -53.71 -0.04
CA VAL G 310 -7.62 -54.97 -0.45
C VAL G 310 -6.31 -54.73 -1.17
N VAL G 311 -6.32 -53.75 -2.07
CA VAL G 311 -5.14 -53.38 -2.82
C VAL G 311 -4.09 -52.83 -1.91
N GLN G 312 -4.49 -52.05 -0.92
CA GLN G 312 -3.52 -51.55 0.03
C GLN G 312 -2.82 -52.68 0.76
N ARG G 313 -3.56 -53.70 1.15
CA ARG G 313 -2.94 -54.81 1.86
C ARG G 313 -1.95 -55.56 0.99
N GLU G 314 -2.23 -55.65 -0.30
CA GLU G 314 -1.33 -56.30 -1.23
C GLU G 314 0.01 -55.58 -1.31
N VAL G 315 -0.04 -54.26 -1.37
CA VAL G 315 1.18 -53.46 -1.44
C VAL G 315 1.91 -53.49 -0.11
N GLU G 316 1.17 -53.42 0.98
CA GLU G 316 1.79 -53.57 2.29
C GLU G 316 2.47 -54.92 2.40
N ALA G 317 1.94 -55.91 1.68
CA ALA G 317 2.48 -57.26 1.71
C ALA G 317 3.78 -57.38 0.92
N VAL G 318 3.87 -56.68 -0.19
CA VAL G 318 5.11 -56.64 -0.96
C VAL G 318 6.23 -56.08 -0.10
N VAL G 319 5.92 -55.02 0.63
CA VAL G 319 6.86 -54.41 1.52
C VAL G 319 7.29 -55.40 2.59
N SER G 320 6.32 -56.14 3.10
CA SER G 320 6.56 -57.05 4.18
C SER G 320 7.49 -58.18 3.75
N LYS G 321 7.33 -58.61 2.51
CA LYS G 321 8.07 -59.74 1.99
C LYS G 321 9.54 -59.38 1.85
N LEU G 322 9.82 -58.09 1.81
CA LEU G 322 11.20 -57.62 1.67
C LEU G 322 11.81 -57.29 3.01
N GLY G 323 11.02 -57.34 4.07
CA GLY G 323 11.56 -57.05 5.38
C GLY G 323 11.75 -55.57 5.63
N LEU G 324 11.08 -54.76 4.84
CA LEU G 324 11.19 -53.31 4.94
C LEU G 324 10.15 -52.70 5.87
N LYS G 325 10.52 -51.61 6.52
CA LYS G 325 9.59 -50.77 7.26
C LYS G 325 9.07 -49.69 6.33
N ALA G 326 7.77 -49.64 6.13
CA ALA G 326 7.22 -48.61 5.26
C ALA G 326 5.82 -48.20 5.66
N GLU G 327 5.46 -46.99 5.26
CA GLU G 327 4.11 -46.51 5.42
C GLU G 327 3.43 -46.50 4.08
N VAL G 328 2.34 -47.25 3.97
CA VAL G 328 1.52 -47.23 2.78
C VAL G 328 0.25 -46.44 3.03
N LYS G 329 0.16 -45.21 2.55
CA LYS G 329 -0.98 -44.37 2.90
C LYS G 329 -1.78 -43.93 1.68
N PRO G 330 -3.09 -44.23 1.69
CA PRO G 330 -3.91 -43.79 0.58
C PRO G 330 -4.21 -42.31 0.65
N PHE G 331 -4.17 -41.61 -0.48
CA PHE G 331 -4.57 -40.22 -0.50
C PHE G 331 -5.56 -39.91 -1.61
N LEU G 332 -6.01 -40.93 -2.33
CA LEU G 332 -7.11 -40.76 -3.26
C LEU G 332 -7.86 -42.05 -3.46
N PHE G 333 -9.18 -41.97 -3.40
CA PHE G 333 -10.00 -43.11 -3.75
C PHE G 333 -11.26 -42.68 -4.50
N ARG G 334 -11.44 -43.20 -5.70
CA ARG G 334 -12.65 -42.94 -6.45
C ARG G 334 -13.17 -44.24 -7.04
N ARG G 335 -14.47 -44.42 -7.08
CA ARG G 335 -15.05 -45.66 -7.57
C ARG G 335 -15.32 -45.57 -9.04
N GLY G 336 -15.16 -46.69 -9.71
CA GLY G 336 -15.57 -46.83 -11.11
C GLY G 336 -16.92 -47.52 -11.18
N TYR G 337 -17.66 -47.28 -12.26
CA TYR G 337 -19.01 -47.80 -12.40
C TYR G 337 -19.26 -48.34 -13.79
N GLU G 338 -20.11 -49.35 -13.89
CA GLU G 338 -20.73 -49.71 -15.16
C GLU G 338 -22.11 -49.14 -15.16
N ALA G 339 -22.51 -48.57 -16.28
CA ALA G 339 -23.79 -47.90 -16.39
C ALA G 339 -24.93 -48.88 -16.20
N GLN G 340 -25.98 -48.45 -15.52
CA GLN G 340 -27.20 -49.25 -15.41
C GLN G 340 -28.31 -48.55 -16.16
N GLY G 341 -29.04 -49.29 -16.98
CA GLY G 341 -30.15 -48.71 -17.70
C GLY G 341 -29.72 -47.85 -18.85
N ILE G 342 -28.66 -48.29 -19.50
CA ILE G 342 -28.03 -47.53 -20.57
C ILE G 342 -28.70 -47.72 -21.93
N GLU G 343 -29.48 -48.80 -22.05
CA GLU G 343 -30.02 -49.25 -23.32
C GLU G 343 -30.70 -48.15 -24.17
N PRO G 344 -31.49 -47.27 -23.55
CA PRO G 344 -32.05 -46.20 -24.39
C PRO G 344 -31.00 -45.30 -25.05
N LEU G 345 -29.97 -44.92 -24.32
CA LEU G 345 -28.92 -44.10 -24.90
C LEU G 345 -28.04 -44.93 -25.82
N GLN G 346 -27.75 -46.16 -25.39
CA GLN G 346 -26.94 -47.09 -26.17
C GLN G 346 -27.49 -47.28 -27.57
N ASN G 347 -28.79 -47.45 -27.66
CA ASN G 347 -29.46 -47.67 -28.93
C ASN G 347 -29.54 -46.42 -29.78
N ALA G 348 -29.85 -45.29 -29.15
CA ALA G 348 -29.95 -44.03 -29.88
C ALA G 348 -28.64 -43.76 -30.59
N LEU G 349 -27.55 -44.01 -29.86
CA LEU G 349 -26.24 -43.84 -30.40
C LEU G 349 -25.99 -44.85 -31.49
N GLU G 350 -26.36 -46.09 -31.21
CA GLU G 350 -26.16 -47.17 -32.17
C GLU G 350 -26.80 -46.86 -33.51
N VAL G 351 -28.04 -46.40 -33.48
CA VAL G 351 -28.71 -46.08 -34.71
C VAL G 351 -27.97 -44.99 -35.45
N ALA G 352 -27.63 -43.92 -34.74
CA ALA G 352 -26.90 -42.82 -35.35
C ALA G 352 -25.57 -43.31 -35.90
N HIS G 353 -24.89 -44.14 -35.14
CA HIS G 353 -23.61 -44.65 -35.56
C HIS G 353 -23.66 -45.43 -36.87
N ARG G 354 -24.68 -46.26 -37.04
CA ARG G 354 -24.73 -47.09 -38.24
C ARG G 354 -25.06 -46.26 -39.47
N GLU G 355 -25.76 -45.16 -39.25
CA GLU G 355 -26.15 -44.28 -40.34
C GLU G 355 -24.99 -43.45 -40.84
N VAL G 356 -24.18 -42.96 -39.93
CA VAL G 356 -23.09 -42.04 -40.26
C VAL G 356 -21.78 -42.76 -40.53
N VAL G 357 -21.49 -43.79 -39.74
CA VAL G 357 -20.24 -44.51 -39.87
C VAL G 357 -20.34 -45.72 -40.80
N GLY G 358 -21.49 -46.35 -40.82
CA GLY G 358 -21.80 -47.36 -41.80
C GLY G 358 -21.86 -48.81 -41.35
N ARG G 359 -21.21 -49.14 -40.24
CA ARG G 359 -21.25 -50.50 -39.70
C ARG G 359 -21.68 -50.44 -38.26
N PRO G 360 -22.03 -51.59 -37.65
CA PRO G 360 -22.30 -51.61 -36.22
C PRO G 360 -21.10 -51.22 -35.35
N THR G 361 -21.36 -50.78 -34.13
CA THR G 361 -20.31 -50.42 -33.20
C THR G 361 -19.55 -51.62 -32.71
N GLU G 362 -18.27 -51.44 -32.42
CA GLU G 362 -17.47 -52.49 -31.87
C GLU G 362 -17.26 -52.29 -30.37
N ARG G 363 -16.74 -53.32 -29.74
CA ARG G 363 -16.50 -53.28 -28.33
C ARG G 363 -15.28 -52.37 -28.13
N PRO G 364 -15.32 -51.52 -27.11
CA PRO G 364 -14.28 -50.52 -26.92
C PRO G 364 -12.93 -51.11 -26.54
N GLY G 365 -11.85 -50.41 -26.85
CA GLY G 365 -10.54 -50.85 -26.43
C GLY G 365 -10.40 -50.69 -24.94
N SER G 366 -9.74 -51.64 -24.29
CA SER G 366 -9.63 -51.66 -22.83
C SER G 366 -9.08 -50.40 -22.16
N PRO G 367 -8.07 -49.74 -22.75
CA PRO G 367 -7.60 -48.55 -22.04
C PRO G 367 -8.69 -47.51 -21.93
N GLU G 368 -9.60 -47.49 -22.89
CA GLU G 368 -10.70 -46.54 -22.84
C GLU G 368 -11.81 -47.00 -21.91
N CYS G 369 -11.75 -48.23 -21.44
CA CYS G 369 -12.70 -48.72 -20.43
C CYS G 369 -12.09 -48.69 -19.05
N SER G 370 -10.78 -48.54 -19.00
CA SER G 370 -10.08 -48.73 -17.75
C SER G 370 -9.40 -47.48 -17.26
N MET G 371 -10.04 -46.33 -17.49
CA MET G 371 -9.50 -45.06 -17.06
C MET G 371 -10.44 -44.30 -16.15
N TRP G 372 -10.18 -43.01 -16.01
CA TRP G 372 -11.14 -42.12 -15.40
C TRP G 372 -11.66 -41.16 -16.44
N ARG G 373 -12.95 -41.23 -16.70
CA ARG G 373 -13.67 -40.25 -17.51
C ARG G 373 -14.94 -39.87 -16.78
N ASP G 374 -15.58 -38.81 -17.22
CA ASP G 374 -16.67 -38.27 -16.44
C ASP G 374 -17.97 -39.04 -16.52
N THR G 375 -17.94 -40.26 -17.07
CA THR G 375 -19.12 -41.11 -16.98
C THR G 375 -19.30 -41.57 -15.55
N ASN G 376 -18.21 -41.62 -14.81
CA ASN G 376 -18.26 -42.10 -13.44
C ASN G 376 -19.11 -41.20 -12.55
N PRO G 377 -18.91 -39.87 -12.58
CA PRO G 377 -19.82 -39.07 -11.76
C PRO G 377 -21.27 -39.17 -12.21
N TYR G 378 -21.53 -39.16 -13.51
CA TYR G 378 -22.90 -39.27 -14.00
C TYR G 378 -23.54 -40.58 -13.58
N ASN G 379 -22.82 -41.68 -13.73
CA ASN G 379 -23.39 -42.96 -13.34
C ASN G 379 -23.61 -43.06 -11.84
N GLU G 380 -22.66 -42.54 -11.07
CA GLU G 380 -22.74 -42.57 -9.62
C GLU G 380 -24.03 -41.93 -9.15
N LEU G 381 -24.47 -40.94 -9.90
CA LEU G 381 -25.63 -40.19 -9.49
C LEU G 381 -26.88 -40.62 -10.25
N GLY G 382 -26.80 -41.76 -10.93
CA GLY G 382 -28.00 -42.32 -11.51
C GLY G 382 -28.41 -41.75 -12.84
N ILE G 383 -27.47 -41.11 -13.52
CA ILE G 383 -27.68 -40.62 -14.87
C ILE G 383 -26.89 -41.53 -15.77
N PRO G 384 -27.56 -42.48 -16.43
CA PRO G 384 -26.89 -43.48 -17.27
C PRO G 384 -26.02 -42.84 -18.32
N SER G 385 -24.76 -43.26 -18.38
CA SER G 385 -23.79 -42.53 -19.17
C SER G 385 -22.73 -43.40 -19.84
N LEU G 386 -22.45 -43.08 -21.10
CA LEU G 386 -21.39 -43.72 -21.86
C LEU G 386 -20.49 -42.66 -22.44
N THR G 387 -19.36 -43.08 -23.00
CA THR G 387 -18.48 -42.14 -23.66
C THR G 387 -18.27 -42.54 -25.13
N TYR G 388 -18.14 -41.55 -26.01
CA TYR G 388 -18.04 -41.78 -27.45
C TYR G 388 -17.47 -40.58 -28.19
N GLY G 389 -16.44 -40.80 -28.98
CA GLY G 389 -15.91 -39.74 -29.81
C GLY G 389 -15.05 -40.34 -30.88
N CYS G 390 -14.36 -39.50 -31.64
CA CYS G 390 -13.48 -39.96 -32.70
C CYS G 390 -12.03 -40.02 -32.28
N GLY G 391 -11.24 -40.75 -33.05
CA GLY G 391 -9.79 -40.70 -32.90
C GLY G 391 -9.27 -41.52 -31.75
N GLY G 392 -7.96 -41.65 -31.66
CA GLY G 392 -7.34 -42.37 -30.57
C GLY G 392 -7.19 -41.50 -29.33
N GLY G 393 -7.10 -42.12 -28.18
CA GLY G 393 -7.01 -41.38 -26.94
C GLY G 393 -5.70 -40.68 -26.84
N ALA G 394 -5.66 -39.55 -26.14
CA ALA G 394 -4.43 -38.82 -25.92
C ALA G 394 -3.47 -39.59 -25.01
N GLY G 395 -4.01 -40.51 -24.23
CA GLY G 395 -3.18 -41.35 -23.38
C GLY G 395 -2.40 -42.35 -24.19
N GLY G 396 -2.67 -42.34 -25.49
CA GLY G 396 -2.12 -43.29 -26.45
C GLY G 396 -0.65 -43.23 -26.81
N GLY G 397 -0.13 -42.08 -27.25
CA GLY G 397 -0.88 -40.85 -27.38
C GLY G 397 -1.07 -40.35 -28.79
N ASN G 398 -2.32 -40.36 -29.22
CA ASN G 398 -2.70 -39.78 -30.49
C ASN G 398 -2.51 -38.29 -30.43
N THR G 399 -2.22 -37.66 -31.56
CA THR G 399 -1.91 -36.24 -31.56
C THR G 399 -2.69 -35.42 -32.56
N TYR G 400 -3.62 -36.04 -33.26
CA TYR G 400 -4.45 -35.30 -34.20
C TYR G 400 -5.81 -35.92 -34.44
N PHE G 401 -6.71 -35.13 -35.03
CA PHE G 401 -8.01 -35.62 -35.48
C PHE G 401 -8.14 -35.38 -36.97
N LEU G 402 -8.87 -36.25 -37.68
CA LEU G 402 -9.26 -35.96 -39.04
C LEU G 402 -10.52 -35.11 -39.01
N VAL G 403 -10.52 -34.01 -39.74
CA VAL G 403 -11.67 -33.11 -39.71
C VAL G 403 -12.92 -33.84 -40.19
N ASP G 404 -12.77 -34.75 -41.14
CA ASP G 404 -13.93 -35.51 -41.59
C ASP G 404 -14.53 -36.32 -40.45
N ASP G 405 -13.67 -36.85 -39.59
CA ASP G 405 -14.13 -37.64 -38.47
C ASP G 405 -14.81 -36.80 -37.40
N MET G 406 -14.36 -35.55 -37.24
CA MET G 406 -15.00 -34.66 -36.29
C MET G 406 -16.39 -34.33 -36.76
N LEU G 407 -16.52 -34.15 -38.07
CA LEU G 407 -17.81 -33.88 -38.66
C LEU G 407 -18.72 -35.09 -38.52
N LYS G 408 -18.18 -36.28 -38.72
CA LYS G 408 -18.98 -37.48 -38.53
C LYS G 408 -19.47 -37.56 -37.11
N ALA G 409 -18.59 -37.29 -36.17
CA ALA G 409 -18.94 -37.37 -34.76
C ALA G 409 -20.05 -36.40 -34.43
N ALA G 410 -19.92 -35.17 -34.90
CA ALA G 410 -20.92 -34.14 -34.59
C ALA G 410 -22.30 -34.51 -35.10
N LYS G 411 -22.34 -35.23 -36.21
CA LYS G 411 -23.57 -35.69 -36.79
C LYS G 411 -24.20 -36.75 -35.90
N VAL G 412 -23.38 -37.68 -35.43
CA VAL G 412 -23.83 -38.73 -34.53
C VAL G 412 -24.42 -38.10 -33.28
N TYR G 413 -23.77 -37.08 -32.76
CA TYR G 413 -24.27 -36.41 -31.56
C TYR G 413 -25.64 -35.82 -31.81
N ALA G 414 -25.78 -35.12 -32.93
CA ALA G 414 -27.04 -34.48 -33.25
C ALA G 414 -28.14 -35.52 -33.40
N MET G 415 -27.83 -36.60 -34.09
CA MET G 415 -28.83 -37.62 -34.30
C MET G 415 -29.23 -38.28 -32.99
N THR G 416 -28.25 -38.55 -32.15
CA THR G 416 -28.53 -39.14 -30.85
C THR G 416 -29.53 -38.30 -30.07
N ALA G 417 -29.36 -36.99 -30.12
CA ALA G 417 -30.27 -36.09 -29.43
C ALA G 417 -31.67 -36.12 -30.04
N MET G 418 -31.76 -36.17 -31.35
CA MET G 418 -33.05 -36.14 -32.02
C MET G 418 -33.88 -37.38 -31.72
N ASP G 419 -33.21 -38.50 -31.54
CA ASP G 419 -33.89 -39.70 -31.13
C ASP G 419 -34.32 -39.54 -29.70
N LEU G 420 -33.32 -39.50 -28.84
CA LEU G 420 -33.52 -39.59 -27.41
C LEU G 420 -34.41 -38.50 -26.83
N CYS G 421 -34.21 -37.27 -27.23
CA CYS G 421 -34.95 -36.16 -26.61
C CYS G 421 -36.41 -36.12 -26.99
N ASN G 422 -36.84 -37.10 -27.77
CA ASN G 422 -38.23 -37.14 -28.14
C ASN G 422 -38.90 -38.35 -27.52
N ARG G 423 -38.18 -39.06 -26.67
CA ARG G 423 -38.80 -40.12 -25.90
C ARG G 423 -39.32 -39.55 -24.59
N THR G 424 -40.41 -40.11 -24.10
CA THR G 424 -40.96 -39.73 -22.81
C THR G 424 -40.32 -40.61 -21.73
N PRO G 425 -39.87 -39.98 -20.63
CA PRO G 425 -39.22 -40.72 -19.53
C PRO G 425 -40.16 -41.67 -18.79
N ASN H 5 13.09 47.79 46.47
CA ASN H 5 13.48 47.32 45.15
C ASN H 5 12.57 46.20 44.70
N ASP H 6 12.29 46.16 43.41
CA ASP H 6 11.55 45.07 42.83
C ASP H 6 12.52 44.04 42.19
N VAL H 7 13.81 44.37 42.18
CA VAL H 7 14.82 43.47 41.65
C VAL H 7 15.14 42.36 42.59
N ALA H 8 15.41 42.72 43.83
CA ALA H 8 15.81 41.74 44.83
C ALA H 8 14.79 40.60 44.97
N LYS H 9 13.53 40.92 44.73
CA LYS H 9 12.48 39.92 44.81
C LYS H 9 12.74 38.84 43.77
N VAL H 10 13.16 39.24 42.58
CA VAL H 10 13.44 38.28 41.52
C VAL H 10 14.67 37.45 41.84
N MET H 11 15.70 38.10 42.38
CA MET H 11 16.92 37.37 42.73
C MET H 11 16.64 36.29 43.73
N LYS H 12 15.84 36.58 44.74
CA LYS H 12 15.53 35.54 45.70
C LYS H 12 14.61 34.51 45.02
N THR H 13 13.80 34.94 44.04
CA THR H 13 12.99 33.97 43.32
C THR H 13 13.88 33.02 42.55
N LEU H 14 14.93 33.56 41.95
CA LEU H 14 15.86 32.75 41.17
C LEU H 14 16.70 31.84 42.05
N ASP H 15 16.99 32.27 43.27
CA ASP H 15 17.73 31.42 44.19
C ASP H 15 16.94 30.13 44.47
N GLY H 16 15.62 30.21 44.37
CA GLY H 16 14.79 29.08 44.66
C GLY H 16 14.51 28.20 43.46
N MET H 17 14.99 28.60 42.30
CA MET H 17 14.69 27.85 41.08
C MET H 17 15.86 27.04 40.57
N ARG H 18 16.83 26.80 41.45
CA ARG H 18 18.08 26.13 41.09
C ARG H 18 17.78 24.77 40.48
N GLU H 19 16.84 24.08 41.09
CA GLU H 19 16.45 22.74 40.69
C GLU H 19 15.76 22.63 39.35
N GLY H 20 14.93 23.61 39.01
CA GLY H 20 14.24 23.60 37.74
C GLY H 20 15.23 23.94 36.64
N LEU H 21 16.20 24.79 36.98
CA LEU H 21 17.25 25.16 36.05
C LEU H 21 18.05 23.93 35.69
N ILE H 22 18.42 23.15 36.69
CA ILE H 22 19.19 21.93 36.46
C ILE H 22 18.39 20.95 35.65
N GLN H 23 17.16 20.72 36.07
CA GLN H 23 16.32 19.76 35.41
C GLN H 23 16.05 20.13 33.97
N THR H 24 15.81 21.41 33.74
CA THR H 24 15.50 21.86 32.39
C THR H 24 16.71 21.68 31.50
N ALA H 25 17.87 22.02 32.02
CA ALA H 25 19.08 21.87 31.23
C ALA H 25 19.36 20.42 30.92
N VAL H 26 19.21 19.55 31.90
CA VAL H 26 19.51 18.16 31.69
C VAL H 26 18.48 17.50 30.79
N GLU H 27 17.21 17.76 31.03
CA GLU H 27 16.18 17.19 30.17
C GLU H 27 16.37 17.66 28.74
N LEU H 28 16.77 18.90 28.58
CA LEU H 28 16.92 19.49 27.27
C LEU H 28 18.18 18.98 26.57
N GLY H 29 19.27 18.88 27.31
CA GLY H 29 20.52 18.43 26.73
C GLY H 29 20.49 16.98 26.34
N SER H 30 19.57 16.24 26.95
CA SER H 30 19.49 14.80 26.75
C SER H 30 18.83 14.49 25.46
N ILE H 31 18.13 15.46 24.91
CA ILE H 31 17.37 15.21 23.71
C ILE H 31 18.30 15.15 22.50
N GLU H 32 18.10 14.12 21.70
CA GLU H 32 18.87 13.91 20.50
C GLU H 32 18.52 15.04 19.55
N ALA H 33 19.49 15.87 19.23
CA ALA H 33 19.20 17.01 18.37
C ALA H 33 20.38 17.55 17.60
N PRO H 34 21.05 16.72 16.82
CA PRO H 34 22.09 17.30 15.97
C PRO H 34 21.46 18.12 14.87
N THR H 35 22.21 19.04 14.29
CA THR H 35 21.69 19.85 13.21
C THR H 35 21.10 19.00 12.11
N GLY H 36 19.83 19.24 11.80
CA GLY H 36 19.19 18.45 10.77
C GLY H 36 18.05 17.63 11.35
N ARG H 37 18.06 17.49 12.68
CA ARG H 37 17.06 16.73 13.41
C ARG H 37 16.72 17.42 14.72
N GLU H 38 16.59 18.74 14.71
CA GLU H 38 16.29 19.48 15.93
C GLU H 38 14.82 19.53 16.31
N GLY H 39 13.96 18.87 15.56
CA GLY H 39 12.54 18.92 15.83
C GLY H 39 12.14 18.56 17.26
N ALA H 40 12.60 17.42 17.72
CA ALA H 40 12.19 16.92 19.02
C ALA H 40 12.54 17.92 20.10
N ALA H 41 13.72 18.52 19.99
CA ALA H 41 14.15 19.54 20.94
C ALA H 41 13.25 20.76 20.86
N GLY H 42 12.86 21.13 19.65
CA GLY H 42 11.96 22.23 19.46
C GLY H 42 10.65 21.99 20.17
N ASP H 43 10.13 20.78 20.02
CA ASP H 43 8.89 20.39 20.66
C ASP H 43 8.96 20.53 22.18
N TYR H 44 10.05 20.12 22.79
CA TYR H 44 10.19 20.26 24.23
C TYR H 44 10.10 21.73 24.65
N VAL H 45 10.85 22.58 23.96
CA VAL H 45 10.90 24.00 24.29
C VAL H 45 9.55 24.66 24.04
N TYR H 46 8.86 24.25 23.00
CA TYR H 46 7.53 24.77 22.75
C TYR H 46 6.63 24.44 23.93
N GLU H 47 6.67 23.18 24.35
CA GLU H 47 5.73 22.75 25.34
C GLU H 47 6.12 23.30 26.69
N TRP H 48 7.40 23.58 26.87
CA TRP H 48 7.86 24.20 28.10
C TRP H 48 7.35 25.61 28.21
N MET H 49 7.47 26.37 27.13
CA MET H 49 7.01 27.74 27.09
C MET H 49 5.50 27.80 27.26
N ALA H 50 4.79 26.83 26.71
CA ALA H 50 3.34 26.82 26.81
C ALA H 50 2.89 26.64 28.25
N ARG H 51 3.45 25.66 28.94
CA ARG H 51 3.11 25.41 30.33
C ARG H 51 3.32 26.64 31.19
N ASN H 52 4.38 27.39 30.89
CA ASN H 52 4.69 28.57 31.68
C ASN H 52 4.03 29.83 31.15
N GLY H 53 3.12 29.68 30.20
CA GLY H 53 2.30 30.80 29.73
C GLY H 53 3.06 31.88 28.98
N PHE H 54 3.92 31.46 28.06
CA PHE H 54 4.66 32.40 27.25
C PHE H 54 4.11 32.46 25.85
N GLY H 55 2.99 31.78 25.65
CA GLY H 55 2.30 31.79 24.37
C GLY H 55 3.16 31.60 23.15
N PRO H 56 3.78 30.42 23.00
CA PRO H 56 4.73 30.13 21.94
C PRO H 56 4.13 29.86 20.57
N GLU H 57 4.91 30.13 19.53
CA GLU H 57 4.55 29.79 18.16
C GLU H 57 5.69 29.00 17.53
N ARG H 58 5.35 28.08 16.64
CA ARG H 58 6.35 27.42 15.84
C ARG H 58 6.54 28.19 14.55
N VAL H 59 7.76 28.68 14.32
CA VAL H 59 8.06 29.46 13.12
C VAL H 59 9.17 28.80 12.35
N GLY H 60 8.83 28.12 11.27
CA GLY H 60 9.83 27.35 10.56
C GLY H 60 9.56 27.06 9.10
N VAL H 61 10.57 26.55 8.43
CA VAL H 61 10.45 26.23 7.02
C VAL H 61 9.92 24.83 6.82
N PHE H 62 10.23 23.94 7.75
CA PHE H 62 9.75 22.56 7.70
C PHE H 62 8.98 22.23 8.96
N ASP H 63 8.10 21.24 8.93
CA ASP H 63 7.31 20.95 10.10
C ASP H 63 8.10 20.22 11.17
N ASP H 64 9.32 19.78 10.84
CA ASP H 64 10.16 19.11 11.83
C ASP H 64 11.47 19.79 12.09
N ARG H 65 11.67 20.96 11.50
CA ARG H 65 12.81 21.82 11.81
C ARG H 65 12.33 23.26 11.88
N PHE H 66 12.16 23.78 13.08
CA PHE H 66 11.51 25.07 13.25
C PHE H 66 12.10 25.84 14.40
N ASN H 67 11.79 27.12 14.47
CA ASN H 67 12.17 27.95 15.59
C ASN H 67 11.00 28.10 16.53
N VAL H 68 11.26 28.40 17.78
CA VAL H 68 10.17 28.59 18.72
C VAL H 68 10.18 29.98 19.31
N VAL H 69 9.09 30.71 19.13
CA VAL H 69 9.06 32.10 19.56
C VAL H 69 7.89 32.34 20.49
N GLY H 70 8.18 32.77 21.71
CA GLY H 70 7.15 33.16 22.65
C GLY H 70 7.48 34.47 23.31
N ARG H 71 6.55 35.03 24.06
CA ARG H 71 6.76 36.35 24.67
C ARG H 71 6.35 36.47 26.13
N LEU H 72 7.02 37.38 26.82
CA LEU H 72 6.58 37.86 28.12
C LEU H 72 6.18 39.31 27.95
N ARG H 73 4.88 39.56 27.87
CA ARG H 73 4.38 40.81 27.35
C ARG H 73 4.47 41.90 28.41
N GLY H 74 4.71 43.13 27.96
CA GLY H 74 4.94 44.24 28.85
C GLY H 74 3.72 45.10 29.08
N THR H 75 3.81 46.00 30.05
CA THR H 75 2.72 46.90 30.37
C THR H 75 2.53 47.93 29.27
N GLY H 76 3.63 48.27 28.61
CA GLY H 76 3.59 49.20 27.50
C GLY H 76 4.59 50.32 27.63
N GLY H 77 5.19 50.70 26.51
CA GLY H 77 6.04 51.87 26.46
C GLY H 77 7.52 51.68 26.71
N GLY H 78 8.00 50.45 26.59
CA GLY H 78 9.40 50.16 26.81
C GLY H 78 10.07 49.57 25.59
N ALA H 79 11.39 49.37 25.68
CA ALA H 79 12.15 48.71 24.63
C ALA H 79 12.00 47.20 24.72
N SER H 80 12.03 46.51 23.58
CA SER H 80 11.91 45.05 23.56
C SER H 80 13.28 44.41 23.66
N LEU H 81 13.37 43.31 24.39
CA LEU H 81 14.61 42.55 24.42
C LEU H 81 14.41 41.11 24.03
N SER H 82 15.22 40.63 23.09
CA SER H 82 15.21 39.21 22.72
C SER H 82 16.23 38.41 23.52
N PHE H 83 15.88 37.19 23.88
CA PHE H 83 16.85 36.23 24.34
C PHE H 83 16.94 35.10 23.35
N ASN H 84 18.15 34.76 22.95
CA ASN H 84 18.35 33.84 21.85
C ASN H 84 19.38 32.77 22.12
N SER H 85 18.97 31.52 21.92
CA SER H 85 19.87 30.38 21.92
C SER H 85 19.40 29.39 20.88
N HIS H 86 20.22 28.42 20.51
CA HIS H 86 19.85 27.51 19.43
C HIS H 86 19.57 26.08 19.89
N LEU H 87 18.69 25.42 19.15
CA LEU H 87 18.23 24.10 19.53
C LEU H 87 19.11 22.97 19.02
N ASP H 88 19.91 23.22 17.99
CA ASP H 88 20.73 22.17 17.41
C ASP H 88 22.03 21.98 18.19
N THR H 89 22.62 20.79 18.06
CA THR H 89 23.88 20.46 18.69
C THR H 89 24.86 19.98 17.64
N ILE H 90 26.13 19.88 18.04
CA ILE H 90 27.21 19.61 17.11
C ILE H 90 27.29 18.16 16.63
N MET H 91 27.40 17.23 17.56
CA MET H 91 27.64 15.83 17.21
C MET H 91 26.39 15.03 16.96
N ALA H 92 26.37 14.35 15.82
CA ALA H 92 25.39 13.32 15.57
C ALA H 92 26.06 11.98 15.77
N ARG H 93 25.31 10.97 16.15
CA ARG H 93 25.90 9.65 16.33
C ARG H 93 26.39 9.14 14.98
N GLU H 94 25.80 9.70 13.92
CA GLU H 94 26.19 9.44 12.53
C GLU H 94 27.66 9.69 12.22
N ASP H 95 28.24 10.68 12.88
CA ASP H 95 29.52 11.25 12.44
C ASP H 95 30.76 10.47 12.84
N THR H 96 30.99 9.34 12.19
CA THR H 96 32.18 8.57 12.47
C THR H 96 33.33 9.08 11.61
N ALA H 97 32.99 10.01 10.72
CA ALA H 97 33.94 10.54 9.76
C ALA H 97 34.63 11.78 10.27
N ARG H 98 34.18 12.30 11.41
CA ARG H 98 34.74 13.53 11.96
C ARG H 98 35.32 13.32 13.33
N PHE H 99 34.83 12.28 14.01
CA PHE H 99 35.27 11.99 15.36
C PHE H 99 35.80 10.56 15.51
N ALA H 100 36.84 10.42 16.32
CA ALA H 100 37.47 9.13 16.55
C ALA H 100 36.55 8.26 17.38
N ASP H 101 35.81 8.89 18.28
CA ASP H 101 34.84 8.20 19.13
C ASP H 101 33.46 8.80 18.93
N ALA H 102 32.77 8.47 17.86
CA ALA H 102 31.48 9.10 17.58
C ALA H 102 30.44 8.86 18.66
N ASN H 103 30.53 7.71 19.32
CA ASN H 103 29.61 7.33 20.37
C ASN H 103 30.25 7.38 21.74
N ASP H 104 30.72 8.56 22.14
CA ASP H 104 31.28 8.70 23.46
C ASP H 104 30.12 8.84 24.43
N ARG H 105 30.00 9.98 25.09
CA ARG H 105 28.92 10.20 26.04
C ARG H 105 28.80 11.69 26.14
N ILE H 106 29.96 12.32 26.20
CA ILE H 106 30.02 13.74 26.33
C ILE H 106 29.48 14.34 25.04
N TYR H 107 29.50 13.57 23.96
CA TYR H 107 29.01 14.03 22.67
C TYR H 107 27.49 14.03 22.59
N HIS H 108 26.82 13.19 23.36
CA HIS H 108 25.39 12.98 23.13
C HIS H 108 24.49 13.12 24.36
N GLU H 109 25.03 12.92 25.55
CA GLU H 109 24.18 12.96 26.73
C GLU H 109 24.45 14.17 27.62
N ALA H 110 23.72 14.27 28.71
CA ALA H 110 23.81 15.40 29.63
C ALA H 110 23.35 14.99 31.01
N TRP H 111 24.17 15.24 32.02
CA TRP H 111 23.88 14.76 33.35
C TRP H 111 24.42 15.69 34.45
N HIS H 112 23.81 15.65 35.63
CA HIS H 112 24.25 16.45 36.76
C HIS H 112 25.16 15.69 37.70
N GLU H 113 26.47 15.96 37.64
CA GLU H 113 27.45 15.40 38.57
C GLU H 113 28.13 16.48 39.38
N GLU H 114 28.33 16.21 40.68
CA GLU H 114 29.02 17.16 41.55
C GLU H 114 28.26 18.46 41.48
N GLY H 115 28.94 19.55 41.18
CA GLY H 115 28.28 20.84 41.08
C GLY H 115 28.28 21.31 39.65
N ARG H 116 28.58 20.38 38.75
CA ARG H 116 28.66 20.60 37.33
C ARG H 116 27.52 19.99 36.54
N ILE H 117 27.34 20.45 35.31
CA ILE H 117 26.48 19.75 34.37
C ILE H 117 27.30 19.44 33.13
N TYR H 118 27.41 18.16 32.80
CA TYR H 118 28.28 17.74 31.72
C TYR H 118 27.53 17.53 30.44
N GLY H 119 28.24 17.64 29.33
CA GLY H 119 27.68 17.36 28.02
C GLY H 119 27.86 18.51 27.06
N TYR H 120 28.40 18.21 25.88
CA TYR H 120 28.54 19.21 24.83
C TYR H 120 27.20 19.83 24.49
N SER H 121 26.14 19.03 24.59
CA SER H 121 24.81 19.51 24.29
C SER H 121 24.39 20.62 25.24
N VAL H 122 25.05 20.71 26.38
CA VAL H 122 24.68 21.70 27.37
C VAL H 122 25.49 22.97 27.20
N VAL H 123 26.78 22.82 26.95
CA VAL H 123 27.62 23.97 26.68
C VAL H 123 27.15 24.68 25.43
N ASN H 124 26.71 23.89 24.47
CA ASN H 124 26.30 24.38 23.18
C ASN H 124 25.08 23.60 22.72
N CYS H 125 23.87 24.03 23.08
CA CYS H 125 23.59 25.28 23.77
C CYS H 125 22.32 25.19 24.62
N LYS H 126 22.22 24.27 25.57
CA LYS H 126 20.90 23.98 26.11
C LYS H 126 20.49 24.26 27.55
N GLY H 127 21.16 25.05 28.37
CA GLY H 127 22.56 25.39 28.37
C GLY H 127 22.47 26.83 28.80
N PRO H 128 22.85 27.73 27.92
CA PRO H 128 22.51 29.12 28.13
C PRO H 128 20.99 29.28 27.96
N MET H 129 20.42 28.45 27.10
CA MET H 129 18.98 28.48 26.87
C MET H 129 18.22 28.19 28.14
N ALA H 130 18.67 27.23 28.93
CA ALA H 130 18.00 26.96 30.19
C ALA H 130 18.07 28.17 31.10
N CYS H 131 19.20 28.86 31.06
CA CYS H 131 19.42 30.01 31.92
C CYS H 131 18.39 31.09 31.73
N TRP H 132 18.10 31.45 30.49
CA TRP H 132 17.16 32.53 30.30
C TRP H 132 15.72 32.05 30.26
N LEU H 133 15.49 30.78 29.99
CA LEU H 133 14.14 30.25 30.14
C LEU H 133 13.72 30.40 31.60
N ILE H 134 14.64 30.08 32.50
CA ILE H 134 14.37 30.24 33.91
C ILE H 134 14.28 31.70 34.30
N ALA H 135 15.20 32.50 33.79
CA ALA H 135 15.16 33.93 34.07
C ALA H 135 13.82 34.52 33.69
N ALA H 136 13.30 34.13 32.54
CA ALA H 136 12.00 34.61 32.09
C ALA H 136 10.92 34.16 33.04
N LYS H 137 11.00 32.91 33.48
CA LYS H 137 10.03 32.38 34.41
C LYS H 137 10.04 33.15 35.74
N ALA H 138 11.24 33.49 36.20
CA ALA H 138 11.34 34.22 37.45
C ALA H 138 10.69 35.58 37.33
N LEU H 139 11.01 36.33 36.27
CA LEU H 139 10.41 37.63 36.06
C LEU H 139 8.90 37.57 36.04
N LYS H 140 8.34 36.59 35.35
CA LYS H 140 6.90 36.49 35.24
C LYS H 140 6.25 36.16 36.56
N GLU H 141 6.82 35.16 37.22
CA GLU H 141 6.22 34.61 38.41
C GLU H 141 6.50 35.46 39.63
N ALA H 142 7.51 36.31 39.53
CA ALA H 142 7.77 37.27 40.58
C ALA H 142 6.96 38.53 40.33
N GLY H 143 6.24 38.56 39.22
CA GLY H 143 5.44 39.72 38.85
C GLY H 143 6.24 40.99 38.70
N ALA H 144 7.43 40.89 38.14
CA ALA H 144 8.29 42.04 37.94
C ALA H 144 7.64 43.01 36.98
N ALA H 145 7.85 44.30 37.24
CA ALA H 145 7.29 45.33 36.41
C ALA H 145 8.16 45.56 35.19
N LEU H 146 7.58 45.35 34.01
CA LEU H 146 8.29 45.59 32.75
C LEU H 146 7.41 46.32 31.76
N LYS H 147 7.88 47.44 31.24
CA LYS H 147 7.10 48.18 30.26
C LYS H 147 7.20 47.50 28.91
N GLY H 148 8.39 47.02 28.59
CA GLY H 148 8.62 46.41 27.29
C GLY H 148 8.54 44.91 27.28
N ASP H 149 8.31 44.35 26.10
CA ASP H 149 8.24 42.92 25.94
C ASP H 149 9.57 42.24 26.08
N VAL H 150 9.53 41.02 26.61
CA VAL H 150 10.66 40.13 26.50
C VAL H 150 10.34 39.04 25.49
N VAL H 151 11.13 38.96 24.44
CA VAL H 151 10.90 37.99 23.38
C VAL H 151 11.79 36.78 23.55
N LEU H 152 11.19 35.61 23.61
CA LEU H 152 11.95 34.39 23.80
C LEU H 152 12.06 33.63 22.50
N THR H 153 13.26 33.61 21.94
CA THR H 153 13.47 33.04 20.62
C THR H 153 14.43 31.86 20.62
N ALA H 154 13.87 30.66 20.50
CA ALA H 154 14.67 29.45 20.41
C ALA H 154 14.74 28.97 18.98
N VAL H 155 15.95 28.95 18.43
CA VAL H 155 16.11 28.71 17.00
C VAL H 155 16.71 27.38 16.61
N CYS H 156 16.50 27.00 15.36
CA CYS H 156 17.13 25.84 14.81
C CYS H 156 18.27 26.25 13.89
N GLY H 157 19.03 25.29 13.42
CA GLY H 157 20.10 25.54 12.46
C GLY H 157 21.07 26.67 12.69
N GLU H 158 21.64 26.82 13.88
CA GLU H 158 22.65 27.85 14.07
C GLU H 158 24.01 27.39 13.61
N ILE H 159 24.31 26.11 13.80
CA ILE H 159 25.62 25.55 13.53
C ILE H 159 25.89 25.43 12.04
N ASP H 160 27.15 25.67 11.66
CA ASP H 160 27.57 25.96 10.28
C ASP H 160 27.53 24.81 9.28
N CYS H 161 26.57 23.92 9.39
CA CYS H 161 26.33 22.94 8.35
C CYS H 161 25.79 23.70 7.16
N GLU H 162 26.21 23.37 5.96
CA GLU H 162 25.63 23.97 4.76
C GLU H 162 25.56 22.92 3.70
N PRO H 163 24.56 23.00 2.83
CA PRO H 163 24.47 22.12 1.67
C PRO H 163 25.52 22.42 0.62
N VAL H 164 25.87 21.41 -0.15
CA VAL H 164 26.86 21.54 -1.20
C VAL H 164 26.79 20.32 -2.09
N ASP H 165 27.10 20.48 -3.38
CA ASP H 165 27.10 19.38 -4.34
C ASP H 165 25.79 18.63 -4.37
N GLU H 166 25.82 17.35 -4.02
CA GLU H 166 24.65 16.51 -4.10
C GLU H 166 23.88 16.47 -2.80
N PHE H 167 24.37 17.20 -1.80
CA PHE H 167 23.75 17.23 -0.50
C PHE H 167 22.92 18.49 -0.39
N GLN H 168 21.64 18.38 -0.72
CA GLN H 168 20.78 19.53 -0.86
C GLN H 168 19.50 19.42 -0.04
N GLY H 169 18.87 20.54 0.23
CA GLY H 169 17.56 20.50 0.83
C GLY H 169 17.48 20.23 2.31
N HIS H 170 16.32 19.77 2.74
CA HIS H 170 15.94 19.60 4.14
C HIS H 170 17.00 19.08 5.09
N ASP H 171 17.71 18.04 4.70
CA ASP H 171 18.64 17.39 5.64
C ASP H 171 19.92 18.19 5.89
N TYR H 172 20.24 19.16 5.05
CA TYR H 172 21.56 19.76 5.12
C TYR H 172 21.50 21.25 5.36
N LEU H 173 20.32 21.84 5.28
CA LEU H 173 20.16 23.26 5.53
C LEU H 173 20.36 23.57 7.00
N ALA H 174 20.79 24.78 7.32
CA ALA H 174 20.97 25.18 8.73
C ALA H 174 20.59 26.63 8.99
N GLU H 175 21.50 27.54 8.73
CA GLU H 175 21.32 28.90 9.18
C GLU H 175 20.27 29.65 8.38
N ASP H 176 20.03 29.24 7.15
CA ASP H 176 19.04 29.89 6.31
C ASP H 176 17.64 29.71 6.83
N ILE H 177 17.43 28.66 7.62
CA ILE H 177 16.11 28.37 8.17
C ILE H 177 16.07 28.56 9.67
N GLY H 178 17.12 29.16 10.20
CA GLY H 178 17.20 29.39 11.62
C GLY H 178 16.82 30.80 12.00
N ALA H 179 17.65 31.44 12.82
CA ALA H 179 17.37 32.76 13.38
C ALA H 179 16.93 33.80 12.38
N ARG H 180 17.63 33.94 11.27
CA ARG H 180 17.27 35.00 10.35
C ARG H 180 15.88 34.75 9.81
N TYR H 181 15.47 33.50 9.73
CA TYR H 181 14.11 33.23 9.27
C TYR H 181 13.12 33.69 10.34
N ALA H 182 13.41 33.39 11.59
CA ALA H 182 12.55 33.78 12.69
C ALA H 182 12.40 35.29 12.76
N ILE H 183 13.51 35.99 12.65
CA ILE H 183 13.48 37.43 12.76
C ILE H 183 12.69 38.02 11.62
N SER H 184 12.92 37.53 10.43
CA SER H 184 12.24 38.05 9.26
C SER H 184 10.76 37.79 9.29
N HIS H 185 10.32 36.90 10.18
CA HIS H 185 8.92 36.52 10.22
C HIS H 185 8.31 36.78 11.58
N GLY H 186 8.77 37.83 12.25
CA GLY H 186 8.06 38.30 13.41
C GLY H 186 8.87 38.49 14.66
N ALA H 187 9.93 37.71 14.78
CA ALA H 187 10.68 37.69 16.02
C ALA H 187 11.58 38.91 16.14
N ILE H 188 11.02 40.09 15.91
CA ILE H 188 11.78 41.32 16.02
C ILE H 188 11.63 41.95 17.39
N SER H 189 12.56 42.83 17.72
CA SER H 189 12.58 43.49 19.00
C SER H 189 13.54 44.63 18.86
N ASP H 190 13.66 45.46 19.89
CA ASP H 190 14.57 46.60 19.83
C ASP H 190 16.01 46.15 19.98
N TYR H 191 16.25 45.25 20.93
CA TYR H 191 17.58 44.74 21.20
C TYR H 191 17.55 43.22 21.34
N ALA H 192 18.69 42.56 21.25
CA ALA H 192 18.73 41.11 21.37
C ALA H 192 19.97 40.64 22.08
N LEU H 193 19.81 39.78 23.07
CA LEU H 193 20.94 39.16 23.74
C LEU H 193 21.00 37.70 23.33
N VAL H 194 22.08 37.34 22.66
CA VAL H 194 22.29 35.97 22.25
C VAL H 194 23.04 35.24 23.34
N ALA H 195 22.38 34.27 23.96
CA ALA H 195 22.97 33.53 25.08
C ALA H 195 23.74 32.31 24.60
N GLU H 196 25.06 32.48 24.45
CA GLU H 196 25.96 31.39 24.17
C GLU H 196 27.13 31.52 25.14
N ALA H 197 28.08 30.61 25.11
CA ALA H 197 29.15 30.62 26.07
C ALA H 197 30.29 31.60 25.74
N THR H 198 30.36 32.68 26.49
CA THR H 198 31.61 33.42 26.62
C THR H 198 32.00 33.24 28.07
N ASN H 199 33.08 33.83 28.54
CA ASN H 199 33.33 33.65 29.96
C ASN H 199 32.88 34.85 30.73
N PHE H 200 31.57 35.02 30.75
CA PHE H 200 30.94 36.21 31.28
C PHE H 200 31.55 37.47 30.67
N LYS H 201 31.92 37.38 29.39
CA LYS H 201 32.49 38.50 28.65
C LYS H 201 31.62 38.85 27.46
N PRO H 202 31.14 40.09 27.40
CA PRO H 202 30.24 40.46 26.30
C PRO H 202 30.98 40.62 24.98
N ALA H 203 30.40 40.13 23.88
CA ALA H 203 30.98 40.35 22.57
C ALA H 203 29.91 40.87 21.64
N TRP H 204 30.25 41.86 20.83
CA TRP H 204 29.30 42.34 19.85
C TRP H 204 29.94 42.61 18.50
N VAL H 205 30.97 41.83 18.20
CA VAL H 205 31.41 41.69 16.83
C VAL H 205 31.47 40.18 16.57
N GLU H 206 31.27 39.80 15.32
CA GLU H 206 31.31 38.39 14.95
C GLU H 206 31.81 38.32 13.52
N ALA H 207 32.28 37.16 13.10
CA ALA H 207 32.88 37.04 11.79
C ALA H 207 31.93 36.51 10.73
N GLY H 208 32.25 36.80 9.48
CA GLY H 208 31.55 36.19 8.37
C GLY H 208 32.29 34.93 8.00
N LYS H 209 32.05 34.43 6.80
CA LYS H 209 32.69 33.23 6.30
C LYS H 209 32.43 33.03 4.84
N VAL H 210 33.40 32.45 4.16
CA VAL H 210 33.21 31.97 2.82
C VAL H 210 33.71 30.54 2.76
N PHE H 211 32.93 29.66 2.17
CA PHE H 211 33.31 28.27 1.97
C PHE H 211 33.72 28.03 0.55
N LEU H 212 34.90 27.47 0.35
CA LEU H 212 35.41 27.21 -0.99
C LEU H 212 35.55 25.74 -1.28
N LYS H 213 35.11 25.34 -2.45
CA LYS H 213 35.39 24.01 -2.91
C LYS H 213 36.52 24.09 -3.89
N VAL H 214 37.65 23.50 -3.54
CA VAL H 214 38.80 23.51 -4.42
C VAL H 214 38.99 22.14 -5.04
N THR H 215 38.82 22.06 -6.35
CA THR H 215 38.95 20.82 -7.08
C THR H 215 40.16 20.85 -7.98
N VAL H 216 41.08 19.92 -7.76
CA VAL H 216 42.27 19.80 -8.57
C VAL H 216 42.09 18.76 -9.65
N PHE H 217 42.48 19.09 -10.89
CA PHE H 217 42.35 18.18 -12.02
C PHE H 217 43.68 17.60 -12.48
N ALA H 218 43.65 16.37 -12.95
CA ALA H 218 44.85 15.67 -13.37
C ALA H 218 44.57 14.71 -14.53
N GLY H 219 44.89 13.45 -14.36
CA GLY H 219 44.65 12.48 -15.40
C GLY H 219 45.81 12.32 -16.35
N PRO H 220 45.67 11.45 -17.35
CA PRO H 220 44.49 10.64 -17.65
C PRO H 220 44.40 9.43 -16.74
N SER H 221 43.18 8.99 -16.49
CA SER H 221 42.92 7.83 -15.64
C SER H 221 43.65 6.60 -16.17
N ARG H 222 44.24 5.82 -15.28
CA ARG H 222 44.90 4.59 -15.65
C ARG H 222 44.61 3.47 -14.67
N TYR H 223 44.34 2.29 -15.20
CA TYR H 223 44.25 1.05 -14.42
C TYR H 223 45.56 0.85 -13.72
N THR H 224 45.50 0.49 -12.44
CA THR H 224 46.69 0.46 -11.61
C THR H 224 47.93 -0.17 -12.26
N PRO H 225 47.76 -1.28 -13.00
CA PRO H 225 48.98 -1.83 -13.59
C PRO H 225 49.65 -0.99 -14.65
N TYR H 226 49.09 0.17 -14.99
CA TYR H 226 49.65 0.98 -16.07
C TYR H 226 50.13 2.33 -15.56
N VAL H 227 50.01 2.56 -14.26
CA VAL H 227 50.35 3.87 -13.72
C VAL H 227 51.82 4.15 -13.97
N PRO H 228 52.12 5.34 -14.51
CA PRO H 228 53.48 5.76 -14.78
C PRO H 228 54.24 6.11 -13.51
N ARG H 229 55.40 5.51 -13.28
CA ARG H 229 56.25 5.92 -12.18
C ARG H 229 57.70 5.88 -12.62
N PRO H 230 58.53 6.77 -12.09
CA PRO H 230 58.19 7.82 -11.12
C PRO H 230 57.79 9.10 -11.82
N VAL H 231 56.98 9.89 -11.14
CA VAL H 231 56.54 11.16 -11.69
C VAL H 231 56.58 12.17 -10.58
N ALA H 232 56.94 13.40 -10.88
CA ALA H 232 56.88 14.47 -9.89
C ALA H 232 55.46 14.65 -9.37
N ALA H 233 55.32 14.88 -8.07
CA ALA H 233 54.01 15.02 -7.42
C ALA H 233 53.09 15.96 -8.19
N LEU H 234 53.56 17.16 -8.47
CA LEU H 234 52.74 18.13 -9.16
C LEU H 234 52.41 17.76 -10.59
N ASP H 235 53.03 16.70 -11.10
CA ASP H 235 52.80 16.28 -12.47
C ASP H 235 52.04 14.98 -12.50
N SER H 236 51.79 14.43 -11.31
CA SER H 236 51.14 13.14 -11.15
C SER H 236 49.80 13.09 -11.85
N PRO H 237 49.46 11.93 -12.41
CA PRO H 237 48.13 11.76 -13.00
C PRO H 237 47.08 11.54 -11.94
N ASN H 238 47.50 11.23 -10.74
CA ASN H 238 46.57 11.04 -9.65
C ASN H 238 46.29 12.37 -8.92
N ALA H 239 45.09 12.88 -9.07
CA ALA H 239 44.78 14.17 -8.48
C ALA H 239 44.93 14.16 -6.98
N ILE H 240 44.81 13.01 -6.38
CA ILE H 240 44.99 12.93 -4.94
C ILE H 240 46.42 13.28 -4.61
N VAL H 241 47.34 12.85 -5.45
CA VAL H 241 48.73 13.13 -5.21
C VAL H 241 48.99 14.63 -5.34
N ARG H 242 48.45 15.23 -6.38
CA ARG H 242 48.61 16.66 -6.58
C ARG H 242 47.98 17.42 -5.43
N MET H 243 46.83 16.94 -4.98
CA MET H 243 46.09 17.62 -3.94
C MET H 243 46.90 17.72 -2.66
N ALA H 244 47.65 16.67 -2.36
CA ALA H 244 48.45 16.66 -1.14
C ALA H 244 49.39 17.82 -1.15
N LYS H 245 49.88 18.14 -2.32
CA LYS H 245 50.75 19.27 -2.53
C LYS H 245 49.97 20.58 -2.48
N LEU H 246 48.71 20.58 -2.86
CA LEU H 246 48.04 21.84 -2.69
C LEU H 246 47.75 22.09 -1.22
N VAL H 247 47.51 21.02 -0.48
CA VAL H 247 47.19 21.12 0.92
C VAL H 247 48.33 21.76 1.71
N GLU H 248 49.57 21.53 1.35
CA GLU H 248 50.68 22.12 2.07
C GLU H 248 50.74 23.62 1.81
N ALA H 249 50.45 24.01 0.58
CA ALA H 249 50.51 25.41 0.19
C ALA H 249 49.39 26.19 0.86
N LEU H 250 48.24 25.54 0.98
CA LEU H 250 47.09 26.16 1.58
C LEU H 250 47.25 26.26 3.09
N GLU H 251 47.98 25.32 3.66
CA GLU H 251 48.22 25.41 5.09
C GLU H 251 49.17 26.55 5.46
N GLU H 252 50.14 26.85 4.60
CA GLU H 252 51.02 27.98 4.89
C GLU H 252 50.29 29.29 4.71
N TRP H 253 49.50 29.37 3.65
CA TRP H 253 48.71 30.55 3.36
C TRP H 253 47.77 30.83 4.50
N ALA H 254 47.24 29.77 5.10
CA ALA H 254 46.29 29.90 6.21
C ALA H 254 46.94 30.42 7.47
N ASP H 255 48.18 30.02 7.72
CA ASP H 255 48.89 30.50 8.89
C ASP H 255 49.02 32.02 8.83
N ASN H 256 49.20 32.55 7.62
CA ASN H 256 49.41 33.99 7.47
C ASN H 256 48.13 34.76 7.34
N TYR H 257 47.10 34.13 6.79
CA TYR H 257 45.80 34.76 6.64
C TYR H 257 45.29 35.31 7.95
N GLU H 258 45.33 34.51 9.00
CA GLU H 258 44.75 34.93 10.27
C GLU H 258 45.47 36.14 10.83
N LYS H 259 46.75 36.25 10.53
CA LYS H 259 47.50 37.39 11.01
C LYS H 259 47.26 38.62 10.14
N ARG H 260 47.23 38.42 8.83
CA ARG H 260 47.05 39.52 7.91
C ARG H 260 45.69 40.17 8.05
N TYR H 261 44.69 39.40 8.42
CA TYR H 261 43.34 39.95 8.44
C TYR H 261 42.80 40.10 9.82
N THR H 262 43.65 39.94 10.82
CA THR H 262 43.24 40.23 12.18
C THR H 262 42.87 41.71 12.27
N ARG H 263 41.81 42.05 12.98
CA ARG H 263 41.36 43.42 12.99
C ARG H 263 40.65 43.72 14.28
N GLU H 264 40.96 44.87 14.87
CA GLU H 264 40.42 45.16 16.19
C GLU H 264 39.21 46.10 16.13
N TYR H 265 38.13 45.69 16.79
CA TYR H 265 36.88 46.44 16.82
C TYR H 265 36.45 46.77 18.21
N GLY H 266 35.47 47.65 18.34
CA GLY H 266 34.94 48.00 19.62
C GLY H 266 34.28 46.81 20.31
N GLY H 267 33.70 45.93 19.51
CA GLY H 267 33.01 44.78 20.04
C GLY H 267 33.87 43.57 20.34
N GLY H 268 35.14 43.63 19.94
CA GLY H 268 36.07 42.56 20.20
C GLY H 268 37.13 42.51 19.12
N THR H 269 38.17 41.73 19.33
CA THR H 269 39.21 41.56 18.33
C THR H 269 38.93 40.34 17.47
N VAL H 270 38.88 40.52 16.16
CA VAL H 270 38.58 39.42 15.27
C VAL H 270 39.82 38.78 14.69
N VAL H 271 40.00 37.51 15.00
CA VAL H 271 41.07 36.69 14.47
C VAL H 271 40.46 35.61 13.60
N PRO H 272 40.41 35.85 12.30
CA PRO H 272 39.75 34.97 11.34
C PRO H 272 40.60 33.81 10.92
N LYS H 273 40.14 32.58 11.13
CA LYS H 273 40.97 31.43 10.85
C LYS H 273 40.49 30.64 9.63
N VAL H 274 41.31 29.69 9.22
CA VAL H 274 41.06 28.85 8.05
C VAL H 274 41.27 27.39 8.41
N ALA H 275 40.36 26.51 7.99
CA ALA H 275 40.56 25.08 8.18
C ALA H 275 40.11 24.34 6.95
N ILE H 276 40.78 23.25 6.61
CA ILE H 276 40.31 22.36 5.56
C ILE H 276 39.43 21.30 6.18
N GLY H 277 38.14 21.35 5.88
CA GLY H 277 37.18 20.59 6.65
C GLY H 277 36.81 19.25 6.09
N ALA H 278 37.09 19.05 4.81
CA ALA H 278 36.75 17.79 4.16
C ALA H 278 37.56 17.59 2.90
N ILE H 279 37.82 16.35 2.56
CA ILE H 279 38.47 16.03 1.30
C ILE H 279 37.82 14.80 0.74
N ARG H 280 37.73 14.71 -0.57
CA ARG H 280 37.36 13.46 -1.19
C ARG H 280 37.77 13.37 -2.65
N GLY H 281 38.00 12.14 -3.08
CA GLY H 281 38.12 11.76 -4.47
C GLY H 281 38.68 10.36 -4.39
N GLY H 282 38.28 9.42 -5.23
CA GLY H 282 37.00 9.39 -5.88
C GLY H 282 36.19 8.56 -4.92
N VAL H 283 35.84 7.33 -5.28
CA VAL H 283 35.01 6.54 -4.38
C VAL H 283 35.70 5.29 -3.89
N PRO H 284 35.51 4.95 -2.61
CA PRO H 284 36.18 3.87 -1.92
C PRO H 284 35.85 2.50 -2.43
N TYR H 285 34.80 2.37 -3.19
CA TYR H 285 34.36 1.06 -3.62
C TYR H 285 34.72 0.76 -5.06
N LYS H 286 35.48 1.66 -5.68
CA LYS H 286 36.00 1.47 -7.03
C LYS H 286 37.37 2.07 -7.15
N ILE H 287 38.37 1.41 -6.59
CA ILE H 287 39.67 2.05 -6.47
C ILE H 287 40.73 1.62 -7.47
N TYR H 288 40.36 0.81 -8.45
CA TYR H 288 41.36 0.29 -9.35
C TYR H 288 41.89 1.31 -10.35
N ARG H 289 41.25 2.48 -10.45
CA ARG H 289 41.78 3.60 -11.23
C ARG H 289 41.77 4.81 -10.37
N PHE H 290 42.91 5.47 -10.24
CA PHE H 290 42.99 6.69 -9.46
C PHE H 290 42.10 7.76 -10.07
N PRO H 291 41.74 8.79 -9.28
CA PRO H 291 40.83 9.82 -9.75
C PRO H 291 41.51 10.86 -10.62
N GLU H 292 40.79 11.38 -11.60
CA GLU H 292 41.28 12.49 -12.38
C GLU H 292 41.00 13.81 -11.67
N LEU H 293 40.22 13.76 -10.60
CA LEU H 293 39.91 14.96 -9.83
C LEU H 293 39.84 14.68 -8.34
N CYS H 294 39.92 15.73 -7.55
CA CYS H 294 39.87 15.59 -6.12
C CYS H 294 39.47 16.90 -5.49
N SER H 295 38.53 16.89 -4.57
CA SER H 295 38.04 18.13 -4.02
C SER H 295 38.38 18.34 -2.56
N ILE H 296 38.54 19.59 -2.20
CA ILE H 296 38.86 19.99 -0.86
C ILE H 296 37.78 20.98 -0.45
N TYR H 297 37.47 21.07 0.84
CA TYR H 297 36.42 21.97 1.28
C TYR H 297 36.89 22.85 2.42
N MET H 298 36.94 24.15 2.18
CA MET H 298 37.60 25.08 3.10
C MET H 298 36.66 26.00 3.86
N ASP H 299 36.88 26.09 5.17
CA ASP H 299 36.21 27.08 6.02
C ASP H 299 37.13 28.28 6.18
N ILE H 300 36.74 29.39 5.59
CA ILE H 300 37.55 30.59 5.67
C ILE H 300 36.76 31.69 6.33
N ARG H 301 37.15 32.08 7.53
CA ARG H 301 36.42 33.10 8.27
C ARG H 301 36.78 34.48 7.78
N LEU H 302 35.81 35.38 7.76
CA LEU H 302 36.02 36.75 7.29
C LEU H 302 35.83 37.77 8.39
N ASN H 303 36.65 38.79 8.43
CA ASN H 303 36.29 39.92 9.27
C ASN H 303 35.19 40.68 8.55
N PRO H 304 34.41 41.50 9.28
CA PRO H 304 33.28 42.19 8.67
C PRO H 304 33.63 43.02 7.45
N ASP H 305 34.91 43.26 7.21
CA ASP H 305 35.35 44.17 6.17
C ASP H 305 36.04 43.54 5.00
N THR H 306 35.96 42.22 4.88
CA THR H 306 36.63 41.56 3.77
C THR H 306 35.66 41.03 2.71
N ASN H 307 35.86 41.44 1.47
CA ASN H 307 35.05 40.92 0.39
C ASN H 307 35.46 39.50 0.08
N PRO H 308 34.48 38.59 -0.02
CA PRO H 308 34.78 37.18 -0.25
C PRO H 308 35.54 36.94 -1.53
N LEU H 309 35.30 37.78 -2.53
CA LEU H 309 35.94 37.60 -3.81
C LEU H 309 37.44 37.84 -3.69
N VAL H 310 37.81 38.69 -2.76
CA VAL H 310 39.21 38.95 -2.53
C VAL H 310 39.89 37.69 -2.02
N VAL H 311 39.25 37.00 -1.08
CA VAL H 311 39.80 35.75 -0.55
C VAL H 311 39.86 34.68 -1.61
N GLN H 312 38.86 34.61 -2.45
CA GLN H 312 38.90 33.65 -3.52
C GLN H 312 40.11 33.90 -4.40
N ARG H 313 40.44 35.15 -4.67
CA ARG H 313 41.57 35.44 -5.55
C ARG H 313 42.88 34.96 -4.93
N GLU H 314 42.98 35.11 -3.62
CA GLU H 314 44.16 34.68 -2.90
C GLU H 314 44.34 33.18 -3.01
N VAL H 315 43.25 32.44 -2.87
CA VAL H 315 43.33 30.98 -2.97
C VAL H 315 43.62 30.58 -4.40
N GLU H 316 43.03 31.25 -5.36
CA GLU H 316 43.36 30.95 -6.73
C GLU H 316 44.82 31.24 -7.01
N ALA H 317 45.39 32.20 -6.30
CA ALA H 317 46.78 32.59 -6.52
C ALA H 317 47.73 31.54 -5.99
N VAL H 318 47.39 30.93 -4.87
CA VAL H 318 48.17 29.85 -4.32
C VAL H 318 48.24 28.69 -5.30
N VAL H 319 47.10 28.40 -5.89
CA VAL H 319 47.00 27.35 -6.87
C VAL H 319 47.83 27.67 -8.07
N SER H 320 47.80 28.92 -8.49
CA SER H 320 48.51 29.30 -9.68
C SER H 320 50.01 29.19 -9.48
N LYS H 321 50.47 29.48 -8.27
CA LYS H 321 51.88 29.52 -7.98
C LYS H 321 52.46 28.12 -8.06
N LEU H 322 51.60 27.11 -7.98
CA LEU H 322 52.00 25.73 -8.06
C LEU H 322 51.86 25.16 -9.45
N GLY H 323 51.32 25.92 -10.37
CA GLY H 323 51.17 25.46 -11.74
C GLY H 323 50.03 24.49 -11.92
N LEU H 324 49.12 24.47 -10.97
CA LEU H 324 48.00 23.54 -11.00
C LEU H 324 46.78 24.12 -11.70
N LYS H 325 46.02 23.23 -12.32
CA LYS H 325 44.71 23.55 -12.85
C LYS H 325 43.68 23.24 -11.80
N ALA H 326 42.88 24.22 -11.40
CA ALA H 326 41.88 24.00 -10.37
C ALA H 326 40.65 24.85 -10.55
N GLU H 327 39.55 24.41 -9.94
CA GLU H 327 38.37 25.24 -9.77
C GLU H 327 38.22 25.63 -8.32
N VAL H 328 38.24 26.94 -8.08
CA VAL H 328 37.96 27.44 -6.76
C VAL H 328 36.57 28.02 -6.77
N LYS H 329 35.61 27.30 -6.23
CA LYS H 329 34.21 27.70 -6.32
C LYS H 329 33.59 27.91 -4.94
N PRO H 330 33.02 29.09 -4.70
CA PRO H 330 32.35 29.37 -3.43
C PRO H 330 30.99 28.71 -3.38
N PHE H 331 30.62 28.15 -2.24
CA PHE H 331 29.30 27.61 -2.07
C PHE H 331 28.68 28.10 -0.80
N LEU H 332 29.35 29.02 -0.13
CA LEU H 332 28.77 29.70 1.02
C LEU H 332 29.34 31.10 1.22
N PHE H 333 28.46 32.07 1.46
CA PHE H 333 28.92 33.37 1.87
C PHE H 333 27.97 33.99 2.89
N ARG H 334 28.50 34.32 4.05
CA ARG H 334 27.74 35.05 5.04
C ARG H 334 28.60 36.16 5.61
N ARG H 335 27.99 37.31 5.88
CA ARG H 335 28.69 38.50 6.40
C ARG H 335 28.69 38.56 7.89
N GLY H 336 29.77 39.08 8.44
CA GLY H 336 29.87 39.35 9.86
C GLY H 336 29.67 40.80 10.14
N TYR H 337 29.23 41.13 11.36
CA TYR H 337 28.90 42.49 11.72
C TYR H 337 29.41 42.87 13.11
N GLU H 338 29.74 44.14 13.28
CA GLU H 338 29.89 44.74 14.60
C GLU H 338 28.63 45.52 14.89
N ALA H 339 28.14 45.43 16.12
CA ALA H 339 26.89 46.07 16.47
C ALA H 339 26.98 47.58 16.41
N GLN H 340 25.92 48.22 15.92
CA GLN H 340 25.81 49.67 15.97
C GLN H 340 24.69 50.06 16.88
N GLY H 341 24.92 51.02 17.76
CA GLY H 341 23.88 51.49 18.65
C GLY H 341 23.64 50.48 19.76
N ILE H 342 24.72 49.86 20.19
CA ILE H 342 24.66 48.81 21.18
C ILE H 342 24.61 49.33 22.62
N GLU H 343 25.00 50.59 22.82
CA GLU H 343 25.25 51.10 24.17
C GLU H 343 24.17 50.81 25.21
N PRO H 344 22.89 51.00 24.86
CA PRO H 344 21.91 50.75 25.92
C PRO H 344 21.93 49.34 26.46
N LEU H 345 22.08 48.36 25.58
CA LEU H 345 22.13 46.96 26.01
C LEU H 345 23.44 46.69 26.70
N GLN H 346 24.50 47.26 26.17
CA GLN H 346 25.82 47.13 26.75
C GLN H 346 25.80 47.58 28.18
N ASN H 347 25.14 48.70 28.40
CA ASN H 347 25.08 49.34 29.70
C ASN H 347 24.24 48.56 30.69
N ALA H 348 23.09 48.10 30.25
CA ALA H 348 22.22 47.34 31.14
C ALA H 348 22.95 46.11 31.59
N LEU H 349 23.62 45.47 30.65
CA LEU H 349 24.34 44.24 30.92
C LEU H 349 25.51 44.51 31.85
N GLU H 350 26.25 45.55 31.58
CA GLU H 350 27.39 45.88 32.42
C GLU H 350 26.97 46.02 33.85
N VAL H 351 25.90 46.75 34.07
CA VAL H 351 25.41 47.00 35.42
C VAL H 351 25.02 45.70 36.10
N ALA H 352 24.21 44.90 35.44
CA ALA H 352 23.80 43.61 36.00
C ALA H 352 25.01 42.75 36.25
N HIS H 353 25.94 42.74 35.32
CA HIS H 353 27.14 41.94 35.46
C HIS H 353 27.94 42.33 36.69
N ARG H 354 28.04 43.62 36.97
CA ARG H 354 28.84 44.04 38.12
C ARG H 354 28.16 43.71 39.43
N GLU H 355 26.84 43.59 39.43
CA GLU H 355 26.15 43.25 40.67
C GLU H 355 26.27 41.77 40.97
N VAL H 356 26.19 40.92 39.95
CA VAL H 356 26.15 39.48 40.15
C VAL H 356 27.54 38.85 40.17
N VAL H 357 28.43 39.28 39.27
CA VAL H 357 29.75 38.68 39.16
C VAL H 357 30.77 39.42 40.04
N GLY H 358 30.57 40.73 40.18
CA GLY H 358 31.28 41.51 41.18
C GLY H 358 32.34 42.48 40.68
N ARG H 359 32.88 42.22 39.50
CA ARG H 359 33.89 43.10 38.94
C ARG H 359 33.45 43.47 37.52
N PRO H 360 34.10 44.48 36.89
CA PRO H 360 33.73 44.85 35.51
C PRO H 360 33.93 43.75 34.49
N THR H 361 33.23 43.87 33.37
CA THR H 361 33.35 42.93 32.27
C THR H 361 34.68 43.13 31.59
N GLU H 362 35.23 42.06 31.02
CA GLU H 362 36.46 42.18 30.26
C GLU H 362 36.20 42.09 28.77
N ARG H 363 37.21 42.38 27.98
CA ARG H 363 37.10 42.24 26.54
C ARG H 363 37.13 40.74 26.24
N PRO H 364 36.25 40.30 25.34
CA PRO H 364 36.08 38.87 25.06
C PRO H 364 37.30 38.24 24.42
N GLY H 365 37.44 36.93 24.57
CA GLY H 365 38.50 36.22 23.88
C GLY H 365 38.21 36.19 22.40
N SER H 366 39.25 36.30 21.59
CA SER H 366 39.07 36.41 20.14
C SER H 366 38.26 35.31 19.47
N PRO H 367 38.41 34.04 19.88
CA PRO H 367 37.60 33.05 19.16
C PRO H 367 36.11 33.29 19.32
N GLU H 368 35.71 33.84 20.45
CA GLU H 368 34.30 34.07 20.67
C GLU H 368 33.81 35.32 19.93
N CYS H 369 34.73 36.09 19.37
CA CYS H 369 34.40 37.23 18.51
C CYS H 369 34.54 36.90 17.06
N SER H 370 35.17 35.78 16.77
CA SER H 370 35.60 35.46 15.42
C SER H 370 34.92 34.23 14.84
N MET H 371 33.68 33.99 15.23
CA MET H 371 32.94 32.84 14.77
C MET H 371 31.63 33.21 14.12
N TRP H 372 30.73 32.25 14.05
CA TRP H 372 29.38 32.55 13.68
C TRP H 372 28.49 32.33 14.87
N ARG H 373 27.84 33.40 15.29
CA ARG H 373 26.77 33.29 16.27
C ARG H 373 25.60 34.12 15.78
N ASP H 374 24.45 33.95 16.41
CA ASP H 374 23.25 34.56 15.88
C ASP H 374 23.16 36.06 16.15
N THR H 375 24.26 36.67 16.59
CA THR H 375 24.29 38.12 16.69
C THR H 375 24.30 38.71 15.29
N ASN H 376 24.83 37.96 14.33
CA ASN H 376 24.91 38.47 12.98
C ASN H 376 23.56 38.69 12.30
N PRO H 377 22.61 37.73 12.37
CA PRO H 377 21.33 38.03 11.73
C PRO H 377 20.64 39.22 12.34
N TYR H 378 20.67 39.35 13.66
CA TYR H 378 20.05 40.49 14.35
C TYR H 378 20.67 41.82 13.93
N ASN H 379 21.99 41.88 13.93
CA ASN H 379 22.66 43.12 13.59
C ASN H 379 22.45 43.47 12.14
N GLU H 380 22.43 42.45 11.29
CA GLU H 380 22.16 42.67 9.88
C GLU H 380 20.82 43.33 9.67
N LEU H 381 19.86 42.98 10.53
CA LEU H 381 18.48 43.44 10.38
C LEU H 381 18.13 44.61 11.29
N GLY H 382 19.15 45.26 11.82
CA GLY H 382 18.98 46.51 12.54
C GLY H 382 18.61 46.35 13.99
N ILE H 383 18.88 45.19 14.55
CA ILE H 383 18.67 44.96 15.97
C ILE H 383 20.00 44.80 16.69
N PRO H 384 20.43 45.82 17.42
CA PRO H 384 21.73 45.81 18.08
C PRO H 384 21.86 44.61 18.96
N SER H 385 22.92 43.82 18.82
CA SER H 385 22.93 42.54 19.49
C SER H 385 24.30 42.11 19.95
N LEU H 386 24.38 41.56 21.16
CA LEU H 386 25.63 41.00 21.65
C LEU H 386 25.45 39.58 22.14
N THR H 387 26.56 38.92 22.42
CA THR H 387 26.51 37.58 22.96
C THR H 387 27.14 37.55 24.35
N TYR H 388 26.59 36.74 25.23
CA TYR H 388 27.00 36.70 26.63
C TYR H 388 26.48 35.46 27.34
N GLY H 389 27.37 34.72 27.99
CA GLY H 389 26.96 33.58 28.79
C GLY H 389 28.05 33.10 29.73
N CYS H 390 27.82 31.96 30.38
CA CYS H 390 28.81 31.39 31.28
C CYS H 390 29.66 30.33 30.59
N GLY H 391 30.80 30.01 31.19
CA GLY H 391 31.61 28.89 30.75
C GLY H 391 32.46 29.13 29.51
N GLY H 392 33.33 28.17 29.23
CA GLY H 392 34.17 28.24 28.05
C GLY H 392 33.40 27.73 26.86
N GLY H 393 33.80 28.12 25.66
CA GLY H 393 33.11 27.72 24.47
C GLY H 393 33.30 26.25 24.17
N ALA H 394 32.31 25.65 23.53
CA ALA H 394 32.41 24.26 23.11
C ALA H 394 33.42 24.05 21.99
N GLY H 395 33.67 25.08 21.19
CA GLY H 395 34.68 24.97 20.15
C GLY H 395 36.05 24.87 20.77
N GLY H 396 36.06 24.99 22.10
CA GLY H 396 37.24 25.07 22.94
C GLY H 396 38.14 23.87 23.13
N GLY H 397 37.63 22.72 23.57
CA GLY H 397 36.23 22.51 23.86
C GLY H 397 35.93 22.19 25.31
N ASN H 398 35.26 23.13 25.97
CA ASN H 398 34.73 22.92 27.30
C ASN H 398 33.57 21.94 27.23
N THR H 399 33.37 21.15 28.28
CA THR H 399 32.34 20.11 28.25
C THR H 399 31.38 20.15 29.42
N TYR H 400 31.50 21.16 30.26
CA TYR H 400 30.60 21.28 31.41
C TYR H 400 30.39 22.72 31.80
N PHE H 401 29.36 22.93 32.59
CA PHE H 401 29.09 24.21 33.20
C PHE H 401 29.07 24.01 34.71
N LEU H 402 29.49 25.01 35.47
CA LEU H 402 29.27 25.00 36.90
C LEU H 402 27.86 25.50 37.14
N VAL H 403 27.09 24.80 37.96
CA VAL H 403 25.73 25.22 38.19
C VAL H 403 25.70 26.61 38.79
N ASP H 404 26.67 26.93 39.63
CA ASP H 404 26.72 28.27 40.19
C ASP H 404 26.85 29.32 39.11
N ASP H 405 27.62 29.03 38.07
CA ASP H 405 27.79 29.98 36.99
C ASP H 405 26.54 30.10 36.14
N MET H 406 25.79 29.01 35.98
CA MET H 406 24.56 29.08 35.22
C MET H 406 23.55 29.93 35.94
N LEU H 407 23.53 29.81 37.26
CA LEU H 407 22.61 30.58 38.06
C LEU H 407 22.97 32.05 37.98
N LYS H 408 24.26 32.35 38.01
CA LYS H 408 24.69 33.73 37.90
C LYS H 408 24.22 34.33 36.60
N ALA H 409 24.38 33.59 35.52
CA ALA H 409 23.96 34.10 34.22
C ALA H 409 22.47 34.41 34.20
N ALA H 410 21.65 33.52 34.72
CA ALA H 410 20.22 33.71 34.71
C ALA H 410 19.86 34.97 35.48
N LYS H 411 20.66 35.29 36.49
CA LYS H 411 20.45 36.51 37.23
C LYS H 411 20.83 37.71 36.38
N VAL H 412 21.97 37.66 35.73
CA VAL H 412 22.41 38.72 34.84
C VAL H 412 21.39 38.95 33.74
N TYR H 413 20.87 37.88 33.18
CA TYR H 413 19.88 38.02 32.13
C TYR H 413 18.66 38.73 32.66
N ALA H 414 18.18 38.32 33.83
CA ALA H 414 16.98 38.90 34.39
C ALA H 414 17.15 40.38 34.68
N MET H 415 18.25 40.73 35.32
CA MET H 415 18.51 42.13 35.66
C MET H 415 18.65 42.98 34.40
N THR H 416 19.32 42.46 33.39
CA THR H 416 19.45 43.15 32.13
C THR H 416 18.07 43.49 31.58
N ALA H 417 17.16 42.54 31.67
CA ALA H 417 15.80 42.75 31.19
C ALA H 417 15.06 43.81 32.01
N MET H 418 15.22 43.80 33.33
CA MET H 418 14.52 44.76 34.18
C MET H 418 14.99 46.19 33.99
N ASP H 419 16.25 46.35 33.65
CA ASP H 419 16.78 47.67 33.30
C ASP H 419 16.26 48.11 31.95
N LEU H 420 16.73 47.41 30.92
CA LEU H 420 16.51 47.81 29.53
C LEU H 420 15.03 47.91 29.18
N CYS H 421 14.22 46.94 29.59
CA CYS H 421 12.83 46.96 29.19
C CYS H 421 12.01 48.03 29.87
N ASN H 422 12.67 48.82 30.72
CA ASN H 422 12.02 49.91 31.39
C ASN H 422 12.59 51.24 30.94
N ARG H 423 13.43 51.18 29.92
CA ARG H 423 13.88 52.38 29.23
C ARG H 423 12.97 52.69 28.05
N THR H 424 12.86 53.96 27.70
CA THR H 424 12.05 54.36 26.57
C THR H 424 12.87 54.26 25.28
N PRO H 425 12.30 53.64 24.24
CA PRO H 425 13.01 53.46 22.96
C PRO H 425 13.32 54.78 22.26
MN MN I . 38.79 -7.01 -18.71
OAA 6R7 J . 41.53 -6.20 -19.34
CAB 6R7 J . 41.64 -4.99 -19.07
OAC 6R7 J . 42.35 -4.23 -19.76
CAD 6R7 J . 40.97 -4.50 -17.96
CAE 6R7 J . 41.08 -3.16 -17.64
CAF 6R7 J . 40.41 -2.68 -16.52
NAK 6R7 J . 40.53 -1.38 -16.23
OAM 6R7 J . 40.00 -0.93 -15.12
OAL 6R7 J . 41.29 -0.61 -17.01
CAG 6R7 J . 39.64 -3.53 -15.75
CAH 6R7 J . 39.51 -4.87 -16.08
CAI 6R7 J . 40.18 -5.34 -17.19
OAJ 6R7 J . 40.12 -6.65 -17.58
MN MN K . -39.98 11.64 -13.21
OAA 6R7 L . -43.59 9.30 -14.82
CAB 6R7 L . -42.84 9.83 -13.96
OAC 6R7 L . -42.79 11.06 -13.85
CAD 6R7 L . -42.10 9.04 -13.10
CAE 6R7 L . -42.15 7.66 -13.19
CAF 6R7 L . -41.43 6.89 -12.31
NAK 6R7 L . -41.48 5.57 -12.42
OAM 6R7 L . -40.88 4.81 -11.49
OAL 6R7 L . -42.16 5.05 -13.39
CAG 6R7 L . -40.63 7.50 -11.35
CAH 6R7 L . -40.57 8.89 -11.25
CAI 6R7 L . -41.31 9.64 -12.14
OAJ 6R7 L . -41.31 11.00 -12.13
MN MN M . -29.92 23.02 20.96
OAA 6R7 N . -30.88 25.05 21.38
CAB 6R7 N . -30.04 25.97 21.54
OAC 6R7 N . -30.15 26.76 22.49
CAD 6R7 N . -29.10 26.20 20.55
CAE 6R7 N . -28.12 27.15 20.76
CAF 6R7 N . -27.17 27.39 19.78
NAK 6R7 N . -26.24 28.31 20.01
OAM 6R7 N . -25.38 28.62 19.07
OAL 6R7 N . -26.27 28.96 21.16
CAG 6R7 N . -27.19 26.65 18.61
CAH 6R7 N . -28.16 25.68 18.40
CAI 6R7 N . -29.10 25.45 19.38
OAJ 6R7 N . -30.08 24.52 19.25
MN MN O . 9.19 41.58 -10.67
OAA 6R7 P . 8.83 43.80 -10.39
CAB 6R7 P . 7.60 44.00 -10.39
OAC 6R7 P . 7.11 44.89 -11.14
CAD 6R7 P . 6.78 43.25 -9.55
CAE 6R7 P . 5.42 43.47 -9.53
CAF 6R7 P . 4.61 42.74 -8.69
NAK 6R7 P . 3.31 42.96 -8.71
OAM 6R7 P . 2.54 42.30 -7.88
OAL 6R7 P . 2.81 43.89 -9.56
CAG 6R7 P . 5.16 41.78 -7.85
CAH 6R7 P . 6.54 41.57 -7.85
CAI 6R7 P . 7.33 42.31 -8.70
OAJ 6R7 P . 8.66 42.14 -8.77
MN MN Q . -25.78 -33.14 12.59
OAA 6R7 R . -28.47 -34.35 13.15
CAB 6R7 R . -29.28 -33.42 13.25
OAC 6R7 R . -30.26 -33.52 14.03
CAD 6R7 R . -29.12 -32.28 12.47
CAE 6R7 R . -30.02 -31.23 12.56
CAF 6R7 R . -29.86 -30.14 11.73
NAK 6R7 R . -30.73 -29.11 11.86
OAM 6R7 R . -30.66 -28.05 11.08
OAL 6R7 R . -31.67 -29.25 12.72
CAG 6R7 R . -28.76 -30.06 10.88
CAH 6R7 R . -27.85 -31.10 10.80
CAI 6R7 R . -28.04 -32.21 11.60
OAJ 6R7 R . -27.20 -33.27 11.59
MN MN S . 31.33 -28.23 11.34
OAA 6R7 T . 31.49 -32.38 11.75
CAB 6R7 T . 31.34 -31.34 11.06
OAC 6R7 T . 32.18 -30.41 11.10
CAD 6R7 T . 30.29 -31.22 10.18
CAE 6R7 T . 29.29 -32.17 10.11
CAF 6R7 T . 28.26 -31.98 9.20
NAK 6R7 T . 27.29 -32.89 9.12
OAM 6R7 T . 26.31 -32.73 8.25
OAL 6R7 T . 27.33 -33.92 9.94
CAG 6R7 T . 28.23 -30.86 8.39
CAH 6R7 T . 29.22 -29.90 8.48
CAI 6R7 T . 30.23 -30.09 9.39
OAJ 6R7 T . 31.26 -29.20 9.54
MN MN U . -10.04 -36.53 -21.39
OAA 6R7 V . -8.01 -39.47 -22.86
CAB 6R7 V . -8.44 -38.89 -21.83
OAC 6R7 V . -9.66 -38.72 -21.65
CAD 6R7 V . -7.53 -38.49 -20.87
CAE 6R7 V . -6.17 -38.68 -21.06
CAF 6R7 V . -5.28 -38.31 -20.08
NAK 6R7 V . -3.99 -38.50 -20.31
OAM 6R7 V . -3.13 -38.26 -19.38
OAL 6R7 V . -3.65 -39.03 -21.44
CAG 6R7 V . -5.73 -37.71 -18.91
CAH 6R7 V . -7.10 -37.51 -18.71
CAI 6R7 V . -7.98 -37.90 -19.69
OAJ 6R7 V . -9.32 -37.74 -19.59
MN MN W . 26.51 27.83 19.61
OAA 6R7 X . 30.94 27.88 20.87
CAB 6R7 X . 29.92 27.99 20.14
OAC 6R7 X . 29.08 28.89 20.35
CAD 6R7 X . 29.71 27.19 19.04
CAE 6R7 X . 30.58 26.18 18.70
CAF 6R7 X . 30.34 25.42 17.58
NAK 6R7 X . 31.23 24.44 17.34
OAM 6R7 X . 31.09 23.72 16.24
OAL 6R7 X . 32.29 24.28 18.19
CAG 6R7 X . 29.22 25.66 16.80
CAH 6R7 X . 28.33 26.67 17.13
CAI 6R7 X . 28.60 27.42 18.26
OAJ 6R7 X . 27.82 28.44 18.68
#